data_1E1R
#
_entry.id   1E1R
#
_cell.length_a   278.600
_cell.length_b   106.700
_cell.length_c   137.900
_cell.angle_alpha   90.00
_cell.angle_beta   90.00
_cell.angle_gamma   90.00
#
_symmetry.space_group_name_H-M   'P 21 21 21'
#
loop_
_entity.id
_entity.type
_entity.pdbx_description
1 polymer 'BOVINE MITOCHONDRIAL F1-ATPASE'
2 polymer 'BOVINE MITOCHONDRIAL F1-ATPASE'
3 polymer 'BOVINE MITOCHONDRIAL F1-ATPASE'
4 non-polymer 'PHOSPHOAMINOPHOSPHONIC ACID-ADENYLATE ESTER'
5 non-polymer 'MAGNESIUM ION'
6 non-polymer "ADENOSINE-5'-DIPHOSPHATE"
7 non-polymer 'ALUMINUM FLUORIDE'
8 non-polymer 'PHOSPHATE ION'
9 water water
#
loop_
_entity_poly.entity_id
_entity_poly.type
_entity_poly.pdbx_seq_one_letter_code
_entity_poly.pdbx_strand_id
1 'polypeptide(L)'
;QKTGTAEVSSILEERILGADTSVDLEETGRVLSIGDGIARVHGLRNVQAEEMVEFSSGLKGMSLNLEPDNVGVVVFGNDK
LIKEGDIVKRTGAIVDVPVGEELLGRVVDALGNAIDGKGPIGSKARRRVGLKAPGIIPRISVREPMQTGIKAVDSLVPIG
RGQRELIIGDRQTGKTSIAIDTIINQKRFNDGTDEKKKLYCIYVAIGQKRSTVAQLVKRLTDADAMKYTIVVSATASDAA
PLQYLAPYSGCSMGEYFRDNGKHALIIYDDLSKQAVAYRQMSLLLRRPPGREAYPGDVFYLHSRLLERAAKMNDAFGGGS
LTALPVIETQAGDVSAYIPTNVISITDGQIFLETELFYKGIRPAINVGLSVSRVGSAAQTRAMKQVAGTMKLELAQYREV
AAFAQFGSDLDAATQQLLSRGVRLTELLKQGQYSPMAIEEQVAVIYAGVRGYLDKLEPSKITKFENAFLSHVISQHQALL
GKIRTDGKISEESDAKLKEIVTNFLAGFEA
;
A,B,C
2 'polypeptide(L)'
;AAQASPSPKAGATTGRIVAVIGAVVDVQFDEGLPPILNALEVQGRETRLVLEVAQHLGESTVRTIAMDGTEGLVRGQKVL
DSGAPIRIPVGPETLGRIMNVIGEPIDERGPIKTKQFAAIHAEAPEFVEMSVEQEILVTGIKVVDLLAPYAKGGKIGLFG
GAGVGKTVLIMELINNVAKAHGGYSVFAGVGERTREGNDLYHEMIESGVINLKDATSKVALVYGQMNEPPGARARVALTG
LTVAEYFRDQEGQDVLLFIDNIFRFTQAGSEVSALLGRIPSAVGYQPTLATDMGTMQERITTTKKGSITSVQAIYVPADD
LTDPAPATTFAHLDATTVLSRAIAELGIYPAVDPLDSTSRIMDPNIVGSEHYDVARGVQKILQDYKSLQDIIAILGMDEL
SEEDKLTVSRARKIQRFLSQPFQVAEVFTGHLGKLVPLKETIKGFQQILAGEYDHLPEQAFYMVGPIEEAVAKADKLAEE
HS
;
D,E,F
3 'polypeptide(L)'
;ATLKDITRRLKSIKNIQKITKSMKMVAAAKYARAERELKPARVYGVGSLALYEKADIKTPEDKKKHLIIGVSSDRGLCGA
IHSSVAKQMKSEAANLAAAGKEVKIIGVGDKIRSILHRTHSDQFLVTFKEVGRRPPTFGDASVIALELLNSGYEFDEGSI
IFNRFRSVISYKTEEKPIFSLDTISSAESMSIYDDIDADVLRNYQEYSLANIIYYSLKESTTSEQSARMTAMDNASKNAS
EMIDKLTLTFNRTRQAVITKELIEIISGAAAL
;
G
#
loop_
_chem_comp.id
_chem_comp.type
_chem_comp.name
_chem_comp.formula
ADP non-polymer ADENOSINE-5'-DIPHOSPHATE 'C10 H15 N5 O10 P2'
AF3 non-polymer 'ALUMINUM FLUORIDE' 'Al F3'
ANP non-polymer 'PHOSPHOAMINOPHOSPHONIC ACID-ADENYLATE ESTER' 'C10 H17 N6 O12 P3'
MG non-polymer 'MAGNESIUM ION' 'Mg 2'
PO4 non-polymer 'PHOSPHATE ION' 'O4 P -3'
#
# COMPACT_ATOMS: atom_id res chain seq x y z
N ASP A 24 -13.63 -38.96 -34.74
CA ASP A 24 -13.83 -39.50 -33.40
C ASP A 24 -13.55 -38.44 -32.33
N LEU A 25 -14.49 -37.51 -32.21
CA LEU A 25 -14.38 -36.39 -31.30
C LEU A 25 -14.69 -36.78 -29.86
N GLU A 26 -14.74 -38.09 -29.64
CA GLU A 26 -15.00 -38.62 -28.32
C GLU A 26 -13.72 -39.05 -27.61
N GLU A 27 -12.80 -39.67 -28.36
CA GLU A 27 -11.56 -40.15 -27.79
C GLU A 27 -10.39 -39.31 -28.25
N THR A 28 -10.55 -38.66 -29.39
CA THR A 28 -9.53 -37.83 -29.98
C THR A 28 -10.09 -36.41 -30.09
N GLY A 29 -9.23 -35.46 -30.38
CA GLY A 29 -9.67 -34.07 -30.55
C GLY A 29 -8.69 -33.40 -31.53
N ARG A 30 -8.92 -32.13 -31.78
CA ARG A 30 -8.09 -31.35 -32.67
C ARG A 30 -7.79 -29.96 -32.08
N VAL A 31 -6.54 -29.51 -32.24
CA VAL A 31 -6.17 -28.23 -31.63
C VAL A 31 -6.84 -27.06 -32.31
N LEU A 32 -7.49 -26.21 -31.53
CA LEU A 32 -8.15 -25.00 -32.03
C LEU A 32 -7.14 -23.85 -32.02
N SER A 33 -6.50 -23.71 -30.85
CA SER A 33 -5.50 -22.66 -30.70
C SER A 33 -4.38 -23.15 -29.78
N ILE A 34 -3.21 -22.54 -29.98
CA ILE A 34 -2.04 -22.94 -29.20
C ILE A 34 -1.16 -21.74 -29.00
N GLY A 35 -0.84 -21.47 -27.73
CA GLY A 35 0.06 -20.38 -27.40
C GLY A 35 0.31 -20.31 -25.90
N ASP A 36 1.50 -19.82 -25.52
CA ASP A 36 1.79 -19.67 -24.09
C ASP A 36 1.51 -20.93 -23.28
N GLY A 37 1.81 -22.12 -23.82
CA GLY A 37 1.66 -23.37 -23.09
C GLY A 37 0.23 -23.88 -23.02
N ILE A 38 -0.75 -23.14 -23.50
CA ILE A 38 -2.12 -23.57 -23.48
C ILE A 38 -2.63 -23.96 -24.87
N ALA A 39 -3.12 -25.19 -24.94
CA ALA A 39 -3.71 -25.71 -26.16
C ALA A 39 -5.23 -25.86 -25.96
N ARG A 40 -5.98 -25.04 -26.67
CA ARG A 40 -7.44 -25.21 -26.65
C ARG A 40 -7.79 -26.35 -27.61
N VAL A 41 -8.36 -27.44 -27.11
CA VAL A 41 -8.71 -28.56 -27.95
C VAL A 41 -10.21 -28.76 -28.18
N HIS A 42 -10.58 -28.96 -29.45
CA HIS A 42 -11.97 -29.25 -29.79
C HIS A 42 -12.20 -30.75 -29.79
N GLY A 43 -13.34 -31.24 -29.31
CA GLY A 43 -13.51 -32.71 -29.26
C GLY A 43 -13.13 -33.23 -27.89
N LEU A 44 -12.43 -34.36 -27.83
CA LEU A 44 -12.05 -35.01 -26.58
C LEU A 44 -13.22 -35.09 -25.61
N ARG A 45 -14.41 -35.27 -26.17
CA ARG A 45 -15.64 -35.29 -25.41
C ARG A 45 -15.66 -36.24 -24.22
N ASN A 46 -14.85 -37.27 -24.21
CA ASN A 46 -14.80 -38.22 -23.11
C ASN A 46 -13.58 -38.06 -22.20
N VAL A 47 -12.84 -36.95 -22.31
CA VAL A 47 -11.73 -36.77 -21.38
C VAL A 47 -12.31 -36.49 -19.99
N GLN A 48 -11.50 -36.86 -19.01
CA GLN A 48 -11.83 -36.57 -17.61
C GLN A 48 -11.02 -35.35 -17.16
N ALA A 49 -11.52 -34.62 -16.18
CA ALA A 49 -10.76 -33.50 -15.65
C ALA A 49 -9.40 -33.97 -15.15
N GLU A 50 -8.33 -33.38 -15.66
CA GLU A 50 -6.98 -33.63 -15.22
C GLU A 50 -6.37 -34.87 -15.85
N GLU A 51 -7.01 -35.29 -16.94
CA GLU A 51 -6.50 -36.48 -17.64
C GLU A 51 -5.36 -36.07 -18.57
N MET A 52 -4.42 -36.97 -18.79
CA MET A 52 -3.28 -36.75 -19.67
C MET A 52 -3.59 -37.18 -21.10
N VAL A 53 -3.40 -36.29 -22.04
CA VAL A 53 -3.60 -36.52 -23.45
C VAL A 53 -2.27 -36.40 -24.20
N GLU A 54 -2.26 -36.85 -25.45
CA GLU A 54 -1.02 -36.79 -26.22
C GLU A 54 -1.25 -36.05 -27.53
N PHE A 55 -0.34 -35.15 -27.89
CA PHE A 55 -0.46 -34.41 -29.15
C PHE A 55 0.24 -35.21 -30.26
N SER A 56 -0.04 -34.95 -31.52
CA SER A 56 0.61 -35.62 -32.65
C SER A 56 2.12 -35.75 -32.45
N SER A 57 2.77 -34.66 -32.10
CA SER A 57 4.20 -34.61 -31.89
C SER A 57 4.72 -35.54 -30.80
N GLY A 58 3.84 -36.18 -30.05
CA GLY A 58 4.24 -37.08 -28.98
C GLY A 58 4.28 -36.36 -27.63
N LEU A 59 4.21 -35.04 -27.66
CA LEU A 59 4.20 -34.24 -26.44
C LEU A 59 2.96 -34.59 -25.61
N LYS A 60 3.11 -34.53 -24.30
CA LYS A 60 2.01 -34.83 -23.38
C LYS A 60 1.28 -33.54 -23.02
N GLY A 61 0.09 -33.67 -22.44
CA GLY A 61 -0.70 -32.53 -22.01
C GLY A 61 -1.75 -32.97 -20.99
N MET A 62 -2.14 -32.09 -20.09
CA MET A 62 -3.13 -32.40 -19.05
C MET A 62 -4.36 -31.51 -19.20
N SER A 63 -5.53 -32.11 -19.24
CA SER A 63 -6.82 -31.46 -19.40
C SER A 63 -7.34 -30.83 -18.13
N LEU A 64 -6.87 -29.60 -17.89
CA LEU A 64 -7.18 -28.87 -16.67
C LEU A 64 -8.51 -28.16 -16.74
N ASN A 65 -8.88 -27.69 -17.92
CA ASN A 65 -10.16 -27.00 -18.09
C ASN A 65 -11.03 -27.78 -19.09
N LEU A 66 -12.20 -28.17 -18.65
CA LEU A 66 -13.21 -28.80 -19.50
C LEU A 66 -14.31 -27.75 -19.71
N GLU A 67 -14.36 -27.22 -20.91
CA GLU A 67 -15.34 -26.17 -21.24
C GLU A 67 -16.35 -26.75 -22.22
N PRO A 68 -17.49 -26.13 -22.39
CA PRO A 68 -18.56 -26.62 -23.24
C PRO A 68 -18.13 -26.80 -24.67
N ASP A 69 -17.26 -25.95 -25.19
CA ASP A 69 -16.82 -26.00 -26.58
C ASP A 69 -15.35 -26.32 -26.74
N ASN A 70 -14.65 -26.56 -25.64
CA ASN A 70 -13.23 -26.86 -25.75
C ASN A 70 -12.62 -27.43 -24.47
N VAL A 71 -11.40 -27.95 -24.61
CA VAL A 71 -10.63 -28.41 -23.47
C VAL A 71 -9.35 -27.58 -23.35
N GLY A 72 -9.13 -27.01 -22.19
CA GLY A 72 -7.89 -26.25 -21.98
C GLY A 72 -6.83 -27.24 -21.52
N VAL A 73 -5.90 -27.54 -22.42
CA VAL A 73 -4.82 -28.49 -22.13
C VAL A 73 -3.52 -27.75 -21.82
N VAL A 74 -2.85 -28.11 -20.74
CA VAL A 74 -1.57 -27.52 -20.38
C VAL A 74 -0.46 -28.38 -21.00
N VAL A 75 0.41 -27.72 -21.75
CA VAL A 75 1.41 -28.41 -22.55
C VAL A 75 2.69 -28.71 -21.80
N PHE A 76 3.08 -29.99 -21.81
CA PHE A 76 4.28 -30.46 -21.14
C PHE A 76 5.46 -30.39 -22.11
N GLY A 77 5.76 -29.17 -22.54
CA GLY A 77 6.90 -28.97 -23.43
C GLY A 77 6.79 -27.67 -24.19
N ASN A 78 7.57 -27.59 -25.24
CA ASN A 78 7.58 -26.40 -26.10
C ASN A 78 6.36 -26.49 -27.01
N ASP A 79 5.56 -25.43 -27.03
CA ASP A 79 4.36 -25.54 -27.86
C ASP A 79 4.70 -25.34 -29.32
N LYS A 80 5.98 -25.10 -29.60
CA LYS A 80 6.42 -24.97 -30.98
C LYS A 80 6.02 -26.19 -31.79
N LEU A 81 6.11 -27.37 -31.19
CA LEU A 81 5.74 -28.62 -31.82
C LEU A 81 4.23 -28.81 -31.96
N ILE A 82 3.46 -27.78 -31.65
CA ILE A 82 2.00 -27.92 -31.69
C ILE A 82 1.38 -26.85 -32.59
N LYS A 83 0.65 -27.26 -33.62
CA LYS A 83 -0.02 -26.33 -34.51
C LYS A 83 -1.53 -26.57 -34.52
N GLU A 84 -2.29 -25.61 -35.00
CA GLU A 84 -3.73 -25.70 -35.16
C GLU A 84 -4.05 -26.93 -36.00
N GLY A 85 -5.13 -27.63 -35.64
CA GLY A 85 -5.56 -28.77 -36.43
C GLY A 85 -4.91 -30.08 -35.99
N ASP A 86 -3.90 -29.94 -35.13
CA ASP A 86 -3.22 -31.13 -34.62
C ASP A 86 -4.17 -32.01 -33.83
N ILE A 87 -4.04 -33.32 -34.11
CA ILE A 87 -4.90 -34.30 -33.45
C ILE A 87 -4.38 -34.57 -32.05
N VAL A 88 -5.27 -34.55 -31.09
CA VAL A 88 -4.97 -34.84 -29.69
C VAL A 88 -5.68 -36.12 -29.27
N LYS A 89 -4.96 -37.09 -28.73
CA LYS A 89 -5.51 -38.38 -28.36
C LYS A 89 -5.59 -38.52 -26.85
N ARG A 90 -6.58 -39.25 -26.36
CA ARG A 90 -6.68 -39.53 -24.93
C ARG A 90 -5.73 -40.66 -24.52
N THR A 91 -5.42 -40.69 -23.22
CA THR A 91 -4.61 -41.80 -22.69
C THR A 91 -5.46 -42.71 -21.79
N GLY A 92 -6.57 -42.11 -21.35
CA GLY A 92 -7.49 -42.70 -20.41
C GLY A 92 -6.87 -42.66 -18.99
N ALA A 93 -5.55 -42.45 -18.99
CA ALA A 93 -4.72 -42.47 -17.82
C ALA A 93 -4.56 -41.11 -17.15
N ILE A 94 -3.84 -41.21 -16.02
CA ILE A 94 -3.51 -39.96 -15.32
C ILE A 94 -2.06 -40.04 -14.88
N VAL A 95 -1.58 -38.93 -14.38
CA VAL A 95 -0.19 -38.83 -13.94
C VAL A 95 0.08 -39.81 -12.81
N ASP A 96 1.12 -40.59 -13.00
CA ASP A 96 1.60 -41.53 -11.98
C ASP A 96 3.10 -41.74 -12.17
N VAL A 97 3.87 -41.85 -11.10
CA VAL A 97 5.31 -42.02 -11.22
C VAL A 97 5.77 -43.38 -10.68
N PRO A 98 6.95 -43.78 -11.10
CA PRO A 98 7.64 -44.94 -10.59
C PRO A 98 7.92 -44.76 -9.10
N VAL A 99 7.73 -45.80 -8.31
CA VAL A 99 7.92 -45.66 -6.85
C VAL A 99 8.72 -46.85 -6.34
N GLY A 100 9.38 -46.69 -5.19
CA GLY A 100 10.16 -47.75 -4.60
C GLY A 100 11.61 -47.41 -4.26
N GLU A 101 12.28 -48.35 -3.61
CA GLU A 101 13.66 -48.25 -3.24
C GLU A 101 14.62 -48.20 -4.41
N GLU A 102 14.18 -48.49 -5.62
CA GLU A 102 15.10 -48.44 -6.76
C GLU A 102 15.32 -47.01 -7.25
N LEU A 103 14.70 -46.02 -6.62
CA LEU A 103 14.91 -44.62 -6.97
C LEU A 103 16.04 -44.06 -6.11
N LEU A 104 16.34 -44.70 -4.97
CA LEU A 104 17.41 -44.18 -4.12
C LEU A 104 18.70 -44.06 -4.95
N GLY A 105 19.49 -43.01 -4.67
CA GLY A 105 20.69 -42.76 -5.42
C GLY A 105 20.41 -42.21 -6.80
N ARG A 106 19.14 -42.06 -7.21
CA ARG A 106 18.92 -41.55 -8.57
C ARG A 106 18.43 -40.11 -8.65
N VAL A 107 18.63 -39.49 -9.81
CA VAL A 107 18.16 -38.16 -10.11
C VAL A 107 17.12 -38.25 -11.24
N VAL A 108 15.87 -37.96 -10.90
CA VAL A 108 14.77 -38.06 -11.86
C VAL A 108 14.10 -36.71 -12.09
N ASP A 109 13.30 -36.64 -13.16
CA ASP A 109 12.55 -35.42 -13.49
C ASP A 109 11.19 -35.43 -12.79
N ALA A 110 10.26 -34.55 -13.11
CA ALA A 110 8.99 -34.55 -12.37
C ALA A 110 8.14 -35.81 -12.59
N LEU A 111 8.40 -36.54 -13.66
CA LEU A 111 7.71 -37.76 -13.97
C LEU A 111 8.50 -39.02 -13.64
N GLY A 112 9.59 -38.94 -12.91
CA GLY A 112 10.33 -40.15 -12.57
C GLY A 112 11.26 -40.63 -13.66
N ASN A 113 11.41 -39.89 -14.75
CA ASN A 113 12.38 -40.25 -15.77
C ASN A 113 13.78 -40.02 -15.20
N ALA A 114 14.71 -40.91 -15.52
CA ALA A 114 16.09 -40.72 -15.13
C ALA A 114 16.68 -39.56 -15.93
N ILE A 115 17.32 -38.63 -15.22
CA ILE A 115 17.99 -37.53 -15.94
C ILE A 115 19.45 -37.51 -15.54
N ASP A 116 19.81 -38.50 -14.72
CA ASP A 116 21.19 -38.59 -14.27
C ASP A 116 22.05 -39.36 -15.26
N GLY A 117 21.50 -39.86 -16.34
CA GLY A 117 22.34 -40.55 -17.32
C GLY A 117 22.70 -41.96 -16.87
N LYS A 118 22.36 -42.33 -15.64
CA LYS A 118 22.70 -43.66 -15.17
C LYS A 118 21.77 -44.77 -15.64
N GLY A 119 21.12 -44.65 -16.80
CA GLY A 119 20.27 -45.75 -17.29
C GLY A 119 18.90 -45.68 -16.67
N PRO A 120 18.02 -46.58 -17.07
CA PRO A 120 16.64 -46.61 -16.60
C PRO A 120 16.51 -47.11 -15.18
N ILE A 121 15.36 -46.76 -14.57
CA ILE A 121 15.05 -47.18 -13.21
C ILE A 121 14.16 -48.44 -13.30
N GLY A 122 14.44 -49.40 -12.43
CA GLY A 122 13.69 -50.65 -12.47
C GLY A 122 12.53 -50.63 -11.50
N SER A 123 11.56 -49.74 -11.70
CA SER A 123 10.41 -49.70 -10.78
C SER A 123 9.56 -50.96 -10.95
N LYS A 124 9.43 -51.69 -9.86
CA LYS A 124 8.57 -52.87 -9.84
C LYS A 124 7.16 -52.41 -9.43
N ALA A 125 7.02 -51.11 -9.24
CA ALA A 125 5.74 -50.54 -8.83
C ALA A 125 5.63 -49.06 -9.20
N ARG A 126 4.41 -48.57 -9.29
CA ARG A 126 4.11 -47.20 -9.63
C ARG A 126 2.97 -46.65 -8.76
N ARG A 127 3.03 -45.38 -8.42
CA ARG A 127 1.96 -44.81 -7.58
C ARG A 127 1.43 -43.55 -8.26
N ARG A 128 0.18 -43.20 -7.94
CA ARG A 128 -0.42 -42.02 -8.58
C ARG A 128 0.09 -40.77 -7.92
N VAL A 129 0.26 -39.66 -8.64
CA VAL A 129 0.74 -38.44 -7.96
C VAL A 129 -0.36 -37.72 -7.22
N GLY A 130 -1.60 -37.88 -7.68
CA GLY A 130 -2.74 -37.23 -7.08
C GLY A 130 -3.55 -38.17 -6.19
N LEU A 131 -3.01 -38.44 -5.00
CA LEU A 131 -3.69 -39.27 -4.03
C LEU A 131 -4.05 -38.41 -2.82
N LYS A 132 -5.16 -38.79 -2.21
CA LYS A 132 -5.68 -38.06 -1.05
C LYS A 132 -4.91 -38.50 0.18
N ALA A 133 -4.63 -37.57 1.08
CA ALA A 133 -3.88 -37.88 2.28
C ALA A 133 -4.67 -38.83 3.19
N PRO A 134 -3.93 -39.65 3.93
CA PRO A 134 -4.52 -40.51 4.94
C PRO A 134 -5.47 -39.65 5.79
N GLY A 135 -6.59 -40.20 6.19
CA GLY A 135 -7.53 -39.44 7.00
C GLY A 135 -7.05 -39.30 8.45
N ILE A 136 -7.99 -38.97 9.30
CA ILE A 136 -7.80 -38.73 10.70
C ILE A 136 -7.49 -39.96 11.52
N ILE A 137 -8.20 -41.06 11.27
CA ILE A 137 -8.06 -42.26 12.09
C ILE A 137 -6.81 -43.05 11.89
N PRO A 138 -6.21 -43.13 10.73
CA PRO A 138 -5.06 -43.98 10.46
C PRO A 138 -3.78 -43.41 11.02
N ARG A 139 -3.92 -42.25 11.66
CA ARG A 139 -2.81 -41.47 12.16
C ARG A 139 -2.57 -41.67 13.64
N ILE A 140 -1.42 -41.19 14.09
CA ILE A 140 -1.06 -41.32 15.51
C ILE A 140 -0.10 -40.20 15.86
N SER A 141 -0.26 -39.58 17.00
CA SER A 141 0.57 -38.45 17.40
C SER A 141 2.03 -38.62 17.03
N VAL A 142 2.67 -37.52 16.65
CA VAL A 142 4.09 -37.53 16.30
C VAL A 142 4.93 -37.60 17.56
N ARG A 143 5.74 -38.64 17.75
CA ARG A 143 6.55 -38.78 18.96
C ARG A 143 7.98 -39.21 18.62
N GLU A 144 8.22 -39.75 17.44
CA GLU A 144 9.55 -40.17 17.03
C GLU A 144 10.37 -39.00 16.49
N PRO A 145 11.55 -38.83 17.06
CA PRO A 145 12.47 -37.77 16.71
C PRO A 145 12.95 -37.85 15.27
N MET A 146 12.96 -36.69 14.62
CA MET A 146 13.50 -36.54 13.28
C MET A 146 14.73 -35.63 13.39
N GLN A 147 15.85 -36.19 13.80
CA GLN A 147 17.08 -35.47 14.04
C GLN A 147 17.61 -34.77 12.77
N THR A 148 17.94 -33.49 12.93
CA THR A 148 18.44 -32.74 11.77
C THR A 148 19.98 -32.69 11.87
N GLY A 149 20.44 -32.78 13.10
CA GLY A 149 21.86 -32.69 13.42
C GLY A 149 22.25 -31.26 13.71
N ILE A 150 21.34 -30.32 13.35
CA ILE A 150 21.63 -28.89 13.57
C ILE A 150 21.23 -28.59 15.02
N LYS A 151 22.12 -28.07 15.85
CA LYS A 151 21.83 -27.87 17.27
C LYS A 151 20.71 -26.89 17.55
N ALA A 152 20.69 -25.74 16.89
CA ALA A 152 19.61 -24.77 17.11
C ALA A 152 18.24 -25.36 16.80
N VAL A 153 18.15 -26.27 15.84
CA VAL A 153 16.87 -26.88 15.50
C VAL A 153 16.52 -27.98 16.49
N ASP A 154 17.37 -28.99 16.56
CA ASP A 154 17.09 -30.17 17.35
C ASP A 154 16.77 -29.90 18.82
N SER A 155 17.11 -28.71 19.26
CA SER A 155 16.98 -28.27 20.62
C SER A 155 15.86 -27.24 20.79
N LEU A 156 15.87 -26.18 19.98
CA LEU A 156 14.85 -25.15 20.12
C LEU A 156 13.69 -25.29 19.15
N VAL A 157 13.79 -26.14 18.13
CA VAL A 157 12.71 -26.30 17.15
C VAL A 157 12.60 -27.75 16.68
N PRO A 158 12.54 -28.70 17.57
CA PRO A 158 12.50 -30.11 17.34
C PRO A 158 11.45 -30.56 16.34
N ILE A 159 11.82 -31.42 15.38
CA ILE A 159 10.93 -31.93 14.38
C ILE A 159 10.68 -33.41 14.69
N GLY A 160 9.46 -33.90 14.49
CA GLY A 160 9.19 -35.31 14.72
C GLY A 160 8.76 -35.98 13.42
N ARG A 161 8.89 -37.32 13.38
CA ARG A 161 8.50 -38.02 12.15
C ARG A 161 7.01 -37.89 11.88
N GLY A 162 6.71 -37.30 10.72
CA GLY A 162 5.31 -37.09 10.34
C GLY A 162 4.97 -35.61 10.40
N GLN A 163 5.80 -34.81 11.03
CA GLN A 163 5.61 -33.37 11.09
C GLN A 163 5.81 -32.66 9.75
N ARG A 164 5.31 -31.42 9.65
CA ARG A 164 5.50 -30.57 8.47
C ARG A 164 6.10 -29.30 9.06
N GLU A 165 7.39 -29.10 8.86
CA GLU A 165 8.06 -27.94 9.43
C GLU A 165 8.57 -27.06 8.30
N LEU A 166 8.12 -25.81 8.27
CA LEU A 166 8.51 -24.97 7.11
C LEU A 166 9.86 -24.33 7.33
N ILE A 167 10.66 -24.32 6.28
CA ILE A 167 11.92 -23.59 6.26
C ILE A 167 11.63 -22.28 5.51
N ILE A 168 11.72 -21.13 6.17
CA ILE A 168 11.35 -19.90 5.54
C ILE A 168 12.28 -18.75 5.87
N GLY A 169 12.49 -17.90 4.85
CA GLY A 169 13.27 -16.70 4.88
C GLY A 169 13.49 -16.12 3.49
N ASP A 170 14.21 -15.01 3.44
CA ASP A 170 14.50 -14.31 2.19
C ASP A 170 15.58 -15.08 1.42
N ARG A 171 15.78 -14.67 0.17
CA ARG A 171 16.78 -15.30 -0.69
C ARG A 171 18.14 -15.35 0.05
N GLN A 172 18.83 -16.48 -0.11
CA GLN A 172 20.20 -16.59 0.35
C GLN A 172 20.39 -16.43 1.84
N THR A 173 19.41 -16.81 2.63
CA THR A 173 19.52 -16.72 4.08
C THR A 173 20.06 -18.02 4.69
N GLY A 174 19.96 -19.13 3.99
CA GLY A 174 20.48 -20.40 4.43
C GLY A 174 19.45 -21.51 4.42
N LYS A 175 18.33 -21.34 3.73
CA LYS A 175 17.24 -22.29 3.79
C LYS A 175 17.60 -23.69 3.34
N THR A 176 18.18 -23.81 2.15
CA THR A 176 18.53 -25.10 1.56
C THR A 176 19.54 -25.89 2.37
N SER A 177 20.50 -25.22 2.97
CA SER A 177 21.50 -25.83 3.82
C SER A 177 20.85 -26.58 4.99
N ILE A 178 19.81 -26.00 5.60
CA ILE A 178 19.08 -26.73 6.65
C ILE A 178 18.64 -28.08 6.11
N ALA A 179 18.00 -28.08 4.94
CA ALA A 179 17.55 -29.34 4.34
C ALA A 179 18.71 -30.31 4.14
N ILE A 180 19.70 -29.93 3.34
CA ILE A 180 20.87 -30.72 3.04
C ILE A 180 21.58 -31.27 4.29
N ASP A 181 21.79 -30.44 5.30
CA ASP A 181 22.48 -30.92 6.50
C ASP A 181 21.63 -32.02 7.15
N THR A 182 20.32 -31.86 7.10
CA THR A 182 19.40 -32.83 7.66
C THR A 182 19.57 -34.17 6.95
N ILE A 183 19.66 -34.08 5.62
CA ILE A 183 19.75 -35.28 4.80
C ILE A 183 21.07 -36.01 5.08
N ILE A 184 22.14 -35.23 5.19
CA ILE A 184 23.46 -35.81 5.44
C ILE A 184 23.43 -36.58 6.77
N ASN A 185 22.81 -35.92 7.73
CA ASN A 185 22.73 -36.42 9.09
C ASN A 185 22.19 -37.85 9.18
N GLN A 186 21.27 -38.18 8.29
CA GLN A 186 20.61 -39.49 8.43
C GLN A 186 21.58 -40.63 8.26
N LYS A 187 22.73 -40.41 7.67
CA LYS A 187 23.72 -41.46 7.45
C LYS A 187 23.96 -42.23 8.75
N ARG A 188 24.09 -41.51 9.87
CA ARG A 188 24.29 -42.16 11.15
C ARG A 188 23.31 -43.32 11.32
N PHE A 189 22.03 -43.08 11.02
CA PHE A 189 21.05 -44.11 11.28
C PHE A 189 21.02 -45.14 10.17
N ASN A 190 21.08 -44.69 8.94
CA ASN A 190 20.98 -45.54 7.77
C ASN A 190 22.16 -46.47 7.62
N ASP A 191 23.25 -46.19 8.34
CA ASP A 191 24.42 -47.05 8.31
C ASP A 191 24.40 -47.93 9.56
N GLY A 192 23.36 -47.73 10.36
CA GLY A 192 23.17 -48.44 11.62
C GLY A 192 22.43 -49.75 11.45
N THR A 193 22.16 -50.36 12.60
CA THR A 193 21.49 -51.67 12.65
C THR A 193 20.04 -51.56 13.08
N ASP A 194 19.69 -50.44 13.72
CA ASP A 194 18.29 -50.18 14.08
C ASP A 194 17.54 -49.72 12.83
N GLU A 195 16.81 -50.62 12.19
CA GLU A 195 16.15 -50.27 10.92
C GLU A 195 15.04 -49.27 11.13
N LYS A 196 14.63 -49.14 12.39
CA LYS A 196 13.51 -48.27 12.70
C LYS A 196 13.87 -46.82 12.81
N LYS A 197 15.14 -46.52 13.02
CA LYS A 197 15.61 -45.13 13.09
C LYS A 197 15.99 -44.62 11.70
N LYS A 198 16.04 -45.50 10.71
CA LYS A 198 16.38 -45.14 9.35
C LYS A 198 15.47 -44.06 8.76
N LEU A 199 15.89 -43.41 7.69
CA LEU A 199 15.12 -42.36 7.06
C LEU A 199 15.51 -42.10 5.62
N TYR A 200 14.67 -42.54 4.68
CA TYR A 200 14.95 -42.33 3.25
C TYR A 200 14.60 -40.90 2.88
N CYS A 201 15.47 -40.23 2.15
CA CYS A 201 15.29 -38.81 1.86
C CYS A 201 14.87 -38.51 0.44
N ILE A 202 13.96 -37.55 0.25
CA ILE A 202 13.54 -37.16 -1.10
C ILE A 202 13.79 -35.66 -1.24
N TYR A 203 14.57 -35.22 -2.21
CA TYR A 203 14.84 -33.79 -2.38
C TYR A 203 14.23 -33.33 -3.72
N VAL A 204 13.26 -32.43 -3.58
CA VAL A 204 12.51 -31.95 -4.74
C VAL A 204 12.95 -30.53 -5.08
N ALA A 205 13.53 -30.36 -6.26
CA ALA A 205 13.95 -29.06 -6.72
C ALA A 205 12.87 -28.55 -7.69
N ILE A 206 12.38 -27.35 -7.45
CA ILE A 206 11.38 -26.74 -8.31
C ILE A 206 11.88 -25.35 -8.72
N GLY A 207 11.98 -25.09 -10.00
CA GLY A 207 12.38 -23.84 -10.57
C GLY A 207 13.85 -23.49 -10.40
N GLN A 208 14.63 -24.33 -9.73
CA GLN A 208 16.05 -23.98 -9.53
C GLN A 208 16.80 -24.17 -10.83
N LYS A 209 18.04 -23.70 -10.92
CA LYS A 209 18.80 -23.98 -12.16
C LYS A 209 19.51 -25.34 -12.04
N ARG A 210 19.69 -26.03 -13.14
CA ARG A 210 20.40 -27.26 -13.29
C ARG A 210 21.79 -27.31 -12.71
N SER A 211 22.60 -26.27 -12.81
CA SER A 211 23.96 -26.37 -12.21
C SER A 211 23.80 -26.42 -10.69
N THR A 212 22.80 -25.71 -10.18
CA THR A 212 22.62 -25.69 -8.73
C THR A 212 22.23 -27.08 -8.28
N VAL A 213 21.36 -27.72 -9.06
CA VAL A 213 20.96 -29.10 -8.66
C VAL A 213 22.19 -30.00 -8.73
N ALA A 214 22.95 -29.84 -9.81
CA ALA A 214 24.19 -30.58 -10.02
C ALA A 214 25.14 -30.40 -8.85
N GLN A 215 25.28 -29.18 -8.37
CA GLN A 215 26.17 -28.94 -7.24
C GLN A 215 25.62 -29.64 -5.98
N LEU A 216 24.31 -29.57 -5.84
CA LEU A 216 23.58 -30.12 -4.70
C LEU A 216 23.85 -31.63 -4.67
N VAL A 217 23.54 -32.34 -5.73
CA VAL A 217 23.69 -33.78 -5.76
C VAL A 217 25.11 -34.24 -5.53
N LYS A 218 26.07 -33.40 -5.88
CA LYS A 218 27.47 -33.63 -5.73
C LYS A 218 27.89 -33.64 -4.26
N ARG A 219 27.40 -32.65 -3.57
CA ARG A 219 27.57 -32.49 -2.15
C ARG A 219 26.97 -33.67 -1.39
N LEU A 220 25.82 -34.19 -1.83
CA LEU A 220 25.21 -35.35 -1.18
C LEU A 220 26.06 -36.58 -1.49
N THR A 221 26.54 -36.65 -2.72
CA THR A 221 27.39 -37.78 -3.11
C THR A 221 28.70 -37.77 -2.34
N ASP A 222 29.32 -36.59 -2.19
CA ASP A 222 30.57 -36.59 -1.40
C ASP A 222 30.30 -37.01 0.05
N ALA A 223 29.17 -36.61 0.62
CA ALA A 223 28.90 -36.99 2.01
C ALA A 223 28.34 -38.40 2.07
N ASP A 224 28.16 -39.04 0.92
CA ASP A 224 27.67 -40.41 0.85
C ASP A 224 26.23 -40.54 1.30
N ALA A 225 25.44 -39.49 1.03
CA ALA A 225 24.02 -39.48 1.35
C ALA A 225 23.17 -39.89 0.15
N MET A 226 23.63 -39.66 -1.07
CA MET A 226 22.79 -40.01 -2.22
C MET A 226 22.29 -41.45 -2.10
N LYS A 227 23.08 -42.33 -1.48
CA LYS A 227 22.68 -43.73 -1.42
C LYS A 227 21.28 -43.90 -0.84
N TYR A 228 20.79 -42.99 -0.03
CA TYR A 228 19.44 -43.18 0.54
C TYR A 228 18.56 -41.97 0.21
N THR A 229 18.93 -41.25 -0.82
CA THR A 229 18.23 -40.07 -1.24
C THR A 229 17.73 -40.21 -2.67
N ILE A 230 16.55 -39.69 -2.91
CA ILE A 230 16.01 -39.61 -4.26
C ILE A 230 15.98 -38.11 -4.57
N VAL A 231 16.45 -37.68 -5.72
CA VAL A 231 16.32 -36.26 -6.09
C VAL A 231 15.36 -36.10 -7.26
N VAL A 232 14.21 -35.43 -7.07
CA VAL A 232 13.24 -35.20 -8.14
C VAL A 232 13.48 -33.76 -8.60
N SER A 233 13.81 -33.52 -9.87
CA SER A 233 14.13 -32.13 -10.26
C SER A 233 13.31 -31.62 -11.42
N ALA A 234 12.65 -30.48 -11.22
CA ALA A 234 11.90 -29.83 -12.30
C ALA A 234 12.41 -28.39 -12.35
N THR A 235 13.48 -28.20 -13.12
CA THR A 235 14.21 -26.94 -13.15
C THR A 235 13.57 -25.84 -13.95
N ALA A 236 14.21 -24.68 -13.89
CA ALA A 236 13.75 -23.45 -14.49
C ALA A 236 13.38 -23.48 -15.95
N SER A 237 13.91 -24.37 -16.78
CA SER A 237 13.48 -24.38 -18.19
C SER A 237 12.48 -25.48 -18.48
N ASP A 238 12.09 -26.25 -17.45
CA ASP A 238 11.06 -27.25 -17.58
C ASP A 238 9.71 -26.51 -17.65
N ALA A 239 8.78 -26.99 -18.45
CA ALA A 239 7.49 -26.36 -18.64
C ALA A 239 6.73 -26.29 -17.33
N ALA A 240 5.93 -25.24 -17.16
CA ALA A 240 5.24 -25.02 -15.91
C ALA A 240 4.59 -26.27 -15.33
N PRO A 241 3.82 -27.01 -16.07
CA PRO A 241 3.12 -28.19 -15.59
C PRO A 241 4.03 -29.17 -14.84
N LEU A 242 5.23 -29.36 -15.35
CA LEU A 242 6.24 -30.23 -14.76
C LEU A 242 6.66 -29.70 -13.40
N GLN A 243 6.88 -28.38 -13.31
CA GLN A 243 7.23 -27.85 -11.98
C GLN A 243 6.05 -28.00 -11.02
N TYR A 244 4.87 -27.98 -11.59
CA TYR A 244 3.62 -28.14 -10.86
C TYR A 244 3.52 -29.54 -10.24
N LEU A 245 3.76 -30.58 -11.03
CA LEU A 245 3.73 -31.95 -10.52
C LEU A 245 4.85 -32.33 -9.57
N ALA A 246 6.09 -31.95 -9.89
CA ALA A 246 7.28 -32.30 -9.16
C ALA A 246 7.10 -32.65 -7.70
N PRO A 247 6.57 -31.78 -6.88
CA PRO A 247 6.36 -31.97 -5.45
C PRO A 247 5.40 -33.12 -5.16
N TYR A 248 4.18 -33.09 -5.73
CA TYR A 248 3.29 -34.24 -5.57
C TYR A 248 3.95 -35.56 -5.98
N SER A 249 4.66 -35.64 -7.10
CA SER A 249 5.24 -36.91 -7.54
C SER A 249 6.34 -37.36 -6.60
N GLY A 250 7.07 -36.41 -6.02
CA GLY A 250 8.08 -36.78 -5.02
C GLY A 250 7.34 -37.30 -3.77
N CYS A 251 6.24 -36.63 -3.41
CA CYS A 251 5.41 -37.02 -2.29
C CYS A 251 4.96 -38.48 -2.37
N SER A 252 4.42 -38.91 -3.51
CA SER A 252 4.05 -40.30 -3.67
C SER A 252 5.26 -41.18 -3.37
N MET A 253 6.38 -40.85 -4.04
CA MET A 253 7.60 -41.64 -3.89
C MET A 253 7.90 -41.82 -2.41
N GLY A 254 7.64 -40.77 -1.62
CA GLY A 254 7.89 -40.88 -0.18
C GLY A 254 6.80 -41.70 0.50
N GLU A 255 5.60 -41.72 -0.11
CA GLU A 255 4.46 -42.41 0.47
C GLU A 255 4.67 -43.92 0.42
N TYR A 256 5.41 -44.39 -0.56
CA TYR A 256 5.80 -45.79 -0.65
C TYR A 256 6.49 -46.19 0.66
N PHE A 257 7.41 -45.37 1.15
CA PHE A 257 8.09 -45.71 2.40
C PHE A 257 7.11 -45.59 3.55
N ARG A 258 6.42 -44.46 3.62
CA ARG A 258 5.49 -44.16 4.69
C ARG A 258 4.53 -45.33 4.96
N ASP A 259 3.96 -45.84 3.87
CA ASP A 259 2.98 -46.88 3.93
C ASP A 259 3.53 -48.27 4.21
N ASN A 260 4.75 -48.58 3.79
CA ASN A 260 5.28 -49.91 4.00
C ASN A 260 6.16 -49.94 5.25
N GLY A 261 5.68 -49.34 6.34
CA GLY A 261 6.41 -49.37 7.58
C GLY A 261 7.75 -48.70 7.60
N LYS A 262 8.13 -48.01 6.52
CA LYS A 262 9.40 -47.27 6.59
C LYS A 262 9.13 -45.80 6.89
N HIS A 263 10.20 -45.02 6.93
CA HIS A 263 10.12 -43.60 7.22
C HIS A 263 10.80 -42.76 6.15
N ALA A 264 10.12 -41.75 5.64
CA ALA A 264 10.71 -40.91 4.60
C ALA A 264 10.69 -39.44 4.98
N LEU A 265 11.65 -38.69 4.47
CA LEU A 265 11.71 -37.24 4.69
C LEU A 265 11.74 -36.60 3.31
N ILE A 266 10.94 -35.59 3.08
CA ILE A 266 10.86 -34.91 1.78
C ILE A 266 11.09 -33.41 1.94
N ILE A 267 11.87 -32.85 1.03
CA ILE A 267 12.12 -31.42 0.99
C ILE A 267 11.50 -30.86 -0.28
N TYR A 268 10.73 -29.80 -0.12
CA TYR A 268 10.08 -29.11 -1.22
C TYR A 268 10.80 -27.78 -1.43
N ASP A 269 11.84 -27.82 -2.25
CA ASP A 269 12.65 -26.60 -2.43
C ASP A 269 12.45 -26.07 -3.85
N ASP A 270 11.57 -25.10 -4.03
CA ASP A 270 10.77 -24.51 -2.98
C ASP A 270 9.30 -24.32 -3.38
N LEU A 271 8.41 -24.16 -2.39
CA LEU A 271 6.99 -24.10 -2.77
C LEU A 271 6.63 -22.76 -3.39
N SER A 272 7.51 -21.78 -3.21
CA SER A 272 7.26 -20.46 -3.80
C SER A 272 7.29 -20.58 -5.32
N LYS A 273 8.22 -21.40 -5.84
CA LYS A 273 8.32 -21.49 -7.30
C LYS A 273 7.26 -22.36 -7.88
N GLN A 274 6.89 -23.42 -7.16
CA GLN A 274 5.81 -24.26 -7.75
C GLN A 274 4.57 -23.38 -7.82
N ALA A 275 4.37 -22.57 -6.78
CA ALA A 275 3.19 -21.70 -6.77
C ALA A 275 3.26 -20.74 -7.96
N VAL A 276 4.43 -20.22 -8.32
CA VAL A 276 4.55 -19.39 -9.50
C VAL A 276 4.14 -20.16 -10.76
N ALA A 277 4.61 -21.39 -10.92
CA ALA A 277 4.31 -22.24 -12.04
C ALA A 277 2.82 -22.44 -12.23
N TYR A 278 2.15 -22.70 -11.10
CA TYR A 278 0.70 -22.95 -11.18
C TYR A 278 -0.04 -21.68 -11.54
N ARG A 279 0.43 -20.54 -11.03
CA ARG A 279 -0.13 -19.26 -11.37
C ARG A 279 0.01 -18.98 -12.86
N GLN A 280 1.02 -19.57 -13.50
CA GLN A 280 1.16 -19.29 -14.95
C GLN A 280 0.05 -20.03 -15.70
N MET A 281 -0.11 -21.31 -15.35
CA MET A 281 -1.15 -22.11 -15.99
C MET A 281 -2.53 -21.53 -15.74
N SER A 282 -2.84 -21.08 -14.53
CA SER A 282 -4.13 -20.57 -14.17
C SER A 282 -4.48 -19.27 -14.92
N LEU A 283 -3.57 -18.31 -14.85
CA LEU A 283 -3.76 -17.07 -15.59
C LEU A 283 -3.87 -17.33 -17.08
N LEU A 284 -3.09 -18.23 -17.68
CA LEU A 284 -3.31 -18.41 -19.14
C LEU A 284 -4.58 -19.19 -19.42
N LEU A 285 -5.11 -19.88 -18.40
CA LEU A 285 -6.34 -20.62 -18.56
C LEU A 285 -7.49 -19.65 -18.33
N ARG A 286 -7.12 -18.42 -17.99
CA ARG A 286 -8.10 -17.37 -17.79
C ARG A 286 -8.92 -17.62 -16.55
N ARG A 287 -8.34 -18.37 -15.61
CA ARG A 287 -8.99 -18.53 -14.32
C ARG A 287 -8.87 -17.14 -13.69
N PRO A 288 -9.79 -16.82 -12.82
CA PRO A 288 -9.82 -15.53 -12.17
C PRO A 288 -8.59 -15.30 -11.31
N PRO A 289 -7.95 -14.15 -11.46
CA PRO A 289 -6.86 -13.70 -10.64
C PRO A 289 -7.33 -13.11 -9.31
N GLY A 290 -6.53 -13.30 -8.29
CA GLY A 290 -6.76 -12.83 -6.95
C GLY A 290 -5.57 -12.10 -6.40
N ARG A 291 -5.42 -12.15 -5.09
CA ARG A 291 -4.27 -11.48 -4.46
C ARG A 291 -2.94 -11.91 -5.06
N GLU A 292 -2.10 -10.99 -5.41
CA GLU A 292 -0.85 -11.25 -6.15
C GLU A 292 -1.09 -12.00 -7.44
N ALA A 293 -2.34 -12.04 -7.92
CA ALA A 293 -2.65 -12.69 -9.20
C ALA A 293 -2.73 -14.20 -9.08
N TYR A 294 -2.65 -14.74 -7.86
CA TYR A 294 -2.84 -16.18 -7.65
C TYR A 294 -4.33 -16.51 -7.75
N PRO A 295 -4.69 -17.75 -7.98
CA PRO A 295 -6.06 -18.22 -8.11
C PRO A 295 -6.59 -18.64 -6.75
N GLY A 296 -7.87 -18.80 -6.55
CA GLY A 296 -8.47 -19.12 -5.25
C GLY A 296 -8.17 -20.49 -4.70
N ASP A 297 -7.63 -21.38 -5.53
CA ASP A 297 -7.27 -22.73 -5.12
C ASP A 297 -5.78 -22.87 -4.83
N VAL A 298 -5.00 -21.81 -4.89
CA VAL A 298 -3.57 -21.92 -4.59
C VAL A 298 -3.30 -22.38 -3.16
N PHE A 299 -4.13 -21.98 -2.18
CA PHE A 299 -3.91 -22.54 -0.83
C PHE A 299 -4.22 -24.04 -0.83
N TYR A 300 -5.32 -24.42 -1.48
CA TYR A 300 -5.75 -25.81 -1.59
C TYR A 300 -4.62 -26.64 -2.21
N LEU A 301 -3.96 -26.02 -3.19
CA LEU A 301 -2.86 -26.65 -3.91
C LEU A 301 -1.76 -27.09 -2.95
N HIS A 302 -1.36 -26.21 -2.04
CA HIS A 302 -0.37 -26.62 -1.05
C HIS A 302 -0.96 -27.38 0.13
N SER A 303 -2.23 -27.23 0.47
CA SER A 303 -2.72 -27.97 1.63
C SER A 303 -2.88 -29.44 1.30
N ARG A 304 -3.24 -29.76 0.07
CA ARG A 304 -3.45 -31.15 -0.33
C ARG A 304 -2.12 -31.87 -0.29
N LEU A 305 -1.05 -31.17 -0.62
CA LEU A 305 0.31 -31.73 -0.64
C LEU A 305 0.89 -31.89 0.75
N LEU A 306 0.70 -30.94 1.63
CA LEU A 306 1.33 -30.99 2.95
C LEU A 306 0.64 -31.92 3.93
N GLU A 307 -0.63 -32.21 3.72
CA GLU A 307 -1.36 -33.13 4.59
C GLU A 307 -0.93 -34.57 4.28
N ARG A 308 -0.34 -34.83 3.11
CA ARG A 308 0.13 -36.16 2.74
C ARG A 308 1.35 -36.56 3.57
N ALA A 309 1.92 -35.60 4.28
CA ALA A 309 2.98 -35.91 5.26
C ALA A 309 2.24 -36.43 6.51
N ALA A 310 2.63 -37.58 7.03
CA ALA A 310 1.85 -38.08 8.17
C ALA A 310 2.54 -39.18 8.95
N LYS A 311 2.14 -39.31 10.21
CA LYS A 311 2.63 -40.40 11.05
C LYS A 311 1.54 -41.47 11.15
N MET A 312 1.82 -42.63 10.60
CA MET A 312 0.90 -43.76 10.54
C MET A 312 0.93 -44.58 11.83
N ASN A 313 -0.25 -45.05 12.23
CA ASN A 313 -0.44 -45.84 13.43
C ASN A 313 -0.01 -47.29 13.22
N ASP A 314 0.25 -47.99 14.32
CA ASP A 314 0.78 -49.35 14.25
C ASP A 314 0.01 -50.23 13.29
N ALA A 315 -1.31 -50.17 13.33
CA ALA A 315 -2.15 -50.98 12.46
C ALA A 315 -2.01 -50.61 10.98
N PHE A 316 -1.26 -49.53 10.71
CA PHE A 316 -1.04 -49.11 9.33
C PHE A 316 0.43 -49.19 8.95
N GLY A 317 1.17 -49.97 9.74
CA GLY A 317 2.57 -50.23 9.41
C GLY A 317 3.51 -49.41 10.27
N GLY A 318 3.00 -48.33 10.87
CA GLY A 318 3.82 -47.45 11.68
C GLY A 318 4.75 -46.51 10.93
N GLY A 319 4.68 -46.43 9.59
CA GLY A 319 5.49 -45.54 8.83
C GLY A 319 5.29 -44.06 9.03
N SER A 320 6.02 -43.25 8.21
CA SER A 320 5.86 -41.81 8.34
C SER A 320 6.46 -41.08 7.16
N LEU A 321 5.98 -39.85 6.97
CA LEU A 321 6.53 -38.98 5.94
C LEU A 321 6.66 -37.59 6.55
N THR A 322 7.88 -37.10 6.64
CA THR A 322 8.08 -35.76 7.23
C THR A 322 8.37 -34.83 6.07
N ALA A 323 7.79 -33.65 6.08
CA ALA A 323 7.95 -32.72 4.99
C ALA A 323 8.65 -31.45 5.48
N LEU A 324 9.67 -31.03 4.75
CA LEU A 324 10.36 -29.78 5.06
C LEU A 324 10.26 -28.85 3.85
N PRO A 325 9.09 -28.25 3.68
CA PRO A 325 8.80 -27.35 2.58
C PRO A 325 9.63 -26.07 2.71
N VAL A 326 9.97 -25.48 1.58
CA VAL A 326 10.73 -24.24 1.64
C VAL A 326 9.90 -23.13 1.01
N ILE A 327 9.93 -21.96 1.64
CA ILE A 327 9.26 -20.76 1.20
C ILE A 327 10.28 -19.61 1.24
N GLU A 328 10.42 -18.91 0.15
CA GLU A 328 11.24 -17.71 0.04
C GLU A 328 10.31 -16.50 0.25
N THR A 329 10.59 -15.63 1.18
CA THR A 329 9.89 -14.41 1.43
C THR A 329 10.52 -13.23 0.69
N GLN A 330 9.82 -12.11 0.58
CA GLN A 330 10.37 -10.92 -0.05
C GLN A 330 10.50 -9.82 0.98
N ALA A 331 11.75 -9.48 1.28
CA ALA A 331 12.04 -8.43 2.23
C ALA A 331 11.39 -8.70 3.58
N GLY A 332 11.34 -9.97 4.01
CA GLY A 332 10.89 -10.31 5.33
C GLY A 332 9.38 -10.41 5.46
N ASP A 333 8.64 -10.30 4.36
CA ASP A 333 7.20 -10.28 4.42
C ASP A 333 6.53 -11.64 4.58
N VAL A 334 6.47 -12.14 5.79
CA VAL A 334 5.90 -13.45 6.08
C VAL A 334 4.38 -13.39 5.97
N SER A 335 3.80 -12.21 5.74
CA SER A 335 2.37 -12.05 5.59
C SER A 335 1.94 -12.04 4.12
N ALA A 336 2.92 -12.15 3.21
CA ALA A 336 2.55 -12.21 1.78
C ALA A 336 1.61 -13.42 1.62
N TYR A 337 1.02 -13.54 0.42
CA TYR A 337 0.06 -14.61 0.20
C TYR A 337 0.63 -16.01 0.31
N ILE A 338 1.63 -16.42 -0.46
CA ILE A 338 2.10 -17.81 -0.38
C ILE A 338 2.63 -18.16 0.99
N PRO A 339 3.49 -17.35 1.58
CA PRO A 339 4.03 -17.54 2.90
C PRO A 339 2.93 -17.66 3.95
N THR A 340 1.93 -16.79 3.87
CA THR A 340 0.83 -16.82 4.83
C THR A 340 0.14 -18.19 4.82
N ASN A 341 -0.16 -18.67 3.63
CA ASN A 341 -0.76 -19.96 3.42
C ASN A 341 0.05 -21.09 4.07
N VAL A 342 1.30 -21.25 3.60
CA VAL A 342 2.16 -22.33 4.00
C VAL A 342 2.49 -22.25 5.48
N ILE A 343 2.59 -21.03 5.99
CA ILE A 343 2.80 -20.88 7.44
C ILE A 343 1.62 -21.48 8.20
N SER A 344 0.40 -21.32 7.68
CA SER A 344 -0.78 -21.76 8.41
C SER A 344 -1.04 -23.23 8.26
N ILE A 345 -0.62 -23.76 7.10
CA ILE A 345 -0.76 -25.21 6.87
C ILE A 345 0.20 -25.98 7.76
N THR A 346 1.43 -25.48 7.96
CA THR A 346 2.41 -26.27 8.69
C THR A 346 2.25 -26.33 10.21
N ASP A 347 3.00 -27.22 10.84
CA ASP A 347 3.04 -27.47 12.25
C ASP A 347 4.07 -26.55 12.92
N GLY A 348 4.81 -25.82 12.07
CA GLY A 348 5.83 -24.94 12.68
C GLY A 348 6.76 -24.37 11.64
N GLN A 349 7.49 -23.35 11.98
CA GLN A 349 8.34 -22.67 11.01
C GLN A 349 9.71 -22.40 11.60
N ILE A 350 10.73 -22.56 10.80
CA ILE A 350 12.12 -22.23 11.10
C ILE A 350 12.41 -20.96 10.31
N PHE A 351 12.32 -19.81 10.95
CA PHE A 351 12.52 -18.53 10.27
C PHE A 351 13.99 -18.14 10.20
N LEU A 352 14.48 -17.85 8.99
CA LEU A 352 15.84 -17.39 8.78
C LEU A 352 15.88 -15.89 8.49
N GLU A 353 16.97 -15.23 8.89
CA GLU A 353 17.07 -13.79 8.69
C GLU A 353 18.48 -13.38 8.26
N THR A 354 18.51 -12.48 7.28
CA THR A 354 19.79 -12.03 6.72
C THR A 354 20.63 -11.35 7.78
N GLU A 355 20.03 -10.46 8.55
CA GLU A 355 20.68 -9.70 9.58
C GLU A 355 21.42 -10.60 10.54
N LEU A 356 20.79 -11.73 10.90
CA LEU A 356 21.46 -12.68 11.77
C LEU A 356 22.66 -13.29 11.03
N PHE A 357 22.44 -13.63 9.76
CA PHE A 357 23.47 -14.26 8.96
C PHE A 357 24.77 -13.46 9.00
N TYR A 358 24.69 -12.22 8.51
CA TYR A 358 25.85 -11.36 8.41
C TYR A 358 26.36 -10.93 9.76
N LYS A 359 25.51 -11.03 10.77
CA LYS A 359 25.92 -10.67 12.15
C LYS A 359 26.81 -11.78 12.70
N GLY A 360 26.84 -12.92 12.01
CA GLY A 360 27.65 -14.04 12.49
C GLY A 360 26.84 -15.23 13.00
N ILE A 361 25.55 -15.05 13.26
CA ILE A 361 24.69 -16.16 13.66
C ILE A 361 24.38 -17.03 12.43
N ARG A 362 25.02 -18.18 12.32
CA ARG A 362 24.88 -19.10 11.23
C ARG A 362 24.89 -20.51 11.82
N PRO A 363 23.82 -21.27 11.60
CA PRO A 363 22.68 -20.90 10.78
C PRO A 363 21.89 -19.71 11.31
N ALA A 364 21.40 -18.91 10.37
CA ALA A 364 20.70 -17.67 10.65
C ALA A 364 19.28 -17.88 11.16
N ILE A 365 19.11 -18.81 12.08
CA ILE A 365 17.80 -19.14 12.61
C ILE A 365 17.35 -18.16 13.68
N ASN A 366 16.16 -17.57 13.51
CA ASN A 366 15.62 -16.70 14.57
C ASN A 366 14.97 -17.56 15.66
N VAL A 367 15.65 -17.68 16.78
CA VAL A 367 15.28 -18.55 17.89
C VAL A 367 14.00 -18.14 18.58
N GLY A 368 13.71 -16.85 18.59
CA GLY A 368 12.52 -16.28 19.18
C GLY A 368 11.28 -16.67 18.39
N LEU A 369 11.21 -16.31 17.10
CA LEU A 369 10.08 -16.61 16.27
C LEU A 369 9.95 -18.05 15.83
N SER A 370 11.02 -18.82 15.65
CA SER A 370 10.85 -20.18 15.12
C SER A 370 10.10 -21.02 16.14
N VAL A 371 9.14 -21.83 15.73
CA VAL A 371 8.41 -22.67 16.64
C VAL A 371 8.19 -24.06 16.05
N SER A 372 7.81 -24.97 16.91
CA SER A 372 7.45 -26.33 16.61
C SER A 372 6.25 -26.70 17.49
N ARG A 373 5.09 -26.83 16.92
CA ARG A 373 3.87 -27.15 17.69
C ARG A 373 4.02 -28.55 18.29
N VAL A 374 4.87 -29.37 17.67
CA VAL A 374 5.13 -30.72 18.16
C VAL A 374 6.10 -30.71 19.35
N GLY A 375 7.02 -29.76 19.35
CA GLY A 375 7.98 -29.55 20.38
C GLY A 375 8.57 -30.81 20.99
N SER A 376 8.68 -30.81 22.29
CA SER A 376 9.18 -31.88 23.12
C SER A 376 8.70 -33.27 22.76
N ALA A 377 7.46 -33.40 22.31
CA ALA A 377 6.96 -34.73 21.97
C ALA A 377 7.85 -35.45 20.99
N ALA A 378 8.77 -34.79 20.31
CA ALA A 378 9.68 -35.52 19.42
C ALA A 378 11.14 -35.24 19.74
N GLN A 379 11.42 -35.06 21.03
CA GLN A 379 12.77 -34.75 21.50
C GLN A 379 13.24 -35.79 22.50
N THR A 380 14.49 -36.23 22.42
CA THR A 380 14.99 -37.24 23.34
C THR A 380 15.03 -36.66 24.75
N ARG A 381 14.98 -37.53 25.74
CA ARG A 381 14.96 -37.09 27.15
C ARG A 381 16.13 -36.20 27.49
N ALA A 382 17.35 -36.56 27.10
CA ALA A 382 18.51 -35.73 27.42
C ALA A 382 18.52 -34.39 26.70
N MET A 383 18.00 -34.32 25.47
CA MET A 383 17.92 -33.02 24.79
C MET A 383 16.80 -32.20 25.44
N LYS A 384 15.71 -32.83 25.81
CA LYS A 384 14.60 -32.13 26.48
C LYS A 384 15.16 -31.31 27.66
N GLN A 385 15.89 -32.04 28.49
CA GLN A 385 16.49 -31.47 29.68
C GLN A 385 17.30 -30.24 29.36
N VAL A 386 18.41 -30.36 28.62
CA VAL A 386 19.25 -29.20 28.33
C VAL A 386 18.53 -28.14 27.51
N ALA A 387 17.69 -28.54 26.56
CA ALA A 387 16.98 -27.59 25.71
C ALA A 387 16.06 -26.65 26.47
N GLY A 388 15.28 -27.19 27.38
CA GLY A 388 14.37 -26.41 28.21
C GLY A 388 15.08 -25.29 28.94
N THR A 389 16.29 -25.57 29.43
CA THR A 389 17.04 -24.56 30.19
C THR A 389 17.57 -23.45 29.28
N MET A 390 18.08 -23.89 28.12
CA MET A 390 18.68 -22.91 27.21
C MET A 390 17.62 -21.96 26.67
N LYS A 391 16.45 -22.52 26.39
CA LYS A 391 15.32 -21.75 25.86
C LYS A 391 14.86 -20.76 26.90
N LEU A 392 14.78 -21.19 28.16
CA LEU A 392 14.41 -20.26 29.22
C LEU A 392 15.42 -19.12 29.30
N GLU A 393 16.72 -19.45 29.27
CA GLU A 393 17.75 -18.44 29.42
C GLU A 393 17.86 -17.52 28.22
N LEU A 394 17.71 -18.05 27.00
CA LEU A 394 17.70 -17.20 25.83
C LEU A 394 16.52 -16.24 25.84
N ALA A 395 15.37 -16.68 26.33
CA ALA A 395 14.20 -15.77 26.36
C ALA A 395 14.50 -14.62 27.32
N GLN A 396 15.10 -14.91 28.47
CA GLN A 396 15.42 -13.80 29.40
C GLN A 396 16.44 -12.89 28.72
N TYR A 397 17.42 -13.52 28.06
CA TYR A 397 18.43 -12.77 27.34
C TYR A 397 17.79 -11.86 26.29
N ARG A 398 16.89 -12.39 25.46
CA ARG A 398 16.26 -11.55 24.43
C ARG A 398 15.59 -10.35 25.07
N GLU A 399 15.16 -10.44 26.31
CA GLU A 399 14.52 -9.31 26.96
C GLU A 399 15.45 -8.14 27.22
N VAL A 400 16.65 -8.42 27.70
CA VAL A 400 17.60 -7.36 28.02
C VAL A 400 18.61 -7.13 26.93
N ALA A 401 18.67 -8.04 25.96
CA ALA A 401 19.55 -7.96 24.81
C ALA A 401 19.84 -6.57 24.29
N ALA A 402 18.83 -5.71 24.22
CA ALA A 402 19.03 -4.37 23.66
C ALA A 402 19.87 -3.50 24.59
N PHE A 403 19.64 -3.60 25.89
CA PHE A 403 20.34 -2.83 26.90
C PHE A 403 21.82 -3.19 26.98
N ALA A 404 22.18 -4.32 26.39
CA ALA A 404 23.54 -4.82 26.46
C ALA A 404 24.57 -3.74 26.13
N GLN A 405 24.72 -3.46 24.84
CA GLN A 405 25.68 -2.52 24.32
C GLN A 405 25.44 -1.07 24.74
N PHE A 406 24.62 -0.84 25.75
CA PHE A 406 24.32 0.50 26.24
C PHE A 406 24.11 0.46 27.76
N GLY A 407 24.42 -0.68 28.36
CA GLY A 407 24.26 -0.85 29.80
C GLY A 407 25.59 -0.59 30.53
N SER A 408 26.17 0.58 30.26
CA SER A 408 27.45 0.96 30.84
C SER A 408 27.55 0.58 32.31
N ASP A 409 26.46 0.71 33.05
CA ASP A 409 26.47 0.39 34.48
C ASP A 409 25.27 -0.48 34.85
N LEU A 410 25.30 -1.74 34.42
CA LEU A 410 24.21 -2.68 34.65
C LEU A 410 24.41 -3.50 35.92
N ASP A 411 23.32 -3.79 36.61
CA ASP A 411 23.34 -4.58 37.82
C ASP A 411 23.68 -6.04 37.53
N ALA A 412 24.40 -6.66 38.45
CA ALA A 412 24.84 -8.04 38.36
C ALA A 412 23.73 -9.01 37.96
N ALA A 413 22.48 -8.61 38.18
CA ALA A 413 21.34 -9.46 37.85
C ALA A 413 21.22 -9.61 36.33
N THR A 414 21.03 -8.47 35.67
CA THR A 414 20.88 -8.48 34.21
C THR A 414 22.24 -8.72 33.54
N GLN A 415 23.31 -8.45 34.27
CA GLN A 415 24.66 -8.63 33.74
C GLN A 415 24.94 -10.12 33.53
N GLN A 416 24.38 -10.96 34.39
CA GLN A 416 24.59 -12.40 34.28
C GLN A 416 23.72 -12.96 33.16
N LEU A 417 22.57 -12.33 32.97
CA LEU A 417 21.66 -12.74 31.91
C LEU A 417 22.31 -12.48 30.54
N LEU A 418 23.00 -11.34 30.43
CA LEU A 418 23.67 -11.07 29.15
C LEU A 418 24.80 -12.05 28.87
N SER A 419 25.54 -12.42 29.91
CA SER A 419 26.65 -13.36 29.75
C SER A 419 26.21 -14.73 29.33
N ARG A 420 25.22 -15.29 29.99
CA ARG A 420 24.71 -16.59 29.56
C ARG A 420 24.24 -16.56 28.12
N GLY A 421 23.41 -15.55 27.82
CA GLY A 421 22.78 -15.40 26.52
C GLY A 421 23.78 -15.44 25.39
N VAL A 422 24.80 -14.57 25.47
CA VAL A 422 25.85 -14.60 24.45
C VAL A 422 26.45 -15.99 24.35
N ARG A 423 26.90 -16.54 25.47
CA ARG A 423 27.48 -17.88 25.45
C ARG A 423 26.54 -18.81 24.71
N LEU A 424 25.28 -18.87 25.16
CA LEU A 424 24.35 -19.81 24.50
C LEU A 424 24.23 -19.56 23.01
N THR A 425 24.11 -18.28 22.64
CA THR A 425 24.02 -17.89 21.23
C THR A 425 25.21 -18.44 20.47
N GLU A 426 26.41 -18.29 21.04
CA GLU A 426 27.60 -18.86 20.44
C GLU A 426 27.47 -20.36 20.24
N LEU A 427 27.08 -21.10 21.28
CA LEU A 427 26.91 -22.54 21.13
C LEU A 427 25.86 -22.85 20.07
N LEU A 428 25.00 -21.91 19.69
CA LEU A 428 23.96 -22.22 18.70
C LEU A 428 24.51 -22.15 17.28
N LYS A 429 25.63 -21.49 17.08
CA LYS A 429 26.33 -21.49 15.79
C LYS A 429 26.86 -22.89 15.46
N GLN A 430 26.85 -23.25 14.20
CA GLN A 430 27.28 -24.51 13.66
C GLN A 430 27.72 -24.36 12.20
N GLY A 431 28.88 -24.89 11.86
CA GLY A 431 29.38 -24.81 10.49
C GLY A 431 28.49 -25.68 9.60
N GLN A 432 28.55 -25.50 8.32
CA GLN A 432 27.71 -26.17 7.33
C GLN A 432 28.23 -27.57 7.09
N TYR A 433 27.43 -28.42 6.49
CA TYR A 433 27.83 -29.75 6.08
C TYR A 433 28.30 -30.64 7.20
N SER A 434 28.14 -30.27 8.46
CA SER A 434 28.57 -31.12 9.56
C SER A 434 27.53 -31.32 10.64
N PRO A 435 26.51 -32.09 10.39
CA PRO A 435 25.42 -32.37 11.31
C PRO A 435 25.96 -33.24 12.44
N MET A 436 25.71 -32.88 13.69
CA MET A 436 26.23 -33.62 14.81
C MET A 436 25.19 -34.55 15.41
N ALA A 437 25.69 -35.60 16.09
CA ALA A 437 24.82 -36.54 16.78
C ALA A 437 24.24 -35.90 18.05
N ILE A 438 23.07 -36.38 18.44
CA ILE A 438 22.35 -35.85 19.58
C ILE A 438 23.16 -35.78 20.84
N GLU A 439 23.99 -36.77 21.16
CA GLU A 439 24.81 -36.74 22.37
C GLU A 439 25.87 -35.64 22.33
N GLU A 440 26.40 -35.36 21.14
CA GLU A 440 27.43 -34.31 21.04
C GLU A 440 26.72 -32.97 21.25
N GLN A 441 25.49 -32.93 20.69
CA GLN A 441 24.68 -31.73 20.86
C GLN A 441 24.44 -31.45 22.31
N VAL A 442 24.01 -32.46 23.07
CA VAL A 442 23.68 -32.23 24.48
C VAL A 442 24.92 -31.89 25.29
N ALA A 443 26.05 -32.51 24.94
CA ALA A 443 27.30 -32.25 25.67
C ALA A 443 27.75 -30.78 25.54
N VAL A 444 27.72 -30.24 24.34
CA VAL A 444 28.09 -28.84 24.12
C VAL A 444 27.10 -27.88 24.76
N ILE A 445 25.80 -28.19 24.66
CA ILE A 445 24.78 -27.33 25.27
C ILE A 445 25.03 -27.30 26.79
N TYR A 446 25.22 -28.49 27.32
CA TYR A 446 25.56 -28.68 28.72
C TYR A 446 26.63 -27.69 29.17
N ALA A 447 27.76 -27.69 28.45
CA ALA A 447 28.86 -26.81 28.82
C ALA A 447 28.42 -25.41 29.16
N GLY A 448 27.65 -24.77 28.30
CA GLY A 448 27.23 -23.39 28.52
C GLY A 448 26.06 -23.25 29.47
N VAL A 449 25.07 -24.11 29.27
CA VAL A 449 23.85 -24.02 30.09
C VAL A 449 24.16 -24.33 31.54
N ARG A 450 25.35 -24.93 31.76
CA ARG A 450 25.80 -25.20 33.12
C ARG A 450 26.72 -24.09 33.62
N GLY A 451 26.93 -23.06 32.84
CA GLY A 451 27.75 -21.93 33.25
C GLY A 451 29.26 -22.10 33.14
N TYR A 452 29.74 -23.24 32.68
CA TYR A 452 31.18 -23.45 32.56
C TYR A 452 31.90 -22.43 31.69
N LEU A 453 31.28 -21.96 30.62
CA LEU A 453 31.82 -21.01 29.69
C LEU A 453 31.41 -19.57 30.03
N ASP A 454 30.85 -19.33 31.20
CA ASP A 454 30.44 -17.97 31.53
C ASP A 454 31.62 -17.02 31.57
N LYS A 455 32.77 -17.45 32.07
CA LYS A 455 33.94 -16.58 32.13
C LYS A 455 34.78 -16.69 30.86
N LEU A 456 34.39 -17.56 29.93
CA LEU A 456 35.19 -17.66 28.69
C LEU A 456 34.80 -16.50 27.79
N GLU A 457 35.77 -15.94 27.06
CA GLU A 457 35.48 -14.82 26.14
C GLU A 457 34.67 -15.31 24.95
N PRO A 458 33.56 -14.64 24.68
CA PRO A 458 32.59 -15.00 23.67
C PRO A 458 33.19 -15.32 22.32
N SER A 459 34.22 -14.62 21.91
CA SER A 459 34.87 -14.86 20.62
C SER A 459 35.54 -16.21 20.54
N LYS A 460 35.83 -16.81 21.69
CA LYS A 460 36.56 -18.07 21.76
C LYS A 460 35.64 -19.28 21.82
N ILE A 461 34.40 -19.06 22.27
CA ILE A 461 33.45 -20.13 22.47
C ILE A 461 33.45 -21.11 21.30
N THR A 462 33.35 -20.58 20.10
CA THR A 462 33.32 -21.41 18.90
C THR A 462 34.55 -22.30 18.82
N LYS A 463 35.72 -21.71 19.14
CA LYS A 463 36.94 -22.51 19.08
C LYS A 463 36.89 -23.56 20.18
N PHE A 464 36.51 -23.15 21.38
CA PHE A 464 36.39 -24.12 22.47
C PHE A 464 35.58 -25.33 22.02
N GLU A 465 34.36 -25.04 21.54
CA GLU A 465 33.39 -26.04 21.14
C GLU A 465 33.98 -27.11 20.24
N ASN A 466 34.68 -26.69 19.20
CA ASN A 466 35.26 -27.65 18.27
C ASN A 466 36.32 -28.52 18.93
N ALA A 467 37.25 -27.90 19.65
CA ALA A 467 38.29 -28.64 20.36
C ALA A 467 37.70 -29.53 21.45
N PHE A 468 36.76 -28.99 22.21
CA PHE A 468 36.13 -29.78 23.28
C PHE A 468 35.44 -31.03 22.75
N LEU A 469 34.66 -30.83 21.70
CA LEU A 469 33.88 -31.89 21.06
C LEU A 469 34.79 -32.93 20.43
N SER A 470 35.89 -32.53 19.83
CA SER A 470 36.86 -33.46 19.26
C SER A 470 37.49 -34.32 20.36
N HIS A 471 37.76 -33.68 21.49
CA HIS A 471 38.29 -34.35 22.66
C HIS A 471 37.32 -35.40 23.16
N VAL A 472 36.07 -35.01 23.42
CA VAL A 472 35.12 -36.02 23.94
C VAL A 472 34.89 -37.12 22.91
N ILE A 473 34.82 -36.77 21.64
CA ILE A 473 34.65 -37.80 20.61
C ILE A 473 35.83 -38.76 20.56
N SER A 474 36.98 -38.29 21.04
CA SER A 474 38.19 -39.10 21.01
C SER A 474 38.40 -39.97 22.25
N GLN A 475 38.56 -39.31 23.38
CA GLN A 475 38.80 -39.93 24.65
C GLN A 475 37.58 -40.26 25.49
N HIS A 476 36.42 -39.66 25.17
CA HIS A 476 35.23 -39.89 26.00
C HIS A 476 34.04 -40.45 25.27
N GLN A 477 34.30 -41.44 24.42
CA GLN A 477 33.26 -42.17 23.72
C GLN A 477 32.31 -42.87 24.68
N ALA A 478 32.83 -43.30 25.83
CA ALA A 478 32.01 -43.98 26.82
C ALA A 478 30.98 -43.05 27.42
N LEU A 479 31.38 -41.80 27.60
CA LEU A 479 30.50 -40.79 28.21
C LEU A 479 29.38 -40.45 27.22
N LEU A 480 29.78 -40.31 25.96
CA LEU A 480 28.82 -40.00 24.91
C LEU A 480 27.84 -41.17 24.78
N GLY A 481 28.38 -42.38 24.84
CA GLY A 481 27.55 -43.58 24.78
C GLY A 481 26.55 -43.59 25.94
N LYS A 482 27.06 -43.32 27.14
CA LYS A 482 26.21 -43.33 28.32
C LYS A 482 25.05 -42.35 28.14
N ILE A 483 25.38 -41.12 27.79
CA ILE A 483 24.37 -40.07 27.60
C ILE A 483 23.27 -40.53 26.67
N ARG A 484 23.70 -41.23 25.62
CA ARG A 484 22.77 -41.78 24.65
C ARG A 484 21.92 -42.88 25.30
N THR A 485 22.50 -44.07 25.42
CA THR A 485 21.85 -45.22 26.03
C THR A 485 21.07 -44.88 27.28
N ASP A 486 21.66 -44.16 28.22
CA ASP A 486 20.96 -43.87 29.48
C ASP A 486 19.81 -42.92 29.32
N GLY A 487 19.57 -42.50 28.09
CA GLY A 487 18.46 -41.62 27.79
C GLY A 487 18.74 -40.18 28.19
N LYS A 488 19.25 -39.96 29.39
CA LYS A 488 19.56 -38.59 29.81
C LYS A 488 20.92 -38.45 30.47
N ILE A 489 21.15 -37.32 31.13
CA ILE A 489 22.40 -37.04 31.82
C ILE A 489 22.30 -37.57 33.25
N SER A 490 22.90 -38.72 33.50
CA SER A 490 22.88 -39.30 34.84
C SER A 490 23.83 -38.54 35.77
N GLU A 491 23.67 -38.82 37.05
CA GLU A 491 24.49 -38.19 38.07
C GLU A 491 25.98 -38.42 37.77
N GLU A 492 26.30 -39.64 37.38
CA GLU A 492 27.68 -39.96 37.03
C GLU A 492 28.15 -39.11 35.85
N SER A 493 27.49 -39.26 34.72
CA SER A 493 27.77 -38.47 33.52
C SER A 493 27.93 -36.99 33.85
N ASP A 494 26.98 -36.44 34.60
CA ASP A 494 27.05 -35.04 35.00
C ASP A 494 28.34 -34.78 35.78
N ALA A 495 28.77 -35.75 36.57
CA ALA A 495 29.96 -35.57 37.39
C ALA A 495 31.23 -35.61 36.55
N LYS A 496 31.25 -36.55 35.61
CA LYS A 496 32.39 -36.73 34.75
C LYS A 496 32.54 -35.57 33.76
N LEU A 497 31.38 -35.00 33.42
CA LEU A 497 31.38 -33.86 32.49
C LEU A 497 32.03 -32.68 33.23
N LYS A 498 31.72 -32.57 34.51
CA LYS A 498 32.25 -31.47 35.30
C LYS A 498 33.77 -31.43 35.26
N GLU A 499 34.37 -32.60 35.43
CA GLU A 499 35.80 -32.77 35.46
C GLU A 499 36.44 -32.49 34.12
N ILE A 500 35.83 -32.99 33.04
CA ILE A 500 36.33 -32.75 31.70
C ILE A 500 36.29 -31.27 31.33
N VAL A 501 35.13 -30.63 31.39
CA VAL A 501 35.02 -29.24 30.97
C VAL A 501 35.97 -28.34 31.76
N THR A 502 35.88 -28.42 33.10
CA THR A 502 36.69 -27.55 33.95
C THR A 502 38.19 -27.67 33.69
N ASN A 503 38.68 -28.88 33.52
CA ASN A 503 40.08 -29.12 33.26
C ASN A 503 40.43 -28.72 31.83
N PHE A 504 39.52 -29.05 30.91
CA PHE A 504 39.77 -28.74 29.49
C PHE A 504 39.84 -27.22 29.32
N LEU A 505 38.88 -26.53 29.90
CA LEU A 505 38.82 -25.08 29.85
C LEU A 505 40.12 -24.47 30.36
N ALA A 506 40.57 -24.90 31.54
CA ALA A 506 41.81 -24.39 32.12
C ALA A 506 42.99 -24.54 31.15
N GLY A 507 43.08 -25.70 30.49
CA GLY A 507 44.14 -25.89 29.49
C GLY A 507 43.94 -24.96 28.30
N PHE A 508 42.69 -24.67 27.99
CA PHE A 508 42.35 -23.85 26.82
C PHE A 508 42.72 -22.40 27.08
N GLU A 509 42.52 -21.97 28.32
CA GLU A 509 42.77 -20.59 28.71
C GLU A 509 44.22 -20.41 29.13
N ALA A 510 44.96 -21.51 29.09
CA ALA A 510 46.36 -21.58 29.49
C ALA A 510 47.24 -20.97 28.40
N ASP B 24 -47.36 -11.80 -21.38
CA ASP B 24 -47.40 -10.34 -21.46
C ASP B 24 -46.04 -9.69 -21.16
N LEU B 25 -45.14 -9.74 -22.14
CA LEU B 25 -43.81 -9.16 -22.00
C LEU B 25 -43.79 -7.65 -21.91
N GLU B 26 -44.94 -7.00 -21.78
CA GLU B 26 -44.97 -5.55 -21.64
C GLU B 26 -44.95 -5.19 -20.14
N GLU B 27 -45.74 -5.95 -19.38
CA GLU B 27 -45.87 -5.72 -17.96
C GLU B 27 -45.24 -6.83 -17.11
N THR B 28 -44.72 -7.85 -17.78
CA THR B 28 -44.11 -8.98 -17.08
C THR B 28 -42.79 -9.36 -17.75
N GLY B 29 -41.99 -10.13 -17.04
CA GLY B 29 -40.74 -10.66 -17.54
C GLY B 29 -40.47 -12.04 -16.97
N ARG B 30 -39.50 -12.73 -17.51
CA ARG B 30 -39.05 -14.05 -17.07
C ARG B 30 -37.56 -13.93 -16.71
N VAL B 31 -37.16 -14.45 -15.56
CA VAL B 31 -35.76 -14.33 -15.14
C VAL B 31 -34.80 -15.10 -16.03
N LEU B 32 -33.90 -14.39 -16.70
CA LEU B 32 -32.89 -15.02 -17.54
C LEU B 32 -31.80 -15.66 -16.68
N SER B 33 -31.26 -14.89 -15.74
CA SER B 33 -30.19 -15.40 -14.90
C SER B 33 -30.14 -14.71 -13.54
N ILE B 34 -29.69 -15.49 -12.55
CA ILE B 34 -29.72 -14.95 -11.18
C ILE B 34 -28.45 -15.46 -10.50
N GLY B 35 -27.77 -14.51 -9.91
CA GLY B 35 -26.46 -14.73 -9.29
C GLY B 35 -25.73 -13.39 -9.18
N ASP B 36 -24.81 -13.35 -8.23
CA ASP B 36 -24.10 -12.09 -7.97
C ASP B 36 -25.13 -11.00 -7.65
N GLY B 37 -26.25 -11.37 -7.03
CA GLY B 37 -27.20 -10.37 -6.59
C GLY B 37 -28.07 -9.71 -7.62
N ILE B 38 -27.58 -9.42 -8.81
CA ILE B 38 -28.45 -8.84 -9.84
C ILE B 38 -29.18 -9.93 -10.62
N ALA B 39 -30.49 -9.82 -10.79
CA ALA B 39 -31.19 -10.83 -11.63
C ALA B 39 -31.38 -10.18 -13.00
N ARG B 40 -31.13 -10.91 -14.07
CA ARG B 40 -31.27 -10.36 -15.42
C ARG B 40 -32.66 -10.77 -15.92
N VAL B 41 -33.54 -9.81 -16.13
CA VAL B 41 -34.91 -10.13 -16.49
C VAL B 41 -35.21 -9.89 -17.96
N HIS B 42 -35.87 -10.85 -18.57
CA HIS B 42 -36.26 -10.79 -19.98
C HIS B 42 -37.68 -10.27 -20.11
N GLY B 43 -37.90 -9.16 -20.80
CA GLY B 43 -39.24 -8.63 -20.95
C GLY B 43 -39.39 -7.32 -20.21
N LEU B 44 -40.56 -7.13 -19.57
CA LEU B 44 -40.81 -5.91 -18.81
C LEU B 44 -40.58 -4.68 -19.69
N ARG B 45 -40.95 -4.77 -20.95
CA ARG B 45 -40.80 -3.71 -21.93
C ARG B 45 -41.26 -2.33 -21.45
N ASN B 46 -42.26 -2.25 -20.62
CA ASN B 46 -42.73 -0.95 -20.14
C ASN B 46 -42.22 -0.60 -18.75
N VAL B 47 -41.31 -1.36 -18.12
CA VAL B 47 -40.83 -0.88 -16.82
C VAL B 47 -40.08 0.48 -17.01
N GLN B 48 -40.20 1.25 -15.95
CA GLN B 48 -39.47 2.49 -15.78
C GLN B 48 -38.13 2.23 -15.07
N ALA B 49 -37.26 3.23 -15.09
CA ALA B 49 -35.97 3.11 -14.38
C ALA B 49 -36.25 3.41 -12.91
N GLU B 50 -35.79 2.55 -12.03
CA GLU B 50 -35.94 2.71 -10.58
C GLU B 50 -37.31 2.29 -10.11
N GLU B 51 -38.07 1.60 -10.96
CA GLU B 51 -39.40 1.13 -10.58
C GLU B 51 -39.30 -0.19 -9.83
N MET B 52 -40.25 -0.43 -8.91
CA MET B 52 -40.27 -1.72 -8.23
C MET B 52 -40.97 -2.77 -9.11
N VAL B 53 -40.44 -3.98 -8.98
CA VAL B 53 -41.03 -5.14 -9.63
C VAL B 53 -41.17 -6.27 -8.62
N GLU B 54 -42.13 -7.16 -8.86
CA GLU B 54 -42.37 -8.27 -7.93
C GLU B 54 -41.96 -9.62 -8.52
N PHE B 55 -41.37 -10.46 -7.69
CA PHE B 55 -40.92 -11.79 -8.13
C PHE B 55 -41.95 -12.84 -7.78
N SER B 56 -42.06 -13.90 -8.58
CA SER B 56 -43.00 -14.98 -8.27
C SER B 56 -42.95 -15.31 -6.79
N SER B 57 -41.76 -15.27 -6.18
CA SER B 57 -41.66 -15.63 -4.78
C SER B 57 -42.08 -14.54 -3.82
N GLY B 58 -42.68 -13.45 -4.26
CA GLY B 58 -43.14 -12.42 -3.33
C GLY B 58 -42.01 -11.46 -2.98
N LEU B 59 -40.82 -11.80 -3.44
CA LEU B 59 -39.66 -10.92 -3.29
C LEU B 59 -39.87 -9.68 -4.15
N LYS B 60 -39.47 -8.52 -3.71
CA LYS B 60 -39.53 -7.30 -4.52
C LYS B 60 -38.12 -6.95 -4.98
N GLY B 61 -38.04 -6.17 -6.05
CA GLY B 61 -36.77 -5.75 -6.63
C GLY B 61 -36.92 -4.36 -7.23
N MET B 62 -35.83 -3.78 -7.71
CA MET B 62 -35.79 -2.47 -8.32
C MET B 62 -35.11 -2.54 -9.69
N SER B 63 -35.77 -2.00 -10.70
CA SER B 63 -35.24 -1.94 -12.05
C SER B 63 -34.11 -0.92 -12.14
N LEU B 64 -32.88 -1.44 -12.15
CA LEU B 64 -31.71 -0.57 -12.08
C LEU B 64 -31.21 -0.21 -13.47
N ASN B 65 -30.96 -1.24 -14.27
CA ASN B 65 -30.43 -1.03 -15.62
C ASN B 65 -31.39 -1.53 -16.68
N LEU B 66 -31.94 -0.59 -17.44
CA LEU B 66 -32.85 -0.92 -18.54
C LEU B 66 -32.00 -1.07 -19.81
N GLU B 67 -31.63 -2.30 -20.12
CA GLU B 67 -30.77 -2.52 -21.29
C GLU B 67 -31.73 -2.95 -22.41
N PRO B 68 -31.29 -2.85 -23.64
CA PRO B 68 -32.07 -3.20 -24.80
C PRO B 68 -32.64 -4.59 -24.77
N ASP B 69 -31.94 -5.58 -24.24
CA ASP B 69 -32.36 -6.96 -24.25
C ASP B 69 -32.67 -7.50 -22.85
N ASN B 70 -32.61 -6.66 -21.82
CA ASN B 70 -32.91 -7.14 -20.49
C ASN B 70 -33.02 -5.99 -19.50
N VAL B 71 -33.49 -6.35 -18.31
CA VAL B 71 -33.59 -5.39 -17.20
C VAL B 71 -32.82 -5.98 -16.03
N GLY B 72 -31.87 -5.23 -15.51
CA GLY B 72 -31.06 -5.73 -14.37
C GLY B 72 -31.86 -5.34 -13.11
N VAL B 73 -32.19 -6.32 -12.30
CA VAL B 73 -32.99 -6.00 -11.11
C VAL B 73 -32.17 -6.14 -9.83
N VAL B 74 -32.21 -5.14 -8.96
CA VAL B 74 -31.60 -5.25 -7.63
C VAL B 74 -32.65 -5.95 -6.75
N VAL B 75 -32.31 -7.10 -6.23
CA VAL B 75 -33.25 -7.89 -5.44
C VAL B 75 -33.19 -7.46 -3.99
N PHE B 76 -34.31 -6.96 -3.46
CA PHE B 76 -34.36 -6.52 -2.07
C PHE B 76 -34.60 -7.69 -1.13
N GLY B 77 -33.71 -8.68 -1.17
CA GLY B 77 -33.85 -9.83 -0.26
C GLY B 77 -32.99 -10.99 -0.73
N ASN B 78 -33.16 -12.16 -0.16
CA ASN B 78 -32.38 -13.32 -0.54
C ASN B 78 -32.62 -13.70 -2.00
N ASP B 79 -31.61 -13.47 -2.83
CA ASP B 79 -31.70 -13.78 -4.25
C ASP B 79 -31.72 -15.27 -4.50
N LYS B 80 -31.54 -16.05 -3.43
CA LYS B 80 -31.59 -17.51 -3.62
C LYS B 80 -33.01 -17.95 -4.00
N LEU B 81 -33.97 -17.11 -3.62
CA LEU B 81 -35.38 -17.39 -3.86
C LEU B 81 -35.78 -17.01 -5.28
N ILE B 82 -34.80 -16.98 -6.17
CA ILE B 82 -35.11 -16.63 -7.56
C ILE B 82 -34.52 -17.68 -8.47
N LYS B 83 -35.24 -18.05 -9.53
CA LYS B 83 -34.70 -19.04 -10.45
C LYS B 83 -34.90 -18.59 -11.89
N GLU B 84 -34.09 -19.11 -12.80
CA GLU B 84 -34.31 -18.80 -14.24
C GLU B 84 -35.76 -19.22 -14.56
N GLY B 85 -36.55 -18.39 -15.20
CA GLY B 85 -37.91 -18.78 -15.58
C GLY B 85 -38.98 -18.09 -14.75
N ASP B 86 -38.60 -17.66 -13.56
CA ASP B 86 -39.52 -17.01 -12.65
C ASP B 86 -40.19 -15.79 -13.28
N ILE B 87 -41.51 -15.69 -13.08
CA ILE B 87 -42.22 -14.50 -13.56
C ILE B 87 -41.82 -13.31 -12.68
N VAL B 88 -41.72 -12.18 -13.34
CA VAL B 88 -41.43 -10.90 -12.73
C VAL B 88 -42.50 -9.91 -13.16
N LYS B 89 -43.25 -9.33 -12.26
CA LYS B 89 -44.34 -8.43 -12.62
C LYS B 89 -44.02 -6.99 -12.26
N ARG B 90 -44.49 -6.03 -13.04
CA ARG B 90 -44.33 -4.62 -12.72
C ARG B 90 -45.29 -4.16 -11.62
N THR B 91 -44.93 -3.08 -10.92
CA THR B 91 -45.80 -2.46 -9.94
C THR B 91 -46.20 -1.06 -10.47
N GLY B 92 -45.40 -0.55 -11.41
CA GLY B 92 -45.68 0.76 -11.99
C GLY B 92 -45.33 1.87 -11.02
N ALA B 93 -44.70 1.48 -9.90
CA ALA B 93 -44.31 2.52 -8.94
C ALA B 93 -42.81 2.61 -8.75
N ILE B 94 -42.27 3.82 -8.78
CA ILE B 94 -40.85 4.06 -8.50
C ILE B 94 -40.63 3.72 -7.02
N VAL B 95 -39.67 2.88 -6.68
CA VAL B 95 -39.41 2.50 -5.31
C VAL B 95 -39.88 3.53 -4.28
N ASP B 96 -40.78 3.12 -3.39
CA ASP B 96 -41.32 3.97 -2.36
C ASP B 96 -41.63 3.19 -1.08
N VAL B 97 -41.89 3.94 0.00
CA VAL B 97 -42.19 3.23 1.25
C VAL B 97 -43.39 3.83 1.95
N PRO B 98 -44.03 3.01 2.77
CA PRO B 98 -45.15 3.46 3.60
C PRO B 98 -44.66 4.67 4.40
N VAL B 99 -45.49 5.63 4.66
CA VAL B 99 -45.08 6.80 5.45
C VAL B 99 -46.24 7.33 6.28
N GLY B 100 -45.90 7.95 7.41
CA GLY B 100 -46.88 8.64 8.21
C GLY B 100 -46.80 8.32 9.68
N GLU B 101 -47.63 8.99 10.50
CA GLU B 101 -47.57 8.77 11.93
C GLU B 101 -47.92 7.36 12.34
N GLU B 102 -48.48 6.56 11.45
CA GLU B 102 -48.84 5.20 11.80
C GLU B 102 -47.63 4.31 11.96
N LEU B 103 -46.44 4.81 11.68
CA LEU B 103 -45.22 4.00 11.80
C LEU B 103 -44.58 4.15 13.18
N LEU B 104 -44.98 5.18 13.90
CA LEU B 104 -44.48 5.44 15.26
C LEU B 104 -44.80 4.26 16.18
N GLY B 105 -43.85 3.83 17.00
CA GLY B 105 -44.02 2.67 17.85
C GLY B 105 -43.86 1.39 17.05
N ARG B 106 -43.60 1.48 15.74
CA ARG B 106 -43.42 0.26 14.97
C ARG B 106 -41.98 -0.06 14.56
N VAL B 107 -41.64 -1.34 14.47
CA VAL B 107 -40.39 -1.81 13.96
C VAL B 107 -40.64 -2.42 12.55
N VAL B 108 -40.05 -1.85 11.52
CA VAL B 108 -40.17 -2.37 10.18
C VAL B 108 -38.81 -2.70 9.54
N ASP B 109 -38.90 -3.33 8.37
CA ASP B 109 -37.77 -3.71 7.55
C ASP B 109 -37.46 -2.61 6.54
N ALA B 110 -36.60 -2.83 5.56
CA ALA B 110 -36.17 -1.70 4.71
C ALA B 110 -37.30 -1.35 3.76
N LEU B 111 -38.17 -2.34 3.55
CA LEU B 111 -39.31 -2.09 2.67
C LEU B 111 -40.48 -1.44 3.36
N GLY B 112 -40.51 -1.34 4.68
CA GLY B 112 -41.60 -0.69 5.38
C GLY B 112 -42.55 -1.75 5.97
N ASN B 113 -42.32 -3.02 5.70
CA ASN B 113 -43.06 -4.12 6.27
C ASN B 113 -42.80 -4.23 7.79
N ALA B 114 -43.85 -4.47 8.56
CA ALA B 114 -43.74 -4.64 9.98
C ALA B 114 -42.93 -5.90 10.28
N ILE B 115 -42.09 -5.86 11.31
CA ILE B 115 -41.36 -7.04 11.74
C ILE B 115 -41.50 -7.23 13.24
N ASP B 116 -42.27 -6.38 13.91
CA ASP B 116 -42.51 -6.48 15.35
C ASP B 116 -43.59 -7.49 15.70
N GLY B 117 -44.29 -8.04 14.73
CA GLY B 117 -45.31 -9.05 14.98
C GLY B 117 -46.56 -8.39 15.56
N LYS B 118 -46.79 -7.13 15.16
CA LYS B 118 -47.92 -6.38 15.68
C LYS B 118 -48.94 -6.06 14.61
N GLY B 119 -49.04 -6.90 13.59
CA GLY B 119 -50.06 -6.64 12.55
C GLY B 119 -49.52 -5.58 11.60
N PRO B 120 -50.30 -5.27 10.59
CA PRO B 120 -49.94 -4.37 9.53
C PRO B 120 -49.86 -2.92 9.97
N ILE B 121 -49.26 -2.12 9.11
CA ILE B 121 -49.14 -0.67 9.32
C ILE B 121 -50.32 -0.05 8.56
N GLY B 122 -51.13 0.79 9.17
CA GLY B 122 -52.28 1.31 8.39
C GLY B 122 -51.86 2.60 7.72
N SER B 123 -50.69 2.63 7.10
CA SER B 123 -50.18 3.81 6.43
C SER B 123 -51.15 4.21 5.32
N LYS B 124 -51.44 5.48 5.27
CA LYS B 124 -52.35 6.10 4.34
C LYS B 124 -51.59 6.83 3.24
N ALA B 125 -50.26 6.91 3.34
CA ALA B 125 -49.45 7.54 2.31
C ALA B 125 -48.15 6.79 2.06
N ARG B 126 -47.53 7.12 0.93
CA ARG B 126 -46.29 6.50 0.47
C ARG B 126 -45.38 7.59 -0.05
N ARG B 127 -44.08 7.35 0.01
CA ARG B 127 -43.14 8.41 -0.44
C ARG B 127 -41.95 7.71 -1.06
N ARG B 128 -41.59 8.17 -2.27
CA ARG B 128 -40.44 7.58 -2.96
C ARG B 128 -39.22 7.64 -2.04
N VAL B 129 -38.40 6.62 -2.05
CA VAL B 129 -37.20 6.60 -1.18
C VAL B 129 -36.10 7.50 -1.74
N GLY B 130 -36.18 7.74 -3.05
CA GLY B 130 -35.23 8.53 -3.76
C GLY B 130 -35.60 9.96 -4.05
N LEU B 131 -36.50 10.62 -3.33
CA LEU B 131 -36.76 12.02 -3.69
C LEU B 131 -35.49 12.87 -3.52
N LYS B 132 -35.44 13.90 -4.34
CA LYS B 132 -34.33 14.85 -4.29
C LYS B 132 -34.58 15.76 -3.10
N ALA B 133 -33.56 16.23 -2.44
CA ALA B 133 -33.66 17.09 -1.28
C ALA B 133 -34.10 18.49 -1.65
N PRO B 134 -34.76 19.18 -0.73
CA PRO B 134 -35.21 20.53 -0.93
C PRO B 134 -34.06 21.38 -1.44
N GLY B 135 -34.37 22.33 -2.31
CA GLY B 135 -33.41 23.26 -2.87
C GLY B 135 -33.13 24.41 -1.90
N ILE B 136 -32.53 25.47 -2.37
CA ILE B 136 -32.12 26.62 -1.62
C ILE B 136 -33.21 27.46 -1.02
N ILE B 137 -34.29 27.67 -1.77
CA ILE B 137 -35.33 28.61 -1.34
C ILE B 137 -36.16 28.21 -0.15
N PRO B 138 -36.54 26.96 -0.07
CA PRO B 138 -37.38 26.45 0.99
C PRO B 138 -36.69 26.37 2.35
N ARG B 139 -35.37 26.42 2.40
CA ARG B 139 -34.65 26.22 3.66
C ARG B 139 -34.48 27.53 4.41
N ILE B 140 -33.92 27.46 5.62
CA ILE B 140 -33.63 28.64 6.42
C ILE B 140 -32.58 28.19 7.44
N SER B 141 -31.75 29.09 7.99
CA SER B 141 -30.71 28.60 8.92
C SER B 141 -31.29 27.98 10.19
N VAL B 142 -30.74 26.85 10.63
CA VAL B 142 -31.20 26.19 11.83
C VAL B 142 -31.24 27.19 12.99
N ARG B 143 -32.25 27.06 13.85
CA ARG B 143 -32.38 28.03 14.93
C ARG B 143 -33.13 27.44 16.12
N GLU B 144 -33.59 26.20 16.00
CA GLU B 144 -34.31 25.57 17.12
C GLU B 144 -33.40 24.47 17.67
N PRO B 145 -33.22 24.50 18.96
CA PRO B 145 -32.39 23.54 19.65
C PRO B 145 -32.93 22.15 19.43
N MET B 146 -32.05 21.20 19.21
CA MET B 146 -32.35 19.78 19.18
C MET B 146 -31.59 19.24 20.42
N GLN B 147 -32.13 19.52 21.59
CA GLN B 147 -31.54 19.09 22.85
C GLN B 147 -31.26 17.60 22.90
N THR B 148 -30.00 17.20 23.07
CA THR B 148 -29.70 15.77 23.18
C THR B 148 -29.94 15.32 24.63
N GLY B 149 -29.89 16.28 25.56
CA GLY B 149 -29.95 15.95 26.98
C GLY B 149 -28.56 15.60 27.51
N ILE B 150 -27.50 15.56 26.70
CA ILE B 150 -26.16 15.20 27.14
C ILE B 150 -25.32 16.46 27.32
N LYS B 151 -24.95 16.77 28.57
CA LYS B 151 -24.21 17.98 28.85
C LYS B 151 -23.08 18.30 27.88
N ALA B 152 -22.11 17.40 27.69
CA ALA B 152 -21.00 17.68 26.77
C ALA B 152 -21.47 18.19 25.41
N VAL B 153 -22.52 17.60 24.86
CA VAL B 153 -23.04 18.02 23.56
C VAL B 153 -23.88 19.28 23.60
N ASP B 154 -24.76 19.48 24.59
CA ASP B 154 -25.64 20.64 24.50
C ASP B 154 -24.91 21.92 24.85
N SER B 155 -23.77 21.78 25.51
CA SER B 155 -22.92 22.92 25.85
C SER B 155 -21.86 23.18 24.77
N LEU B 156 -21.04 22.15 24.49
CA LEU B 156 -19.92 22.34 23.58
C LEU B 156 -20.21 22.12 22.12
N VAL B 157 -21.17 21.28 21.77
CA VAL B 157 -21.44 20.93 20.37
C VAL B 157 -22.95 20.91 20.11
N PRO B 158 -23.56 22.07 20.28
CA PRO B 158 -25.00 22.25 20.24
C PRO B 158 -25.61 21.93 18.90
N ILE B 159 -26.58 21.03 18.86
CA ILE B 159 -27.22 20.62 17.63
C ILE B 159 -28.55 21.38 17.46
N GLY B 160 -28.78 21.88 16.25
CA GLY B 160 -29.99 22.57 15.86
C GLY B 160 -30.84 21.70 14.94
N ARG B 161 -32.12 22.02 14.82
CA ARG B 161 -33.05 21.21 14.00
C ARG B 161 -32.95 21.53 12.52
N GLY B 162 -32.67 20.51 11.74
CA GLY B 162 -32.42 20.60 10.32
C GLY B 162 -30.93 20.47 9.99
N GLN B 163 -30.12 20.31 11.02
CA GLN B 163 -28.69 20.13 10.95
C GLN B 163 -28.29 18.67 10.74
N ARG B 164 -27.11 18.49 10.19
CA ARG B 164 -26.56 17.15 10.01
C ARG B 164 -25.33 17.09 10.93
N GLU B 165 -25.31 16.17 11.88
CA GLU B 165 -24.22 16.14 12.85
C GLU B 165 -23.69 14.72 12.94
N LEU B 166 -22.44 14.56 12.48
CA LEU B 166 -21.89 13.19 12.49
C LEU B 166 -21.49 12.74 13.89
N ILE B 167 -21.76 11.48 14.20
CA ILE B 167 -21.34 10.82 15.41
C ILE B 167 -20.20 9.87 14.88
N ILE B 168 -18.96 10.22 15.20
CA ILE B 168 -17.84 9.52 14.56
C ILE B 168 -16.89 9.01 15.63
N GLY B 169 -16.41 7.78 15.44
CA GLY B 169 -15.52 7.20 16.42
C GLY B 169 -15.31 5.71 16.13
N ASP B 170 -14.37 5.14 16.85
CA ASP B 170 -14.06 3.71 16.70
C ASP B 170 -15.15 2.84 17.33
N ARG B 171 -15.07 1.53 17.11
CA ARG B 171 -16.10 0.65 17.69
C ARG B 171 -16.13 0.73 19.21
N GLN B 172 -17.30 0.46 19.82
CA GLN B 172 -17.41 0.50 21.28
C GLN B 172 -16.89 1.77 21.91
N THR B 173 -17.21 2.93 21.34
CA THR B 173 -16.80 4.22 21.92
C THR B 173 -18.04 5.00 22.39
N GLY B 174 -19.19 4.32 22.36
CA GLY B 174 -20.44 4.87 22.81
C GLY B 174 -21.15 5.77 21.82
N LYS B 175 -21.00 5.50 20.53
CA LYS B 175 -21.57 6.27 19.45
C LYS B 175 -23.10 6.15 19.52
N THR B 176 -23.54 4.90 19.44
CA THR B 176 -24.97 4.64 19.54
C THR B 176 -25.59 5.24 20.79
N SER B 177 -24.92 5.11 21.93
CA SER B 177 -25.40 5.65 23.19
C SER B 177 -25.82 7.11 23.07
N ILE B 178 -24.99 7.88 22.40
CA ILE B 178 -25.34 9.30 22.23
C ILE B 178 -26.68 9.40 21.53
N ALA B 179 -26.82 8.59 20.47
CA ALA B 179 -28.04 8.63 19.68
C ALA B 179 -29.24 8.26 20.56
N ILE B 180 -29.06 7.17 21.32
CA ILE B 180 -30.13 6.72 22.19
C ILE B 180 -30.54 7.68 23.30
N ASP B 181 -29.61 8.41 23.90
CA ASP B 181 -30.01 9.30 24.99
C ASP B 181 -30.88 10.43 24.42
N THR B 182 -30.47 10.89 23.24
CA THR B 182 -31.15 11.94 22.51
C THR B 182 -32.58 11.54 22.16
N ILE B 183 -32.74 10.29 21.71
CA ILE B 183 -34.10 9.82 21.45
C ILE B 183 -34.92 9.86 22.74
N ILE B 184 -34.39 9.23 23.80
CA ILE B 184 -35.06 9.20 25.08
C ILE B 184 -35.30 10.59 25.64
N ASN B 185 -34.49 11.56 25.24
CA ASN B 185 -34.66 12.91 25.83
C ASN B 185 -35.93 13.58 25.32
N GLN B 186 -36.44 13.16 24.18
CA GLN B 186 -37.55 13.84 23.53
C GLN B 186 -38.89 13.61 24.22
N LYS B 187 -38.93 12.60 25.08
CA LYS B 187 -40.12 12.31 25.87
C LYS B 187 -40.67 13.54 26.59
N ARG B 188 -39.79 14.36 27.16
CA ARG B 188 -40.24 15.55 27.87
C ARG B 188 -40.97 16.51 26.93
N PHE B 189 -40.53 16.61 25.68
CA PHE B 189 -41.19 17.50 24.72
C PHE B 189 -42.45 16.83 24.20
N ASN B 190 -42.30 15.62 23.65
CA ASN B 190 -43.39 14.87 23.05
C ASN B 190 -44.58 14.66 23.96
N ASP B 191 -44.34 14.56 25.27
CA ASP B 191 -45.45 14.36 26.21
C ASP B 191 -45.95 15.71 26.71
N GLY B 192 -45.31 16.78 26.32
CA GLY B 192 -45.70 18.11 26.76
C GLY B 192 -46.83 18.69 25.93
N THR B 193 -47.08 19.97 26.20
CA THR B 193 -48.14 20.72 25.55
C THR B 193 -47.63 21.38 24.27
N ASP B 194 -46.49 22.06 24.40
CA ASP B 194 -45.93 22.77 23.26
C ASP B 194 -45.66 21.87 22.06
N GLU B 195 -46.35 22.11 20.95
CA GLU B 195 -46.17 21.29 19.75
C GLU B 195 -44.82 21.54 19.07
N LYS B 196 -44.48 22.81 18.91
CA LYS B 196 -43.26 23.25 18.26
C LYS B 196 -42.05 22.48 18.77
N LYS B 197 -41.98 22.26 20.08
CA LYS B 197 -40.86 21.60 20.71
C LYS B 197 -40.84 20.09 20.50
N LYS B 198 -41.88 19.54 19.88
CA LYS B 198 -41.90 18.09 19.70
C LYS B 198 -40.90 17.63 18.66
N LEU B 199 -40.57 16.34 18.74
CA LEU B 199 -39.58 15.76 17.86
C LEU B 199 -39.79 14.24 17.75
N TYR B 200 -40.23 13.79 16.60
CA TYR B 200 -40.40 12.37 16.32
C TYR B 200 -39.06 11.78 15.92
N CYS B 201 -38.79 10.57 16.36
CA CYS B 201 -37.50 9.96 16.15
C CYS B 201 -37.57 8.75 15.25
N ILE B 202 -36.49 8.61 14.47
CA ILE B 202 -36.37 7.43 13.61
C ILE B 202 -34.96 6.85 13.72
N TYR B 203 -34.89 5.58 14.05
CA TYR B 203 -33.61 4.91 14.22
C TYR B 203 -33.41 3.90 13.11
N VAL B 204 -32.48 4.19 12.19
CA VAL B 204 -32.20 3.22 11.12
C VAL B 204 -31.02 2.35 11.52
N ALA B 205 -31.22 1.06 11.64
CA ALA B 205 -30.17 0.15 12.04
C ALA B 205 -29.72 -0.56 10.76
N ILE B 206 -28.46 -0.32 10.43
CA ILE B 206 -27.85 -0.79 9.21
C ILE B 206 -26.67 -1.71 9.54
N GLY B 207 -26.76 -2.97 9.15
CA GLY B 207 -25.77 -3.97 9.40
C GLY B 207 -25.58 -4.40 10.84
N GLN B 208 -26.31 -3.83 11.81
CA GLN B 208 -26.12 -4.28 13.19
C GLN B 208 -26.66 -5.71 13.33
N LYS B 209 -26.56 -6.23 14.55
CA LYS B 209 -27.16 -7.55 14.80
C LYS B 209 -28.65 -7.41 15.16
N ARG B 210 -29.43 -8.41 14.79
CA ARG B 210 -30.81 -8.46 15.27
C ARG B 210 -30.86 -8.26 16.79
N SER B 211 -30.10 -9.05 17.55
CA SER B 211 -30.16 -8.99 19.02
C SER B 211 -30.12 -7.54 19.52
N THR B 212 -29.14 -6.81 19.07
CA THR B 212 -28.90 -5.43 19.44
C THR B 212 -30.10 -4.54 19.11
N VAL B 213 -30.72 -4.77 17.94
CA VAL B 213 -31.91 -3.97 17.64
C VAL B 213 -33.06 -4.30 18.60
N ALA B 214 -33.34 -5.56 18.85
CA ALA B 214 -34.35 -6.04 19.75
C ALA B 214 -34.14 -5.49 21.16
N GLN B 215 -32.90 -5.44 21.62
CA GLN B 215 -32.59 -4.86 22.93
C GLN B 215 -32.79 -3.35 22.94
N LEU B 216 -32.51 -2.74 21.79
CA LEU B 216 -32.61 -1.28 21.65
C LEU B 216 -34.08 -0.89 21.70
N VAL B 217 -34.98 -1.73 21.14
CA VAL B 217 -36.38 -1.31 21.13
C VAL B 217 -37.02 -1.58 22.48
N LYS B 218 -36.44 -2.54 23.18
CA LYS B 218 -36.82 -2.93 24.52
C LYS B 218 -36.45 -1.82 25.52
N ARG B 219 -35.27 -1.24 25.34
CA ARG B 219 -34.86 -0.13 26.20
C ARG B 219 -35.72 1.09 25.93
N LEU B 220 -36.10 1.29 24.67
CA LEU B 220 -36.86 2.47 24.29
C LEU B 220 -38.32 2.35 24.79
N THR B 221 -38.81 1.11 24.76
CA THR B 221 -40.09 0.78 25.30
C THR B 221 -40.14 1.05 26.81
N ASP B 222 -39.16 0.54 27.55
CA ASP B 222 -39.13 0.80 28.99
C ASP B 222 -38.99 2.30 29.27
N ALA B 223 -38.40 3.01 28.31
CA ALA B 223 -38.21 4.46 28.54
C ALA B 223 -39.40 5.21 27.96
N ASP B 224 -40.37 4.42 27.51
CA ASP B 224 -41.57 5.00 26.89
C ASP B 224 -41.22 5.97 25.76
N ALA B 225 -40.15 5.64 25.02
CA ALA B 225 -39.76 6.51 23.90
C ALA B 225 -40.09 5.86 22.57
N MET B 226 -40.54 4.61 22.60
CA MET B 226 -40.89 3.91 21.38
C MET B 226 -42.15 4.49 20.74
N LYS B 227 -43.02 5.08 21.54
CA LYS B 227 -44.27 5.60 21.05
C LYS B 227 -44.08 6.64 19.97
N TYR B 228 -42.99 7.40 20.03
CA TYR B 228 -42.71 8.45 19.06
C TYR B 228 -41.49 8.12 18.20
N THR B 229 -41.19 6.83 18.10
CA THR B 229 -40.01 6.36 17.38
C THR B 229 -40.33 5.30 16.36
N ILE B 230 -39.73 5.45 15.18
CA ILE B 230 -39.90 4.48 14.10
C ILE B 230 -38.54 3.76 13.98
N VAL B 231 -38.50 2.46 13.79
CA VAL B 231 -37.23 1.77 13.69
C VAL B 231 -37.18 1.02 12.38
N VAL B 232 -36.27 1.44 11.48
CA VAL B 232 -36.15 0.66 10.21
C VAL B 232 -34.92 -0.24 10.43
N SER B 233 -35.04 -1.53 10.18
CA SER B 233 -34.01 -2.48 10.46
C SER B 233 -33.64 -3.40 9.30
N ALA B 234 -32.39 -3.28 8.88
CA ALA B 234 -31.76 -4.13 7.88
C ALA B 234 -30.41 -4.55 8.52
N THR B 235 -30.47 -5.69 9.21
CA THR B 235 -29.36 -6.14 10.01
C THR B 235 -28.40 -7.05 9.26
N ALA B 236 -27.30 -7.45 9.93
CA ALA B 236 -26.25 -8.26 9.36
C ALA B 236 -26.66 -9.48 8.54
N SER B 237 -27.82 -10.03 8.72
CA SER B 237 -28.30 -11.20 7.98
C SER B 237 -29.10 -10.74 6.77
N ASP B 238 -29.55 -9.47 6.79
CA ASP B 238 -30.29 -9.00 5.62
C ASP B 238 -29.36 -8.83 4.41
N ALA B 239 -29.87 -9.09 3.23
CA ALA B 239 -29.15 -8.94 1.99
C ALA B 239 -28.62 -7.51 1.87
N ALA B 240 -27.49 -7.31 1.20
CA ALA B 240 -26.90 -5.99 1.05
C ALA B 240 -27.80 -4.90 0.52
N PRO B 241 -28.61 -5.16 -0.48
CA PRO B 241 -29.58 -4.22 -1.02
C PRO B 241 -30.58 -3.75 0.01
N LEU B 242 -30.89 -4.54 1.04
CA LEU B 242 -31.77 -4.05 2.11
C LEU B 242 -31.02 -3.08 3.01
N GLN B 243 -29.73 -3.37 3.22
CA GLN B 243 -28.98 -2.48 4.15
C GLN B 243 -28.73 -1.15 3.47
N TYR B 244 -28.53 -1.25 2.15
CA TYR B 244 -28.33 -0.10 1.29
C TYR B 244 -29.53 0.83 1.30
N LEU B 245 -30.71 0.33 0.98
CA LEU B 245 -31.96 1.03 0.97
C LEU B 245 -32.39 1.59 2.33
N ALA B 246 -32.29 0.78 3.40
CA ALA B 246 -32.73 1.20 4.72
C ALA B 246 -32.63 2.67 5.02
N PRO B 247 -31.48 3.30 4.91
CA PRO B 247 -31.30 4.71 5.21
C PRO B 247 -32.28 5.62 4.49
N TYR B 248 -32.43 5.48 3.17
CA TYR B 248 -33.36 6.22 2.36
C TYR B 248 -34.81 5.99 2.77
N SER B 249 -35.23 4.75 3.03
CA SER B 249 -36.61 4.51 3.45
C SER B 249 -36.90 5.25 4.76
N GLY B 250 -35.98 5.21 5.69
CA GLY B 250 -36.18 5.91 6.97
C GLY B 250 -36.19 7.40 6.74
N CYS B 251 -35.37 7.83 5.78
CA CYS B 251 -35.30 9.26 5.48
C CYS B 251 -36.64 9.75 4.95
N SER B 252 -37.24 8.99 4.02
CA SER B 252 -38.57 9.32 3.48
C SER B 252 -39.60 9.42 4.62
N MET B 253 -39.60 8.44 5.51
CA MET B 253 -40.48 8.47 6.69
C MET B 253 -40.24 9.71 7.52
N GLY B 254 -39.00 10.22 7.48
CA GLY B 254 -38.66 11.43 8.24
C GLY B 254 -39.13 12.69 7.50
N GLU B 255 -39.17 12.63 6.15
CA GLU B 255 -39.58 13.79 5.38
C GLU B 255 -41.06 14.15 5.53
N TYR B 256 -41.88 13.14 5.80
CA TYR B 256 -43.29 13.34 6.07
C TYR B 256 -43.43 14.39 7.18
N PHE B 257 -42.63 14.24 8.23
CA PHE B 257 -42.65 15.17 9.35
C PHE B 257 -42.09 16.51 8.91
N ARG B 258 -40.94 16.42 8.24
CA ARG B 258 -40.22 17.60 7.79
C ARG B 258 -41.13 18.53 7.01
N ASP B 259 -41.87 17.93 6.10
CA ASP B 259 -42.72 18.68 5.19
C ASP B 259 -44.12 18.97 5.71
N ASN B 260 -44.53 18.43 6.86
CA ASN B 260 -45.86 18.77 7.37
C ASN B 260 -45.81 19.66 8.60
N GLY B 261 -44.85 20.57 8.66
CA GLY B 261 -44.71 21.46 9.79
C GLY B 261 -44.24 20.77 11.04
N LYS B 262 -43.90 19.47 10.96
CA LYS B 262 -43.42 18.81 12.19
C LYS B 262 -41.89 18.65 12.17
N HIS B 263 -41.34 18.07 13.24
CA HIS B 263 -39.90 17.94 13.36
C HIS B 263 -39.50 16.51 13.67
N ALA B 264 -38.66 15.90 12.85
CA ALA B 264 -38.20 14.56 13.07
C ALA B 264 -36.67 14.59 13.31
N LEU B 265 -36.22 13.49 13.89
CA LEU B 265 -34.82 13.21 14.06
C LEU B 265 -34.52 11.84 13.48
N ILE B 266 -33.57 11.69 12.59
CA ILE B 266 -33.22 10.37 12.05
C ILE B 266 -31.78 10.05 12.44
N ILE B 267 -31.49 8.77 12.63
CA ILE B 267 -30.22 8.25 13.03
C ILE B 267 -29.75 7.21 12.04
N TYR B 268 -28.56 7.37 11.49
CA TYR B 268 -28.09 6.36 10.51
C TYR B 268 -26.94 5.60 11.16
N ASP B 269 -27.25 4.36 11.53
CA ASP B 269 -26.32 3.57 12.34
C ASP B 269 -26.11 2.15 11.84
N ASP B 270 -24.99 1.98 11.14
CA ASP B 270 -24.12 3.14 10.90
C ASP B 270 -23.94 3.30 9.39
N LEU B 271 -23.45 4.44 8.92
CA LEU B 271 -23.27 4.62 7.50
C LEU B 271 -22.05 3.89 6.93
N SER B 272 -21.14 3.44 7.79
CA SER B 272 -19.97 2.70 7.35
C SER B 272 -20.44 1.34 6.84
N LYS B 273 -21.37 0.75 7.59
CA LYS B 273 -21.85 -0.57 7.17
C LYS B 273 -22.70 -0.48 5.91
N GLN B 274 -23.33 0.68 5.73
CA GLN B 274 -24.13 0.87 4.52
C GLN B 274 -23.19 0.97 3.31
N ALA B 275 -22.16 1.78 3.45
CA ALA B 275 -21.13 1.89 2.40
C ALA B 275 -20.52 0.53 2.08
N VAL B 276 -20.29 -0.35 3.08
CA VAL B 276 -19.79 -1.66 2.70
C VAL B 276 -20.85 -2.44 1.93
N ALA B 277 -22.13 -2.32 2.32
CA ALA B 277 -23.17 -3.07 1.54
C ALA B 277 -23.19 -2.57 0.11
N TYR B 278 -23.11 -1.26 -0.10
CA TYR B 278 -23.11 -0.69 -1.45
C TYR B 278 -21.84 -1.09 -2.21
N ARG B 279 -20.71 -1.21 -1.48
CA ARG B 279 -19.48 -1.66 -2.10
C ARG B 279 -19.63 -3.09 -2.61
N GLN B 280 -20.20 -3.99 -1.82
CA GLN B 280 -20.47 -5.35 -2.28
C GLN B 280 -21.39 -5.34 -3.51
N MET B 281 -22.49 -4.57 -3.45
CA MET B 281 -23.33 -4.47 -4.66
C MET B 281 -22.49 -3.97 -5.85
N SER B 282 -21.69 -2.92 -5.67
CA SER B 282 -20.93 -2.36 -6.80
C SER B 282 -19.89 -3.30 -7.37
N LEU B 283 -19.11 -3.97 -6.50
CA LEU B 283 -18.19 -4.97 -7.09
C LEU B 283 -18.96 -6.05 -7.80
N LEU B 284 -20.09 -6.49 -7.23
CA LEU B 284 -20.83 -7.56 -7.95
C LEU B 284 -21.32 -7.01 -9.28
N LEU B 285 -21.58 -5.70 -9.39
CA LEU B 285 -21.91 -5.11 -10.68
C LEU B 285 -20.70 -4.89 -11.57
N ARG B 286 -19.53 -5.20 -11.04
CA ARG B 286 -18.24 -5.08 -11.65
C ARG B 286 -17.95 -3.63 -12.02
N ARG B 287 -18.44 -2.74 -11.19
CA ARG B 287 -18.08 -1.33 -11.25
C ARG B 287 -16.65 -1.15 -10.76
N PRO B 288 -15.86 -0.31 -11.41
CA PRO B 288 -14.46 -0.06 -11.11
C PRO B 288 -14.15 0.27 -9.67
N PRO B 289 -13.50 -0.61 -8.96
CA PRO B 289 -13.10 -0.41 -7.58
C PRO B 289 -12.03 0.68 -7.53
N GLY B 290 -12.13 1.58 -6.58
CA GLY B 290 -11.21 2.67 -6.43
C GLY B 290 -10.57 2.63 -5.03
N ARG B 291 -10.64 3.75 -4.35
CA ARG B 291 -10.09 3.89 -3.03
C ARG B 291 -10.73 2.87 -2.08
N GLU B 292 -9.86 2.03 -1.52
CA GLU B 292 -10.31 0.97 -0.64
C GLU B 292 -11.36 0.11 -1.35
N ALA B 293 -11.23 -0.03 -2.66
CA ALA B 293 -12.16 -0.77 -3.46
C ALA B 293 -13.59 -0.21 -3.37
N TYR B 294 -13.79 1.04 -3.02
CA TYR B 294 -15.11 1.67 -3.02
C TYR B 294 -15.35 2.29 -4.41
N PRO B 295 -16.59 2.29 -4.84
CA PRO B 295 -17.00 2.85 -6.11
C PRO B 295 -16.87 4.34 -6.15
N GLY B 296 -16.81 4.98 -7.30
CA GLY B 296 -16.70 6.45 -7.35
C GLY B 296 -17.92 7.15 -6.79
N ASP B 297 -19.04 6.39 -6.63
CA ASP B 297 -20.25 7.05 -6.13
C ASP B 297 -20.49 6.84 -4.66
N VAL B 298 -19.51 6.41 -3.83
CA VAL B 298 -19.76 6.27 -2.41
C VAL B 298 -20.05 7.65 -1.77
N PHE B 299 -19.38 8.66 -2.34
CA PHE B 299 -19.65 10.00 -1.78
C PHE B 299 -21.14 10.33 -1.98
N TYR B 300 -21.61 10.29 -3.20
CA TYR B 300 -22.96 10.59 -3.61
C TYR B 300 -23.94 9.73 -2.85
N LEU B 301 -23.56 8.47 -2.62
CA LEU B 301 -24.45 7.62 -1.80
C LEU B 301 -24.86 8.35 -0.53
N HIS B 302 -23.91 8.98 0.17
CA HIS B 302 -24.19 9.62 1.44
C HIS B 302 -24.62 11.07 1.31
N SER B 303 -24.18 11.72 0.25
CA SER B 303 -24.47 13.12 0.03
C SER B 303 -25.96 13.33 -0.26
N ARG B 304 -26.56 12.57 -1.19
CA ARG B 304 -27.97 12.76 -1.51
C ARG B 304 -28.85 12.43 -0.31
N LEU B 305 -28.43 11.42 0.44
CA LEU B 305 -29.13 11.05 1.66
C LEU B 305 -29.09 12.18 2.66
N LEU B 306 -27.88 12.60 3.08
CA LEU B 306 -27.79 13.59 4.13
C LEU B 306 -28.28 14.95 3.76
N GLU B 307 -28.34 15.27 2.47
CA GLU B 307 -28.84 16.59 2.04
C GLU B 307 -30.34 16.71 2.41
N ARG B 308 -31.02 15.57 2.60
CA ARG B 308 -32.45 15.52 2.83
C ARG B 308 -32.86 15.97 4.22
N ALA B 309 -31.95 15.84 5.21
CA ALA B 309 -32.20 16.45 6.51
C ALA B 309 -31.99 17.95 6.21
N ALA B 310 -32.93 18.80 6.58
CA ALA B 310 -32.90 20.21 6.30
C ALA B 310 -33.87 20.93 7.25
N LYS B 311 -33.79 22.24 7.23
CA LYS B 311 -34.63 23.10 8.02
C LYS B 311 -35.46 24.00 7.09
N MET B 312 -36.75 23.68 7.07
CA MET B 312 -37.68 24.42 6.22
C MET B 312 -38.04 25.76 6.85
N ASN B 313 -38.26 26.74 5.98
CA ASN B 313 -38.73 28.05 6.44
C ASN B 313 -40.26 28.01 6.60
N ASP B 314 -40.87 29.06 7.10
CA ASP B 314 -42.30 29.11 7.42
C ASP B 314 -43.18 28.91 6.19
N ALA B 315 -42.85 29.49 5.04
CA ALA B 315 -43.62 29.29 3.84
C ALA B 315 -43.65 27.84 3.40
N PHE B 316 -42.82 26.99 3.96
CA PHE B 316 -42.87 25.56 3.56
C PHE B 316 -43.29 24.75 4.78
N GLY B 317 -43.84 25.46 5.77
CA GLY B 317 -44.41 24.80 6.93
C GLY B 317 -43.57 24.94 8.18
N GLY B 318 -42.30 25.30 8.04
CA GLY B 318 -41.41 25.47 9.17
C GLY B 318 -40.88 24.19 9.76
N GLY B 319 -41.11 23.02 9.16
CA GLY B 319 -40.60 21.79 9.75
C GLY B 319 -39.10 21.62 9.58
N SER B 320 -38.60 20.46 10.01
CA SER B 320 -37.21 20.13 9.90
C SER B 320 -36.97 18.64 10.15
N LEU B 321 -35.80 18.21 9.69
CA LEU B 321 -35.35 16.83 9.81
C LEU B 321 -33.84 16.90 10.18
N THR B 322 -33.57 16.47 11.39
CA THR B 322 -32.22 16.47 11.93
C THR B 322 -31.64 15.08 11.71
N ALA B 323 -30.42 15.01 11.16
CA ALA B 323 -29.82 13.70 10.91
C ALA B 323 -28.55 13.50 11.74
N LEU B 324 -28.47 12.32 12.34
CA LEU B 324 -27.25 11.96 13.08
C LEU B 324 -26.67 10.66 12.51
N PRO B 325 -25.93 10.78 11.43
CA PRO B 325 -25.22 9.66 10.82
C PRO B 325 -24.06 9.22 11.70
N VAL B 326 -23.81 7.92 11.72
CA VAL B 326 -22.76 7.31 12.49
C VAL B 326 -21.73 6.69 11.55
N ILE B 327 -20.48 6.97 11.88
CA ILE B 327 -19.33 6.49 11.11
C ILE B 327 -18.35 5.89 12.11
N GLU B 328 -17.95 4.68 11.81
CA GLU B 328 -16.97 3.98 12.64
C GLU B 328 -15.59 4.13 11.98
N THR B 329 -14.64 4.73 12.67
CA THR B 329 -13.29 4.86 12.13
C THR B 329 -12.45 3.64 12.60
N GLN B 330 -11.40 3.32 11.84
CA GLN B 330 -10.47 2.27 12.24
C GLN B 330 -9.28 2.95 12.92
N ALA B 331 -8.88 2.50 14.10
CA ALA B 331 -7.84 3.08 14.91
C ALA B 331 -7.81 4.60 14.85
N GLY B 332 -8.92 5.28 15.02
CA GLY B 332 -8.99 6.72 15.04
C GLY B 332 -8.66 7.40 13.72
N ASP B 333 -8.63 6.70 12.57
CA ASP B 333 -8.24 7.40 11.35
C ASP B 333 -9.41 8.16 10.75
N VAL B 334 -9.52 9.43 11.06
CA VAL B 334 -10.62 10.23 10.54
C VAL B 334 -10.24 10.81 9.19
N SER B 335 -9.07 10.42 8.69
CA SER B 335 -8.61 10.91 7.40
C SER B 335 -8.88 9.88 6.31
N ALA B 336 -9.48 8.76 6.72
CA ALA B 336 -9.78 7.73 5.70
C ALA B 336 -10.91 8.23 4.80
N TYR B 337 -11.06 7.57 3.67
CA TYR B 337 -11.99 7.91 2.60
C TYR B 337 -13.42 8.09 3.08
N ILE B 338 -13.99 7.04 3.68
CA ILE B 338 -15.40 7.22 4.09
C ILE B 338 -15.59 8.31 5.10
N PRO B 339 -14.87 8.25 6.20
CA PRO B 339 -14.92 9.25 7.25
C PRO B 339 -14.78 10.65 6.69
N THR B 340 -13.82 10.87 5.76
CA THR B 340 -13.65 12.21 5.22
C THR B 340 -14.88 12.58 4.40
N ASN B 341 -15.36 11.65 3.60
CA ASN B 341 -16.58 11.85 2.82
C ASN B 341 -17.75 12.37 3.65
N VAL B 342 -18.08 11.66 4.71
CA VAL B 342 -19.25 12.13 5.51
C VAL B 342 -18.96 13.45 6.15
N ILE B 343 -17.78 13.60 6.73
CA ILE B 343 -17.37 14.83 7.35
C ILE B 343 -17.58 15.99 6.38
N SER B 344 -17.31 15.76 5.08
CA SER B 344 -17.52 16.85 4.12
C SER B 344 -18.97 17.03 3.70
N ILE B 345 -19.88 16.20 4.22
CA ILE B 345 -21.30 16.33 3.91
C ILE B 345 -22.04 17.01 5.07
N THR B 346 -21.75 16.55 6.30
CA THR B 346 -22.41 17.01 7.49
C THR B 346 -22.03 18.42 7.92
N ASP B 347 -22.65 18.89 8.99
CA ASP B 347 -22.36 20.21 9.55
C ASP B 347 -21.60 20.11 10.88
N GLY B 348 -20.53 19.30 10.92
CA GLY B 348 -19.80 19.18 12.19
C GLY B 348 -19.80 17.71 12.59
N GLN B 349 -19.06 17.33 13.61
CA GLN B 349 -18.97 15.96 14.02
C GLN B 349 -18.65 15.90 15.53
N ILE B 350 -19.14 14.83 16.16
CA ILE B 350 -18.78 14.57 17.55
C ILE B 350 -17.81 13.39 17.51
N PHE B 351 -16.55 13.66 17.83
CA PHE B 351 -15.57 12.57 17.78
C PHE B 351 -15.47 11.92 19.16
N LEU B 352 -15.53 10.60 19.19
CA LEU B 352 -15.36 9.86 20.43
C LEU B 352 -14.02 9.13 20.41
N GLU B 353 -13.10 9.43 21.34
CA GLU B 353 -11.79 8.79 21.38
C GLU B 353 -11.75 7.50 22.18
N THR B 354 -11.33 6.41 21.55
CA THR B 354 -11.12 5.12 22.17
C THR B 354 -10.41 5.27 23.50
N GLU B 355 -9.46 6.19 23.54
CA GLU B 355 -8.63 6.42 24.71
C GLU B 355 -9.35 7.04 25.88
N LEU B 356 -10.25 7.99 25.65
CA LEU B 356 -11.04 8.57 26.74
C LEU B 356 -12.01 7.52 27.27
N PHE B 357 -12.63 6.79 26.35
CA PHE B 357 -13.59 5.78 26.78
C PHE B 357 -12.92 4.85 27.79
N TYR B 358 -11.77 4.33 27.41
CA TYR B 358 -11.06 3.38 28.27
C TYR B 358 -10.71 3.99 29.62
N LYS B 359 -10.22 5.22 29.57
CA LYS B 359 -9.87 5.98 30.78
C LYS B 359 -11.09 6.30 31.60
N GLY B 360 -12.26 5.74 31.29
CA GLY B 360 -13.49 5.99 31.99
C GLY B 360 -14.17 7.31 31.70
N ILE B 361 -13.64 8.12 30.80
CA ILE B 361 -14.27 9.40 30.43
C ILE B 361 -15.43 9.08 29.48
N ARG B 362 -16.65 9.21 29.98
CA ARG B 362 -17.86 8.90 29.25
C ARG B 362 -18.91 9.98 29.48
N PRO B 363 -19.49 10.48 28.41
CA PRO B 363 -19.19 10.13 27.04
C PRO B 363 -17.76 10.52 26.65
N ALA B 364 -17.16 9.73 25.78
CA ALA B 364 -15.79 9.88 25.33
C ALA B 364 -15.63 10.90 24.23
N ILE B 365 -16.22 12.07 24.40
CA ILE B 365 -16.15 13.13 23.41
C ILE B 365 -14.87 13.92 23.53
N ASN B 366 -14.23 14.18 22.41
CA ASN B 366 -13.03 14.97 22.26
C ASN B 366 -13.45 16.38 21.83
N VAL B 367 -13.62 17.21 22.84
CA VAL B 367 -14.00 18.60 22.66
C VAL B 367 -13.30 19.24 21.48
N GLY B 368 -12.03 19.58 21.65
CA GLY B 368 -11.23 20.20 20.63
C GLY B 368 -11.39 19.71 19.21
N LEU B 369 -11.68 18.45 18.96
CA LEU B 369 -11.79 17.96 17.58
C LEU B 369 -13.25 17.91 17.08
N SER B 370 -14.17 18.05 18.02
CA SER B 370 -15.59 18.03 17.72
C SER B 370 -16.03 19.41 17.31
N VAL B 371 -16.89 19.52 16.27
CA VAL B 371 -17.35 20.83 15.88
C VAL B 371 -18.85 20.77 15.55
N SER B 372 -19.49 21.90 15.61
CA SER B 372 -20.85 22.17 15.26
C SER B 372 -20.83 23.43 14.37
N ARG B 373 -20.98 23.25 13.04
CA ARG B 373 -20.84 24.43 12.20
C ARG B 373 -21.99 25.37 12.34
N VAL B 374 -23.20 24.88 12.55
CA VAL B 374 -24.37 25.77 12.59
C VAL B 374 -25.17 25.74 13.88
N GLY B 375 -24.90 24.84 14.80
CA GLY B 375 -25.72 24.77 16.01
C GLY B 375 -25.72 25.97 16.91
N SER B 376 -24.69 26.79 16.91
CA SER B 376 -24.63 27.94 17.80
C SER B 376 -25.95 28.70 17.85
N ALA B 377 -26.42 29.09 16.66
CA ALA B 377 -27.63 29.89 16.59
C ALA B 377 -28.82 29.17 17.22
N ALA B 378 -28.74 27.88 17.44
CA ALA B 378 -29.86 27.10 17.95
C ALA B 378 -29.65 26.68 19.39
N GLN B 379 -28.62 27.23 20.01
CA GLN B 379 -28.29 26.92 21.40
C GLN B 379 -29.08 27.89 22.28
N THR B 380 -29.75 27.32 23.28
CA THR B 380 -30.49 28.14 24.23
C THR B 380 -29.58 29.23 24.79
N ARG B 381 -30.17 30.37 25.12
CA ARG B 381 -29.43 31.49 25.69
C ARG B 381 -28.92 31.18 27.09
N ALA B 382 -29.65 30.33 27.83
CA ALA B 382 -29.24 29.96 29.18
C ALA B 382 -27.92 29.20 29.13
N MET B 383 -27.75 28.43 28.05
CA MET B 383 -26.50 27.73 27.84
C MET B 383 -25.35 28.68 27.51
N LYS B 384 -25.55 29.59 26.56
CA LYS B 384 -24.52 30.55 26.18
C LYS B 384 -23.90 31.24 27.39
N GLN B 385 -24.75 31.54 28.37
CA GLN B 385 -24.30 32.25 29.57
C GLN B 385 -23.35 31.45 30.41
N VAL B 386 -23.42 30.12 30.37
CA VAL B 386 -22.46 29.33 31.14
C VAL B 386 -21.55 28.46 30.28
N ALA B 387 -22.06 27.96 29.17
CA ALA B 387 -21.32 27.06 28.31
C ALA B 387 -20.24 27.80 27.53
N GLY B 388 -20.52 29.06 27.21
CA GLY B 388 -19.56 29.85 26.41
C GLY B 388 -18.27 30.04 27.20
N THR B 389 -18.44 30.43 28.46
CA THR B 389 -17.33 30.66 29.37
C THR B 389 -16.68 29.33 29.76
N MET B 390 -17.46 28.25 29.75
CA MET B 390 -16.91 26.94 30.07
C MET B 390 -15.92 26.50 28.98
N LYS B 391 -16.36 26.57 27.73
CA LYS B 391 -15.47 26.20 26.64
C LYS B 391 -14.20 27.04 26.70
N LEU B 392 -14.34 28.35 26.87
CA LEU B 392 -13.14 29.19 26.94
C LEU B 392 -12.17 28.63 27.99
N GLU B 393 -12.69 28.39 29.19
CA GLU B 393 -11.88 27.87 30.27
C GLU B 393 -11.31 26.47 29.97
N LEU B 394 -11.96 25.75 29.07
CA LEU B 394 -11.50 24.43 28.68
C LEU B 394 -10.33 24.57 27.71
N ALA B 395 -10.33 25.69 26.99
CA ALA B 395 -9.24 25.98 26.06
C ALA B 395 -7.98 26.35 26.84
N GLN B 396 -8.14 27.20 27.85
CA GLN B 396 -7.00 27.59 28.69
C GLN B 396 -6.35 26.33 29.26
N TYR B 397 -7.18 25.47 29.82
CA TYR B 397 -6.72 24.22 30.43
C TYR B 397 -5.99 23.33 29.43
N ARG B 398 -6.57 23.22 28.24
CA ARG B 398 -6.01 22.42 27.17
C ARG B 398 -4.60 22.87 26.80
N GLU B 399 -4.38 24.18 26.71
CA GLU B 399 -3.08 24.72 26.38
C GLU B 399 -2.01 24.32 27.38
N VAL B 400 -2.40 24.04 28.61
CA VAL B 400 -1.46 23.68 29.67
C VAL B 400 -1.31 22.18 29.82
N ALA B 401 -2.24 21.52 30.51
CA ALA B 401 -2.18 20.08 30.75
C ALA B 401 -1.97 19.28 29.47
N LEU B 410 3.54 24.45 38.56
CA LEU B 410 3.59 25.67 39.36
C LEU B 410 3.05 26.86 38.59
N ASP B 411 3.20 28.05 39.13
CA ASP B 411 2.72 29.29 38.55
C ASP B 411 1.21 29.44 38.74
N ALA B 412 0.84 30.30 39.68
CA ALA B 412 -0.54 30.56 40.03
C ALA B 412 -1.46 30.68 38.81
N ALA B 413 -0.92 31.35 37.79
CA ALA B 413 -1.66 31.56 36.55
C ALA B 413 -2.14 30.24 35.97
N THR B 414 -1.19 29.44 35.52
CA THR B 414 -1.46 28.14 34.91
C THR B 414 -2.18 27.18 35.88
N GLN B 415 -1.89 27.36 37.17
CA GLN B 415 -2.51 26.54 38.19
C GLN B 415 -4.02 26.74 38.20
N GLN B 416 -4.43 28.00 38.17
CA GLN B 416 -5.86 28.31 38.15
C GLN B 416 -6.53 27.65 36.95
N LEU B 417 -5.84 27.70 35.82
CA LEU B 417 -6.37 27.12 34.59
C LEU B 417 -6.51 25.62 34.71
N LEU B 418 -5.52 24.97 35.30
CA LEU B 418 -5.56 23.52 35.47
C LEU B 418 -6.65 23.09 36.44
N SER B 419 -6.94 23.94 37.42
CA SER B 419 -7.98 23.65 38.41
C SER B 419 -9.34 23.48 37.73
N ARG B 420 -9.66 24.39 36.84
CA ARG B 420 -10.87 24.33 36.05
C ARG B 420 -10.97 23.01 35.27
N GLY B 421 -10.00 22.75 34.41
CA GLY B 421 -10.00 21.56 33.60
C GLY B 421 -10.52 20.31 34.28
N VAL B 422 -9.90 19.89 35.37
CA VAL B 422 -10.31 18.66 36.02
C VAL B 422 -11.76 18.75 36.47
N ARG B 423 -12.10 19.87 37.08
CA ARG B 423 -13.46 20.07 37.59
C ARG B 423 -14.49 19.97 36.47
N LEU B 424 -14.35 20.84 35.50
CA LEU B 424 -15.21 20.93 34.34
C LEU B 424 -15.28 19.61 33.57
N THR B 425 -14.15 18.92 33.52
CA THR B 425 -14.08 17.63 32.82
C THR B 425 -14.95 16.61 33.53
N GLU B 426 -14.99 16.70 34.85
CA GLU B 426 -15.83 15.78 35.62
C GLU B 426 -17.30 16.12 35.37
N LEU B 427 -17.56 17.44 35.23
CA LEU B 427 -18.94 17.86 35.01
C LEU B 427 -19.50 17.26 33.73
N LEU B 428 -18.66 17.20 32.69
CA LEU B 428 -19.03 16.69 31.40
C LEU B 428 -19.31 15.20 31.41
N LYS B 429 -18.85 14.50 32.45
CA LYS B 429 -19.16 13.06 32.54
C LYS B 429 -20.66 12.87 32.77
N GLN B 430 -21.26 11.88 32.13
CA GLN B 430 -22.71 11.64 32.30
C GLN B 430 -22.95 10.17 32.02
N GLY B 431 -23.80 9.53 32.80
CA GLY B 431 -24.11 8.11 32.62
C GLY B 431 -25.10 8.03 31.44
N GLN B 432 -25.53 6.83 31.13
CA GLN B 432 -26.49 6.57 30.08
C GLN B 432 -27.94 6.56 30.61
N TYR B 433 -28.87 6.79 29.68
CA TYR B 433 -30.28 6.67 29.97
C TYR B 433 -30.82 7.73 30.91
N SER B 434 -30.08 8.81 31.12
CA SER B 434 -30.63 9.88 31.97
C SER B 434 -30.42 11.27 31.37
N PRO B 435 -31.01 11.50 30.21
CA PRO B 435 -30.94 12.77 29.51
C PRO B 435 -31.44 13.89 30.44
N MET B 436 -30.63 14.93 30.61
CA MET B 436 -30.93 16.05 31.47
C MET B 436 -31.65 17.19 30.76
N ALA B 437 -32.62 17.79 31.44
CA ALA B 437 -33.33 18.94 30.86
C ALA B 437 -32.35 20.12 30.77
N ILE B 438 -32.60 21.01 29.82
CA ILE B 438 -31.67 22.09 29.60
C ILE B 438 -31.43 22.92 30.82
N GLU B 439 -32.47 23.22 31.60
CA GLU B 439 -32.30 24.05 32.80
C GLU B 439 -31.44 23.35 33.84
N GLU B 440 -31.57 22.04 33.92
CA GLU B 440 -30.72 21.27 34.84
C GLU B 440 -29.28 21.20 34.37
N GLN B 441 -29.04 21.29 33.07
CA GLN B 441 -27.68 21.32 32.57
C GLN B 441 -27.02 22.66 32.88
N VAL B 442 -27.76 23.76 32.67
CA VAL B 442 -27.09 25.07 32.90
C VAL B 442 -26.82 25.24 34.39
N ALA B 443 -27.74 24.70 35.20
CA ALA B 443 -27.58 24.80 36.65
C ALA B 443 -26.28 24.13 37.08
N VAL B 444 -26.08 22.84 36.78
CA VAL B 444 -24.84 22.19 37.17
C VAL B 444 -23.58 22.81 36.56
N ILE B 445 -23.58 23.22 35.30
CA ILE B 445 -22.41 23.81 34.66
C ILE B 445 -22.08 25.15 35.28
N TYR B 446 -23.12 25.85 35.73
CA TYR B 446 -22.97 27.15 36.39
C TYR B 446 -22.11 26.94 37.65
N ALA B 447 -22.46 25.87 38.36
CA ALA B 447 -21.72 25.57 39.59
C ALA B 447 -20.23 25.66 39.28
N GLY B 448 -19.84 24.90 38.27
CA GLY B 448 -18.47 24.76 37.82
C GLY B 448 -17.80 25.99 37.28
N VAL B 449 -18.37 26.63 36.28
CA VAL B 449 -17.76 27.80 35.65
C VAL B 449 -17.73 28.98 36.59
N ARG B 450 -18.69 29.11 37.50
CA ARG B 450 -18.73 30.23 38.44
C ARG B 450 -17.66 30.08 39.52
N GLY B 451 -17.21 28.87 39.76
CA GLY B 451 -16.16 28.63 40.74
C GLY B 451 -16.58 27.82 41.96
N TYR B 452 -17.84 27.44 42.07
CA TYR B 452 -18.28 26.70 43.25
C TYR B 452 -17.76 25.29 43.33
N LEU B 453 -16.68 24.96 42.63
CA LEU B 453 -16.12 23.61 42.66
C LEU B 453 -14.60 23.63 42.84
N ASP B 454 -14.01 24.80 42.72
CA ASP B 454 -12.55 24.95 42.83
C ASP B 454 -12.00 24.51 44.17
N LYS B 455 -12.62 24.87 45.27
CA LYS B 455 -12.13 24.49 46.59
C LYS B 455 -12.62 23.09 46.95
N LEU B 456 -13.02 22.32 45.93
CA LEU B 456 -13.56 20.97 46.14
C LEU B 456 -12.68 19.91 45.50
N GLU B 457 -12.54 18.76 46.15
CA GLU B 457 -11.69 17.67 45.65
C GLU B 457 -12.25 17.12 44.34
N PRO B 458 -11.45 17.07 43.31
CA PRO B 458 -11.83 16.59 42.00
C PRO B 458 -12.76 15.39 42.05
N SER B 459 -12.42 14.41 42.86
CA SER B 459 -13.17 13.17 42.98
C SER B 459 -14.52 13.36 43.65
N LYS B 460 -14.77 14.55 44.19
CA LYS B 460 -16.04 14.84 44.84
C LYS B 460 -16.98 15.54 43.86
N ILE B 461 -16.41 16.06 42.78
CA ILE B 461 -17.16 16.82 41.80
C ILE B 461 -18.39 16.10 41.28
N THR B 462 -18.25 14.82 40.93
CA THR B 462 -19.40 14.07 40.39
C THR B 462 -20.41 13.79 41.50
N LYS B 463 -19.88 13.55 42.70
CA LYS B 463 -20.71 13.35 43.88
C LYS B 463 -21.49 14.63 44.16
N PHE B 464 -20.79 15.76 44.10
CA PHE B 464 -21.40 17.06 44.28
C PHE B 464 -22.52 17.30 43.26
N GLU B 465 -22.23 17.07 41.99
CA GLU B 465 -23.20 17.30 40.93
C GLU B 465 -24.53 16.60 41.20
N ASN B 466 -24.45 15.31 41.47
CA ASN B 466 -25.60 14.48 41.75
C ASN B 466 -26.38 14.94 42.99
N ALA B 467 -25.70 15.45 44.00
CA ALA B 467 -26.41 15.86 45.22
C ALA B 467 -26.99 17.25 45.01
N PHE B 468 -26.26 18.06 44.27
CA PHE B 468 -26.70 19.44 43.98
C PHE B 468 -27.90 19.40 43.07
N LEU B 469 -27.89 18.54 42.06
CA LEU B 469 -29.00 18.43 41.12
C LEU B 469 -30.30 18.11 41.86
N SER B 470 -30.26 16.99 42.61
CA SER B 470 -31.43 16.58 43.37
C SER B 470 -31.92 17.73 44.25
N HIS B 471 -30.98 18.43 44.86
CA HIS B 471 -31.27 19.57 45.73
C HIS B 471 -32.05 20.65 45.00
N VAL B 472 -31.60 21.06 43.81
CA VAL B 472 -32.32 22.09 43.07
C VAL B 472 -33.61 21.55 42.51
N ILE B 473 -33.58 20.35 41.94
CA ILE B 473 -34.76 19.71 41.37
C ILE B 473 -35.92 19.64 42.37
N SER B 474 -35.58 19.50 43.65
CA SER B 474 -36.61 19.39 44.67
C SER B 474 -36.93 20.70 45.38
N GLN B 475 -35.95 21.23 46.09
CA GLN B 475 -36.12 22.45 46.86
C GLN B 475 -36.08 23.72 46.05
N HIS B 476 -35.94 23.65 44.72
CA HIS B 476 -35.89 24.85 43.91
C HIS B 476 -36.50 24.70 42.53
N GLN B 477 -37.57 23.93 42.40
CA GLN B 477 -38.25 23.77 41.13
C GLN B 477 -38.59 25.12 40.51
N ALA B 478 -38.96 26.07 41.37
CA ALA B 478 -39.34 27.40 40.91
C ALA B 478 -38.24 28.06 40.11
N LEU B 479 -37.01 28.00 40.62
CA LEU B 479 -35.86 28.60 39.95
C LEU B 479 -35.60 27.91 38.62
N LEU B 480 -35.61 26.58 38.63
CA LEU B 480 -35.39 25.81 37.41
C LEU B 480 -36.41 26.20 36.34
N GLY B 481 -37.68 26.27 36.72
CA GLY B 481 -38.76 26.64 35.84
C GLY B 481 -38.61 28.08 35.35
N LYS B 482 -38.00 28.92 36.18
CA LYS B 482 -37.79 30.32 35.80
C LYS B 482 -36.81 30.35 34.62
N ILE B 483 -35.64 29.75 34.84
CA ILE B 483 -34.60 29.71 33.82
C ILE B 483 -35.12 29.07 32.54
N ARG B 484 -35.91 28.01 32.72
CA ARG B 484 -36.49 27.31 31.60
C ARG B 484 -37.43 28.23 30.82
N THR B 485 -38.41 28.79 31.51
CA THR B 485 -39.36 29.70 30.87
C THR B 485 -38.67 30.89 30.22
N ASP B 486 -37.86 31.63 30.96
CA ASP B 486 -37.19 32.79 30.40
C ASP B 486 -36.15 32.40 29.35
N GLY B 487 -35.71 31.15 29.37
CA GLY B 487 -34.69 30.67 28.45
C GLY B 487 -33.36 31.38 28.69
N LYS B 488 -33.31 32.21 29.72
CA LYS B 488 -32.10 32.97 30.05
C LYS B 488 -31.89 32.98 31.56
N ILE B 489 -30.66 33.20 32.00
CA ILE B 489 -30.42 33.34 33.44
C ILE B 489 -30.34 34.86 33.71
N SER B 490 -31.45 35.44 34.15
CA SER B 490 -31.47 36.88 34.42
C SER B 490 -30.77 37.18 35.75
N GLU B 491 -30.64 38.46 36.08
CA GLU B 491 -29.98 38.84 37.33
C GLU B 491 -30.71 38.24 38.53
N GLU B 492 -32.05 38.24 38.44
CA GLU B 492 -32.86 37.69 39.53
C GLU B 492 -32.51 36.21 39.72
N SER B 493 -32.74 35.42 38.68
CA SER B 493 -32.46 34.00 38.74
C SER B 493 -31.02 33.73 39.15
N ASP B 494 -30.10 34.54 38.64
CA ASP B 494 -28.68 34.38 38.91
C ASP B 494 -28.38 34.63 40.38
N ALA B 495 -29.05 35.63 40.93
CA ALA B 495 -28.87 35.97 42.35
C ALA B 495 -29.29 34.78 43.22
N LYS B 496 -30.49 34.25 42.99
CA LYS B 496 -31.01 33.14 43.75
C LYS B 496 -30.13 31.89 43.57
N LEU B 497 -29.76 31.64 42.31
CA LEU B 497 -28.92 30.50 41.99
C LEU B 497 -27.60 30.59 42.73
N LYS B 498 -27.02 31.80 42.77
CA LYS B 498 -25.78 32.02 43.49
C LYS B 498 -25.97 31.62 44.97
N GLU B 499 -27.08 32.08 45.53
CA GLU B 499 -27.39 31.77 46.93
C GLU B 499 -27.47 30.25 47.12
N ILE B 500 -28.26 29.61 46.27
CA ILE B 500 -28.46 28.17 46.30
C ILE B 500 -27.15 27.41 46.30
N VAL B 501 -26.27 27.68 45.34
CA VAL B 501 -25.02 26.93 45.26
C VAL B 501 -24.18 27.15 46.51
N THR B 502 -24.00 28.40 46.89
CA THR B 502 -23.20 28.72 48.08
C THR B 502 -23.74 27.96 49.28
N ASN B 503 -25.05 28.11 49.49
CA ASN B 503 -25.69 27.43 50.63
C ASN B 503 -25.36 25.94 50.54
N PHE B 504 -25.52 25.35 49.35
CA PHE B 504 -25.24 23.94 49.19
C PHE B 504 -23.80 23.56 49.53
N LEU B 505 -22.84 24.38 49.08
CA LEU B 505 -21.43 24.11 49.37
C LEU B 505 -21.25 23.94 50.88
N ALA B 506 -21.74 24.93 51.62
CA ALA B 506 -21.60 24.92 53.07
C ALA B 506 -22.12 23.63 53.68
N GLY B 507 -23.23 23.13 53.16
CA GLY B 507 -23.86 21.91 53.66
C GLY B 507 -23.34 20.64 53.02
N PHE B 508 -22.49 20.78 51.99
CA PHE B 508 -21.98 19.62 51.32
C PHE B 508 -20.85 18.97 52.11
N GLU B 509 -21.13 17.78 52.64
CA GLU B 509 -20.18 17.05 53.44
C GLU B 509 -19.08 16.43 52.57
N ALA B 510 -17.90 16.26 53.13
CA ALA B 510 -16.78 15.68 52.38
C ALA B 510 -17.17 14.30 51.85
N ALA C 19 -20.43 6.70 -63.19
CA ALA C 19 -20.46 6.20 -61.80
C ALA C 19 -19.43 6.93 -60.93
N ASP C 20 -19.88 7.35 -59.76
CA ASP C 20 -19.02 8.11 -58.85
C ASP C 20 -18.08 7.15 -58.12
N THR C 21 -16.78 7.25 -58.35
CA THR C 21 -15.86 6.33 -57.72
C THR C 21 -14.95 7.01 -56.74
N SER C 22 -15.28 8.23 -56.31
CA SER C 22 -14.41 8.94 -55.38
C SER C 22 -14.41 8.37 -53.98
N VAL C 23 -15.47 7.71 -53.53
CA VAL C 23 -15.51 7.18 -52.16
C VAL C 23 -15.42 5.66 -52.14
N ASP C 24 -14.26 5.09 -52.39
CA ASP C 24 -14.10 3.63 -52.35
C ASP C 24 -13.54 3.19 -51.00
N LEU C 25 -13.97 2.06 -50.49
CA LEU C 25 -13.55 1.62 -49.14
C LEU C 25 -12.06 1.31 -49.09
N GLU C 26 -11.34 1.56 -50.19
CA GLU C 26 -9.90 1.32 -50.20
C GLU C 26 -9.09 2.55 -49.84
N GLU C 27 -9.53 3.70 -50.35
CA GLU C 27 -8.81 4.95 -50.05
C GLU C 27 -9.50 5.81 -49.01
N THR C 28 -10.77 5.54 -48.78
CA THR C 28 -11.60 6.31 -47.88
C THR C 28 -12.29 5.35 -46.91
N GLY C 29 -12.97 5.88 -45.93
CA GLY C 29 -13.72 5.03 -45.00
C GLY C 29 -14.85 5.83 -44.40
N ARG C 30 -15.64 5.16 -43.58
CA ARG C 30 -16.76 5.84 -42.92
C ARG C 30 -16.75 5.57 -41.42
N VAL C 31 -17.04 6.61 -40.65
CA VAL C 31 -16.96 6.52 -39.19
C VAL C 31 -18.09 5.65 -38.67
N LEU C 32 -17.76 4.56 -38.00
CA LEU C 32 -18.73 3.66 -37.40
C LEU C 32 -19.20 4.15 -36.03
N SER C 33 -18.25 4.73 -35.29
CA SER C 33 -18.51 5.22 -33.94
C SER C 33 -17.42 6.21 -33.57
N ILE C 34 -17.79 7.24 -32.83
CA ILE C 34 -16.84 8.29 -32.46
C ILE C 34 -17.09 8.67 -31.01
N GLY C 35 -16.08 8.70 -30.16
CA GLY C 35 -16.25 9.03 -28.76
C GLY C 35 -14.91 9.07 -28.04
N ASP C 36 -14.75 10.04 -27.17
CA ASP C 36 -13.53 10.26 -26.40
C ASP C 36 -12.30 10.36 -27.27
N GLY C 37 -12.42 10.91 -28.47
CA GLY C 37 -11.25 11.12 -29.33
C GLY C 37 -10.88 9.90 -30.14
N ILE C 38 -11.67 8.82 -29.97
CA ILE C 38 -11.39 7.62 -30.73
C ILE C 38 -12.45 7.37 -31.79
N ALA C 39 -12.05 7.35 -33.06
CA ALA C 39 -13.01 7.02 -34.11
C ALA C 39 -12.71 5.61 -34.64
N ARG C 40 -13.73 4.82 -34.83
CA ARG C 40 -13.64 3.48 -35.37
C ARG C 40 -14.11 3.54 -36.82
N VAL C 41 -13.19 3.48 -37.77
CA VAL C 41 -13.54 3.70 -39.15
C VAL C 41 -13.63 2.41 -39.96
N HIS C 42 -14.75 2.27 -40.63
CA HIS C 42 -15.01 1.16 -41.56
C HIS C 42 -14.35 1.49 -42.90
N GLY C 43 -13.75 0.51 -43.57
CA GLY C 43 -13.06 0.76 -44.84
C GLY C 43 -11.59 1.05 -44.67
N LEU C 44 -11.09 2.05 -45.41
CA LEU C 44 -9.67 2.41 -45.37
C LEU C 44 -8.77 1.20 -45.58
N ARG C 45 -9.17 0.34 -46.50
CA ARG C 45 -8.43 -0.92 -46.73
C ARG C 45 -6.98 -0.72 -47.09
N ASN C 46 -6.59 0.42 -47.63
CA ASN C 46 -5.20 0.67 -47.95
C ASN C 46 -4.47 1.52 -46.93
N VAL C 47 -5.08 2.01 -45.86
CA VAL C 47 -4.32 2.77 -44.87
C VAL C 47 -3.15 1.94 -44.31
N GLN C 48 -2.11 2.63 -43.93
CA GLN C 48 -0.97 2.01 -43.27
C GLN C 48 -1.07 2.33 -41.77
N ALA C 49 -0.39 1.51 -40.98
CA ALA C 49 -0.26 1.79 -39.54
C ALA C 49 0.41 3.14 -39.37
N GLU C 50 -0.05 3.98 -38.46
CA GLU C 50 0.58 5.27 -38.16
C GLU C 50 0.39 6.32 -39.24
N GLU C 51 -0.46 6.03 -40.22
CA GLU C 51 -0.79 6.93 -41.29
C GLU C 51 -1.70 8.07 -40.87
N MET C 52 -1.47 9.26 -41.45
CA MET C 52 -2.41 10.33 -41.15
C MET C 52 -3.68 10.28 -41.99
N VAL C 53 -4.82 10.55 -41.37
CA VAL C 53 -6.09 10.58 -42.11
C VAL C 53 -6.77 11.94 -41.95
N GLU C 54 -7.71 12.26 -42.82
CA GLU C 54 -8.36 13.57 -42.82
C GLU C 54 -9.87 13.31 -42.71
N PHE C 55 -10.48 14.05 -41.80
CA PHE C 55 -11.91 13.93 -41.56
C PHE C 55 -12.63 14.98 -42.40
N SER C 56 -13.85 14.65 -42.82
CA SER C 56 -14.56 15.59 -43.70
C SER C 56 -14.49 17.00 -43.12
N SER C 57 -14.52 17.08 -41.81
CA SER C 57 -14.54 18.33 -41.09
C SER C 57 -13.22 19.03 -40.92
N GLY C 58 -12.19 18.67 -41.67
CA GLY C 58 -10.89 19.36 -41.56
C GLY C 58 -9.95 18.68 -40.57
N LEU C 59 -10.50 18.18 -39.48
CA LEU C 59 -9.75 17.51 -38.45
C LEU C 59 -8.89 16.38 -39.00
N LYS C 60 -7.70 16.26 -38.43
CA LYS C 60 -6.82 15.16 -38.84
C LYS C 60 -6.76 14.10 -37.77
N GLY C 61 -6.26 12.92 -38.13
CA GLY C 61 -6.18 11.83 -37.18
C GLY C 61 -5.13 10.82 -37.55
N MET C 62 -4.84 9.86 -36.70
CA MET C 62 -3.80 8.87 -37.01
C MET C 62 -4.31 7.44 -36.91
N SER C 63 -3.97 6.63 -37.89
CA SER C 63 -4.35 5.22 -37.88
C SER C 63 -3.43 4.39 -36.99
N LEU C 64 -3.83 4.12 -35.77
CA LEU C 64 -3.03 3.35 -34.83
C LEU C 64 -3.39 1.87 -34.79
N ASN C 65 -4.69 1.60 -34.81
CA ASN C 65 -5.17 0.23 -34.73
C ASN C 65 -5.72 -0.22 -36.09
N LEU C 66 -5.04 -1.16 -36.71
CA LEU C 66 -5.48 -1.73 -37.96
C LEU C 66 -6.12 -3.07 -37.59
N GLU C 67 -7.44 -3.06 -37.42
CA GLU C 67 -8.13 -4.31 -37.11
C GLU C 67 -8.84 -4.85 -38.33
N PRO C 68 -9.11 -6.13 -38.35
CA PRO C 68 -9.75 -6.83 -39.44
C PRO C 68 -10.97 -6.15 -39.98
N ASP C 69 -11.74 -5.44 -39.18
CA ASP C 69 -13.01 -4.88 -39.60
C ASP C 69 -13.11 -3.39 -39.29
N ASN C 70 -12.05 -2.82 -38.71
CA ASN C 70 -12.11 -1.38 -38.45
C ASN C 70 -10.69 -0.82 -38.31
N VAL C 71 -10.60 0.50 -38.40
CA VAL C 71 -9.38 1.21 -38.12
C VAL C 71 -9.62 2.06 -36.86
N GLY C 72 -8.69 1.99 -35.93
CA GLY C 72 -8.86 2.75 -34.68
C GLY C 72 -8.07 4.04 -34.97
N VAL C 73 -8.79 5.14 -35.12
CA VAL C 73 -8.11 6.34 -35.49
C VAL C 73 -8.11 7.31 -34.30
N VAL C 74 -6.96 7.88 -34.03
CA VAL C 74 -6.83 8.85 -32.93
C VAL C 74 -6.98 10.27 -33.42
N VAL C 75 -7.91 11.06 -32.91
CA VAL C 75 -8.18 12.39 -33.46
C VAL C 75 -7.28 13.48 -32.94
N PHE C 76 -6.83 14.37 -33.83
CA PHE C 76 -6.01 15.49 -33.39
C PHE C 76 -6.80 16.76 -33.12
N GLY C 77 -7.95 16.72 -32.46
CA GLY C 77 -8.70 17.94 -32.15
C GLY C 77 -9.99 17.60 -31.43
N ASN C 78 -10.98 18.48 -31.54
CA ASN C 78 -12.28 18.26 -30.89
C ASN C 78 -13.09 17.27 -31.70
N ASP C 79 -13.36 16.10 -31.17
CA ASP C 79 -14.16 15.10 -31.86
C ASP C 79 -15.62 15.47 -32.01
N LYS C 80 -16.10 16.48 -31.32
CA LYS C 80 -17.53 16.83 -31.42
C LYS C 80 -17.99 16.98 -32.86
N LEU C 81 -17.06 17.29 -33.76
CA LEU C 81 -17.40 17.53 -35.15
C LEU C 81 -17.61 16.26 -35.94
N ILE C 82 -16.99 15.16 -35.54
CA ILE C 82 -17.08 13.88 -36.15
C ILE C 82 -18.38 13.13 -35.80
N LYS C 83 -19.05 12.63 -36.85
CA LYS C 83 -20.30 11.88 -36.66
C LYS C 83 -20.25 10.55 -37.39
N GLU C 84 -21.04 9.59 -36.92
CA GLU C 84 -21.17 8.31 -37.63
C GLU C 84 -21.40 8.59 -39.12
N GLY C 85 -20.91 7.72 -39.98
CA GLY C 85 -21.07 7.88 -41.43
C GLY C 85 -20.06 8.80 -42.07
N ASP C 86 -19.51 9.78 -41.35
CA ASP C 86 -18.54 10.67 -41.95
C ASP C 86 -17.49 9.87 -42.74
N ILE C 87 -17.06 10.56 -43.80
CA ILE C 87 -16.05 10.08 -44.71
C ILE C 87 -14.67 10.42 -44.11
N VAL C 88 -13.80 9.42 -44.09
CA VAL C 88 -12.43 9.66 -43.65
C VAL C 88 -11.52 9.32 -44.81
N LYS C 89 -10.60 10.19 -45.16
CA LYS C 89 -9.73 9.88 -46.30
C LYS C 89 -8.28 9.72 -45.91
N ARG C 90 -7.63 8.87 -46.71
CA ARG C 90 -6.22 8.64 -46.66
C ARG C 90 -5.42 9.87 -47.10
N THR C 91 -4.26 9.95 -46.52
CA THR C 91 -3.25 10.98 -46.78
C THR C 91 -2.11 10.35 -47.58
N GLY C 92 -1.88 9.08 -47.27
CA GLY C 92 -0.80 8.30 -47.85
C GLY C 92 0.53 8.58 -47.14
N ALA C 93 0.53 9.50 -46.20
CA ALA C 93 1.69 9.87 -45.45
C ALA C 93 1.71 9.49 -43.98
N ILE C 94 2.85 8.98 -43.50
CA ILE C 94 3.03 8.76 -42.06
C ILE C 94 3.07 10.14 -41.39
N VAL C 95 2.57 10.26 -40.17
CA VAL C 95 2.56 11.56 -39.51
C VAL C 95 3.94 12.21 -39.57
N ASP C 96 3.95 13.48 -39.97
CA ASP C 96 5.14 14.28 -40.10
C ASP C 96 4.80 15.73 -39.76
N VAL C 97 5.82 16.56 -39.58
CA VAL C 97 5.54 17.96 -39.25
C VAL C 97 6.53 18.84 -40.04
N PRO C 98 6.18 20.09 -40.24
CA PRO C 98 7.07 21.09 -40.81
C PRO C 98 8.34 21.19 -39.99
N VAL C 99 9.48 21.36 -40.60
CA VAL C 99 10.74 21.47 -39.88
C VAL C 99 11.67 22.44 -40.59
N GLY C 100 12.68 22.93 -39.89
CA GLY C 100 13.64 23.85 -40.46
C GLY C 100 13.80 25.10 -39.61
N GLU C 101 14.61 26.03 -40.12
CA GLU C 101 14.92 27.26 -39.41
C GLU C 101 13.81 28.29 -39.48
N GLU C 102 12.85 28.08 -40.37
CA GLU C 102 11.70 28.96 -40.47
C GLU C 102 10.84 28.88 -39.20
N LEU C 103 11.13 27.90 -38.34
CA LEU C 103 10.37 27.75 -37.09
C LEU C 103 10.97 28.58 -35.97
N LEU C 104 12.22 28.98 -36.12
CA LEU C 104 12.92 29.75 -35.08
C LEU C 104 12.19 31.04 -34.78
N GLY C 105 12.13 31.47 -33.54
CA GLY C 105 11.41 32.68 -33.20
C GLY C 105 9.90 32.51 -33.14
N ARG C 106 9.38 31.29 -33.27
CA ARG C 106 7.93 31.13 -33.29
C ARG C 106 7.27 30.17 -32.33
N VAL C 107 5.96 30.34 -32.18
CA VAL C 107 5.16 29.47 -31.34
C VAL C 107 4.21 28.64 -32.21
N VAL C 108 4.37 27.32 -32.14
CA VAL C 108 3.56 26.41 -32.93
C VAL C 108 2.89 25.34 -32.08
N ASP C 109 1.90 24.65 -32.64
CA ASP C 109 1.20 23.58 -31.95
C ASP C 109 1.86 22.25 -32.26
N ALA C 110 1.37 21.14 -31.73
CA ALA C 110 2.08 19.86 -31.93
C ALA C 110 2.12 19.46 -33.40
N LEU C 111 1.23 20.05 -34.22
CA LEU C 111 1.28 19.69 -35.63
C LEU C 111 2.16 20.66 -36.40
N GLY C 112 2.66 21.72 -35.78
CA GLY C 112 3.54 22.61 -36.56
C GLY C 112 2.83 23.88 -36.99
N ASN C 113 1.52 23.89 -36.97
CA ASN C 113 0.79 25.10 -37.27
C ASN C 113 1.18 26.19 -36.28
N ALA C 114 1.41 27.39 -36.79
CA ALA C 114 1.67 28.55 -35.97
C ALA C 114 0.49 28.85 -35.05
N ILE C 115 0.75 29.30 -33.83
CA ILE C 115 -0.27 29.75 -32.92
C ILE C 115 0.07 31.10 -32.29
N ASP C 116 1.10 31.75 -32.77
CA ASP C 116 1.53 33.04 -32.25
C ASP C 116 0.91 34.21 -32.98
N GLY C 117 -0.01 33.96 -33.91
CA GLY C 117 -0.62 35.04 -34.66
C GLY C 117 0.31 35.75 -35.65
N LYS C 118 1.52 35.27 -35.83
CA LYS C 118 2.52 35.92 -36.68
C LYS C 118 2.49 35.37 -38.09
N GLY C 119 1.38 34.76 -38.49
CA GLY C 119 1.19 34.25 -39.82
C GLY C 119 1.82 32.93 -40.10
N PRO C 120 1.62 32.40 -41.30
CA PRO C 120 2.19 31.14 -41.73
C PRO C 120 3.69 31.00 -41.54
N ILE C 121 4.12 29.77 -41.41
CA ILE C 121 5.49 29.32 -41.32
C ILE C 121 5.98 29.01 -42.74
N GLY C 122 7.08 29.60 -43.17
CA GLY C 122 7.53 29.28 -44.54
C GLY C 122 8.40 28.04 -44.58
N SER C 123 8.01 26.95 -43.92
CA SER C 123 8.88 25.79 -43.95
C SER C 123 8.98 25.23 -45.36
N LYS C 124 10.16 24.74 -45.71
CA LYS C 124 10.35 24.18 -47.05
C LYS C 124 10.50 22.66 -46.93
N ALA C 125 10.59 22.20 -45.68
CA ALA C 125 10.76 20.77 -45.46
C ALA C 125 9.85 20.23 -44.36
N ARG C 126 9.65 18.93 -44.41
CA ARG C 126 8.87 18.20 -43.45
C ARG C 126 9.64 16.95 -43.01
N ARG C 127 9.32 16.47 -41.81
CA ARG C 127 10.06 15.31 -41.31
C ARG C 127 9.14 14.43 -40.50
N ARG C 128 9.28 13.13 -40.58
CA ARG C 128 8.45 12.20 -39.80
C ARG C 128 8.77 12.29 -38.31
N VAL C 129 7.72 12.30 -37.49
CA VAL C 129 7.92 12.44 -36.04
C VAL C 129 8.37 11.15 -35.42
N GLY C 130 8.14 10.05 -36.10
CA GLY C 130 8.44 8.72 -35.63
C GLY C 130 9.78 8.17 -36.01
N LEU C 131 10.60 8.90 -36.75
CA LEU C 131 11.91 8.44 -37.15
C LEU C 131 12.71 7.86 -36.00
N LYS C 132 13.37 6.75 -36.29
CA LYS C 132 14.24 6.01 -35.39
C LYS C 132 15.53 6.77 -35.11
N ALA C 133 16.11 6.65 -33.93
CA ALA C 133 17.36 7.29 -33.58
C ALA C 133 18.54 6.68 -34.34
N PRO C 134 19.54 7.49 -34.63
CA PRO C 134 20.75 7.05 -35.30
C PRO C 134 21.32 5.84 -34.58
N GLY C 135 21.81 4.83 -35.26
CA GLY C 135 22.40 3.67 -34.57
C GLY C 135 23.78 3.96 -34.00
N ILE C 136 24.62 2.94 -33.87
CA ILE C 136 25.96 3.09 -33.31
C ILE C 136 26.94 3.83 -34.21
N ILE C 137 27.01 3.47 -35.49
CA ILE C 137 28.02 4.03 -36.37
C ILE C 137 27.95 5.55 -36.52
N PRO C 138 26.83 6.13 -36.81
CA PRO C 138 26.65 7.52 -37.08
C PRO C 138 27.02 8.45 -35.96
N ARG C 139 27.19 7.97 -34.75
CA ARG C 139 27.43 8.78 -33.57
C ARG C 139 28.93 8.88 -33.26
N ILE C 140 29.26 9.64 -32.24
CA ILE C 140 30.58 9.82 -31.69
C ILE C 140 30.41 10.29 -30.22
N SER C 141 31.26 9.85 -29.32
CA SER C 141 31.15 10.24 -27.92
C SER C 141 30.89 11.70 -27.67
N VAL C 142 30.09 11.96 -26.62
CA VAL C 142 29.77 13.36 -26.28
C VAL C 142 31.02 14.06 -25.77
N ARG C 143 31.37 15.23 -26.32
CA ARG C 143 32.60 15.89 -25.89
C ARG C 143 32.51 17.41 -25.83
N GLU C 144 31.56 17.97 -26.54
CA GLU C 144 31.46 19.44 -26.54
C GLU C 144 30.50 19.81 -25.40
N PRO C 145 30.95 20.68 -24.54
CA PRO C 145 30.18 21.19 -23.42
C PRO C 145 28.90 21.85 -23.90
N MET C 146 27.81 21.70 -23.17
CA MET C 146 26.52 22.32 -23.40
C MET C 146 26.27 23.09 -22.09
N GLN C 147 26.77 24.33 -22.09
CA GLN C 147 26.81 25.12 -20.87
C GLN C 147 25.45 25.63 -20.47
N THR C 148 25.03 25.37 -19.24
CA THR C 148 23.73 25.86 -18.78
C THR C 148 23.92 27.23 -18.16
N GLY C 149 25.16 27.46 -17.67
CA GLY C 149 25.41 28.72 -16.97
C GLY C 149 25.04 28.57 -15.49
N ILE C 150 24.61 27.37 -15.09
CA ILE C 150 24.30 27.12 -13.69
C ILE C 150 25.52 26.47 -13.04
N LYS C 151 26.14 27.10 -12.05
CA LYS C 151 27.36 26.54 -11.47
C LYS C 151 27.20 25.11 -10.97
N ALA C 152 26.19 24.84 -10.11
CA ALA C 152 25.98 23.49 -9.61
C ALA C 152 25.79 22.50 -10.73
N VAL C 153 25.14 22.87 -11.82
CA VAL C 153 24.96 21.91 -12.94
C VAL C 153 26.28 21.68 -13.66
N ASP C 154 26.84 22.78 -14.18
CA ASP C 154 28.05 22.77 -14.97
C ASP C 154 29.28 22.23 -14.24
N SER C 155 29.33 22.25 -12.91
CA SER C 155 30.47 21.68 -12.22
C SER C 155 30.20 20.26 -11.73
N LEU C 156 28.99 19.97 -11.21
CA LEU C 156 28.74 18.66 -10.64
C LEU C 156 28.13 17.61 -11.56
N VAL C 157 27.26 18.03 -12.46
CA VAL C 157 26.56 17.11 -13.36
C VAL C 157 26.55 17.75 -14.74
N PRO C 158 27.73 17.96 -15.27
CA PRO C 158 27.95 18.68 -16.51
C PRO C 158 27.19 18.04 -17.66
N ILE C 159 26.65 18.84 -18.56
CA ILE C 159 25.94 18.28 -19.70
C ILE C 159 26.77 18.51 -20.97
N GLY C 160 26.75 17.57 -21.90
CA GLY C 160 27.48 17.71 -23.14
C GLY C 160 26.57 17.75 -24.36
N ARG C 161 27.10 18.19 -25.51
CA ARG C 161 26.21 18.23 -26.69
C ARG C 161 25.95 16.82 -27.17
N GLY C 162 24.66 16.46 -27.23
CA GLY C 162 24.29 15.09 -27.64
C GLY C 162 23.77 14.28 -26.43
N GLN C 163 24.00 14.80 -25.24
CA GLN C 163 23.58 14.14 -24.00
C GLN C 163 22.13 14.38 -23.63
N ARG C 164 21.56 13.40 -22.93
CA ARG C 164 20.22 13.65 -22.36
C ARG C 164 20.40 13.87 -20.86
N GLU C 165 19.93 14.98 -20.33
CA GLU C 165 19.97 15.10 -18.85
C GLU C 165 18.58 15.38 -18.26
N LEU C 166 18.06 14.48 -17.45
CA LEU C 166 16.74 14.67 -16.81
C LEU C 166 16.68 15.77 -15.76
N ILE C 167 15.64 16.55 -15.74
CA ILE C 167 15.33 17.55 -14.71
C ILE C 167 14.13 16.98 -13.91
N ILE C 168 14.35 16.56 -12.67
CA ILE C 168 13.37 15.81 -11.89
C ILE C 168 13.24 16.37 -10.47
N GLY C 169 12.00 16.43 -9.99
CA GLY C 169 11.61 16.97 -8.73
C GLY C 169 10.11 17.18 -8.55
N ASP C 170 9.66 17.45 -7.31
CA ASP C 170 8.27 17.75 -7.07
C ASP C 170 7.86 19.07 -7.75
N ARG C 171 6.56 19.36 -7.57
CA ARG C 171 6.03 20.56 -8.19
C ARG C 171 6.75 21.77 -7.61
N GLN C 172 6.94 22.84 -8.38
CA GLN C 172 7.54 24.03 -7.80
C GLN C 172 8.86 23.86 -7.08
N THR C 173 9.75 22.97 -7.51
CA THR C 173 11.09 22.82 -6.97
C THR C 173 12.10 23.62 -7.80
N GLY C 174 11.71 24.12 -8.96
CA GLY C 174 12.50 24.97 -9.84
C GLY C 174 12.95 24.28 -11.11
N LYS C 175 12.29 23.21 -11.50
CA LYS C 175 12.62 22.40 -12.66
C LYS C 175 12.61 23.20 -13.96
N THR C 176 11.52 23.92 -14.19
CA THR C 176 11.42 24.70 -15.42
C THR C 176 12.46 25.82 -15.46
N SER C 177 12.80 26.40 -14.33
CA SER C 177 13.81 27.44 -14.23
C SER C 177 15.17 26.98 -14.73
N ILE C 178 15.62 25.77 -14.41
CA ILE C 178 16.85 25.21 -14.90
C ILE C 178 16.86 25.26 -16.44
N ALA C 179 15.73 24.86 -17.03
CA ALA C 179 15.65 24.80 -18.49
C ALA C 179 15.75 26.20 -19.07
N ILE C 180 14.95 27.11 -18.47
CA ILE C 180 14.93 28.49 -18.92
C ILE C 180 16.33 29.09 -18.88
N ASP C 181 16.93 29.10 -17.67
CA ASP C 181 18.25 29.72 -17.57
C ASP C 181 19.17 29.18 -18.66
N THR C 182 19.07 27.89 -18.94
CA THR C 182 19.90 27.22 -19.93
C THR C 182 19.67 27.78 -21.33
N ILE C 183 18.42 28.13 -21.65
CA ILE C 183 18.11 28.67 -22.96
C ILE C 183 18.67 30.08 -23.14
N ILE C 184 18.49 30.89 -22.12
CA ILE C 184 18.98 32.25 -22.07
C ILE C 184 20.51 32.30 -22.06
N ASN C 185 21.16 31.33 -21.45
CA ASN C 185 22.61 31.28 -21.41
C ASN C 185 23.26 31.20 -22.78
N GLN C 186 22.59 30.61 -23.74
CA GLN C 186 23.15 30.36 -25.07
C GLN C 186 23.30 31.61 -25.89
N LYS C 187 22.69 32.70 -25.40
CA LYS C 187 22.70 33.94 -26.17
C LYS C 187 24.12 34.44 -26.46
N ARG C 188 25.06 34.16 -25.58
CA ARG C 188 26.44 34.54 -25.75
C ARG C 188 27.00 33.90 -27.03
N PHE C 189 26.70 32.62 -27.21
CA PHE C 189 27.23 31.89 -28.36
C PHE C 189 26.46 32.26 -29.61
N ASN C 190 25.14 32.36 -29.50
CA ASN C 190 24.27 32.60 -30.65
C ASN C 190 24.50 34.00 -31.21
N ASP C 191 25.15 34.85 -30.41
CA ASP C 191 25.46 36.19 -30.87
C ASP C 191 26.93 36.21 -31.30
N GLY C 192 27.63 35.10 -31.13
CA GLY C 192 29.03 35.02 -31.43
C GLY C 192 29.27 34.86 -32.94
N THR C 193 30.55 34.82 -33.28
CA THR C 193 30.96 34.66 -34.66
C THR C 193 31.21 33.18 -34.97
N ASP C 194 31.45 32.40 -33.94
CA ASP C 194 31.64 30.96 -34.12
C ASP C 194 30.31 30.23 -34.10
N GLU C 195 29.84 29.73 -35.23
CA GLU C 195 28.56 29.04 -35.32
C GLU C 195 28.65 27.64 -34.68
N LYS C 196 29.86 27.21 -34.41
CA LYS C 196 30.08 25.90 -33.81
C LYS C 196 29.57 25.87 -32.37
N LYS C 197 29.72 26.97 -31.65
CA LYS C 197 29.24 27.04 -30.27
C LYS C 197 27.76 27.44 -30.29
N LYS C 198 27.22 27.76 -31.46
CA LYS C 198 25.81 28.16 -31.50
C LYS C 198 24.90 27.01 -31.12
N LEU C 199 23.85 27.33 -30.35
CA LEU C 199 22.92 26.34 -29.84
C LEU C 199 21.49 26.86 -30.00
N TYR C 200 20.73 26.23 -30.87
CA TYR C 200 19.34 26.55 -31.12
C TYR C 200 18.42 25.82 -30.13
N CYS C 201 17.42 26.53 -29.62
CA CYS C 201 16.59 25.96 -28.56
C CYS C 201 15.20 25.56 -28.93
N ILE C 202 14.72 24.48 -28.32
CA ILE C 202 13.33 24.07 -28.55
C ILE C 202 12.63 23.81 -27.24
N TYR C 203 11.60 24.58 -26.91
CA TYR C 203 10.83 24.37 -25.69
C TYR C 203 9.45 23.79 -26.00
N VAL C 204 9.27 22.52 -25.75
CA VAL C 204 8.05 21.78 -25.92
C VAL C 204 7.30 21.70 -24.57
N ALA C 205 6.11 22.30 -24.63
CA ALA C 205 5.22 22.40 -23.48
C ALA C 205 4.13 21.35 -23.58
N ILE C 206 4.09 20.38 -22.68
CA ILE C 206 2.98 19.43 -22.69
C ILE C 206 2.11 19.55 -21.43
N GLY C 207 0.80 19.58 -21.60
CA GLY C 207 -0.15 19.57 -20.51
C GLY C 207 -0.22 20.87 -19.73
N GLN C 208 0.74 21.77 -19.93
CA GLN C 208 0.77 23.04 -19.23
C GLN C 208 -0.46 23.88 -19.52
N LYS C 209 -0.67 24.93 -18.72
CA LYS C 209 -1.75 25.89 -19.01
C LYS C 209 -1.21 27.06 -19.83
N ARG C 210 -1.92 27.39 -20.90
CA ARG C 210 -1.51 28.41 -21.82
C ARG C 210 -1.00 29.71 -21.20
N SER C 211 -1.59 30.19 -20.11
CA SER C 211 -1.10 31.48 -19.60
C SER C 211 0.36 31.34 -19.17
N THR C 212 0.76 30.15 -18.76
CA THR C 212 2.12 29.87 -18.30
C THR C 212 3.06 29.85 -19.49
N VAL C 213 2.58 29.25 -20.59
CA VAL C 213 3.37 29.22 -21.82
C VAL C 213 3.53 30.63 -22.38
N ALA C 214 2.48 31.44 -22.29
CA ALA C 214 2.49 32.81 -22.77
C ALA C 214 3.48 33.62 -21.92
N GLN C 215 3.52 33.37 -20.61
CA GLN C 215 4.48 34.08 -19.78
C GLN C 215 5.93 33.70 -20.13
N LEU C 216 6.10 32.42 -20.39
CA LEU C 216 7.38 31.81 -20.71
C LEU C 216 7.96 32.51 -21.94
N VAL C 217 7.16 32.60 -22.99
CA VAL C 217 7.57 33.20 -24.25
C VAL C 217 7.93 34.66 -24.03
N LYS C 218 7.16 35.25 -23.13
CA LYS C 218 7.38 36.66 -22.84
C LYS C 218 8.74 36.89 -22.17
N ARG C 219 9.09 35.92 -21.35
CA ARG C 219 10.35 35.96 -20.62
C ARG C 219 11.51 35.73 -21.60
N LEU C 220 11.32 34.79 -22.52
CA LEU C 220 12.37 34.52 -23.50
C LEU C 220 12.45 35.71 -24.46
N THR C 221 11.31 36.33 -24.75
CA THR C 221 11.30 37.46 -25.68
C THR C 221 12.09 38.59 -25.06
N ASP C 222 11.79 38.89 -23.78
CA ASP C 222 12.56 39.94 -23.12
C ASP C 222 14.04 39.56 -23.04
N ALA C 223 14.35 38.29 -22.81
CA ALA C 223 15.75 37.94 -22.59
C ALA C 223 16.47 37.91 -23.95
N ASP C 224 15.68 38.14 -24.99
CA ASP C 224 16.18 38.09 -26.36
C ASP C 224 16.65 36.68 -26.73
N ALA C 225 15.93 35.67 -26.23
CA ALA C 225 16.28 34.29 -26.55
C ALA C 225 15.26 33.67 -27.48
N MET C 226 14.12 34.31 -27.69
CA MET C 226 13.10 33.73 -28.58
C MET C 226 13.68 33.52 -29.99
N LYS C 227 14.46 34.49 -30.46
CA LYS C 227 15.02 34.50 -31.79
C LYS C 227 15.66 33.19 -32.22
N TYR C 228 16.20 32.43 -31.29
CA TYR C 228 16.86 31.15 -31.57
C TYR C 228 16.09 30.03 -30.87
N THR C 229 14.79 30.30 -30.67
CA THR C 229 13.97 29.31 -29.98
C THR C 229 12.68 29.04 -30.73
N ILE C 230 12.37 27.75 -30.82
CA ILE C 230 11.11 27.27 -31.34
C ILE C 230 10.28 26.77 -30.15
N VAL C 231 9.08 27.29 -29.99
CA VAL C 231 8.20 26.80 -28.92
C VAL C 231 7.08 25.92 -29.47
N VAL C 232 7.07 24.65 -29.15
CA VAL C 232 6.00 23.73 -29.44
C VAL C 232 5.06 23.63 -28.21
N SER C 233 3.81 23.99 -28.36
CA SER C 233 2.84 23.98 -27.29
C SER C 233 1.63 23.10 -27.51
N ALA C 234 1.55 22.05 -26.69
CA ALA C 234 0.38 21.16 -26.69
C ALA C 234 -0.14 21.28 -25.24
N THR C 235 -0.86 22.36 -25.03
CA THR C 235 -1.36 22.72 -23.72
C THR C 235 -2.54 21.88 -23.24
N ALA C 236 -2.87 22.05 -21.96
CA ALA C 236 -3.88 21.26 -21.31
C ALA C 236 -5.25 21.17 -21.97
N SER C 237 -5.66 22.13 -22.76
CA SER C 237 -6.98 22.02 -23.42
C SER C 237 -6.85 21.27 -24.74
N ASP C 238 -5.64 20.99 -25.22
CA ASP C 238 -5.37 20.27 -26.42
C ASP C 238 -5.61 18.79 -26.25
N ALA C 239 -6.24 18.15 -27.23
CA ALA C 239 -6.56 16.72 -27.14
C ALA C 239 -5.36 15.88 -26.72
N ALA C 240 -5.59 14.76 -26.05
CA ALA C 240 -4.50 13.87 -25.63
C ALA C 240 -3.50 13.51 -26.70
N PRO C 241 -3.99 13.13 -27.87
CA PRO C 241 -3.14 12.76 -28.99
C PRO C 241 -2.18 13.87 -29.33
N LEU C 242 -2.65 15.12 -29.11
CA LEU C 242 -1.82 16.27 -29.47
C LEU C 242 -0.67 16.37 -28.47
N GLN C 243 -1.04 16.24 -27.19
CA GLN C 243 -0.07 16.30 -26.09
C GLN C 243 0.88 15.09 -26.23
N TYR C 244 0.31 14.01 -26.74
CA TYR C 244 1.13 12.81 -26.88
C TYR C 244 2.20 13.00 -27.95
N LEU C 245 1.82 13.68 -29.02
CA LEU C 245 2.69 13.83 -30.18
C LEU C 245 3.70 14.94 -29.98
N ALA C 246 3.35 15.96 -29.21
CA ALA C 246 4.19 17.14 -29.11
C ALA C 246 5.66 16.87 -28.94
N PRO C 247 6.05 15.99 -28.07
CA PRO C 247 7.47 15.75 -27.80
C PRO C 247 8.14 15.29 -29.06
N TYR C 248 7.53 14.34 -29.75
CA TYR C 248 8.08 13.80 -30.99
C TYR C 248 8.15 14.87 -32.06
N SER C 249 7.08 15.66 -32.17
CA SER C 249 7.12 16.76 -33.12
C SER C 249 8.35 17.64 -32.91
N GLY C 250 8.53 18.12 -31.69
CA GLY C 250 9.65 18.98 -31.36
C GLY C 250 10.97 18.23 -31.63
N CYS C 251 10.95 16.91 -31.37
CA CYS C 251 12.23 16.19 -31.52
C CYS C 251 12.66 16.25 -32.99
N SER C 252 11.67 16.08 -33.86
CA SER C 252 11.95 16.11 -35.30
C SER C 252 12.53 17.46 -35.70
N MET C 253 11.91 18.54 -35.25
CA MET C 253 12.35 19.89 -35.48
C MET C 253 13.80 20.13 -35.02
N GLY C 254 14.19 19.43 -33.95
CA GLY C 254 15.54 19.49 -33.43
C GLY C 254 16.46 18.61 -34.30
N GLU C 255 16.01 17.43 -34.70
CA GLU C 255 16.81 16.52 -35.52
C GLU C 255 17.29 17.17 -36.82
N TYR C 256 16.60 18.23 -37.23
CA TYR C 256 16.96 18.94 -38.44
C TYR C 256 18.30 19.66 -38.24
N PHE C 257 18.50 20.18 -37.04
CA PHE C 257 19.78 20.84 -36.74
C PHE C 257 20.85 19.75 -36.61
N ARG C 258 20.50 18.71 -35.84
CA ARG C 258 21.38 17.61 -35.52
C ARG C 258 21.98 16.99 -36.79
N ASP C 259 21.21 16.82 -37.83
CA ASP C 259 21.66 16.18 -39.05
C ASP C 259 22.21 17.14 -40.07
N ASN C 260 22.32 18.42 -39.76
CA ASN C 260 22.84 19.42 -40.67
C ASN C 260 24.00 20.19 -40.09
N GLY C 261 24.89 19.59 -39.32
CA GLY C 261 26.02 20.35 -38.80
C GLY C 261 25.68 21.31 -37.68
N LYS C 262 24.40 21.49 -37.34
CA LYS C 262 24.06 22.42 -36.25
C LYS C 262 23.81 21.72 -34.91
N HIS C 263 23.73 22.50 -33.85
CA HIS C 263 23.51 21.97 -32.50
C HIS C 263 22.24 22.49 -31.87
N ALA C 264 21.34 21.57 -31.47
CA ALA C 264 20.09 22.02 -30.87
C ALA C 264 19.94 21.49 -29.43
N LEU C 265 19.17 22.25 -28.67
CA LEU C 265 18.82 21.89 -27.31
C LEU C 265 17.29 21.74 -27.25
N ILE C 266 16.81 20.63 -26.68
CA ILE C 266 15.35 20.48 -26.60
C ILE C 266 14.91 20.25 -25.15
N ILE C 267 13.85 20.92 -24.74
CA ILE C 267 13.29 20.75 -23.41
C ILE C 267 11.90 20.14 -23.55
N TYR C 268 11.66 19.07 -22.81
CA TYR C 268 10.35 18.40 -22.82
C TYR C 268 9.68 18.62 -21.46
N ASP C 269 8.87 19.68 -21.41
CA ASP C 269 8.27 20.14 -20.16
C ASP C 269 6.75 20.03 -20.13
N ASP C 270 6.23 18.89 -19.65
CA ASP C 270 7.08 17.86 -19.08
C ASP C 270 6.60 16.50 -19.55
N LEU C 271 7.43 15.47 -19.42
CA LEU C 271 7.11 14.15 -19.86
C LEU C 271 6.15 13.42 -18.95
N SER C 272 5.93 13.95 -17.74
CA SER C 272 4.98 13.37 -16.81
C SER C 272 3.55 13.48 -17.36
N LYS C 273 3.22 14.67 -17.81
CA LYS C 273 1.89 14.89 -18.38
C LYS C 273 1.80 14.25 -19.75
N GLN C 274 2.93 14.12 -20.47
CA GLN C 274 2.83 13.43 -21.75
C GLN C 274 2.39 11.99 -21.51
N ALA C 275 3.01 11.33 -20.56
CA ALA C 275 2.69 9.90 -20.34
C ALA C 275 1.23 9.72 -19.89
N VAL C 276 0.68 10.75 -19.25
CA VAL C 276 -0.70 10.74 -18.81
C VAL C 276 -1.62 10.83 -20.03
N ALA C 277 -1.21 11.60 -21.03
CA ALA C 277 -2.00 11.73 -22.26
C ALA C 277 -1.93 10.42 -23.04
N TYR C 278 -0.75 9.80 -22.96
CA TYR C 278 -0.53 8.52 -23.58
C TYR C 278 -1.42 7.48 -22.92
N ARG C 279 -1.44 7.46 -21.60
CA ARG C 279 -2.33 6.52 -20.90
C ARG C 279 -3.78 6.72 -21.35
N GLN C 280 -4.23 7.99 -21.41
CA GLN C 280 -5.63 8.22 -21.76
C GLN C 280 -5.94 7.61 -23.14
N MET C 281 -5.10 7.95 -24.09
CA MET C 281 -5.28 7.54 -25.49
C MET C 281 -5.22 6.04 -25.64
N SER C 282 -4.26 5.44 -24.95
CA SER C 282 -4.12 3.98 -25.01
C SER C 282 -5.31 3.31 -24.33
N LEU C 283 -5.75 3.77 -23.17
CA LEU C 283 -6.91 3.18 -22.50
C LEU C 283 -8.15 3.29 -23.41
N LEU C 284 -8.29 4.41 -24.09
CA LEU C 284 -9.39 4.69 -24.97
C LEU C 284 -9.35 3.86 -26.25
N LEU C 285 -8.20 3.34 -26.60
CA LEU C 285 -8.06 2.47 -27.75
C LEU C 285 -8.33 1.02 -27.36
N ARG C 286 -8.68 0.82 -26.10
CA ARG C 286 -9.01 -0.54 -25.64
C ARG C 286 -7.80 -1.38 -25.33
N ARG C 287 -6.64 -0.74 -25.22
CA ARG C 287 -5.44 -1.45 -24.78
C ARG C 287 -5.43 -1.52 -23.25
N PRO C 288 -5.25 -2.70 -22.72
CA PRO C 288 -5.33 -2.99 -21.30
C PRO C 288 -4.29 -2.28 -20.47
N PRO C 289 -4.68 -1.65 -19.38
CA PRO C 289 -3.82 -0.95 -18.46
C PRO C 289 -2.71 -1.84 -17.91
N GLY C 290 -1.47 -1.36 -17.89
CA GLY C 290 -0.39 -2.16 -17.27
C GLY C 290 -0.15 -1.56 -15.88
N ARG C 291 1.09 -1.63 -15.43
CA ARG C 291 1.50 -1.11 -14.13
C ARG C 291 1.05 0.32 -13.92
N GLU C 292 0.40 0.57 -12.79
CA GLU C 292 -0.09 1.88 -12.41
C GLU C 292 -1.07 2.47 -13.39
N ALA C 293 -1.71 1.62 -14.20
CA ALA C 293 -2.70 2.04 -15.16
C ALA C 293 -2.05 2.56 -16.43
N TYR C 294 -0.75 2.85 -16.39
CA TYR C 294 -0.04 3.27 -17.60
C TYR C 294 0.07 2.05 -18.50
N PRO C 295 0.11 2.27 -19.78
CA PRO C 295 0.27 1.20 -20.77
C PRO C 295 1.53 0.42 -20.50
N GLY C 296 1.62 -0.83 -20.95
CA GLY C 296 2.78 -1.66 -20.64
C GLY C 296 4.05 -1.16 -21.32
N ASP C 297 4.02 -0.14 -22.17
CA ASP C 297 5.25 0.35 -22.78
C ASP C 297 5.51 1.82 -22.51
N VAL C 298 5.21 2.28 -21.30
CA VAL C 298 5.48 3.64 -20.92
C VAL C 298 7.00 3.94 -20.99
N PHE C 299 7.84 2.96 -20.75
CA PHE C 299 9.27 3.11 -20.82
C PHE C 299 9.66 3.36 -22.29
N TYR C 300 9.13 2.53 -23.18
CA TYR C 300 9.35 2.61 -24.60
C TYR C 300 8.84 3.93 -25.18
N LEU C 301 7.74 4.43 -24.61
CA LEU C 301 7.21 5.72 -25.04
C LEU C 301 8.30 6.78 -24.95
N HIS C 302 8.94 6.87 -23.78
CA HIS C 302 9.99 7.82 -23.55
C HIS C 302 11.36 7.43 -24.09
N SER C 303 11.67 6.12 -24.09
CA SER C 303 12.98 5.64 -24.47
C SER C 303 13.27 5.95 -25.94
N ARG C 304 12.32 5.71 -26.81
CA ARG C 304 12.30 5.96 -28.23
C ARG C 304 12.56 7.44 -28.50
N LEU C 305 11.90 8.27 -27.70
CA LEU C 305 11.99 9.72 -27.89
C LEU C 305 13.40 10.21 -27.57
N LEU C 306 13.83 9.90 -26.34
CA LEU C 306 15.05 10.41 -25.79
C LEU C 306 16.31 9.90 -26.48
N GLU C 307 16.25 8.74 -27.11
CA GLU C 307 17.42 8.20 -27.81
C GLU C 307 17.74 9.04 -29.06
N ARG C 308 16.68 9.63 -29.63
CA ARG C 308 16.84 10.51 -30.78
C ARG C 308 17.74 11.68 -30.47
N ALA C 309 18.01 11.99 -29.20
CA ALA C 309 18.94 13.09 -28.90
C ALA C 309 20.32 12.44 -28.96
N ALA C 310 21.27 13.07 -29.65
CA ALA C 310 22.56 12.40 -29.85
C ALA C 310 23.67 13.29 -30.43
N LYS C 311 24.90 12.74 -30.37
CA LYS C 311 26.04 13.37 -30.98
C LYS C 311 26.38 12.72 -32.32
N MET C 312 26.39 13.49 -33.41
CA MET C 312 26.73 12.87 -34.71
C MET C 312 28.22 12.97 -34.97
N ASN C 313 28.80 11.97 -35.62
CA ASN C 313 30.22 12.08 -35.96
C ASN C 313 30.39 13.02 -37.17
N ASP C 314 31.65 13.34 -37.46
CA ASP C 314 31.99 14.29 -38.53
C ASP C 314 31.46 13.79 -39.85
N ALA C 315 31.63 12.50 -40.08
CA ALA C 315 31.11 11.94 -41.32
C ALA C 315 29.63 12.28 -41.44
N PHE C 316 28.95 12.53 -40.31
CA PHE C 316 27.51 12.77 -40.40
C PHE C 316 27.17 14.23 -40.14
N GLY C 317 28.18 15.09 -40.16
CA GLY C 317 27.97 16.51 -40.05
C GLY C 317 28.49 17.06 -38.72
N GLY C 318 28.69 16.16 -37.76
CA GLY C 318 29.11 16.63 -36.43
C GLY C 318 28.02 17.41 -35.72
N GLY C 319 26.77 17.39 -36.21
CA GLY C 319 25.71 18.09 -35.47
C GLY C 319 25.32 17.34 -34.20
N SER C 320 24.35 17.89 -33.45
CA SER C 320 23.88 17.19 -32.25
C SER C 320 22.56 17.71 -31.73
N LEU C 321 21.86 16.88 -30.95
CA LEU C 321 20.60 17.29 -30.30
C LEU C 321 20.72 16.95 -28.81
N THR C 322 20.55 17.93 -27.96
CA THR C 322 20.72 17.72 -26.51
C THR C 322 19.35 17.77 -25.85
N ALA C 323 19.08 16.76 -24.99
CA ALA C 323 17.75 16.70 -24.40
C ALA C 323 17.74 16.94 -22.90
N LEU C 324 16.72 17.70 -22.54
CA LEU C 324 16.40 17.95 -21.14
C LEU C 324 14.93 17.65 -20.89
N PRO C 325 14.61 16.37 -20.71
CA PRO C 325 13.29 15.92 -20.30
C PRO C 325 13.01 16.35 -18.85
N VAL C 326 11.79 16.68 -18.52
CA VAL C 326 11.38 17.10 -17.18
C VAL C 326 10.40 16.07 -16.64
N ILE C 327 10.51 15.74 -15.34
CA ILE C 327 9.60 14.74 -14.77
C ILE C 327 9.13 15.24 -13.43
N GLU C 328 7.82 15.17 -13.21
CA GLU C 328 7.29 15.67 -11.92
C GLU C 328 7.08 14.52 -10.95
N THR C 329 7.84 14.53 -9.84
CA THR C 329 7.71 13.44 -8.87
C THR C 329 6.63 13.78 -7.86
N GLN C 330 6.21 12.78 -7.11
CA GLN C 330 5.18 13.06 -6.08
C GLN C 330 5.84 12.82 -4.72
N ALA C 331 5.75 13.75 -3.80
CA ALA C 331 6.28 13.55 -2.44
C ALA C 331 7.75 13.18 -2.47
N GLY C 332 8.48 13.79 -3.38
CA GLY C 332 9.90 13.63 -3.53
C GLY C 332 10.37 12.19 -3.68
N ASP C 333 9.66 11.33 -4.41
CA ASP C 333 10.12 9.94 -4.50
C ASP C 333 10.74 9.62 -5.83
N VAL C 334 12.04 9.90 -5.96
CA VAL C 334 12.79 9.67 -7.17
C VAL C 334 12.86 8.17 -7.52
N SER C 335 12.60 7.32 -6.57
CA SER C 335 12.64 5.88 -6.73
C SER C 335 11.38 5.29 -7.34
N ALA C 336 10.28 6.01 -7.47
CA ALA C 336 9.06 5.42 -8.01
C ALA C 336 9.30 4.96 -9.46
N TYR C 337 8.34 4.21 -9.97
CA TYR C 337 8.35 3.60 -11.29
C TYR C 337 8.57 4.59 -12.39
N ILE C 338 7.68 5.55 -12.63
CA ILE C 338 7.91 6.44 -13.76
C ILE C 338 9.22 7.17 -13.69
N PRO C 339 9.56 7.77 -12.60
CA PRO C 339 10.85 8.46 -12.45
C PRO C 339 11.98 7.52 -12.78
N THR C 340 12.01 6.33 -12.16
CA THR C 340 13.15 5.44 -12.42
C THR C 340 13.17 4.98 -13.88
N ASN C 341 12.00 4.96 -14.53
CA ASN C 341 11.98 4.59 -15.93
C ASN C 341 12.78 5.62 -16.76
N VAL C 342 12.47 6.90 -16.55
CA VAL C 342 13.13 7.94 -17.32
C VAL C 342 14.59 8.09 -16.94
N ILE C 343 14.94 7.96 -15.66
CA ILE C 343 16.33 7.98 -15.24
C ILE C 343 17.07 6.83 -15.93
N SER C 344 16.38 5.71 -16.16
CA SER C 344 17.07 4.59 -16.80
C SER C 344 17.19 4.79 -18.30
N ILE C 345 16.87 6.01 -18.77
CA ILE C 345 16.98 6.37 -20.16
C ILE C 345 18.08 7.40 -20.43
N THR C 346 17.97 8.52 -19.74
CA THR C 346 18.84 9.67 -19.86
C THR C 346 20.26 9.45 -19.39
N ASP C 347 21.09 10.45 -19.68
CA ASP C 347 22.51 10.33 -19.31
C ASP C 347 22.78 11.13 -18.05
N GLY C 348 21.92 10.95 -17.05
CA GLY C 348 22.10 11.69 -15.78
C GLY C 348 20.77 12.33 -15.41
N GLN C 349 20.72 12.91 -14.22
CA GLN C 349 19.55 13.53 -13.66
C GLN C 349 19.95 14.69 -12.72
N ILE C 350 19.13 15.70 -12.69
CA ILE C 350 19.23 16.80 -11.76
C ILE C 350 18.01 16.67 -10.83
N PHE C 351 18.23 16.18 -9.62
CA PHE C 351 17.05 16.02 -8.72
C PHE C 351 16.89 17.25 -7.86
N LEU C 352 15.74 17.90 -7.90
CA LEU C 352 15.51 19.07 -7.03
C LEU C 352 14.59 18.68 -5.87
N GLU C 353 14.65 19.33 -4.73
CA GLU C 353 13.84 19.08 -3.56
C GLU C 353 13.34 20.34 -2.84
N THR C 354 12.09 20.31 -2.37
CA THR C 354 11.46 21.45 -1.72
C THR C 354 12.16 21.80 -0.40
N GLU C 355 12.62 20.79 0.32
CA GLU C 355 13.32 20.97 1.58
C GLU C 355 14.57 21.80 1.38
N LEU C 356 15.32 21.44 0.33
CA LEU C 356 16.53 22.18 0.00
C LEU C 356 16.15 23.61 -0.39
N PHE C 357 15.10 23.68 -1.22
CA PHE C 357 14.66 24.98 -1.72
C PHE C 357 14.33 25.95 -0.59
N TYR C 358 13.48 25.51 0.33
CA TYR C 358 13.09 26.40 1.43
C TYR C 358 14.23 26.65 2.38
N LYS C 359 15.14 25.68 2.52
CA LYS C 359 16.30 25.91 3.41
C LYS C 359 17.22 26.95 2.77
N GLY C 360 16.96 27.33 1.51
CA GLY C 360 17.75 28.38 0.90
C GLY C 360 18.81 27.86 -0.05
N ILE C 361 18.84 26.54 -0.21
CA ILE C 361 19.69 25.92 -1.20
C ILE C 361 18.98 26.04 -2.57
N ARG C 362 19.35 27.06 -3.31
CA ARG C 362 18.77 27.29 -4.64
C ARG C 362 19.89 27.54 -5.64
N PRO C 363 19.90 26.83 -6.75
CA PRO C 363 18.92 25.82 -7.10
C PRO C 363 18.94 24.63 -6.15
N ALA C 364 17.77 24.06 -5.89
CA ALA C 364 17.58 22.97 -4.95
C ALA C 364 18.18 21.64 -5.42
N ILE C 365 19.41 21.70 -5.92
CA ILE C 365 20.03 20.50 -6.46
C ILE C 365 20.44 19.55 -5.34
N ASN C 366 20.07 18.27 -5.45
CA ASN C 366 20.51 17.31 -4.41
C ASN C 366 21.72 16.57 -5.00
N VAL C 367 22.90 16.99 -4.54
CA VAL C 367 24.13 16.52 -5.15
C VAL C 367 24.27 15.02 -5.20
N GLY C 368 24.14 14.36 -4.06
CA GLY C 368 24.37 12.94 -3.92
C GLY C 368 23.45 12.17 -4.84
N LEU C 369 22.21 12.64 -5.03
CA LEU C 369 21.27 11.91 -5.87
C LEU C 369 21.33 12.24 -7.35
N SER C 370 21.90 13.39 -7.72
CA SER C 370 21.98 13.76 -9.12
C SER C 370 23.23 13.11 -9.71
N VAL C 371 23.34 12.88 -11.00
CA VAL C 371 24.51 12.39 -11.63
C VAL C 371 24.51 12.83 -13.12
N SER C 372 25.69 12.74 -13.70
CA SER C 372 25.93 12.91 -15.11
C SER C 372 26.68 11.67 -15.59
N ARG C 373 26.29 11.08 -16.70
CA ARG C 373 26.93 9.85 -17.17
C ARG C 373 27.99 10.12 -18.25
N VAL C 374 28.34 11.39 -18.36
CA VAL C 374 29.34 11.88 -19.28
C VAL C 374 30.57 12.43 -18.55
N GLY C 375 30.38 12.96 -17.35
CA GLY C 375 31.46 13.51 -16.57
C GLY C 375 32.28 14.59 -17.28
N SER C 376 33.57 14.57 -16.92
CA SER C 376 34.47 15.63 -17.33
C SER C 376 34.60 15.70 -18.84
N ALA C 377 34.28 14.63 -19.58
CA ALA C 377 34.31 14.75 -21.04
C ALA C 377 33.44 15.89 -21.57
N ALA C 378 32.58 16.49 -20.79
CA ALA C 378 31.70 17.54 -21.28
C ALA C 378 32.05 18.91 -20.68
N GLN C 379 33.13 18.96 -19.92
CA GLN C 379 33.61 20.20 -19.33
C GLN C 379 34.89 20.69 -20.00
N THR C 380 35.08 22.00 -20.02
CA THR C 380 36.38 22.56 -20.46
C THR C 380 37.41 22.13 -19.43
N ARG C 381 38.68 22.13 -19.78
CA ARG C 381 39.77 21.74 -18.90
C ARG C 381 39.70 22.59 -17.63
N ALA C 382 39.45 23.88 -17.89
CA ALA C 382 39.39 24.83 -16.77
C ALA C 382 38.39 24.32 -15.75
N MET C 383 37.12 24.11 -16.14
CA MET C 383 36.12 23.64 -15.17
C MET C 383 36.52 22.29 -14.56
N LYS C 384 37.15 21.43 -15.36
CA LYS C 384 37.61 20.14 -14.86
C LYS C 384 38.66 20.31 -13.76
N GLN C 385 39.55 21.29 -13.93
CA GLN C 385 40.60 21.53 -12.96
C GLN C 385 40.07 21.89 -11.58
N VAL C 386 38.95 22.60 -11.53
CA VAL C 386 38.36 22.99 -10.26
C VAL C 386 37.26 22.05 -9.77
N ALA C 387 36.52 21.41 -10.67
CA ALA C 387 35.39 20.58 -10.19
C ALA C 387 35.64 19.08 -10.25
N GLY C 388 36.76 18.64 -10.80
CA GLY C 388 37.10 17.26 -10.94
C GLY C 388 36.81 16.32 -9.79
N THR C 389 37.04 16.70 -8.53
CA THR C 389 36.78 15.73 -7.47
C THR C 389 35.68 16.22 -6.55
N MET C 390 35.12 17.38 -6.84
CA MET C 390 34.13 18.03 -6.01
C MET C 390 32.97 17.10 -5.68
N LYS C 391 32.32 16.58 -6.70
CA LYS C 391 31.17 15.72 -6.54
C LYS C 391 31.35 14.66 -5.46
N LEU C 392 32.38 13.82 -5.64
CA LEU C 392 32.57 12.77 -4.64
C LEU C 392 32.84 13.41 -3.28
N GLU C 393 33.56 14.53 -3.30
CA GLU C 393 33.89 15.19 -2.03
C GLU C 393 32.65 15.58 -1.25
N LEU C 394 31.73 16.23 -1.93
CA LEU C 394 30.49 16.74 -1.38
C LEU C 394 29.54 15.64 -0.91
N ALA C 395 29.61 14.48 -1.56
CA ALA C 395 28.79 13.37 -1.08
C ALA C 395 29.36 12.86 0.24
N GLN C 396 30.65 13.04 0.46
CA GLN C 396 31.29 12.56 1.69
C GLN C 396 31.08 13.64 2.75
N TYR C 397 31.14 14.89 2.29
CA TYR C 397 30.90 15.98 3.25
C TYR C 397 29.55 15.80 3.95
N ARG C 398 28.49 15.66 3.17
CA ARG C 398 27.15 15.48 3.65
C ARG C 398 27.05 14.27 4.57
N GLU C 399 27.84 13.24 4.28
CA GLU C 399 27.79 12.06 5.14
C GLU C 399 28.50 12.31 6.46
N VAL C 400 29.66 12.97 6.54
CA VAL C 400 30.29 13.24 7.82
C VAL C 400 29.48 14.31 8.57
N ALA C 401 28.88 15.25 7.83
CA ALA C 401 28.09 16.28 8.49
C ALA C 401 26.94 15.64 9.26
N ALA C 402 26.43 14.52 8.75
CA ALA C 402 25.33 13.84 9.47
C ALA C 402 25.93 13.12 10.67
N PHE C 403 26.95 12.31 10.43
CA PHE C 403 27.60 11.60 11.50
C PHE C 403 28.07 12.50 12.63
N ALA C 404 28.34 13.78 12.36
CA ALA C 404 28.79 14.68 13.42
C ALA C 404 27.63 15.29 14.19
N GLN C 405 26.41 15.16 13.71
CA GLN C 405 25.29 15.76 14.46
C GLN C 405 24.96 14.88 15.65
N PHE C 406 26.06 14.45 16.27
CA PHE C 406 26.11 13.68 17.49
C PHE C 406 27.58 13.59 17.93
N GLY C 407 27.98 14.55 18.75
CA GLY C 407 29.30 14.75 19.26
C GLY C 407 30.30 13.62 19.16
N SER C 408 30.76 13.30 17.96
CA SER C 408 31.74 12.24 17.76
C SER C 408 33.14 12.83 17.57
N ASP C 409 33.76 13.25 18.65
CA ASP C 409 35.10 13.81 18.71
C ASP C 409 35.67 14.24 17.37
N LEU C 410 35.17 15.35 16.83
CA LEU C 410 35.61 15.84 15.53
C LEU C 410 37.11 16.09 15.47
N ASP C 411 37.80 15.24 14.73
CA ASP C 411 39.23 15.33 14.48
C ASP C 411 39.50 16.36 13.39
N ALA C 412 40.69 16.93 13.38
CA ALA C 412 41.08 17.95 12.44
C ALA C 412 40.69 17.62 11.00
N ALA C 413 40.91 16.37 10.61
CA ALA C 413 40.61 15.93 9.26
C ALA C 413 39.14 16.09 8.91
N THR C 414 38.24 15.47 9.68
CA THR C 414 36.83 15.57 9.37
C THR C 414 36.34 17.01 9.54
N GLN C 415 36.94 17.73 10.47
CA GLN C 415 36.56 19.13 10.73
C GLN C 415 36.92 20.00 9.53
N GLN C 416 37.98 19.63 8.82
CA GLN C 416 38.40 20.41 7.65
C GLN C 416 37.46 20.13 6.47
N LEU C 417 37.13 18.85 6.32
CA LEU C 417 36.16 18.43 5.32
C LEU C 417 34.85 19.21 5.54
N LEU C 418 34.47 19.34 6.81
CA LEU C 418 33.24 20.03 7.15
C LEU C 418 33.26 21.49 6.75
N SER C 419 34.39 22.14 6.99
CA SER C 419 34.60 23.53 6.65
C SER C 419 34.64 23.68 5.14
N ARG C 420 35.21 22.70 4.43
CA ARG C 420 35.25 22.89 2.96
C ARG C 420 33.85 22.73 2.36
N GLY C 421 33.11 21.75 2.83
CA GLY C 421 31.79 21.45 2.31
C GLY C 421 30.79 22.57 2.55
N VAL C 422 30.82 23.12 3.76
CA VAL C 422 29.84 24.19 4.06
C VAL C 422 30.13 25.36 3.11
N ARG C 423 31.41 25.62 2.82
CA ARG C 423 31.79 26.72 1.99
C ARG C 423 31.39 26.46 0.52
N LEU C 424 31.71 25.23 0.08
CA LEU C 424 31.39 24.91 -1.31
C LEU C 424 29.88 25.00 -1.54
N THR C 425 29.10 24.66 -0.53
CA THR C 425 27.65 24.65 -0.64
C THR C 425 27.17 26.06 -0.93
N GLU C 426 27.82 27.01 -0.25
CA GLU C 426 27.43 28.41 -0.45
C GLU C 426 27.80 28.86 -1.85
N LEU C 427 28.92 28.32 -2.38
CA LEU C 427 29.34 28.81 -3.69
C LEU C 427 28.49 28.22 -4.80
N LEU C 428 27.75 27.15 -4.48
CA LEU C 428 26.95 26.44 -5.47
C LEU C 428 25.56 27.08 -5.56
N LYS C 429 25.28 27.95 -4.61
CA LYS C 429 24.00 28.67 -4.62
C LYS C 429 24.03 29.70 -5.74
N GLN C 430 22.95 29.87 -6.46
CA GLN C 430 22.86 30.80 -7.58
C GLN C 430 21.41 31.24 -7.70
N GLY C 431 21.25 32.56 -7.86
CA GLY C 431 19.93 33.14 -8.11
C GLY C 431 19.52 32.74 -9.53
N GLN C 432 18.50 33.36 -10.06
CA GLN C 432 17.90 32.98 -11.33
C GLN C 432 17.96 34.06 -12.38
N TYR C 433 17.85 33.72 -13.65
CA TYR C 433 17.87 34.60 -14.78
C TYR C 433 19.19 35.26 -15.12
N SER C 434 20.30 34.92 -14.48
CA SER C 434 21.59 35.50 -14.88
C SER C 434 22.67 34.42 -14.97
N PRO C 435 22.54 33.52 -15.89
CA PRO C 435 23.48 32.41 -16.07
C PRO C 435 24.90 32.90 -16.29
N MET C 436 25.88 32.31 -15.63
CA MET C 436 27.25 32.67 -15.58
C MET C 436 28.12 32.12 -16.70
N ALA C 437 29.13 32.92 -17.09
CA ALA C 437 30.04 32.47 -18.15
C ALA C 437 30.99 31.46 -17.52
N ILE C 438 31.43 30.50 -18.32
CA ILE C 438 32.24 29.43 -17.77
C ILE C 438 33.44 29.93 -17.00
N GLU C 439 34.15 30.93 -17.54
CA GLU C 439 35.37 31.46 -16.95
C GLU C 439 35.06 32.06 -15.58
N GLU C 440 33.90 32.71 -15.46
CA GLU C 440 33.51 33.28 -14.18
C GLU C 440 33.19 32.17 -13.17
N GLN C 441 32.56 31.09 -13.63
CA GLN C 441 32.20 29.95 -12.80
C GLN C 441 33.46 29.31 -12.23
N VAL C 442 34.44 29.12 -13.09
CA VAL C 442 35.74 28.56 -12.69
C VAL C 442 36.39 29.44 -11.63
N ALA C 443 36.31 30.76 -11.85
CA ALA C 443 36.94 31.70 -10.94
C ALA C 443 36.39 31.57 -9.53
N VAL C 444 35.07 31.64 -9.37
CA VAL C 444 34.49 31.50 -8.05
C VAL C 444 34.71 30.08 -7.51
N ILE C 445 34.62 29.06 -8.35
CA ILE C 445 34.80 27.72 -7.75
C ILE C 445 36.23 27.61 -7.21
N TYR C 446 37.16 28.18 -7.98
CA TYR C 446 38.56 28.17 -7.60
C TYR C 446 38.80 28.67 -6.19
N ALA C 447 38.17 29.79 -5.84
CA ALA C 447 38.50 30.36 -4.50
C ALA C 447 38.16 29.39 -3.40
N GLY C 448 37.12 28.56 -3.64
CA GLY C 448 36.67 27.64 -2.60
C GLY C 448 37.51 26.36 -2.58
N VAL C 449 37.64 25.74 -3.73
CA VAL C 449 38.36 24.50 -3.91
C VAL C 449 39.82 24.59 -3.56
N ARG C 450 40.45 25.73 -3.80
CA ARG C 450 41.85 25.96 -3.47
C ARG C 450 42.04 26.34 -2.00
N GLY C 451 40.96 26.36 -1.23
CA GLY C 451 40.98 26.67 0.17
C GLY C 451 41.06 28.13 0.55
N TYR C 452 41.05 29.08 -0.36
CA TYR C 452 41.18 30.49 0.04
C TYR C 452 40.05 31.01 0.87
N LEU C 453 38.92 30.30 0.95
CA LEU C 453 37.79 30.87 1.70
C LEU C 453 37.57 30.13 3.02
N ASP C 454 38.38 29.12 3.29
CA ASP C 454 38.21 28.29 4.46
C ASP C 454 38.15 29.02 5.80
N LYS C 455 38.50 30.28 5.88
CA LYS C 455 38.51 30.97 7.18
C LYS C 455 37.48 32.07 7.19
N LEU C 456 36.75 32.23 6.09
CA LEU C 456 35.69 33.25 5.98
C LEU C 456 34.38 32.62 6.46
N GLU C 457 33.57 33.40 7.16
CA GLU C 457 32.28 32.95 7.67
C GLU C 457 31.34 32.61 6.51
N PRO C 458 30.86 31.39 6.51
CA PRO C 458 30.00 30.82 5.48
C PRO C 458 28.94 31.77 4.97
N SER C 459 28.34 32.53 5.87
CA SER C 459 27.30 33.48 5.51
C SER C 459 27.80 34.69 4.78
N LYS C 460 29.11 34.82 4.65
CA LYS C 460 29.65 36.01 3.95
C LYS C 460 29.95 35.63 2.50
N ILE C 461 30.13 34.34 2.29
CA ILE C 461 30.48 33.80 0.99
C ILE C 461 29.69 34.40 -0.16
N THR C 462 28.38 34.40 -0.06
CA THR C 462 27.60 34.95 -1.19
C THR C 462 28.01 36.39 -1.48
N LYS C 463 28.14 37.21 -0.44
CA LYS C 463 28.57 38.60 -0.56
C LYS C 463 29.95 38.68 -1.23
N PHE C 464 30.87 37.82 -0.80
CA PHE C 464 32.20 37.78 -1.35
C PHE C 464 32.18 37.45 -2.84
N GLU C 465 31.31 36.53 -3.23
CA GLU C 465 31.22 36.14 -4.63
C GLU C 465 30.87 37.32 -5.52
N ASN C 466 29.79 38.03 -5.18
CA ASN C 466 29.46 39.17 -6.02
C ASN C 466 30.59 40.17 -6.10
N ALA C 467 31.14 40.53 -4.95
CA ALA C 467 32.24 41.50 -4.92
C ALA C 467 33.41 41.01 -5.77
N PHE C 468 33.86 39.79 -5.49
CA PHE C 468 34.98 39.20 -6.23
C PHE C 468 34.74 39.19 -7.74
N LEU C 469 33.59 38.66 -8.14
CA LEU C 469 33.19 38.57 -9.52
C LEU C 469 33.17 39.92 -10.20
N SER C 470 32.55 40.89 -9.52
CA SER C 470 32.55 42.25 -10.04
C SER C 470 33.99 42.76 -10.23
N HIS C 471 34.85 42.39 -9.29
CA HIS C 471 36.23 42.83 -9.29
C HIS C 471 36.98 42.27 -10.48
N VAL C 472 37.09 40.95 -10.60
CA VAL C 472 37.83 40.37 -11.72
C VAL C 472 37.24 40.68 -13.07
N ILE C 473 35.92 40.83 -13.18
CA ILE C 473 35.33 41.13 -14.49
C ILE C 473 35.78 42.52 -14.95
N SER C 474 35.64 43.48 -14.05
CA SER C 474 35.97 44.86 -14.33
C SER C 474 37.44 45.08 -14.66
N GLN C 475 38.29 44.67 -13.72
CA GLN C 475 39.71 44.86 -13.79
C GLN C 475 40.50 43.76 -14.43
N HIS C 476 40.26 42.52 -14.04
CA HIS C 476 41.00 41.39 -14.58
C HIS C 476 40.32 40.69 -15.73
N GLN C 477 39.79 41.45 -16.69
CA GLN C 477 39.20 40.95 -17.90
C GLN C 477 40.15 40.05 -18.69
N ALA C 478 41.43 40.30 -18.52
CA ALA C 478 42.47 39.63 -19.32
C ALA C 478 42.70 38.22 -18.83
N LEU C 479 42.57 38.08 -17.51
CA LEU C 479 42.70 36.77 -16.89
C LEU C 479 41.53 35.89 -17.36
N LEU C 480 40.32 36.40 -17.13
CA LEU C 480 39.10 35.74 -17.56
C LEU C 480 39.13 35.54 -19.07
N GLY C 481 39.78 36.47 -19.76
CA GLY C 481 39.87 36.41 -21.22
C GLY C 481 40.68 35.18 -21.66
N LYS C 482 41.78 34.96 -20.95
CA LYS C 482 42.70 33.88 -21.24
C LYS C 482 42.12 32.53 -20.89
N ILE C 483 41.55 32.41 -19.69
CA ILE C 483 40.95 31.14 -19.25
C ILE C 483 39.89 30.68 -20.25
N ARG C 484 39.02 31.59 -20.69
CA ARG C 484 38.00 31.30 -21.67
C ARG C 484 38.58 30.86 -23.01
N THR C 485 39.47 31.67 -23.57
CA THR C 485 40.10 31.33 -24.85
C THR C 485 40.86 30.03 -24.72
N ASP C 486 41.60 29.84 -23.63
CA ASP C 486 42.41 28.64 -23.47
C ASP C 486 41.58 27.46 -22.94
N GLY C 487 40.39 27.77 -22.43
CA GLY C 487 39.52 26.74 -21.86
C GLY C 487 40.24 25.95 -20.78
N LYS C 488 41.32 26.50 -20.25
CA LYS C 488 42.11 25.85 -19.21
C LYS C 488 42.77 26.91 -18.32
N ILE C 489 43.22 26.50 -17.14
CA ILE C 489 43.94 27.42 -16.26
C ILE C 489 45.45 27.15 -16.31
N SER C 490 46.22 28.07 -16.85
CA SER C 490 47.67 27.88 -16.96
C SER C 490 48.36 28.19 -15.64
N GLU C 491 49.66 27.89 -15.63
CA GLU C 491 50.45 28.18 -14.43
C GLU C 491 50.43 29.69 -14.24
N GLU C 492 50.41 30.42 -15.35
CA GLU C 492 50.37 31.88 -15.30
C GLU C 492 49.03 32.28 -14.69
N SER C 493 47.97 31.84 -15.36
CA SER C 493 46.60 32.11 -14.93
C SER C 493 46.41 31.71 -13.46
N ASP C 494 46.97 30.56 -13.08
CA ASP C 494 46.88 30.10 -11.71
C ASP C 494 47.55 31.08 -10.75
N ALA C 495 48.74 31.55 -11.14
CA ALA C 495 49.51 32.45 -10.25
C ALA C 495 48.75 33.76 -10.08
N LYS C 496 48.14 34.20 -11.18
CA LYS C 496 47.35 35.44 -11.12
C LYS C 496 46.14 35.29 -10.22
N LEU C 497 45.37 34.21 -10.31
CA LEU C 497 44.19 33.98 -9.52
C LEU C 497 44.44 33.98 -8.02
N LYS C 498 45.38 33.17 -7.59
CA LYS C 498 45.79 33.07 -6.21
C LYS C 498 46.13 34.45 -5.63
N GLU C 499 46.83 35.28 -6.39
CA GLU C 499 47.22 36.62 -5.92
C GLU C 499 46.00 37.49 -5.78
N ILE C 500 45.10 37.45 -6.74
CA ILE C 500 43.85 38.20 -6.65
C ILE C 500 42.99 37.77 -5.47
N VAL C 501 42.68 36.48 -5.31
CA VAL C 501 41.77 36.04 -4.27
C VAL C 501 42.32 36.27 -2.85
N THR C 502 43.59 36.05 -2.61
CA THR C 502 44.13 36.23 -1.25
C THR C 502 44.07 37.67 -0.78
N ASN C 503 44.50 38.59 -1.63
CA ASN C 503 44.53 40.00 -1.33
C ASN C 503 43.15 40.62 -1.25
N PHE C 504 42.29 40.18 -2.18
CA PHE C 504 40.92 40.68 -2.19
C PHE C 504 40.14 40.10 -1.02
N LEU C 505 40.53 38.90 -0.61
CA LEU C 505 39.83 38.27 0.52
C LEU C 505 40.24 39.09 1.75
N ALA C 506 41.54 39.30 1.89
CA ALA C 506 42.06 40.11 3.00
C ALA C 506 41.39 41.47 3.09
N GLY C 507 41.30 42.18 1.96
CA GLY C 507 40.67 43.50 2.00
C GLY C 507 39.20 43.37 2.40
N PHE C 508 38.53 42.36 1.81
CA PHE C 508 37.11 42.12 2.05
C PHE C 508 36.83 41.83 3.52
N GLU C 509 37.80 41.23 4.20
CA GLU C 509 37.63 40.93 5.62
C GLU C 509 38.08 42.07 6.49
N ALA C 510 38.45 43.20 5.89
CA ALA C 510 38.87 44.37 6.67
C ALA C 510 37.63 44.94 7.41
N THR D 13 5.59 -20.87 -47.21
CA THR D 13 4.13 -20.51 -47.25
C THR D 13 3.91 -19.00 -47.22
N THR D 14 2.81 -18.58 -47.84
CA THR D 14 2.46 -17.17 -47.92
C THR D 14 1.19 -16.84 -47.13
N GLY D 15 1.27 -15.70 -46.42
CA GLY D 15 0.14 -15.21 -45.63
C GLY D 15 -0.09 -13.73 -45.89
N ARG D 16 -1.19 -13.21 -45.38
CA ARG D 16 -1.53 -11.80 -45.53
C ARG D 16 -1.79 -11.19 -44.16
N ILE D 17 -1.37 -9.92 -44.00
CA ILE D 17 -1.61 -9.28 -42.70
C ILE D 17 -3.08 -8.93 -42.51
N VAL D 18 -3.66 -9.36 -41.41
CA VAL D 18 -5.07 -9.06 -41.14
C VAL D 18 -5.24 -8.12 -39.95
N ALA D 19 -4.19 -7.89 -39.15
CA ALA D 19 -4.31 -6.96 -38.04
C ALA D 19 -2.95 -6.41 -37.63
N VAL D 20 -2.89 -5.12 -37.32
CA VAL D 20 -1.67 -4.49 -36.85
C VAL D 20 -1.96 -3.67 -35.58
N ILE D 21 -1.40 -4.05 -34.45
CA ILE D 21 -1.60 -3.21 -33.25
C ILE D 21 -0.23 -3.03 -32.61
N GLY D 22 0.43 -1.91 -32.81
CA GLY D 22 1.80 -1.76 -32.29
C GLY D 22 2.74 -2.83 -32.83
N ALA D 23 3.61 -3.37 -31.98
CA ALA D 23 4.50 -4.43 -32.34
C ALA D 23 3.78 -5.74 -32.63
N VAL D 24 2.48 -5.86 -32.38
CA VAL D 24 1.85 -7.19 -32.59
C VAL D 24 1.04 -7.22 -33.89
N VAL D 25 1.37 -8.18 -34.75
CA VAL D 25 0.75 -8.27 -36.07
C VAL D 25 0.14 -9.66 -36.27
N ASP D 26 -1.06 -9.66 -36.84
CA ASP D 26 -1.81 -10.90 -37.07
C ASP D 26 -1.74 -11.30 -38.55
N VAL D 27 -1.33 -12.54 -38.78
CA VAL D 27 -1.14 -13.04 -40.13
C VAL D 27 -1.97 -14.29 -40.41
N GLN D 28 -2.73 -14.24 -41.50
CA GLN D 28 -3.57 -15.35 -41.94
C GLN D 28 -2.91 -16.09 -43.12
N PHE D 29 -2.80 -17.39 -43.02
CA PHE D 29 -2.20 -18.22 -44.04
C PHE D 29 -3.26 -19.13 -44.65
N ASP D 30 -3.46 -19.01 -45.96
CA ASP D 30 -4.49 -19.78 -46.66
C ASP D 30 -4.23 -21.28 -46.54
N GLU D 31 -2.95 -21.61 -46.48
CA GLU D 31 -2.50 -23.00 -46.36
C GLU D 31 -1.07 -22.99 -45.82
N GLY D 32 -0.69 -24.04 -45.11
CA GLY D 32 0.66 -24.09 -44.54
C GLY D 32 0.81 -23.05 -43.42
N LEU D 33 0.34 -23.38 -42.24
CA LEU D 33 0.41 -22.46 -41.11
C LEU D 33 1.77 -22.62 -40.44
N PRO D 34 2.58 -21.60 -40.46
CA PRO D 34 3.91 -21.57 -39.89
C PRO D 34 3.88 -21.80 -38.38
N PRO D 35 4.72 -22.66 -37.87
CA PRO D 35 4.75 -23.01 -36.47
C PRO D 35 5.20 -21.86 -35.57
N ILE D 36 4.87 -21.95 -34.30
CA ILE D 36 5.36 -20.95 -33.34
C ILE D 36 6.88 -20.94 -33.34
N LEU D 37 7.46 -19.77 -33.30
CA LEU D 37 8.87 -19.48 -33.29
C LEU D 37 9.44 -19.27 -34.68
N ASN D 38 8.65 -19.56 -35.72
CA ASN D 38 9.17 -19.29 -37.07
C ASN D 38 9.29 -17.80 -37.35
N ALA D 39 10.24 -17.49 -38.23
CA ALA D 39 10.45 -16.15 -38.71
C ALA D 39 9.65 -15.93 -40.01
N LEU D 40 8.83 -14.90 -40.02
CA LEU D 40 8.07 -14.51 -41.19
C LEU D 40 8.68 -13.24 -41.77
N GLU D 41 8.75 -13.21 -43.10
CA GLU D 41 9.40 -12.09 -43.80
C GLU D 41 8.31 -11.22 -44.41
N VAL D 42 8.20 -9.99 -43.92
CA VAL D 42 7.17 -9.11 -44.48
C VAL D 42 7.56 -8.67 -45.88
N GLN D 43 6.66 -8.79 -46.85
CA GLN D 43 7.04 -8.39 -48.21
C GLN D 43 6.72 -6.93 -48.42
N GLY D 44 7.41 -6.23 -49.32
CA GLY D 44 7.12 -4.85 -49.61
C GLY D 44 7.72 -3.85 -48.64
N ARG D 45 8.94 -4.05 -48.15
CA ARG D 45 9.54 -3.10 -47.22
C ARG D 45 10.93 -2.74 -47.64
N GLU D 46 11.38 -1.54 -47.37
CA GLU D 46 12.72 -1.10 -47.69
C GLU D 46 13.75 -1.90 -46.88
N THR D 47 13.54 -2.07 -45.59
CA THR D 47 14.45 -2.83 -44.74
C THR D 47 13.74 -4.09 -44.25
N ARG D 48 14.49 -5.18 -44.16
CA ARG D 48 13.99 -6.47 -43.73
C ARG D 48 13.23 -6.43 -42.40
N LEU D 49 11.97 -6.80 -42.44
CA LEU D 49 11.07 -6.81 -41.29
C LEU D 49 10.62 -8.23 -40.97
N VAL D 50 11.23 -8.80 -39.94
CA VAL D 50 10.89 -10.16 -39.54
C VAL D 50 9.75 -10.19 -38.53
N LEU D 51 8.86 -11.15 -38.63
CA LEU D 51 7.77 -11.37 -37.69
C LEU D 51 7.97 -12.75 -37.07
N GLU D 52 8.14 -12.85 -35.75
CA GLU D 52 8.28 -14.19 -35.15
C GLU D 52 6.91 -14.68 -34.70
N VAL D 53 6.51 -15.87 -35.07
CA VAL D 53 5.19 -16.40 -34.69
C VAL D 53 5.12 -16.70 -33.19
N ALA D 54 4.09 -16.21 -32.48
CA ALA D 54 4.00 -16.40 -31.04
C ALA D 54 2.84 -17.29 -30.63
N GLN D 55 1.74 -17.23 -31.38
CA GLN D 55 0.58 -18.02 -31.12
C GLN D 55 -0.22 -18.34 -32.40
N HIS D 56 -0.84 -19.49 -32.36
CA HIS D 56 -1.84 -19.93 -33.32
C HIS D 56 -3.22 -19.61 -32.71
N LEU D 57 -3.74 -18.47 -33.17
CA LEU D 57 -5.00 -17.93 -32.71
C LEU D 57 -6.20 -18.78 -33.10
N GLY D 58 -6.07 -19.56 -34.17
CA GLY D 58 -7.24 -20.30 -34.67
C GLY D 58 -7.64 -19.66 -36.01
N GLU D 59 -8.46 -20.35 -36.78
CA GLU D 59 -8.88 -19.84 -38.08
C GLU D 59 -7.72 -19.43 -38.96
N SER D 60 -6.72 -20.29 -39.03
CA SER D 60 -5.60 -20.12 -39.96
C SER D 60 -4.92 -18.78 -39.76
N THR D 61 -5.06 -18.26 -38.54
CA THR D 61 -4.46 -16.97 -38.24
C THR D 61 -3.45 -17.12 -37.11
N VAL D 62 -2.27 -16.54 -37.29
CA VAL D 62 -1.21 -16.63 -36.31
C VAL D 62 -0.87 -15.23 -35.78
N ARG D 63 -0.50 -15.19 -34.49
CA ARG D 63 -0.13 -13.91 -33.87
C ARG D 63 1.38 -13.81 -33.79
N THR D 64 1.93 -12.67 -34.26
CA THR D 64 3.38 -12.54 -34.31
C THR D 64 3.91 -11.32 -33.57
N ILE D 65 5.21 -11.29 -33.36
CA ILE D 65 5.80 -10.05 -32.82
C ILE D 65 6.79 -9.55 -33.85
N ALA D 66 6.75 -8.25 -34.15
CA ALA D 66 7.65 -7.69 -35.16
C ALA D 66 9.06 -7.53 -34.61
N MET D 67 10.08 -7.60 -35.49
CA MET D 67 11.45 -7.38 -35.02
C MET D 67 11.86 -5.92 -35.25
N ASP D 68 10.95 -5.13 -35.81
CA ASP D 68 11.22 -3.70 -36.05
C ASP D 68 9.88 -3.00 -36.13
N GLY D 69 9.87 -1.70 -36.40
CA GLY D 69 8.68 -0.90 -36.47
C GLY D 69 7.66 -1.48 -37.44
N THR D 70 6.38 -1.35 -37.12
CA THR D 70 5.29 -1.83 -37.94
C THR D 70 4.65 -0.68 -38.73
N GLU D 71 5.13 0.53 -38.50
CA GLU D 71 4.69 1.69 -39.26
C GLU D 71 4.85 1.41 -40.77
N GLY D 72 3.82 1.83 -41.48
CA GLY D 72 3.74 1.66 -42.90
C GLY D 72 3.08 0.35 -43.28
N LEU D 73 2.79 -0.53 -42.31
CA LEU D 73 2.20 -1.82 -42.71
C LEU D 73 0.74 -1.60 -43.11
N VAL D 74 0.28 -2.42 -44.04
CA VAL D 74 -1.10 -2.36 -44.52
C VAL D 74 -1.77 -3.73 -44.43
N ARG D 75 -3.04 -3.76 -44.06
CA ARG D 75 -3.81 -5.00 -44.04
C ARG D 75 -3.86 -5.54 -45.48
N GLY D 76 -3.48 -6.79 -45.63
CA GLY D 76 -3.39 -7.48 -46.88
C GLY D 76 -1.94 -7.60 -47.33
N GLN D 77 -1.01 -6.84 -46.74
CA GLN D 77 0.38 -6.93 -47.18
C GLN D 77 0.85 -8.37 -47.08
N LYS D 78 1.65 -8.80 -48.05
CA LYS D 78 2.12 -10.16 -48.13
C LYS D 78 3.20 -10.48 -47.09
N VAL D 79 3.13 -11.71 -46.59
CA VAL D 79 4.14 -12.19 -45.64
C VAL D 79 4.54 -13.63 -45.99
N LEU D 80 5.84 -13.87 -46.08
CA LEU D 80 6.36 -15.19 -46.35
C LEU D 80 6.81 -15.92 -45.09
N ASP D 81 6.69 -17.24 -45.15
CA ASP D 81 7.21 -18.09 -44.11
C ASP D 81 8.62 -18.55 -44.50
N SER D 82 9.63 -18.28 -43.69
CA SER D 82 11.00 -18.65 -43.97
C SER D 82 11.27 -20.12 -43.74
N GLY D 83 10.41 -20.82 -42.99
CA GLY D 83 10.60 -22.21 -42.68
C GLY D 83 11.38 -22.54 -41.45
N ALA D 84 11.76 -21.57 -40.63
CA ALA D 84 12.54 -21.76 -39.42
C ALA D 84 12.49 -20.53 -38.53
N PRO D 85 12.90 -20.64 -37.29
CA PRO D 85 13.07 -19.50 -36.40
C PRO D 85 14.18 -18.59 -36.94
N ILE D 86 14.34 -17.41 -36.37
CA ILE D 86 15.39 -16.51 -36.78
C ILE D 86 16.73 -17.24 -36.72
N ARG D 87 17.46 -17.21 -37.82
CA ARG D 87 18.75 -17.88 -37.92
C ARG D 87 19.80 -16.79 -38.07
N ILE D 88 20.88 -16.85 -37.30
CA ILE D 88 21.83 -15.75 -37.43
C ILE D 88 23.18 -16.32 -37.80
N PRO D 89 24.08 -15.46 -38.22
CA PRO D 89 25.44 -15.83 -38.55
C PRO D 89 26.20 -16.21 -37.29
N VAL D 90 26.77 -17.42 -37.27
CA VAL D 90 27.60 -17.84 -36.14
C VAL D 90 28.97 -18.25 -36.68
N GLY D 91 30.00 -18.17 -35.83
CA GLY D 91 31.33 -18.53 -36.28
C GLY D 91 32.37 -17.49 -35.91
N PRO D 92 33.61 -17.81 -36.14
CA PRO D 92 34.73 -16.94 -35.80
C PRO D 92 34.52 -15.59 -36.47
N GLU D 93 34.04 -15.65 -37.70
CA GLU D 93 33.79 -14.47 -38.50
C GLU D 93 32.79 -13.48 -37.95
N THR D 94 32.23 -13.62 -36.76
CA THR D 94 31.39 -12.64 -36.12
C THR D 94 32.24 -11.78 -35.17
N LEU D 95 33.48 -12.21 -34.94
CA LEU D 95 34.39 -11.45 -34.09
C LEU D 95 34.79 -10.11 -34.66
N GLY D 96 34.68 -9.06 -33.85
CA GLY D 96 34.96 -7.71 -34.28
C GLY D 96 33.78 -7.06 -34.96
N ARG D 97 32.85 -7.83 -35.48
CA ARG D 97 31.65 -7.30 -36.10
C ARG D 97 30.53 -7.03 -35.09
N ILE D 98 29.62 -6.15 -35.40
CA ILE D 98 28.45 -5.77 -34.65
C ILE D 98 27.19 -6.30 -35.34
N MET D 99 26.42 -7.12 -34.67
CA MET D 99 25.21 -7.67 -35.30
C MET D 99 23.94 -7.09 -34.63
N ASN D 100 22.85 -7.34 -35.28
CA ASN D 100 21.48 -7.12 -35.13
C ASN D 100 20.75 -8.21 -34.35
N VAL D 101 19.46 -8.02 -34.08
CA VAL D 101 18.66 -9.10 -33.56
C VAL D 101 18.59 -10.25 -34.60
N ILE D 102 18.33 -9.88 -35.85
CA ILE D 102 18.15 -10.84 -36.92
C ILE D 102 19.48 -11.13 -37.63
N GLY D 103 20.59 -10.97 -36.88
CA GLY D 103 21.90 -11.22 -37.37
C GLY D 103 22.49 -10.37 -38.45
N GLU D 104 21.84 -9.34 -38.95
CA GLU D 104 22.36 -8.46 -39.98
C GLU D 104 23.46 -7.58 -39.38
N PRO D 105 24.49 -7.31 -40.16
CA PRO D 105 25.55 -6.39 -39.85
C PRO D 105 25.00 -4.98 -39.62
N ILE D 106 25.48 -4.28 -38.62
CA ILE D 106 25.06 -2.92 -38.38
C ILE D 106 26.29 -2.05 -38.11
N ASP D 107 27.45 -2.52 -38.56
CA ASP D 107 28.68 -1.75 -38.45
C ASP D 107 29.11 -1.15 -39.78
N GLU D 108 28.36 -1.37 -40.85
CA GLU D 108 28.66 -0.84 -42.16
C GLU D 108 29.95 -1.42 -42.73
N ARG D 109 30.26 -2.67 -42.47
CA ARG D 109 31.50 -3.24 -43.00
C ARG D 109 31.16 -4.41 -43.93
N GLY D 110 29.95 -4.37 -44.50
CA GLY D 110 29.52 -5.37 -45.47
C GLY D 110 29.00 -6.61 -44.79
N PRO D 111 28.97 -7.74 -45.47
CA PRO D 111 28.45 -9.00 -45.01
C PRO D 111 29.23 -9.72 -43.93
N ILE D 112 28.56 -10.64 -43.23
CA ILE D 112 29.19 -11.42 -42.17
C ILE D 112 29.32 -12.84 -42.73
N LYS D 113 30.33 -13.01 -43.56
CA LYS D 113 30.56 -14.22 -44.31
C LYS D 113 30.86 -15.45 -43.48
N THR D 114 29.85 -15.95 -42.76
CA THR D 114 30.02 -17.15 -41.95
C THR D 114 29.67 -18.37 -42.81
N LYS D 115 30.12 -19.51 -42.33
CA LYS D 115 29.82 -20.79 -42.97
C LYS D 115 28.70 -21.49 -42.21
N GLN D 116 28.38 -20.98 -41.01
CA GLN D 116 27.32 -21.55 -40.22
C GLN D 116 26.37 -20.44 -39.74
N PHE D 117 25.13 -20.84 -39.65
CA PHE D 117 24.02 -20.08 -39.10
C PHE D 117 23.38 -20.93 -38.00
N ALA D 118 22.91 -20.27 -36.96
CA ALA D 118 22.26 -20.96 -35.85
C ALA D 118 20.95 -20.24 -35.53
N ALA D 119 19.93 -21.02 -35.20
CA ALA D 119 18.65 -20.45 -34.78
C ALA D 119 18.84 -19.80 -33.39
N ILE D 120 18.15 -18.66 -33.20
CA ILE D 120 18.27 -17.97 -31.93
C ILE D 120 17.54 -18.71 -30.82
N HIS D 121 16.60 -19.59 -31.16
CA HIS D 121 15.94 -20.40 -30.14
C HIS D 121 16.54 -21.80 -30.14
N ALA D 122 16.65 -22.41 -28.98
CA ALA D 122 17.28 -23.69 -28.78
C ALA D 122 17.05 -24.22 -27.36
N GLU D 123 17.09 -25.52 -27.18
CA GLU D 123 16.90 -26.17 -25.90
C GLU D 123 18.09 -25.93 -24.97
N ALA D 124 17.82 -25.96 -23.67
CA ALA D 124 18.90 -25.76 -22.70
C ALA D 124 19.66 -27.06 -22.52
N PRO D 125 20.96 -26.99 -22.33
CA PRO D 125 21.80 -28.14 -22.00
C PRO D 125 21.10 -28.96 -20.91
N GLU D 126 21.24 -30.27 -21.03
CA GLU D 126 20.65 -31.26 -20.16
C GLU D 126 21.40 -31.28 -18.82
N PHE D 127 20.74 -31.87 -17.83
CA PHE D 127 21.32 -31.95 -16.50
C PHE D 127 22.64 -32.70 -16.54
N VAL D 128 22.80 -33.67 -17.44
CA VAL D 128 24.04 -34.43 -17.46
C VAL D 128 25.19 -33.68 -18.12
N GLU D 129 24.93 -32.49 -18.62
CA GLU D 129 25.92 -31.68 -19.28
C GLU D 129 26.51 -30.63 -18.34
N MET D 130 26.01 -30.56 -17.12
CA MET D 130 26.47 -29.58 -16.16
C MET D 130 27.87 -29.82 -15.63
N SER D 131 28.55 -28.77 -15.17
CA SER D 131 29.88 -28.89 -14.59
C SER D 131 29.90 -28.46 -13.13
N VAL D 132 30.89 -28.82 -12.33
CA VAL D 132 30.92 -28.44 -10.93
C VAL D 132 32.20 -27.69 -10.55
N GLU D 133 33.03 -27.50 -11.56
CA GLU D 133 34.28 -26.77 -11.42
C GLU D 133 34.00 -25.38 -10.85
N GLN D 134 34.75 -24.96 -9.85
CA GLN D 134 34.52 -23.67 -9.21
C GLN D 134 35.88 -23.11 -8.75
N GLU D 135 36.41 -22.26 -9.61
CA GLU D 135 37.71 -21.64 -9.38
C GLU D 135 37.51 -20.14 -9.39
N ILE D 136 38.14 -19.47 -8.43
CA ILE D 136 37.95 -18.03 -8.33
C ILE D 136 38.44 -17.38 -9.62
N LEU D 137 37.84 -16.26 -9.94
CA LEU D 137 38.18 -15.36 -11.03
C LEU D 137 38.37 -13.98 -10.39
N VAL D 138 39.62 -13.65 -10.09
CA VAL D 138 40.03 -12.37 -9.49
C VAL D 138 39.73 -11.27 -10.50
N THR D 139 39.25 -10.14 -10.06
CA THR D 139 38.78 -9.08 -10.93
C THR D 139 39.52 -7.77 -10.65
N GLY D 140 40.13 -7.72 -9.48
CA GLY D 140 40.88 -6.57 -9.01
C GLY D 140 40.00 -5.58 -8.30
N ILE D 141 38.72 -5.91 -8.08
CA ILE D 141 37.83 -5.03 -7.35
C ILE D 141 37.77 -5.49 -5.90
N LYS D 142 38.13 -4.59 -4.99
CA LYS D 142 38.19 -4.99 -3.59
C LYS D 142 36.91 -5.58 -3.07
N VAL D 143 35.78 -4.87 -3.12
CA VAL D 143 34.53 -5.38 -2.55
C VAL D 143 34.19 -6.79 -3.05
N VAL D 144 34.21 -6.95 -4.36
CA VAL D 144 33.86 -8.20 -5.02
C VAL D 144 34.77 -9.32 -4.55
N ASP D 145 36.06 -9.11 -4.83
CA ASP D 145 37.04 -10.17 -4.58
C ASP D 145 37.00 -10.65 -3.14
N LEU D 146 36.84 -9.70 -2.21
CA LEU D 146 36.83 -10.03 -0.80
C LEU D 146 35.53 -10.70 -0.37
N LEU D 147 34.40 -10.01 -0.54
CA LEU D 147 33.14 -10.47 -0.02
C LEU D 147 32.34 -11.45 -0.85
N ALA D 148 32.37 -11.35 -2.16
CA ALA D 148 31.55 -12.20 -3.02
C ALA D 148 32.23 -12.44 -4.36
N PRO D 149 33.33 -13.16 -4.33
CA PRO D 149 34.18 -13.41 -5.47
C PRO D 149 33.53 -14.14 -6.61
N TYR D 150 33.83 -13.73 -7.85
CA TYR D 150 33.32 -14.40 -9.03
C TYR D 150 34.05 -15.71 -9.27
N ALA D 151 33.50 -16.54 -10.16
CA ALA D 151 34.08 -17.85 -10.43
C ALA D 151 34.22 -18.08 -11.92
N LYS D 152 35.36 -18.64 -12.35
CA LYS D 152 35.48 -18.86 -13.81
C LYS D 152 34.35 -19.79 -14.24
N GLY D 153 33.74 -19.49 -15.36
CA GLY D 153 32.66 -20.26 -15.93
C GLY D 153 31.35 -20.14 -15.17
N GLY D 154 31.29 -19.21 -14.23
CA GLY D 154 30.11 -19.00 -13.40
C GLY D 154 29.14 -17.96 -13.92
N LYS D 155 28.01 -17.88 -13.22
CA LYS D 155 27.01 -16.88 -13.58
C LYS D 155 27.08 -15.74 -12.59
N ILE D 156 27.36 -14.55 -13.13
CA ILE D 156 27.46 -13.36 -12.29
C ILE D 156 26.32 -12.41 -12.61
N GLY D 157 25.76 -11.79 -11.59
CA GLY D 157 24.72 -10.79 -11.91
C GLY D 157 25.06 -9.51 -11.18
N LEU D 158 24.92 -8.38 -11.84
CA LEU D 158 25.12 -7.09 -11.24
C LEU D 158 23.77 -6.38 -11.11
N PHE D 159 23.18 -6.46 -9.92
CA PHE D 159 21.85 -5.86 -9.70
C PHE D 159 22.00 -4.40 -9.37
N GLY D 160 21.05 -3.57 -9.76
CA GLY D 160 21.09 -2.17 -9.34
C GLY D 160 19.95 -1.39 -9.98
N GLY D 161 19.54 -0.36 -9.30
CA GLY D 161 18.49 0.55 -9.69
C GLY D 161 19.03 1.58 -10.67
N ALA D 162 18.17 2.55 -11.02
CA ALA D 162 18.59 3.44 -12.10
C ALA D 162 19.81 4.23 -11.71
N GLY D 163 20.88 4.15 -12.45
CA GLY D 163 22.08 4.91 -12.31
C GLY D 163 22.84 4.73 -11.02
N VAL D 164 23.05 3.47 -10.59
CA VAL D 164 23.81 3.25 -9.36
C VAL D 164 25.19 2.69 -9.71
N GLY D 165 25.41 2.20 -10.96
CA GLY D 165 26.74 1.70 -11.26
C GLY D 165 26.96 0.43 -12.02
N LYS D 166 25.86 -0.23 -12.40
CA LYS D 166 25.91 -1.48 -13.12
C LYS D 166 26.85 -1.41 -14.33
N THR D 167 26.60 -0.43 -15.20
CA THR D 167 27.28 -0.35 -16.48
C THR D 167 28.74 0.04 -16.34
N VAL D 168 29.06 0.97 -15.45
CA VAL D 168 30.44 1.34 -15.15
C VAL D 168 31.18 0.09 -14.67
N LEU D 169 30.56 -0.66 -13.77
CA LEU D 169 31.13 -1.89 -13.22
C LEU D 169 31.38 -2.93 -14.31
N ILE D 170 30.41 -3.12 -15.23
CA ILE D 170 30.57 -4.14 -16.24
C ILE D 170 31.73 -3.81 -17.21
N MET D 171 31.90 -2.54 -17.51
CA MET D 171 32.92 -1.99 -18.36
C MET D 171 34.28 -2.08 -17.67
N GLU D 172 34.24 -2.01 -16.35
CA GLU D 172 35.48 -2.16 -15.57
C GLU D 172 35.87 -3.63 -15.58
N LEU D 173 34.88 -4.51 -15.49
CA LEU D 173 35.13 -5.94 -15.53
C LEU D 173 35.67 -6.34 -16.88
N ILE D 174 35.15 -5.76 -17.94
CA ILE D 174 35.63 -6.06 -19.30
C ILE D 174 37.08 -5.59 -19.42
N ASN D 175 37.31 -4.38 -18.92
CA ASN D 175 38.61 -3.75 -18.90
C ASN D 175 39.63 -4.61 -18.14
N ASN D 176 39.23 -5.14 -16.99
CA ASN D 176 40.14 -5.92 -16.17
C ASN D 176 40.18 -7.41 -16.45
N VAL D 177 39.09 -8.03 -16.85
CA VAL D 177 39.08 -9.46 -17.07
C VAL D 177 39.10 -9.79 -18.55
N ALA D 178 38.34 -9.08 -19.37
CA ALA D 178 38.18 -9.44 -20.78
C ALA D 178 39.42 -9.12 -21.60
N LYS D 179 39.85 -7.88 -21.48
CA LYS D 179 41.05 -7.48 -22.23
C LYS D 179 42.19 -8.47 -22.06
N ALA D 180 42.38 -9.01 -20.86
CA ALA D 180 43.44 -9.98 -20.63
C ALA D 180 42.97 -11.37 -21.01
N HIS D 181 41.65 -11.56 -21.08
CA HIS D 181 41.11 -12.88 -21.40
C HIS D 181 41.77 -13.45 -22.64
N GLY D 182 42.39 -14.61 -22.49
CA GLY D 182 42.97 -15.21 -23.72
C GLY D 182 41.89 -16.10 -24.32
N GLY D 183 40.90 -15.55 -24.99
CA GLY D 183 39.83 -16.39 -25.56
C GLY D 183 38.76 -15.48 -26.17
N TYR D 184 37.66 -16.06 -26.62
CA TYR D 184 36.60 -15.24 -27.22
C TYR D 184 35.65 -14.63 -26.21
N SER D 185 35.09 -13.48 -26.56
CA SER D 185 34.12 -12.76 -25.75
C SER D 185 32.92 -12.34 -26.62
N VAL D 186 31.75 -12.23 -26.01
CA VAL D 186 30.57 -11.74 -26.70
C VAL D 186 29.88 -10.72 -25.78
N PHE D 187 29.54 -9.55 -26.28
CA PHE D 187 28.85 -8.48 -25.60
C PHE D 187 27.51 -8.23 -26.35
N ALA D 188 26.45 -8.29 -25.57
CA ALA D 188 25.10 -8.09 -26.04
C ALA D 188 24.47 -6.87 -25.35
N GLY D 189 24.24 -5.83 -26.13
CA GLY D 189 23.56 -4.61 -25.57
C GLY D 189 22.06 -4.85 -25.79
N VAL D 190 21.38 -5.10 -24.69
CA VAL D 190 19.93 -5.42 -24.71
C VAL D 190 19.17 -4.27 -24.07
N GLY D 191 18.48 -3.48 -24.88
CA GLY D 191 17.63 -2.43 -24.42
C GLY D 191 18.27 -1.35 -23.60
N GLU D 192 19.53 -1.06 -23.92
CA GLU D 192 20.25 0.03 -23.28
C GLU D 192 20.54 1.21 -24.18
N ARG D 193 21.53 2.02 -23.81
CA ARG D 193 21.82 3.24 -24.56
C ARG D 193 22.67 3.00 -25.81
N THR D 194 22.23 3.48 -26.96
CA THR D 194 23.03 3.36 -28.19
C THR D 194 24.34 4.13 -28.01
N ARG D 195 24.30 5.29 -27.35
CA ARG D 195 25.50 6.06 -27.05
C ARG D 195 26.55 5.15 -26.40
N GLU D 196 26.13 4.23 -25.56
CA GLU D 196 27.07 3.34 -24.85
C GLU D 196 27.63 2.31 -25.82
N GLY D 197 26.81 1.97 -26.82
CA GLY D 197 27.23 1.00 -27.83
C GLY D 197 28.37 1.61 -28.65
N ASN D 198 28.24 2.88 -28.97
CA ASN D 198 29.24 3.60 -29.73
C ASN D 198 30.49 3.82 -28.87
N ASP D 199 30.30 4.08 -27.58
CA ASP D 199 31.46 4.24 -26.71
C ASP D 199 32.26 2.93 -26.61
N LEU D 200 31.54 1.86 -26.27
CA LEU D 200 32.23 0.57 -26.07
C LEU D 200 33.00 0.16 -27.35
N TYR D 201 32.31 0.25 -28.48
CA TYR D 201 32.84 -0.10 -29.76
C TYR D 201 34.19 0.57 -30.08
N HIS D 202 34.23 1.88 -29.94
CA HIS D 202 35.42 2.63 -30.21
C HIS D 202 36.47 2.45 -29.12
N GLU D 203 36.09 2.19 -27.89
CA GLU D 203 37.04 1.93 -26.83
C GLU D 203 37.68 0.56 -27.05
N MET D 204 36.96 -0.31 -27.77
CA MET D 204 37.48 -1.66 -27.98
C MET D 204 38.40 -1.71 -29.20
N ILE D 205 38.19 -0.73 -30.07
CA ILE D 205 39.06 -0.59 -31.23
C ILE D 205 40.37 0.06 -30.78
N GLU D 206 40.32 0.96 -29.80
CA GLU D 206 41.53 1.58 -29.27
C GLU D 206 42.36 0.58 -28.47
N SER D 207 41.73 -0.36 -27.79
CA SER D 207 42.47 -1.36 -27.03
C SER D 207 42.91 -2.51 -27.95
N GLY D 208 42.42 -2.47 -29.18
CA GLY D 208 42.71 -3.54 -30.13
C GLY D 208 41.97 -4.82 -29.77
N VAL D 209 40.95 -4.73 -28.92
CA VAL D 209 40.15 -5.95 -28.61
C VAL D 209 39.32 -6.26 -29.85
N ILE D 210 39.13 -5.18 -30.65
CA ILE D 210 38.53 -5.32 -31.95
C ILE D 210 39.47 -4.74 -33.00
N ASN D 211 39.81 -5.52 -34.01
CA ASN D 211 40.69 -5.07 -35.07
C ASN D 211 39.92 -5.06 -36.38
N LEU D 212 39.80 -3.88 -36.98
CA LEU D 212 39.05 -3.74 -38.21
C LEU D 212 39.89 -4.04 -39.44
N LYS D 213 41.20 -4.11 -39.25
CA LYS D 213 42.15 -4.30 -40.32
C LYS D 213 42.56 -5.76 -40.45
N ASP D 214 42.71 -6.48 -39.35
CA ASP D 214 43.08 -7.90 -39.47
C ASP D 214 42.05 -8.78 -38.76
N ALA D 215 42.42 -9.96 -38.31
CA ALA D 215 41.52 -10.86 -37.62
C ALA D 215 41.94 -11.21 -36.19
N THR D 216 42.45 -10.22 -35.47
CA THR D 216 42.83 -10.41 -34.07
C THR D 216 41.67 -10.07 -33.13
N SER D 217 40.53 -9.75 -33.72
CA SER D 217 39.34 -9.41 -32.95
C SER D 217 38.96 -10.61 -32.05
N LYS D 218 38.72 -10.34 -30.79
CA LYS D 218 38.35 -11.39 -29.84
C LYS D 218 36.94 -11.21 -29.31
N VAL D 219 36.31 -10.06 -29.57
CA VAL D 219 34.96 -9.84 -29.10
C VAL D 219 33.93 -9.68 -30.21
N ALA D 220 32.86 -10.47 -30.17
CA ALA D 220 31.76 -10.23 -31.13
C ALA D 220 30.72 -9.37 -30.40
N LEU D 221 30.05 -8.49 -31.12
CA LEU D 221 29.10 -7.54 -30.54
C LEU D 221 27.69 -7.73 -31.08
N VAL D 222 26.68 -7.64 -30.24
CA VAL D 222 25.28 -7.75 -30.68
C VAL D 222 24.42 -6.68 -30.04
N TYR D 223 23.72 -5.82 -30.78
CA TYR D 223 22.99 -4.72 -30.16
C TYR D 223 21.54 -4.61 -30.56
N GLY D 224 20.71 -4.34 -29.56
CA GLY D 224 19.27 -4.14 -29.68
C GLY D 224 18.85 -3.19 -28.53
N GLN D 225 19.08 -1.90 -28.69
CA GLN D 225 18.86 -0.92 -27.64
C GLN D 225 17.48 -0.32 -27.59
N MET D 226 17.26 0.63 -26.70
CA MET D 226 16.03 1.28 -26.36
C MET D 226 15.31 2.03 -27.50
N ASN D 227 16.00 2.23 -28.59
CA ASN D 227 15.35 2.90 -29.73
C ASN D 227 14.62 1.87 -30.57
N GLU D 228 14.75 0.58 -30.17
CA GLU D 228 14.07 -0.49 -30.87
C GLU D 228 12.72 -0.86 -30.24
N PRO D 229 11.83 -1.36 -31.05
CA PRO D 229 10.52 -1.85 -30.61
C PRO D 229 10.76 -3.04 -29.67
N PRO D 230 9.79 -3.42 -28.87
CA PRO D 230 9.86 -4.47 -27.89
C PRO D 230 10.33 -5.81 -28.40
N GLY D 231 9.79 -6.22 -29.57
CA GLY D 231 10.18 -7.49 -30.13
C GLY D 231 11.68 -7.66 -30.26
N ALA D 232 12.38 -6.63 -30.73
CA ALA D 232 13.83 -6.77 -30.96
C ALA D 232 14.52 -6.87 -29.62
N ARG D 233 14.07 -6.04 -28.68
CA ARG D 233 14.61 -6.09 -27.31
C ARG D 233 14.27 -7.42 -26.63
N ALA D 234 13.22 -8.10 -27.08
CA ALA D 234 12.83 -9.38 -26.54
C ALA D 234 13.66 -10.53 -27.07
N ARG D 235 14.36 -10.33 -28.17
CA ARG D 235 15.19 -11.39 -28.73
C ARG D 235 16.68 -11.09 -28.80
N VAL D 236 17.13 -9.85 -28.87
CA VAL D 236 18.56 -9.58 -28.92
C VAL D 236 19.43 -10.42 -27.97
N ALA D 237 18.92 -10.64 -26.79
CA ALA D 237 19.64 -11.42 -25.77
C ALA D 237 19.90 -12.81 -26.31
N LEU D 238 18.90 -13.40 -26.96
CA LEU D 238 19.09 -14.79 -27.45
C LEU D 238 20.10 -14.76 -28.58
N THR D 239 19.99 -13.73 -29.43
CA THR D 239 20.93 -13.52 -30.50
C THR D 239 22.36 -13.52 -29.98
N GLY D 240 22.66 -12.68 -29.00
CA GLY D 240 23.98 -12.59 -28.42
C GLY D 240 24.40 -13.93 -27.81
N LEU D 241 23.44 -14.56 -27.16
CA LEU D 241 23.68 -15.84 -26.47
C LEU D 241 24.01 -16.95 -27.46
N THR D 242 23.35 -16.97 -28.60
CA THR D 242 23.58 -17.96 -29.65
C THR D 242 25.00 -17.88 -30.22
N VAL D 243 25.52 -16.67 -30.34
CA VAL D 243 26.89 -16.42 -30.76
C VAL D 243 27.83 -17.09 -29.75
N ALA D 244 27.59 -16.84 -28.47
CA ALA D 244 28.34 -17.44 -27.39
C ALA D 244 28.22 -18.95 -27.32
N GLU D 245 27.05 -19.50 -27.61
CA GLU D 245 26.90 -20.96 -27.55
C GLU D 245 27.78 -21.67 -28.58
N TYR D 246 28.01 -21.03 -29.71
CA TYR D 246 28.79 -21.60 -30.78
C TYR D 246 30.25 -21.72 -30.35
N PHE D 247 30.77 -20.63 -29.83
CA PHE D 247 32.14 -20.59 -29.38
C PHE D 247 32.36 -21.59 -28.27
N ARG D 248 31.33 -21.80 -27.47
CA ARG D 248 31.38 -22.73 -26.36
C ARG D 248 31.47 -24.19 -26.83
N ASP D 249 30.49 -24.59 -27.60
CA ASP D 249 30.34 -25.95 -28.08
C ASP D 249 31.09 -26.17 -29.39
N GLN D 250 30.67 -25.47 -30.44
CA GLN D 250 31.23 -25.63 -31.77
C GLN D 250 32.65 -25.09 -31.91
N GLU D 251 33.44 -25.16 -30.85
CA GLU D 251 34.79 -24.63 -30.89
C GLU D 251 35.54 -24.85 -29.57
N GLY D 252 34.86 -25.44 -28.58
CA GLY D 252 35.50 -25.63 -27.29
C GLY D 252 36.52 -24.53 -26.98
N GLN D 253 36.02 -23.39 -26.51
CA GLN D 253 36.91 -22.29 -26.10
C GLN D 253 36.33 -21.59 -24.88
N ASP D 254 37.17 -20.98 -24.04
CA ASP D 254 36.59 -20.32 -22.87
C ASP D 254 35.92 -19.02 -23.28
N VAL D 255 34.58 -19.03 -23.24
CA VAL D 255 33.85 -17.84 -23.63
C VAL D 255 33.51 -16.92 -22.46
N LEU D 256 33.55 -15.62 -22.72
CA LEU D 256 33.08 -14.63 -21.77
C LEU D 256 31.76 -14.07 -22.36
N LEU D 257 30.68 -14.00 -21.58
CA LEU D 257 29.46 -13.39 -22.12
C LEU D 257 29.03 -12.21 -21.28
N PHE D 258 29.00 -11.00 -21.86
CA PHE D 258 28.53 -9.82 -21.13
C PHE D 258 27.18 -9.34 -21.65
N ILE D 259 26.22 -9.20 -20.73
CA ILE D 259 24.89 -8.74 -21.14
C ILE D 259 24.45 -7.51 -20.37
N ASP D 260 24.16 -6.45 -21.11
CA ASP D 260 23.66 -5.22 -20.48
C ASP D 260 22.52 -4.74 -21.33
N ASN D 261 21.31 -4.84 -20.84
CA ASN D 261 20.92 -5.31 -19.53
C ASN D 261 19.88 -6.44 -19.67
N ILE D 262 20.06 -7.54 -18.94
CA ILE D 262 19.18 -8.70 -19.11
C ILE D 262 17.75 -8.47 -18.64
N PHE D 263 17.46 -7.50 -17.80
CA PHE D 263 16.08 -7.15 -17.43
C PHE D 263 15.26 -6.78 -18.66
N ARG D 264 15.90 -6.15 -19.64
CA ARG D 264 15.23 -5.60 -20.79
C ARG D 264 14.49 -6.65 -21.63
N PHE D 265 14.90 -7.90 -21.44
CA PHE D 265 14.25 -9.06 -22.07
C PHE D 265 12.87 -9.27 -21.42
N THR D 266 12.85 -9.15 -20.09
CA THR D 266 11.58 -9.36 -19.38
C THR D 266 10.65 -8.17 -19.61
N GLN D 267 11.28 -7.00 -19.63
CA GLN D 267 10.49 -5.78 -19.80
C GLN D 267 9.91 -5.76 -21.22
N ALA D 268 10.69 -6.17 -22.22
CA ALA D 268 10.15 -6.15 -23.58
C ALA D 268 8.90 -7.04 -23.64
N GLY D 269 8.96 -8.14 -22.90
CA GLY D 269 7.92 -9.13 -22.80
C GLY D 269 6.67 -8.54 -22.18
N SER D 270 6.80 -7.82 -21.07
CA SER D 270 5.63 -7.19 -20.47
C SER D 270 4.99 -6.16 -21.39
N GLU D 271 5.76 -5.56 -22.28
CA GLU D 271 5.21 -4.57 -23.20
C GLU D 271 4.19 -5.19 -24.14
N VAL D 272 4.45 -6.39 -24.67
CA VAL D 272 3.50 -6.91 -25.67
C VAL D 272 2.55 -7.92 -25.08
N SER D 273 2.76 -8.28 -23.81
CA SER D 273 1.96 -9.26 -23.11
C SER D 273 0.46 -9.09 -23.31
N ALA D 274 -0.12 -7.95 -23.02
CA ALA D 274 -1.52 -7.64 -23.17
C ALA D 274 -1.95 -7.75 -24.63
N LEU D 275 -1.11 -7.23 -25.56
CA LEU D 275 -1.54 -7.38 -26.94
C LEU D 275 -1.50 -8.86 -27.31
N LEU D 276 -0.82 -9.66 -26.48
CA LEU D 276 -0.85 -11.11 -26.78
C LEU D 276 -2.02 -11.80 -26.08
N GLY D 277 -2.88 -11.03 -25.41
CA GLY D 277 -4.08 -11.55 -24.80
C GLY D 277 -3.88 -12.17 -23.44
N ARG D 278 -2.87 -11.75 -22.69
CA ARG D 278 -2.69 -12.40 -21.39
C ARG D 278 -3.25 -11.59 -20.24
N ILE D 279 -3.82 -12.27 -19.25
CA ILE D 279 -4.20 -11.56 -18.02
C ILE D 279 -2.86 -11.25 -17.33
N PRO D 280 -2.71 -10.06 -16.85
CA PRO D 280 -1.56 -9.62 -16.10
C PRO D 280 -1.37 -10.40 -14.80
N SER D 281 -0.11 -10.62 -14.49
CA SER D 281 0.27 -11.23 -13.21
C SER D 281 0.66 -10.08 -12.28
N ALA D 282 1.17 -10.36 -11.10
CA ALA D 282 1.58 -9.32 -10.15
C ALA D 282 2.52 -8.28 -10.76
N VAL D 283 2.31 -7.05 -10.28
CA VAL D 283 3.12 -5.91 -10.63
C VAL D 283 3.14 -5.64 -12.11
N GLY D 284 2.11 -6.06 -12.85
CA GLY D 284 2.03 -5.69 -14.25
C GLY D 284 2.83 -6.53 -15.18
N TYR D 285 3.44 -7.62 -14.75
CA TYR D 285 4.25 -8.43 -15.63
C TYR D 285 3.43 -9.53 -16.29
N GLN D 286 3.98 -10.19 -17.29
CA GLN D 286 3.41 -11.33 -17.94
C GLN D 286 3.47 -12.56 -17.01
N PRO D 287 2.45 -13.38 -17.03
CA PRO D 287 2.34 -14.60 -16.28
C PRO D 287 3.46 -15.60 -16.51
N THR D 288 4.07 -15.56 -17.67
CA THR D 288 5.12 -16.45 -18.13
C THR D 288 6.51 -15.89 -17.84
N LEU D 289 6.61 -14.91 -16.94
CA LEU D 289 7.89 -14.33 -16.57
C LEU D 289 8.96 -15.36 -16.23
N ALA D 290 8.71 -16.25 -15.27
CA ALA D 290 9.69 -17.19 -14.79
C ALA D 290 10.01 -18.30 -15.76
N THR D 291 9.09 -18.77 -16.59
CA THR D 291 9.41 -19.82 -17.56
C THR D 291 10.16 -19.19 -18.75
N ASP D 292 9.72 -17.98 -19.13
CA ASP D 292 10.40 -17.29 -20.21
C ASP D 292 11.88 -17.09 -19.86
N MET D 293 12.11 -16.69 -18.61
CA MET D 293 13.42 -16.41 -18.09
C MET D 293 14.22 -17.68 -17.88
N GLY D 294 13.54 -18.79 -17.55
CA GLY D 294 14.21 -20.07 -17.39
C GLY D 294 14.70 -20.66 -18.69
N THR D 295 13.87 -20.68 -19.73
CA THR D 295 14.32 -21.25 -21.00
C THR D 295 15.50 -20.50 -21.59
N MET D 296 15.65 -19.23 -21.25
CA MET D 296 16.79 -18.48 -21.77
C MET D 296 18.01 -18.61 -20.87
N GLN D 297 17.84 -18.32 -19.59
CA GLN D 297 18.89 -18.38 -18.59
C GLN D 297 19.55 -19.75 -18.53
N GLU D 298 18.79 -20.82 -18.71
CA GLU D 298 19.36 -22.16 -18.71
C GLU D 298 20.24 -22.42 -19.92
N ARG D 299 20.22 -21.55 -20.92
CA ARG D 299 21.10 -21.67 -22.07
C ARG D 299 22.44 -20.97 -21.78
N ILE D 300 22.39 -19.93 -20.95
CA ILE D 300 23.58 -19.21 -20.52
C ILE D 300 24.27 -19.94 -19.36
N THR D 301 25.20 -20.80 -19.75
CA THR D 301 25.87 -21.65 -18.78
C THR D 301 27.05 -22.41 -19.38
N THR D 302 28.00 -22.68 -18.52
CA THR D 302 29.11 -23.58 -18.82
C THR D 302 28.49 -24.99 -18.90
N THR D 303 29.02 -25.85 -19.72
CA THR D 303 28.68 -27.26 -19.79
C THR D 303 30.01 -28.05 -19.75
N LYS D 304 29.94 -29.35 -19.93
CA LYS D 304 31.17 -30.15 -19.96
C LYS D 304 31.90 -30.01 -21.30
N LYS D 305 31.32 -29.31 -22.26
CA LYS D 305 31.93 -29.11 -23.55
C LYS D 305 32.76 -27.82 -23.56
N GLY D 306 32.29 -26.80 -22.87
CA GLY D 306 33.00 -25.52 -22.84
C GLY D 306 32.52 -24.69 -21.66
N SER D 307 33.20 -23.61 -21.36
CA SER D 307 32.87 -22.80 -20.19
C SER D 307 32.51 -21.39 -20.59
N ILE D 308 31.40 -20.89 -20.03
CA ILE D 308 30.97 -19.51 -20.32
C ILE D 308 31.06 -18.71 -19.03
N THR D 309 31.79 -17.60 -19.00
CA THR D 309 31.81 -16.80 -17.77
C THR D 309 30.84 -15.66 -18.01
N SER D 310 29.60 -15.85 -17.57
CA SER D 310 28.56 -14.89 -17.91
C SER D 310 28.43 -13.79 -16.87
N VAL D 311 28.41 -12.55 -17.33
CA VAL D 311 28.26 -11.40 -16.49
C VAL D 311 27.11 -10.57 -17.05
N GLN D 312 26.03 -10.49 -16.25
CA GLN D 312 24.92 -9.69 -16.75
C GLN D 312 24.44 -8.63 -15.79
N ALA D 313 24.16 -7.45 -16.34
CA ALA D 313 23.61 -6.35 -15.57
C ALA D 313 22.09 -6.57 -15.48
N ILE D 314 21.56 -6.32 -14.29
CA ILE D 314 20.18 -6.59 -13.97
C ILE D 314 19.50 -5.40 -13.32
N TYR D 315 18.63 -4.76 -14.11
CA TYR D 315 17.95 -3.58 -13.67
C TYR D 315 16.92 -3.91 -12.57
N VAL D 316 16.87 -2.99 -11.62
CA VAL D 316 15.96 -3.15 -10.48
C VAL D 316 14.94 -2.02 -10.53
N PRO D 317 13.74 -2.32 -11.00
CA PRO D 317 12.71 -1.33 -11.13
C PRO D 317 12.33 -0.70 -9.79
N ALA D 318 12.21 0.63 -9.83
CA ALA D 318 11.92 1.47 -8.70
C ALA D 318 12.82 1.12 -7.52
N ASP D 319 13.98 0.51 -7.80
CA ASP D 319 14.90 0.20 -6.72
C ASP D 319 14.37 -0.94 -5.86
N ASP D 320 13.28 -1.60 -6.25
CA ASP D 320 12.76 -2.67 -5.38
C ASP D 320 13.38 -4.00 -5.74
N LEU D 321 14.30 -4.51 -4.92
CA LEU D 321 14.91 -5.80 -5.23
C LEU D 321 13.86 -6.90 -5.18
N THR D 322 12.69 -6.64 -4.59
CA THR D 322 11.69 -7.72 -4.56
C THR D 322 10.84 -7.73 -5.83
N ASP D 323 11.07 -6.77 -6.73
CA ASP D 323 10.29 -6.72 -7.99
C ASP D 323 10.43 -8.04 -8.68
N PRO D 324 9.37 -8.63 -9.22
CA PRO D 324 9.39 -9.91 -9.89
C PRO D 324 10.56 -10.12 -10.84
N ALA D 325 10.94 -9.13 -11.62
CA ALA D 325 12.02 -9.28 -12.62
C ALA D 325 13.36 -9.57 -11.97
N PRO D 326 13.96 -8.65 -11.26
CA PRO D 326 15.16 -8.94 -10.51
C PRO D 326 15.02 -10.14 -9.59
N ALA D 327 13.85 -10.28 -8.94
CA ALA D 327 13.68 -11.29 -7.89
C ALA D 327 13.87 -12.72 -8.38
N THR D 328 13.26 -13.02 -9.51
CA THR D 328 13.33 -14.30 -10.17
C THR D 328 14.69 -14.53 -10.82
N THR D 329 15.48 -13.48 -11.05
CA THR D 329 16.78 -13.68 -11.66
C THR D 329 17.80 -14.29 -10.68
N PHE D 330 17.68 -14.02 -9.39
CA PHE D 330 18.64 -14.41 -8.39
C PHE D 330 19.03 -15.87 -8.46
N ALA D 331 18.05 -16.75 -8.43
CA ALA D 331 18.35 -18.17 -8.42
C ALA D 331 19.16 -18.58 -9.66
N HIS D 332 19.20 -17.75 -10.69
CA HIS D 332 19.91 -18.16 -11.90
C HIS D 332 21.40 -17.84 -11.79
N LEU D 333 21.81 -17.27 -10.64
CA LEU D 333 23.19 -16.85 -10.50
C LEU D 333 24.05 -17.66 -9.57
N ASP D 334 25.37 -17.52 -9.74
CA ASP D 334 26.35 -18.20 -8.89
C ASP D 334 26.96 -17.17 -7.94
N ALA D 335 27.01 -15.94 -8.43
CA ALA D 335 27.51 -14.83 -7.63
C ALA D 335 26.66 -13.60 -7.99
N THR D 336 26.27 -12.84 -7.01
CA THR D 336 25.51 -11.63 -7.17
C THR D 336 26.25 -10.45 -6.57
N THR D 337 26.38 -9.35 -7.27
CA THR D 337 26.92 -8.10 -6.72
C THR D 337 25.72 -7.14 -6.73
N VAL D 338 25.27 -6.67 -5.62
CA VAL D 338 24.07 -5.84 -5.55
C VAL D 338 24.49 -4.42 -5.25
N LEU D 339 24.09 -3.53 -6.16
CA LEU D 339 24.42 -2.12 -5.96
C LEU D 339 23.31 -1.40 -5.20
N SER D 340 23.66 -0.40 -4.41
CA SER D 340 22.68 0.38 -3.68
C SER D 340 22.73 1.88 -3.94
N ARG D 341 21.59 2.53 -4.21
CA ARG D 341 21.58 3.97 -4.39
C ARG D 341 22.00 4.72 -3.13
N ALA D 342 21.58 4.20 -1.99
CA ALA D 342 21.95 4.79 -0.70
C ALA D 342 23.47 4.83 -0.57
N ILE D 343 24.16 3.75 -0.85
CA ILE D 343 25.63 3.74 -0.80
C ILE D 343 26.19 4.67 -1.88
N ALA D 344 25.62 4.63 -3.12
CA ALA D 344 26.12 5.57 -4.11
C ALA D 344 25.98 7.03 -3.66
N GLU D 345 24.87 7.37 -3.04
CA GLU D 345 24.56 8.71 -2.57
C GLU D 345 25.62 9.22 -1.59
N LEU D 346 26.24 8.28 -0.86
CA LEU D 346 27.31 8.66 0.07
C LEU D 346 28.65 8.85 -0.62
N GLY D 347 28.69 8.61 -1.93
CA GLY D 347 29.92 8.72 -2.69
C GLY D 347 30.77 7.45 -2.64
N ILE D 348 30.21 6.38 -2.05
CA ILE D 348 30.97 5.13 -2.03
C ILE D 348 30.82 4.44 -3.37
N TYR D 349 31.84 4.42 -4.20
CA TYR D 349 31.82 3.71 -5.47
C TYR D 349 32.95 2.67 -5.52
N PRO D 350 32.67 1.50 -6.05
CA PRO D 350 31.36 1.11 -6.58
C PRO D 350 30.36 0.91 -5.44
N ALA D 351 29.11 1.23 -5.71
CA ALA D 351 28.09 1.25 -4.68
C ALA D 351 27.59 -0.14 -4.31
N VAL D 352 28.55 -1.04 -4.13
CA VAL D 352 28.27 -2.40 -3.74
C VAL D 352 27.83 -2.53 -2.28
N ASP D 353 26.78 -3.31 -2.05
CA ASP D 353 26.26 -3.56 -0.71
C ASP D 353 26.99 -4.77 -0.12
N PRO D 354 27.85 -4.53 0.85
CA PRO D 354 28.66 -5.55 1.47
C PRO D 354 27.78 -6.55 2.19
N LEU D 355 26.54 -6.18 2.48
CA LEU D 355 25.63 -7.08 3.18
C LEU D 355 24.55 -7.67 2.30
N ASP D 356 24.75 -7.69 0.98
CA ASP D 356 23.71 -8.25 0.13
C ASP D 356 24.25 -8.79 -1.18
N SER D 357 25.56 -8.97 -1.23
CA SER D 357 26.28 -9.53 -2.36
C SER D 357 26.82 -10.88 -1.94
N THR D 358 26.63 -11.92 -2.75
CA THR D 358 27.04 -13.26 -2.28
C THR D 358 27.76 -14.03 -3.37
N SER D 359 28.37 -15.14 -3.01
CA SER D 359 29.08 -15.97 -3.95
C SER D 359 29.08 -17.44 -3.54
N ARG D 360 28.67 -18.30 -4.45
CA ARG D 360 28.67 -19.73 -4.14
C ARG D 360 30.03 -20.15 -3.61
N ILE D 361 31.11 -19.57 -4.11
CA ILE D 361 32.45 -19.99 -3.76
C ILE D 361 32.94 -19.39 -2.46
N MET D 362 32.11 -18.62 -1.77
CA MET D 362 32.57 -18.06 -0.49
C MET D 362 32.55 -19.12 0.61
N ASP D 363 33.41 -20.10 0.50
CA ASP D 363 33.53 -21.24 1.42
C ASP D 363 35.00 -21.42 1.74
N PRO D 364 35.33 -21.64 2.99
CA PRO D 364 36.67 -21.82 3.48
C PRO D 364 37.42 -22.86 2.65
N ASN D 365 36.66 -23.83 2.14
CA ASN D 365 37.28 -24.91 1.39
C ASN D 365 37.61 -24.51 -0.02
N ILE D 366 37.15 -23.33 -0.44
CA ILE D 366 37.48 -22.90 -1.80
C ILE D 366 38.38 -21.69 -1.79
N VAL D 367 37.96 -20.53 -1.31
CA VAL D 367 38.79 -19.33 -1.34
C VAL D 367 39.79 -19.35 -0.18
N GLY D 368 39.64 -20.35 0.70
CA GLY D 368 40.50 -20.53 1.83
C GLY D 368 40.06 -19.91 3.12
N SER D 369 40.71 -20.32 4.22
CA SER D 369 40.40 -19.84 5.54
C SER D 369 40.64 -18.36 5.77
N GLU D 370 41.82 -17.84 5.45
CA GLU D 370 42.11 -16.43 5.75
C GLU D 370 41.11 -15.53 5.04
N HIS D 371 40.94 -15.80 3.75
CA HIS D 371 40.00 -15.08 2.93
C HIS D 371 38.61 -15.14 3.58
N TYR D 372 38.15 -16.36 3.86
CA TYR D 372 36.82 -16.56 4.39
C TYR D 372 36.57 -15.84 5.70
N ASP D 373 37.52 -15.97 6.62
CA ASP D 373 37.37 -15.31 7.93
C ASP D 373 37.38 -13.81 7.80
N VAL D 374 38.30 -13.27 7.01
CA VAL D 374 38.39 -11.82 6.82
C VAL D 374 37.05 -11.29 6.31
N ALA D 375 36.58 -11.87 5.20
CA ALA D 375 35.34 -11.49 4.56
C ALA D 375 34.17 -11.50 5.54
N ARG D 376 34.01 -12.60 6.29
CA ARG D 376 32.93 -12.64 7.28
C ARG D 376 33.17 -11.64 8.39
N GLY D 377 34.46 -11.41 8.68
CA GLY D 377 34.82 -10.45 9.72
C GLY D 377 34.42 -9.03 9.29
N VAL D 378 34.48 -8.76 8.00
CA VAL D 378 34.13 -7.42 7.51
C VAL D 378 32.63 -7.22 7.53
N GLN D 379 31.92 -8.26 7.11
CA GLN D 379 30.45 -8.21 7.06
C GLN D 379 29.90 -7.99 8.45
N LYS D 380 30.40 -8.78 9.41
CA LYS D 380 30.05 -8.65 10.79
C LYS D 380 30.20 -7.25 11.39
N ILE D 381 31.37 -6.63 11.19
CA ILE D 381 31.55 -5.31 11.83
C ILE D 381 30.64 -4.29 11.16
N LEU D 382 30.41 -4.50 9.86
CA LEU D 382 29.53 -3.65 9.07
C LEU D 382 28.10 -3.84 9.51
N GLN D 383 27.66 -5.07 9.73
CA GLN D 383 26.31 -5.29 10.25
C GLN D 383 26.17 -4.77 11.67
N ASP D 384 27.19 -4.97 12.51
CA ASP D 384 27.11 -4.41 13.87
C ASP D 384 26.87 -2.90 13.79
N TYR D 385 27.75 -2.19 13.09
CA TYR D 385 27.58 -0.75 12.89
C TYR D 385 26.17 -0.42 12.42
N LYS D 386 25.74 -1.09 11.35
CA LYS D 386 24.46 -0.76 10.73
C LYS D 386 23.36 -0.74 11.79
N SER D 387 23.52 -1.60 12.78
CA SER D 387 22.55 -1.71 13.86
C SER D 387 22.67 -0.60 14.89
N LEU D 388 23.88 -0.11 15.14
CA LEU D 388 24.06 0.98 16.11
C LEU D 388 23.66 2.33 15.51
N GLN D 389 23.79 2.46 14.19
CA GLN D 389 23.57 3.73 13.51
C GLN D 389 22.38 4.48 14.07
N ASP D 390 21.21 4.01 13.67
CA ASP D 390 19.90 4.52 14.05
C ASP D 390 19.75 4.79 15.53
N ILE D 391 20.34 3.96 16.38
CA ILE D 391 20.28 4.14 17.81
C ILE D 391 21.10 5.32 18.29
N ILE D 392 22.37 5.34 17.91
CA ILE D 392 23.31 6.35 18.40
C ILE D 392 23.09 7.70 17.75
N ALA D 393 22.38 7.70 16.63
CA ALA D 393 22.03 8.96 15.97
C ALA D 393 21.00 9.72 16.82
N ILE D 394 20.23 8.98 17.62
CA ILE D 394 19.26 9.61 18.51
C ILE D 394 19.87 9.77 19.91
N LEU D 395 20.38 8.68 20.46
CA LEU D 395 20.88 8.67 21.83
C LEU D 395 22.24 9.27 22.02
N GLY D 396 22.91 9.66 20.94
CA GLY D 396 24.25 10.25 21.07
C GLY D 396 25.29 9.14 21.17
N MET D 397 26.43 9.36 20.55
CA MET D 397 27.51 8.38 20.52
C MET D 397 28.22 8.23 21.86
N ASP D 398 28.06 9.21 22.73
CA ASP D 398 28.69 9.18 24.04
C ASP D 398 28.31 7.95 24.85
N GLU D 399 27.18 7.32 24.54
CA GLU D 399 26.75 6.15 25.30
C GLU D 399 27.49 4.90 24.86
N LEU D 400 28.19 5.00 23.74
CA LEU D 400 28.95 3.85 23.26
C LEU D 400 30.18 3.64 24.14
N SER D 401 30.44 2.39 24.49
CA SER D 401 31.65 2.09 25.27
C SER D 401 32.86 2.15 24.34
N GLU D 402 34.04 2.29 24.92
CA GLU D 402 35.26 2.35 24.11
C GLU D 402 35.30 1.26 23.05
N GLU D 403 35.10 0.00 23.45
CA GLU D 403 35.15 -1.08 22.47
C GLU D 403 34.13 -0.84 21.36
N ASP D 404 32.91 -0.45 21.71
CA ASP D 404 31.89 -0.19 20.71
C ASP D 404 32.29 0.95 19.77
N LYS D 405 32.71 2.07 20.32
CA LYS D 405 33.10 3.20 19.48
C LYS D 405 34.38 2.91 18.72
N LEU D 406 35.02 1.80 19.07
CA LEU D 406 36.23 1.33 18.40
C LEU D 406 35.81 0.56 17.14
N THR D 407 34.74 -0.25 17.30
CA THR D 407 34.26 -1.00 16.14
C THR D 407 33.55 -0.06 15.18
N VAL D 408 32.98 1.01 15.71
CA VAL D 408 32.30 2.02 14.90
C VAL D 408 33.33 2.72 14.03
N SER D 409 34.47 3.06 14.61
CA SER D 409 35.53 3.73 13.89
C SER D 409 36.08 2.92 12.72
N ARG D 410 36.32 1.64 12.96
CA ARG D 410 36.89 0.75 11.98
C ARG D 410 35.81 0.34 10.96
N ALA D 411 34.54 0.36 11.36
CA ALA D 411 33.49 -0.02 10.41
C ALA D 411 33.44 1.04 9.30
N ARG D 412 33.54 2.30 9.75
CA ARG D 412 33.50 3.39 8.78
C ARG D 412 34.74 3.36 7.88
N LYS D 413 35.88 2.99 8.49
CA LYS D 413 37.12 2.95 7.67
C LYS D 413 37.01 1.85 6.62
N ILE D 414 36.52 0.69 7.02
CA ILE D 414 36.28 -0.46 6.18
C ILE D 414 35.30 -0.09 5.07
N GLN D 415 34.27 0.62 5.48
CA GLN D 415 33.26 1.07 4.51
C GLN D 415 33.93 1.86 3.41
N ARG D 416 34.86 2.73 3.78
CA ARG D 416 35.56 3.58 2.80
C ARG D 416 36.61 2.80 2.05
N PHE D 417 37.33 1.92 2.74
CA PHE D 417 38.35 1.13 2.05
C PHE D 417 37.71 0.19 1.04
N LEU D 418 36.40 0.02 1.12
CA LEU D 418 35.67 -0.85 0.17
C LEU D 418 35.50 -0.09 -1.14
N SER D 419 35.52 1.24 -1.07
CA SER D 419 35.44 1.98 -2.34
C SER D 419 36.79 1.95 -3.06
N GLN D 420 36.77 2.23 -4.36
CA GLN D 420 37.91 2.10 -5.25
C GLN D 420 37.68 2.86 -6.55
N PRO D 421 38.69 3.59 -6.98
CA PRO D 421 38.71 4.34 -8.22
C PRO D 421 38.84 3.42 -9.41
N PHE D 422 37.85 3.45 -10.29
CA PHE D 422 37.81 2.59 -11.46
C PHE D 422 38.49 3.27 -12.63
N GLN D 423 39.25 2.52 -13.42
CA GLN D 423 39.94 3.05 -14.59
C GLN D 423 38.93 3.71 -15.55
N VAL D 424 37.83 3.02 -15.69
CA VAL D 424 36.68 3.38 -16.52
C VAL D 424 35.90 4.53 -15.92
N ALA D 425 36.13 4.81 -14.63
CA ALA D 425 35.36 5.88 -14.00
C ALA D 425 36.16 7.14 -13.80
N GLU D 426 37.34 7.23 -14.40
CA GLU D 426 38.19 8.40 -14.20
C GLU D 426 37.48 9.68 -14.61
N VAL D 427 36.65 9.69 -15.65
CA VAL D 427 35.91 10.86 -16.07
C VAL D 427 34.91 11.32 -15.00
N PHE D 428 34.64 10.51 -14.01
CA PHE D 428 33.68 10.82 -12.98
C PHE D 428 34.35 11.04 -11.63
N THR D 429 35.34 10.24 -11.26
CA THR D 429 35.94 10.33 -9.94
C THR D 429 36.98 11.43 -9.90
N GLY D 430 37.59 11.66 -11.05
CA GLY D 430 38.69 12.64 -11.09
C GLY D 430 39.91 12.01 -10.42
N HIS D 431 39.98 10.68 -10.40
CA HIS D 431 41.08 9.96 -9.79
C HIS D 431 41.60 8.94 -10.80
N LEU D 432 42.83 8.49 -10.63
CA LEU D 432 43.39 7.45 -11.49
C LEU D 432 42.91 6.07 -11.02
N GLY D 433 42.31 5.34 -11.94
CA GLY D 433 41.82 3.99 -11.65
C GLY D 433 42.88 3.17 -10.94
N LYS D 434 42.42 2.16 -10.19
CA LYS D 434 43.30 1.29 -9.44
C LYS D 434 42.84 -0.15 -9.43
N LEU D 435 43.75 -1.07 -9.63
CA LEU D 435 43.44 -2.51 -9.62
C LEU D 435 44.15 -3.14 -8.44
N VAL D 436 43.45 -3.70 -7.47
CA VAL D 436 44.07 -4.32 -6.32
C VAL D 436 43.97 -5.85 -6.34
N PRO D 437 45.09 -6.54 -6.35
CA PRO D 437 45.20 -7.98 -6.27
C PRO D 437 44.59 -8.55 -4.99
N LEU D 438 44.01 -9.73 -5.07
CA LEU D 438 43.35 -10.42 -3.99
C LEU D 438 44.08 -10.32 -2.65
N LYS D 439 45.35 -10.71 -2.67
CA LYS D 439 46.19 -10.70 -1.47
C LYS D 439 46.18 -9.34 -0.78
N GLU D 440 46.37 -8.28 -1.55
CA GLU D 440 46.43 -6.93 -0.99
C GLU D 440 45.08 -6.58 -0.38
N THR D 441 44.01 -6.95 -1.07
CA THR D 441 42.66 -6.72 -0.56
C THR D 441 42.58 -7.39 0.80
N ILE D 442 42.88 -8.70 0.84
CA ILE D 442 42.74 -9.45 2.08
C ILE D 442 43.51 -8.84 3.24
N LYS D 443 44.81 -8.67 3.01
CA LYS D 443 45.75 -8.05 3.91
C LYS D 443 45.23 -6.75 4.49
N GLY D 444 44.99 -5.75 3.64
CA GLY D 444 44.53 -4.47 4.15
C GLY D 444 43.33 -4.58 5.08
N PHE D 445 42.28 -5.27 4.63
CA PHE D 445 41.07 -5.37 5.43
C PHE D 445 41.39 -6.10 6.73
N GLN D 446 42.18 -7.16 6.61
CA GLN D 446 42.60 -7.91 7.81
C GLN D 446 43.31 -6.97 8.77
N GLN D 447 44.13 -6.06 8.24
CA GLN D 447 44.84 -5.14 9.11
C GLN D 447 43.88 -4.13 9.75
N ILE D 448 42.89 -3.66 9.01
CA ILE D 448 41.94 -2.72 9.63
C ILE D 448 41.15 -3.47 10.71
N LEU D 449 40.71 -4.68 10.39
CA LEU D 449 39.92 -5.41 11.40
C LEU D 449 40.75 -5.59 12.67
N ALA D 450 42.04 -5.81 12.44
CA ALA D 450 42.98 -6.08 13.51
C ALA D 450 43.40 -4.85 14.28
N GLY D 451 43.00 -3.63 13.94
CA GLY D 451 43.37 -2.47 14.72
C GLY D 451 44.58 -1.71 14.23
N GLU D 452 45.40 -2.26 13.32
CA GLU D 452 46.59 -1.64 12.83
C GLU D 452 46.49 -0.27 12.21
N TYR D 453 45.33 0.36 12.07
CA TYR D 453 45.30 1.70 11.47
C TYR D 453 44.29 2.58 12.20
N ASP D 454 44.14 2.33 13.48
CA ASP D 454 43.20 3.12 14.27
C ASP D 454 43.60 4.58 14.30
N HIS D 455 44.86 4.86 13.96
CA HIS D 455 45.40 6.21 14.08
C HIS D 455 45.23 7.04 12.82
N LEU D 456 44.96 6.38 11.69
CA LEU D 456 44.72 7.17 10.47
C LEU D 456 43.24 7.59 10.45
N PRO D 457 42.97 8.79 10.02
CA PRO D 457 41.65 9.33 9.85
C PRO D 457 40.92 8.56 8.75
N GLU D 458 39.63 8.36 8.91
CA GLU D 458 38.77 7.70 7.95
C GLU D 458 39.02 8.08 6.48
N GLN D 459 39.01 9.38 6.21
CA GLN D 459 39.14 9.89 4.88
C GLN D 459 40.41 9.43 4.17
N ALA D 460 41.30 8.77 4.91
CA ALA D 460 42.51 8.29 4.22
C ALA D 460 42.18 7.03 3.44
N PHE D 461 41.14 6.33 3.88
CA PHE D 461 40.74 5.06 3.29
C PHE D 461 39.80 5.24 2.11
N TYR D 462 39.24 6.44 1.99
CA TYR D 462 38.34 6.76 0.92
C TYR D 462 38.97 6.83 -0.46
N MET D 463 38.46 6.06 -1.41
CA MET D 463 38.87 6.12 -2.79
C MET D 463 40.36 5.91 -3.01
N VAL D 464 40.87 4.76 -2.56
CA VAL D 464 42.28 4.46 -2.82
C VAL D 464 42.38 3.04 -3.38
N GLY D 465 43.56 2.58 -3.69
CA GLY D 465 43.81 1.22 -4.16
C GLY D 465 44.23 0.38 -2.98
N PRO D 466 45.49 0.00 -2.93
CA PRO D 466 46.06 -0.81 -1.86
C PRO D 466 46.09 -0.07 -0.54
N ILE D 467 46.15 -0.82 0.57
CA ILE D 467 46.13 -0.20 1.89
C ILE D 467 47.25 0.84 2.00
N GLU D 468 48.38 0.53 1.35
CA GLU D 468 49.52 1.41 1.40
C GLU D 468 49.18 2.85 1.03
N GLU D 469 48.22 3.01 0.14
CA GLU D 469 47.83 4.34 -0.32
C GLU D 469 47.05 5.04 0.78
N ALA D 470 46.49 4.23 1.67
CA ALA D 470 45.70 4.78 2.79
C ALA D 470 46.62 5.49 3.77
N VAL D 471 47.77 4.89 4.00
CA VAL D 471 48.82 5.48 4.82
C VAL D 471 49.43 6.69 4.10
N ALA D 472 49.65 6.57 2.79
CA ALA D 472 50.18 7.72 2.06
C ALA D 472 49.22 8.91 2.19
N LYS D 473 47.99 8.75 1.70
CA LYS D 473 46.99 9.81 1.81
C LYS D 473 46.90 10.34 3.24
N ALA D 474 46.94 9.44 4.24
CA ALA D 474 46.90 9.91 5.63
C ALA D 474 48.01 10.94 5.83
N ASP D 475 49.21 10.57 5.38
CA ASP D 475 50.34 11.51 5.49
C ASP D 475 50.00 12.78 4.71
N LYS D 476 49.82 12.65 3.41
CA LYS D 476 49.44 13.75 2.54
C LYS D 476 48.66 14.83 3.28
N LEU D 477 47.67 14.45 4.07
CA LEU D 477 46.90 15.43 4.84
C LEU D 477 47.79 16.09 5.89
N ALA D 478 48.48 17.15 5.46
CA ALA D 478 49.36 17.91 6.36
C ALA D 478 48.62 19.14 6.89
N GLU D 479 48.25 20.06 5.99
CA GLU D 479 47.50 21.25 6.38
C GLU D 479 47.36 22.23 5.21
N THR E 13 -34.81 -34.28 -10.44
CA THR E 13 -34.16 -33.99 -11.73
C THR E 13 -32.68 -34.39 -11.82
N THR E 14 -32.32 -34.82 -13.04
CA THR E 14 -30.98 -35.25 -13.36
C THR E 14 -30.40 -34.25 -14.37
N GLY E 15 -29.19 -33.77 -14.07
CA GLY E 15 -28.54 -32.84 -14.99
C GLY E 15 -27.31 -33.51 -15.58
N ARG E 16 -26.55 -32.73 -16.34
CA ARG E 16 -25.31 -33.27 -16.94
C ARG E 16 -24.17 -32.27 -16.77
N ILE E 17 -22.99 -32.78 -16.45
CA ILE E 17 -21.85 -31.85 -16.30
C ILE E 17 -21.49 -31.27 -17.67
N VAL E 18 -21.46 -29.94 -17.79
CA VAL E 18 -21.03 -29.31 -19.04
C VAL E 18 -19.67 -28.63 -18.94
N ALA E 19 -19.19 -28.34 -17.73
CA ALA E 19 -17.90 -27.72 -17.53
C ALA E 19 -17.32 -28.07 -16.17
N VAL E 20 -16.03 -28.43 -16.19
CA VAL E 20 -15.28 -28.66 -14.95
C VAL E 20 -14.04 -27.78 -14.94
N ILE E 21 -13.97 -26.80 -14.07
CA ILE E 21 -12.80 -25.92 -13.97
C ILE E 21 -12.36 -25.85 -12.52
N GLY E 22 -11.43 -26.78 -12.19
CA GLY E 22 -11.01 -26.90 -10.79
C GLY E 22 -12.26 -27.23 -9.94
N ALA E 23 -12.39 -26.50 -8.84
CA ALA E 23 -13.46 -26.65 -7.88
C ALA E 23 -14.77 -25.99 -8.34
N VAL E 24 -14.85 -25.64 -9.61
CA VAL E 24 -16.07 -25.01 -10.12
C VAL E 24 -16.60 -25.89 -11.25
N VAL E 25 -17.79 -26.42 -11.04
CA VAL E 25 -18.44 -27.32 -11.98
C VAL E 25 -19.80 -26.77 -12.41
N ASP E 26 -19.98 -26.74 -13.72
CA ASP E 26 -21.19 -26.26 -14.36
C ASP E 26 -22.03 -27.46 -14.78
N VAL E 27 -23.28 -27.47 -14.33
CA VAL E 27 -24.20 -28.55 -14.60
C VAL E 27 -25.47 -28.05 -15.32
N GLN E 28 -25.80 -28.73 -16.41
CA GLN E 28 -27.02 -28.34 -17.14
C GLN E 28 -28.20 -29.26 -16.85
N PHE E 29 -29.39 -28.68 -16.69
CA PHE E 29 -30.61 -29.48 -16.45
C PHE E 29 -31.63 -29.33 -17.55
N ASP E 30 -32.53 -30.31 -17.70
CA ASP E 30 -33.54 -30.27 -18.77
C ASP E 30 -34.81 -29.56 -18.34
N GLU E 31 -35.24 -29.87 -17.15
CA GLU E 31 -36.40 -29.31 -16.48
C GLU E 31 -36.08 -29.31 -14.98
N GLY E 32 -36.85 -28.59 -14.20
CA GLY E 32 -36.61 -28.56 -12.74
C GLY E 32 -35.17 -28.14 -12.45
N LEU E 33 -34.88 -26.86 -12.65
CA LEU E 33 -33.54 -26.33 -12.38
C LEU E 33 -33.39 -26.13 -10.88
N PRO E 34 -32.35 -26.68 -10.31
CA PRO E 34 -32.08 -26.60 -8.89
C PRO E 34 -31.78 -25.19 -8.45
N PRO E 35 -32.48 -24.72 -7.44
CA PRO E 35 -32.31 -23.38 -6.88
C PRO E 35 -30.92 -23.21 -6.30
N ILE E 36 -30.53 -21.96 -6.05
CA ILE E 36 -29.20 -21.69 -5.48
C ILE E 36 -29.12 -22.24 -4.07
N LEU E 37 -27.97 -22.81 -3.70
CA LEU E 37 -27.72 -23.39 -2.39
C LEU E 37 -28.13 -24.86 -2.36
N ASN E 38 -28.70 -25.40 -3.43
CA ASN E 38 -29.06 -26.79 -3.49
C ASN E 38 -27.84 -27.71 -3.60
N ALA E 39 -28.01 -28.95 -3.16
CA ALA E 39 -26.96 -29.95 -3.21
C ALA E 39 -27.20 -30.87 -4.40
N LEU E 40 -26.14 -31.19 -5.12
CA LEU E 40 -26.23 -32.05 -6.29
C LEU E 40 -25.29 -33.24 -6.05
N GLU E 41 -25.81 -34.44 -6.25
CA GLU E 41 -25.04 -35.65 -6.11
C GLU E 41 -24.45 -36.05 -7.45
N VAL E 42 -23.12 -36.05 -7.56
CA VAL E 42 -22.55 -36.46 -8.87
C VAL E 42 -22.68 -37.99 -8.94
N GLN E 43 -23.05 -38.50 -10.12
CA GLN E 43 -23.21 -39.92 -10.31
C GLN E 43 -21.94 -40.58 -10.83
N GLY E 44 -21.78 -41.87 -10.55
CA GLY E 44 -20.66 -42.64 -11.03
C GLY E 44 -19.32 -42.26 -10.42
N ARG E 45 -19.20 -42.34 -9.10
CA ARG E 45 -17.94 -42.03 -8.42
C ARG E 45 -17.75 -42.79 -7.13
N GLU E 46 -16.51 -43.19 -6.82
CA GLU E 46 -16.26 -43.90 -5.56
C GLU E 46 -16.81 -43.14 -4.36
N THR E 47 -16.15 -42.07 -3.94
CA THR E 47 -16.59 -41.27 -2.81
C THR E 47 -17.75 -40.37 -3.26
N ARG E 48 -18.57 -39.95 -2.32
CA ARG E 48 -19.69 -39.04 -2.61
C ARG E 48 -19.18 -37.65 -2.99
N LEU E 49 -19.59 -37.18 -4.17
CA LEU E 49 -19.16 -35.86 -4.64
C LEU E 49 -20.35 -34.92 -4.64
N VAL E 50 -20.39 -33.96 -3.74
CA VAL E 50 -21.53 -33.03 -3.69
C VAL E 50 -21.22 -31.72 -4.38
N LEU E 51 -22.11 -31.20 -5.20
CA LEU E 51 -21.92 -29.87 -5.81
C LEU E 51 -22.93 -28.89 -5.22
N GLU E 52 -22.53 -27.70 -4.83
CA GLU E 52 -23.52 -26.75 -4.29
C GLU E 52 -23.80 -25.67 -5.31
N VAL E 53 -25.01 -25.56 -5.80
CA VAL E 53 -25.38 -24.50 -6.75
C VAL E 53 -25.09 -23.11 -6.17
N ALA E 54 -24.33 -22.31 -6.89
CA ALA E 54 -23.97 -20.97 -6.53
C ALA E 54 -24.70 -19.94 -7.37
N GLN E 55 -24.86 -20.19 -8.67
CA GLN E 55 -25.46 -19.18 -9.54
C GLN E 55 -26.31 -19.87 -10.61
N HIS E 56 -27.25 -19.12 -11.17
CA HIS E 56 -27.98 -19.60 -12.35
C HIS E 56 -27.42 -18.80 -13.54
N LEU E 57 -26.65 -19.43 -14.39
CA LEU E 57 -25.99 -18.79 -15.51
C LEU E 57 -26.92 -18.47 -16.67
N GLY E 58 -28.12 -19.03 -16.65
CA GLY E 58 -29.02 -18.89 -17.81
C GLY E 58 -28.88 -20.17 -18.66
N GLU E 59 -29.79 -20.32 -19.61
CA GLU E 59 -29.73 -21.48 -20.50
C GLU E 59 -29.79 -22.80 -19.76
N SER E 60 -30.61 -22.82 -18.70
CA SER E 60 -30.82 -24.08 -17.98
C SER E 60 -29.54 -24.61 -17.37
N THR E 61 -28.54 -23.74 -17.32
CA THR E 61 -27.26 -24.13 -16.75
C THR E 61 -27.00 -23.45 -15.42
N VAL E 62 -26.53 -24.26 -14.47
CA VAL E 62 -26.15 -23.75 -13.17
C VAL E 62 -24.63 -23.88 -12.98
N ARG E 63 -24.10 -22.98 -12.17
CA ARG E 63 -22.70 -22.97 -11.78
C ARG E 63 -22.64 -23.44 -10.32
N THR E 64 -21.77 -24.41 -10.06
CA THR E 64 -21.71 -24.89 -8.66
C THR E 64 -20.30 -24.90 -8.11
N ILE E 65 -20.17 -25.09 -6.80
CA ILE E 65 -18.85 -25.24 -6.17
C ILE E 65 -18.69 -26.65 -5.64
N ALA E 66 -17.57 -27.32 -5.90
CA ALA E 66 -17.40 -28.72 -5.50
C ALA E 66 -16.99 -28.87 -4.05
N MET E 67 -17.55 -29.88 -3.35
CA MET E 67 -17.20 -30.07 -1.95
C MET E 67 -16.01 -31.00 -1.80
N ASP E 68 -15.52 -31.54 -2.89
CA ASP E 68 -14.37 -32.42 -2.90
C ASP E 68 -13.70 -32.30 -4.26
N GLY E 69 -12.61 -32.99 -4.47
CA GLY E 69 -11.88 -33.00 -5.72
C GLY E 69 -12.80 -33.28 -6.90
N THR E 70 -12.47 -32.71 -8.05
CA THR E 70 -13.26 -32.84 -9.26
C THR E 70 -12.54 -33.65 -10.32
N GLU E 71 -11.33 -34.09 -9.98
CA GLU E 71 -10.58 -34.95 -10.88
C GLU E 71 -11.44 -36.15 -11.33
N GLY E 72 -11.29 -36.53 -12.59
CA GLY E 72 -11.98 -37.61 -13.20
C GLY E 72 -13.34 -37.31 -13.77
N LEU E 73 -13.93 -36.17 -13.41
CA LEU E 73 -15.24 -35.81 -13.95
C LEU E 73 -15.17 -35.69 -15.46
N VAL E 74 -16.20 -36.11 -16.18
CA VAL E 74 -16.28 -36.06 -17.63
C VAL E 74 -17.46 -35.17 -18.02
N ARG E 75 -17.40 -34.46 -19.14
CA ARG E 75 -18.55 -33.65 -19.54
C ARG E 75 -19.68 -34.56 -19.98
N GLY E 76 -20.87 -34.40 -19.41
CA GLY E 76 -22.00 -35.25 -19.75
C GLY E 76 -22.28 -36.19 -18.58
N GLN E 77 -21.32 -36.28 -17.65
CA GLN E 77 -21.56 -37.16 -16.50
C GLN E 77 -22.83 -36.69 -15.79
N LYS E 78 -23.60 -37.65 -15.32
CA LYS E 78 -24.88 -37.42 -14.70
C LYS E 78 -24.73 -36.89 -13.28
N VAL E 79 -25.58 -35.92 -12.96
CA VAL E 79 -25.62 -35.24 -11.68
C VAL E 79 -27.09 -35.15 -11.22
N LEU E 80 -27.41 -35.78 -10.09
CA LEU E 80 -28.78 -35.74 -9.59
C LEU E 80 -28.97 -34.56 -8.64
N ASP E 81 -30.06 -33.83 -8.82
CA ASP E 81 -30.42 -32.74 -7.91
C ASP E 81 -31.17 -33.35 -6.72
N SER E 82 -30.67 -33.09 -5.52
CA SER E 82 -31.22 -33.71 -4.33
C SER E 82 -32.52 -33.06 -3.87
N GLY E 83 -32.91 -31.96 -4.51
CA GLY E 83 -34.13 -31.26 -4.18
C GLY E 83 -33.97 -30.30 -3.02
N ALA E 84 -32.84 -30.35 -2.32
CA ALA E 84 -32.59 -29.40 -1.23
C ALA E 84 -31.08 -29.14 -1.04
N PRO E 85 -30.76 -28.13 -0.26
CA PRO E 85 -29.42 -27.84 0.17
C PRO E 85 -28.82 -29.07 0.87
N ILE E 86 -27.57 -28.94 1.25
CA ILE E 86 -26.86 -29.95 2.02
C ILE E 86 -27.57 -30.20 3.35
N ARG E 87 -27.90 -31.46 3.61
CA ARG E 87 -28.55 -31.92 4.80
C ARG E 87 -27.70 -32.98 5.52
N ILE E 88 -27.59 -32.79 6.83
CA ILE E 88 -26.76 -33.66 7.65
C ILE E 88 -27.56 -34.27 8.79
N PRO E 89 -27.12 -35.39 9.30
CA PRO E 89 -27.70 -36.03 10.47
C PRO E 89 -27.64 -35.04 11.64
N VAL E 90 -28.74 -34.78 12.32
CA VAL E 90 -28.80 -33.88 13.45
C VAL E 90 -29.49 -34.57 14.61
N GLY E 91 -29.02 -34.39 15.84
CA GLY E 91 -29.57 -35.07 16.99
C GLY E 91 -28.49 -35.71 17.86
N PRO E 92 -28.90 -36.34 18.95
CA PRO E 92 -28.06 -36.95 19.94
C PRO E 92 -27.08 -37.97 19.40
N GLU E 93 -27.42 -38.64 18.31
CA GLU E 93 -26.53 -39.61 17.71
C GLU E 93 -25.24 -38.95 17.22
N THR E 94 -25.22 -37.63 17.11
CA THR E 94 -24.05 -36.94 16.58
C THR E 94 -22.97 -36.83 17.65
N LEU E 95 -23.35 -36.95 18.91
CA LEU E 95 -22.47 -36.77 20.04
C LEU E 95 -21.34 -37.79 20.16
N GLY E 96 -20.11 -37.25 20.21
CA GLY E 96 -18.91 -38.06 20.25
C GLY E 96 -18.56 -38.63 18.89
N ARG E 97 -19.31 -38.31 17.86
CA ARG E 97 -18.98 -38.72 16.49
C ARG E 97 -18.32 -37.57 15.72
N ILE E 98 -17.44 -37.92 14.79
CA ILE E 98 -16.74 -36.90 14.02
C ILE E 98 -17.48 -36.84 12.69
N MET E 99 -17.94 -35.66 12.31
CA MET E 99 -18.66 -35.58 11.04
C MET E 99 -17.86 -34.76 10.03
N ASN E 100 -18.23 -34.93 8.79
CA ASN E 100 -17.66 -34.27 7.61
C ASN E 100 -18.56 -33.08 7.26
N VAL E 101 -18.24 -32.30 6.25
CA VAL E 101 -19.01 -31.18 5.79
C VAL E 101 -20.45 -31.54 5.38
N ILE E 102 -20.55 -32.64 4.62
CA ILE E 102 -21.83 -33.06 4.08
C ILE E 102 -22.50 -34.11 4.97
N GLY E 103 -22.18 -34.10 6.25
CA GLY E 103 -22.71 -35.00 7.23
C GLY E 103 -22.19 -36.42 7.27
N GLU E 104 -21.35 -36.89 6.39
CA GLU E 104 -20.81 -38.24 6.42
C GLU E 104 -19.88 -38.43 7.64
N PRO E 105 -19.91 -39.61 8.22
CA PRO E 105 -19.06 -39.98 9.34
C PRO E 105 -17.62 -40.20 8.88
N ILE E 106 -16.66 -39.65 9.62
CA ILE E 106 -15.25 -39.84 9.26
C ILE E 106 -14.45 -40.39 10.43
N ASP E 107 -15.11 -41.15 11.30
CA ASP E 107 -14.45 -41.72 12.46
C ASP E 107 -14.33 -43.25 12.37
N GLU E 108 -14.83 -43.86 11.33
CA GLU E 108 -14.77 -45.31 11.17
C GLU E 108 -15.66 -46.02 12.20
N ARG E 109 -16.71 -45.36 12.65
CA ARG E 109 -17.61 -45.91 13.63
C ARG E 109 -19.00 -46.18 13.07
N GLY E 110 -19.08 -46.39 11.77
CA GLY E 110 -20.31 -46.67 11.07
C GLY E 110 -21.17 -45.43 10.94
N PRO E 111 -22.36 -45.56 10.40
CA PRO E 111 -23.34 -44.53 10.25
C PRO E 111 -23.65 -43.70 11.50
N ILE E 112 -24.23 -42.54 11.26
CA ILE E 112 -24.66 -41.63 12.32
C ILE E 112 -26.17 -41.52 12.19
N LYS E 113 -26.88 -42.63 12.42
CA LYS E 113 -28.31 -42.68 12.21
C LYS E 113 -29.14 -41.89 13.20
N THR E 114 -29.58 -40.71 12.77
CA THR E 114 -30.45 -39.84 13.51
C THR E 114 -31.88 -40.06 12.98
N LYS E 115 -32.85 -39.53 13.72
CA LYS E 115 -34.25 -39.68 13.31
C LYS E 115 -34.49 -38.84 12.06
N GLN E 116 -33.80 -37.70 12.01
CA GLN E 116 -33.92 -36.79 10.87
C GLN E 116 -32.63 -36.01 10.61
N PHE E 117 -32.58 -35.43 9.42
CA PHE E 117 -31.44 -34.61 9.00
C PHE E 117 -31.86 -33.14 9.00
N ALA E 118 -30.96 -32.24 8.62
CA ALA E 118 -31.27 -30.82 8.53
C ALA E 118 -30.29 -30.10 7.61
N ALA E 119 -30.86 -29.16 6.86
CA ALA E 119 -30.23 -28.29 5.93
C ALA E 119 -29.23 -27.35 6.60
N ILE E 120 -28.03 -27.25 6.03
CA ILE E 120 -26.97 -26.43 6.65
C ILE E 120 -27.21 -24.94 6.43
N HIS E 121 -28.06 -24.66 5.41
CA HIS E 121 -28.48 -23.28 5.17
C HIS E 121 -29.87 -23.01 5.77
N ALA E 122 -29.95 -21.99 6.60
CA ALA E 122 -31.17 -21.56 7.26
C ALA E 122 -31.10 -20.04 7.43
N GLU E 123 -32.22 -19.38 7.51
CA GLU E 123 -32.27 -17.96 7.83
C GLU E 123 -32.09 -17.85 9.34
N ALA E 124 -31.71 -16.69 9.82
CA ALA E 124 -31.51 -16.45 11.26
C ALA E 124 -32.86 -16.18 11.91
N PRO E 125 -32.96 -16.48 13.18
CA PRO E 125 -34.20 -16.28 13.95
C PRO E 125 -34.75 -14.91 13.61
N GLU E 126 -36.06 -14.77 13.52
CA GLU E 126 -36.71 -13.51 13.17
C GLU E 126 -36.62 -12.52 14.31
N PHE E 127 -36.82 -11.25 14.03
CA PHE E 127 -36.80 -10.22 15.07
C PHE E 127 -37.75 -10.58 16.20
N VAL E 128 -38.89 -11.19 15.90
CA VAL E 128 -39.84 -11.56 16.93
C VAL E 128 -39.36 -12.73 17.79
N GLU E 129 -38.39 -13.50 17.34
CA GLU E 129 -37.91 -14.63 18.13
C GLU E 129 -36.71 -14.28 18.99
N MET E 130 -36.17 -13.07 18.86
CA MET E 130 -35.01 -12.68 19.62
C MET E 130 -35.33 -12.53 21.10
N SER E 131 -34.36 -12.89 21.95
CA SER E 131 -34.51 -12.61 23.39
C SER E 131 -34.26 -11.11 23.53
N VAL E 132 -35.02 -10.45 24.38
CA VAL E 132 -34.97 -9.00 24.53
C VAL E 132 -34.03 -8.61 25.65
N GLU E 133 -33.48 -9.61 26.34
CA GLU E 133 -32.57 -9.25 27.43
C GLU E 133 -31.22 -9.91 27.32
N GLN E 134 -30.25 -9.32 28.00
CA GLN E 134 -28.87 -9.80 28.00
C GLN E 134 -28.62 -10.66 29.22
N GLU E 135 -28.51 -11.97 29.03
CA GLU E 135 -28.19 -12.87 30.13
C GLU E 135 -26.70 -13.23 30.12
N ILE E 136 -26.29 -13.94 31.15
CA ILE E 136 -24.90 -14.39 31.25
C ILE E 136 -24.80 -15.90 31.24
N LEU E 137 -23.80 -16.46 30.57
CA LEU E 137 -23.60 -17.91 30.57
C LEU E 137 -22.47 -18.18 31.57
N VAL E 138 -22.84 -18.55 32.79
CA VAL E 138 -21.86 -18.87 33.83
C VAL E 138 -21.09 -20.10 33.36
N THR E 139 -19.77 -19.99 33.26
CA THR E 139 -19.00 -21.11 32.70
C THR E 139 -18.37 -21.85 33.88
N GLY E 140 -18.44 -21.14 35.03
CA GLY E 140 -17.88 -21.70 36.24
C GLY E 140 -16.37 -21.58 36.26
N ILE E 141 -15.81 -20.61 35.53
CA ILE E 141 -14.38 -20.34 35.53
C ILE E 141 -14.14 -18.94 36.08
N LYS E 142 -13.47 -18.84 37.22
CA LYS E 142 -13.29 -17.57 37.91
C LYS E 142 -12.85 -16.41 37.04
N VAL E 143 -11.73 -16.46 36.31
CA VAL E 143 -11.32 -15.34 35.50
C VAL E 143 -12.49 -14.85 34.59
N VAL E 144 -13.04 -15.81 33.85
CA VAL E 144 -14.08 -15.46 32.90
C VAL E 144 -15.34 -14.90 33.54
N ASP E 145 -15.98 -15.70 34.41
CA ASP E 145 -17.22 -15.26 35.05
C ASP E 145 -16.99 -13.96 35.80
N LEU E 146 -15.82 -13.75 36.42
CA LEU E 146 -15.65 -12.49 37.11
C LEU E 146 -15.42 -11.27 36.22
N LEU E 147 -14.37 -11.35 35.41
CA LEU E 147 -13.81 -10.24 34.67
C LEU E 147 -14.28 -10.03 33.26
N ALA E 148 -14.66 -11.09 32.55
CA ALA E 148 -15.11 -10.94 31.17
C ALA E 148 -16.06 -12.06 30.80
N PRO E 149 -17.25 -12.03 31.38
CA PRO E 149 -18.28 -13.02 31.26
C PRO E 149 -18.82 -13.21 29.86
N TYR E 150 -19.15 -14.44 29.55
CA TYR E 150 -19.73 -14.84 28.28
C TYR E 150 -21.19 -14.40 28.24
N ALA E 151 -21.63 -13.84 27.13
CA ALA E 151 -23.04 -13.46 27.00
C ALA E 151 -23.79 -14.63 26.36
N LYS E 152 -24.81 -15.05 27.07
CA LYS E 152 -25.67 -16.14 26.58
C LYS E 152 -26.09 -15.86 25.15
N GLY E 153 -25.80 -16.83 24.28
CA GLY E 153 -26.14 -16.66 22.87
C GLY E 153 -25.22 -15.61 22.25
N GLY E 154 -23.99 -15.45 22.79
CA GLY E 154 -23.08 -14.44 22.30
C GLY E 154 -21.88 -15.03 21.58
N LYS E 155 -20.98 -14.18 21.12
CA LYS E 155 -19.80 -14.65 20.38
C LYS E 155 -18.56 -14.26 21.19
N ILE E 156 -17.69 -15.24 21.44
CA ILE E 156 -16.51 -14.91 22.26
C ILE E 156 -15.25 -15.11 21.44
N GLY E 157 -14.42 -14.08 21.40
CA GLY E 157 -13.18 -14.22 20.60
C GLY E 157 -12.06 -14.85 21.42
N LEU E 158 -11.68 -16.06 21.07
CA LEU E 158 -10.61 -16.77 21.75
C LEU E 158 -9.25 -16.45 21.14
N PHE E 159 -8.57 -15.48 21.73
CA PHE E 159 -7.23 -15.08 21.30
C PHE E 159 -6.22 -15.91 22.07
N GLY E 160 -5.36 -16.64 21.35
CA GLY E 160 -4.39 -17.48 22.02
C GLY E 160 -3.32 -18.10 21.13
N GLY E 161 -3.60 -19.25 20.54
CA GLY E 161 -2.64 -20.00 19.77
C GLY E 161 -2.29 -21.29 20.53
N ALA E 162 -1.36 -22.07 19.99
CA ALA E 162 -0.99 -23.31 20.68
C ALA E 162 -0.14 -23.05 21.92
N GLY E 163 0.12 -24.06 22.74
CA GLY E 163 0.95 -23.90 23.91
C GLY E 163 0.42 -23.00 25.00
N VAL E 164 -0.86 -22.68 25.06
CA VAL E 164 -1.41 -21.88 26.15
C VAL E 164 -2.68 -22.45 26.76
N GLY E 165 -2.91 -23.75 26.65
CA GLY E 165 -4.05 -24.40 27.25
C GLY E 165 -5.34 -24.23 26.49
N LYS E 166 -5.28 -23.83 25.22
CA LYS E 166 -6.50 -23.69 24.42
C LYS E 166 -7.37 -24.94 24.47
N THR E 167 -6.82 -26.10 24.16
CA THR E 167 -7.63 -27.31 24.14
C THR E 167 -8.20 -27.65 25.52
N VAL E 168 -7.43 -27.37 26.56
CA VAL E 168 -7.88 -27.68 27.92
C VAL E 168 -9.04 -26.76 28.29
N LEU E 169 -8.94 -25.50 27.89
CA LEU E 169 -9.99 -24.55 28.13
C LEU E 169 -11.30 -24.99 27.45
N ILE E 170 -11.17 -25.31 26.16
CA ILE E 170 -12.31 -25.70 25.36
C ILE E 170 -13.04 -26.87 26.00
N MET E 171 -12.28 -27.94 26.28
CA MET E 171 -12.80 -29.15 26.84
C MET E 171 -13.47 -28.91 28.19
N GLU E 172 -12.90 -27.98 28.96
CA GLU E 172 -13.43 -27.67 30.26
C GLU E 172 -14.74 -26.90 30.10
N LEU E 173 -14.77 -26.07 29.05
CA LEU E 173 -15.93 -25.25 28.76
C LEU E 173 -17.11 -26.17 28.44
N ILE E 174 -16.84 -27.12 27.57
CA ILE E 174 -17.79 -28.15 27.20
C ILE E 174 -18.30 -28.88 28.44
N ASN E 175 -17.37 -29.31 29.27
CA ASN E 175 -17.71 -30.11 30.44
C ASN E 175 -18.54 -29.31 31.42
N ASN E 176 -18.18 -28.05 31.63
CA ASN E 176 -18.89 -27.20 32.59
C ASN E 176 -20.25 -26.82 32.07
N VAL E 177 -20.38 -26.68 30.75
CA VAL E 177 -21.69 -26.28 30.20
C VAL E 177 -22.63 -27.46 30.29
N ALA E 178 -22.13 -28.67 30.05
CA ALA E 178 -22.96 -29.86 30.11
C ALA E 178 -23.54 -30.07 31.52
N LYS E 179 -22.69 -29.95 32.54
CA LYS E 179 -23.05 -30.13 33.92
C LYS E 179 -23.85 -28.98 34.53
N ALA E 180 -23.38 -27.75 34.40
CA ALA E 180 -24.08 -26.61 34.96
C ALA E 180 -25.24 -26.10 34.11
N HIS E 181 -25.57 -26.68 32.96
CA HIS E 181 -26.67 -26.16 32.17
C HIS E 181 -27.41 -27.23 31.39
N GLY E 182 -26.93 -28.45 31.31
CA GLY E 182 -27.61 -29.45 30.49
C GLY E 182 -27.41 -29.25 29.01
N GLY E 183 -26.68 -28.24 28.56
CA GLY E 183 -26.45 -28.02 27.14
C GLY E 183 -25.24 -28.79 26.59
N TYR E 184 -25.39 -29.31 25.39
CA TYR E 184 -24.31 -30.03 24.74
C TYR E 184 -23.40 -29.05 23.99
N SER E 185 -22.34 -29.58 23.36
CA SER E 185 -21.42 -28.71 22.64
C SER E 185 -21.14 -29.22 21.24
N VAL E 186 -20.82 -28.29 20.35
CA VAL E 186 -20.40 -28.66 18.99
C VAL E 186 -19.04 -28.05 18.68
N PHE E 187 -18.18 -28.77 17.99
CA PHE E 187 -16.88 -28.26 17.60
C PHE E 187 -16.74 -28.26 16.07
N ALA E 188 -16.63 -27.07 15.50
CA ALA E 188 -16.48 -26.90 14.07
C ALA E 188 -15.02 -26.53 13.77
N GLY E 189 -14.29 -27.53 13.29
CA GLY E 189 -12.89 -27.34 12.94
C GLY E 189 -12.81 -26.87 11.47
N VAL E 190 -12.87 -25.56 11.29
CA VAL E 190 -12.82 -24.92 9.98
C VAL E 190 -11.38 -24.85 9.50
N GLY E 191 -11.05 -25.67 8.52
CA GLY E 191 -9.66 -25.74 8.04
C GLY E 191 -8.85 -26.42 9.14
N GLU E 192 -9.27 -27.61 9.52
CA GLU E 192 -8.63 -28.43 10.52
C GLU E 192 -7.44 -29.19 9.89
N ARG E 193 -6.28 -29.10 10.52
CA ARG E 193 -5.16 -29.91 10.04
C ARG E 193 -5.43 -31.34 10.54
N THR E 194 -5.48 -32.30 9.63
CA THR E 194 -5.71 -33.69 9.99
C THR E 194 -4.94 -34.14 11.22
N ARG E 195 -3.63 -33.87 11.25
CA ARG E 195 -2.83 -34.28 12.39
C ARG E 195 -3.44 -33.69 13.66
N GLU E 196 -3.74 -32.38 13.64
CA GLU E 196 -4.26 -31.76 14.86
C GLU E 196 -5.69 -32.19 15.16
N GLY E 197 -6.37 -32.80 14.19
CA GLY E 197 -7.74 -33.26 14.39
C GLY E 197 -7.76 -34.66 15.03
N ASN E 198 -6.77 -35.46 14.69
CA ASN E 198 -6.64 -36.79 15.28
C ASN E 198 -6.31 -36.64 16.76
N ASP E 199 -5.39 -35.75 17.10
CA ASP E 199 -4.92 -35.62 18.47
C ASP E 199 -6.01 -35.15 19.44
N LEU E 200 -6.72 -34.15 18.93
CA LEU E 200 -7.79 -33.53 19.73
C LEU E 200 -8.94 -34.52 19.94
N TYR E 201 -9.14 -35.45 19.00
CA TYR E 201 -10.14 -36.49 19.15
C TYR E 201 -9.79 -37.33 20.40
N HIS E 202 -8.70 -38.06 20.28
CA HIS E 202 -8.15 -38.87 21.33
C HIS E 202 -7.92 -38.08 22.61
N GLU E 203 -7.74 -36.79 22.51
CA GLU E 203 -7.52 -35.93 23.67
C GLU E 203 -8.86 -35.77 24.40
N MET E 204 -9.89 -35.62 23.56
CA MET E 204 -11.25 -35.44 24.09
C MET E 204 -11.67 -36.71 24.83
N ILE E 205 -11.31 -37.84 24.23
CA ILE E 205 -11.48 -39.15 24.80
C ILE E 205 -10.78 -39.22 26.14
N GLU E 206 -9.48 -38.94 26.18
CA GLU E 206 -8.78 -38.91 27.45
C GLU E 206 -9.50 -38.06 28.49
N SER E 207 -9.94 -36.85 28.17
CA SER E 207 -10.58 -36.01 29.18
C SER E 207 -11.94 -36.61 29.58
N GLY E 208 -12.57 -37.31 28.64
CA GLY E 208 -13.86 -37.88 28.80
C GLY E 208 -15.01 -37.09 28.19
N VAL E 209 -14.77 -35.88 27.69
CA VAL E 209 -15.85 -35.11 27.07
C VAL E 209 -16.37 -35.82 25.83
N ILE E 210 -15.69 -36.85 25.41
CA ILE E 210 -16.12 -37.72 24.33
C ILE E 210 -16.03 -39.14 24.95
N ASN E 211 -16.90 -40.04 24.53
CA ASN E 211 -16.90 -41.40 25.01
C ASN E 211 -17.27 -42.38 23.88
N LEU E 212 -16.43 -43.39 23.73
CA LEU E 212 -16.58 -44.34 22.63
C LEU E 212 -17.53 -45.48 23.01
N LYS E 213 -17.67 -45.66 24.31
CA LYS E 213 -18.52 -46.75 24.82
C LYS E 213 -19.95 -46.28 25.02
N ASP E 214 -20.22 -45.66 26.15
CA ASP E 214 -21.58 -45.21 26.46
C ASP E 214 -22.05 -44.14 25.51
N ALA E 215 -23.06 -43.41 25.95
CA ALA E 215 -23.65 -42.31 25.21
C ALA E 215 -23.59 -41.06 26.10
N THR E 216 -22.49 -40.94 26.82
CA THR E 216 -22.29 -39.82 27.73
C THR E 216 -21.48 -38.69 27.12
N SER E 217 -21.10 -38.82 25.84
CA SER E 217 -20.31 -37.77 25.18
C SER E 217 -21.04 -36.43 25.18
N LYS E 218 -20.35 -35.36 25.53
CA LYS E 218 -20.95 -34.03 25.58
C LYS E 218 -20.66 -33.23 24.31
N VAL E 219 -19.69 -33.71 23.51
CA VAL E 219 -19.28 -32.99 22.33
C VAL E 219 -19.52 -33.74 21.02
N ALA E 220 -19.98 -32.98 20.03
CA ALA E 220 -20.11 -33.51 18.67
C ALA E 220 -19.08 -32.76 17.80
N LEU E 221 -18.41 -33.50 16.91
CA LEU E 221 -17.36 -32.86 16.11
C LEU E 221 -17.67 -32.80 14.61
N VAL E 222 -17.45 -31.62 14.07
CA VAL E 222 -17.54 -31.38 12.61
C VAL E 222 -16.19 -30.87 12.10
N TYR E 223 -15.58 -31.59 11.16
CA TYR E 223 -14.28 -31.23 10.63
C TYR E 223 -14.23 -30.81 9.16
N GLY E 224 -13.65 -29.65 8.91
CA GLY E 224 -13.40 -29.20 7.51
C GLY E 224 -11.86 -29.17 7.35
N GLN E 225 -11.28 -30.29 6.92
CA GLN E 225 -9.82 -30.34 6.89
C GLN E 225 -9.21 -29.43 5.85
N MET E 226 -7.94 -29.07 6.13
CA MET E 226 -7.24 -28.19 5.19
C MET E 226 -7.10 -28.76 3.79
N ASN E 227 -6.99 -30.07 3.62
CA ASN E 227 -6.92 -30.71 2.35
C ASN E 227 -8.17 -30.37 1.50
N GLU E 228 -9.29 -30.12 2.19
CA GLU E 228 -10.54 -30.00 1.42
C GLU E 228 -10.58 -28.74 0.59
N PRO E 229 -11.27 -28.77 -0.54
CA PRO E 229 -11.50 -27.62 -1.40
C PRO E 229 -12.11 -26.46 -0.61
N PRO E 230 -12.02 -25.27 -1.15
CA PRO E 230 -12.53 -24.06 -0.54
C PRO E 230 -14.01 -24.16 -0.16
N GLY E 231 -14.83 -24.66 -1.07
CA GLY E 231 -16.26 -24.83 -0.84
C GLY E 231 -16.53 -25.64 0.43
N ALA E 232 -15.74 -26.68 0.69
CA ALA E 232 -15.96 -27.46 1.89
C ALA E 232 -15.59 -26.67 3.13
N ARG E 233 -14.41 -26.04 3.14
CA ARG E 233 -14.02 -25.33 4.37
C ARG E 233 -14.92 -24.13 4.61
N ALA E 234 -15.61 -23.67 3.57
CA ALA E 234 -16.44 -22.48 3.72
C ALA E 234 -17.77 -22.80 4.39
N ARG E 235 -18.24 -24.02 4.18
CA ARG E 235 -19.50 -24.51 4.67
C ARG E 235 -19.44 -25.22 6.01
N VAL E 236 -18.31 -25.76 6.47
CA VAL E 236 -18.30 -26.50 7.72
C VAL E 236 -18.87 -25.76 8.92
N ALA E 237 -18.57 -24.48 9.05
CA ALA E 237 -19.10 -23.72 10.19
C ALA E 237 -20.64 -23.85 10.15
N LEU E 238 -21.18 -23.84 8.94
CA LEU E 238 -22.63 -23.98 8.79
C LEU E 238 -23.09 -25.36 9.22
N THR E 239 -22.42 -26.41 8.76
CA THR E 239 -22.76 -27.76 9.20
C THR E 239 -22.74 -27.87 10.73
N GLY E 240 -21.67 -27.36 11.34
CA GLY E 240 -21.55 -27.48 12.80
C GLY E 240 -22.68 -26.68 13.45
N LEU E 241 -22.98 -25.54 12.86
CA LEU E 241 -23.99 -24.62 13.38
C LEU E 241 -25.37 -25.27 13.31
N THR E 242 -25.63 -25.96 12.22
CA THR E 242 -26.85 -26.75 12.07
C THR E 242 -26.97 -27.74 13.23
N VAL E 243 -25.88 -28.45 13.51
CA VAL E 243 -25.90 -29.40 14.64
C VAL E 243 -26.38 -28.69 15.90
N ALA E 244 -25.70 -27.61 16.25
CA ALA E 244 -25.99 -26.84 17.44
C ALA E 244 -27.41 -26.34 17.50
N GLU E 245 -27.94 -25.82 16.40
CA GLU E 245 -29.30 -25.31 16.33
C GLU E 245 -30.29 -26.43 16.68
N TYR E 246 -29.95 -27.67 16.34
CA TYR E 246 -30.83 -28.77 16.68
C TYR E 246 -31.09 -28.86 18.18
N PHE E 247 -30.04 -28.74 18.98
CA PHE E 247 -30.19 -28.86 20.43
C PHE E 247 -30.85 -27.62 21.04
N ARG E 248 -30.78 -26.52 20.30
CA ARG E 248 -31.40 -25.31 20.79
C ARG E 248 -32.89 -25.28 20.42
N ASP E 249 -33.24 -25.75 19.26
CA ASP E 249 -34.57 -25.64 18.70
C ASP E 249 -35.47 -26.78 19.11
N GLN E 250 -34.97 -28.01 19.02
CA GLN E 250 -35.72 -29.20 19.33
C GLN E 250 -35.57 -29.68 20.76
N GLU E 251 -34.56 -29.22 21.48
CA GLU E 251 -34.38 -29.66 22.86
C GLU E 251 -34.14 -28.49 23.80
N GLY E 252 -34.38 -27.28 23.30
CA GLY E 252 -34.25 -26.08 24.09
C GLY E 252 -33.03 -26.01 24.98
N GLN E 253 -31.96 -26.70 24.58
CA GLN E 253 -30.70 -26.65 25.33
C GLN E 253 -30.02 -25.30 25.13
N ASP E 254 -29.03 -25.01 25.96
CA ASP E 254 -28.16 -23.84 25.80
C ASP E 254 -26.83 -24.39 25.23
N VAL E 255 -26.78 -24.44 23.91
CA VAL E 255 -25.64 -25.04 23.24
C VAL E 255 -24.42 -24.12 23.28
N LEU E 256 -23.29 -24.76 23.06
CA LEU E 256 -22.01 -24.08 22.96
C LEU E 256 -21.39 -24.48 21.62
N LEU E 257 -21.05 -23.51 20.79
CA LEU E 257 -20.47 -23.82 19.48
C LEU E 257 -19.04 -23.28 19.43
N PHE E 258 -18.10 -24.20 19.18
CA PHE E 258 -16.71 -23.76 19.05
C PHE E 258 -16.41 -23.59 17.57
N ILE E 259 -15.88 -22.47 17.14
CA ILE E 259 -15.44 -22.35 15.74
C ILE E 259 -13.93 -22.12 15.76
N ASP E 260 -13.20 -23.14 15.28
CA ASP E 260 -11.75 -23.03 15.19
C ASP E 260 -11.29 -23.19 13.74
N ASN E 261 -10.89 -22.11 13.09
CA ASN E 261 -10.90 -20.77 13.59
C ASN E 261 -11.64 -19.82 12.65
N ILE E 262 -12.21 -18.79 13.24
CA ILE E 262 -13.09 -17.90 12.45
C ILE E 262 -12.41 -17.31 11.25
N PHE E 263 -11.13 -17.00 11.38
CA PHE E 263 -10.32 -16.47 10.30
C PHE E 263 -10.23 -17.41 9.09
N ARG E 264 -10.09 -18.71 9.29
CA ARG E 264 -10.08 -19.66 8.17
C ARG E 264 -11.45 -19.79 7.51
N PHE E 265 -12.52 -19.37 8.18
CA PHE E 265 -13.88 -19.35 7.63
C PHE E 265 -13.98 -18.22 6.60
N THR E 266 -13.49 -17.03 6.94
CA THR E 266 -13.39 -15.91 6.02
C THR E 266 -12.51 -16.23 4.80
N GLN E 267 -11.28 -16.68 5.04
CA GLN E 267 -10.37 -16.99 3.95
C GLN E 267 -10.99 -17.94 2.94
N ALA E 268 -11.64 -19.00 3.41
CA ALA E 268 -12.36 -19.95 2.56
C ALA E 268 -13.47 -19.25 1.78
N GLY E 269 -14.02 -18.19 2.39
CA GLY E 269 -15.03 -17.39 1.73
C GLY E 269 -14.37 -16.59 0.60
N SER E 270 -13.18 -16.06 0.88
CA SER E 270 -12.45 -15.34 -0.16
C SER E 270 -12.17 -16.26 -1.35
N GLU E 271 -11.69 -17.47 -1.02
CA GLU E 271 -11.30 -18.39 -2.07
C GLU E 271 -12.46 -18.77 -2.96
N VAL E 272 -13.58 -19.12 -2.37
CA VAL E 272 -14.76 -19.44 -3.18
C VAL E 272 -15.11 -18.24 -4.04
N SER E 273 -15.12 -17.07 -3.41
CA SER E 273 -15.48 -15.87 -4.21
C SER E 273 -14.54 -15.73 -5.41
N ALA E 274 -13.25 -15.88 -5.13
CA ALA E 274 -12.23 -15.80 -6.18
C ALA E 274 -12.54 -16.75 -7.33
N LEU E 275 -12.80 -18.02 -7.04
CA LEU E 275 -13.07 -19.02 -8.04
C LEU E 275 -14.33 -18.67 -8.86
N LEU E 276 -15.30 -18.05 -8.19
CA LEU E 276 -16.51 -17.65 -8.90
C LEU E 276 -16.34 -16.40 -9.75
N GLY E 277 -15.16 -15.80 -9.81
CA GLY E 277 -14.86 -14.68 -10.67
C GLY E 277 -15.31 -13.34 -10.16
N ARG E 278 -15.74 -13.27 -8.90
CA ARG E 278 -16.15 -11.97 -8.33
C ARG E 278 -14.91 -11.11 -8.11
N ILE E 279 -15.07 -9.83 -8.38
CA ILE E 279 -14.02 -8.87 -8.19
C ILE E 279 -13.73 -8.75 -6.72
N PRO E 280 -12.47 -8.79 -6.36
CA PRO E 280 -12.04 -8.73 -4.95
C PRO E 280 -12.20 -7.33 -4.38
N SER E 281 -12.44 -7.20 -3.09
CA SER E 281 -12.54 -5.91 -2.44
C SER E 281 -11.27 -5.62 -1.62
N ALA E 282 -11.28 -4.70 -0.68
CA ALA E 282 -10.09 -4.30 0.03
C ALA E 282 -9.27 -5.45 0.56
N VAL E 283 -7.97 -5.35 0.46
CA VAL E 283 -7.01 -6.31 0.91
C VAL E 283 -7.26 -7.69 0.34
N GLY E 284 -7.96 -7.76 -0.77
CA GLY E 284 -8.20 -9.03 -1.45
C GLY E 284 -9.32 -9.88 -0.93
N TYR E 285 -10.11 -9.38 0.03
CA TYR E 285 -11.23 -10.22 0.49
C TYR E 285 -12.38 -10.17 -0.49
N GLN E 286 -13.34 -11.03 -0.32
CA GLN E 286 -14.56 -11.10 -1.12
C GLN E 286 -15.46 -9.90 -0.86
N PRO E 287 -16.14 -9.40 -1.87
CA PRO E 287 -17.06 -8.28 -1.77
C PRO E 287 -18.14 -8.57 -0.72
N THR E 288 -18.42 -9.85 -0.51
CA THR E 288 -19.44 -10.26 0.43
C THR E 288 -18.88 -10.60 1.80
N LEU E 289 -17.76 -10.00 2.14
CA LEU E 289 -17.17 -10.25 3.46
C LEU E 289 -18.22 -10.15 4.55
N ALA E 290 -18.79 -8.99 4.76
CA ALA E 290 -19.75 -8.70 5.81
C ALA E 290 -21.00 -9.58 5.73
N THR E 291 -21.45 -9.89 4.51
CA THR E 291 -22.64 -10.71 4.39
C THR E 291 -22.30 -12.16 4.65
N ASP E 292 -21.16 -12.67 4.13
CA ASP E 292 -20.80 -14.04 4.40
C ASP E 292 -20.78 -14.29 5.91
N MET E 293 -20.32 -13.30 6.66
CA MET E 293 -20.16 -13.41 8.08
C MET E 293 -21.48 -13.23 8.82
N GLY E 294 -22.25 -12.22 8.41
CA GLY E 294 -23.51 -11.91 9.07
C GLY E 294 -24.52 -13.06 8.91
N THR E 295 -24.60 -13.69 7.76
CA THR E 295 -25.62 -14.72 7.56
C THR E 295 -25.31 -15.93 8.43
N MET E 296 -24.03 -16.12 8.75
CA MET E 296 -23.65 -17.26 9.58
C MET E 296 -23.83 -16.88 11.05
N GLN E 297 -23.21 -15.76 11.42
CA GLN E 297 -23.21 -15.31 12.79
C GLN E 297 -24.58 -15.10 13.40
N GLU E 298 -25.51 -14.56 12.62
CA GLU E 298 -26.83 -14.20 13.21
C GLU E 298 -27.59 -15.45 13.64
N ARG E 299 -27.12 -16.62 13.23
CA ARG E 299 -27.79 -17.88 13.61
C ARG E 299 -27.46 -18.23 15.05
N ILE E 300 -26.38 -17.61 15.53
CA ILE E 300 -25.92 -17.74 16.88
C ILE E 300 -26.52 -16.63 17.75
N THR E 301 -27.52 -16.96 18.55
CA THR E 301 -28.19 -16.10 19.47
C THR E 301 -29.03 -16.88 20.51
N THR E 302 -29.70 -16.03 21.29
CA THR E 302 -30.70 -16.47 22.24
C THR E 302 -32.08 -16.31 21.59
N THR E 303 -32.76 -17.45 21.46
CA THR E 303 -34.13 -17.45 20.98
C THR E 303 -35.05 -17.62 22.20
N LYS E 304 -36.33 -17.84 21.94
CA LYS E 304 -37.30 -18.03 23.01
C LYS E 304 -37.28 -19.48 23.49
N LYS E 305 -36.54 -20.35 22.80
CA LYS E 305 -36.46 -21.75 23.22
C LYS E 305 -35.11 -22.08 23.84
N GLY E 306 -34.07 -21.28 23.54
CA GLY E 306 -32.74 -21.54 24.05
C GLY E 306 -31.69 -20.61 23.47
N SER E 307 -30.43 -21.08 23.42
CA SER E 307 -29.40 -20.22 22.87
C SER E 307 -28.17 -21.00 22.44
N ILE E 308 -27.41 -20.38 21.53
CA ILE E 308 -26.11 -20.92 21.12
C ILE E 308 -25.05 -19.89 21.50
N THR E 309 -24.12 -20.27 22.34
CA THR E 309 -22.99 -19.38 22.67
C THR E 309 -21.79 -19.90 21.89
N SER E 310 -21.11 -19.01 21.18
CA SER E 310 -20.01 -19.46 20.33
C SER E 310 -18.67 -18.89 20.75
N VAL E 311 -17.75 -19.82 20.97
CA VAL E 311 -16.36 -19.48 21.33
C VAL E 311 -15.58 -19.63 20.03
N GLN E 312 -15.16 -18.47 19.52
CA GLN E 312 -14.55 -18.49 18.18
C GLN E 312 -13.07 -18.17 18.24
N ALA E 313 -12.26 -19.16 17.85
CA ALA E 313 -10.79 -18.93 17.87
C ALA E 313 -10.49 -17.89 16.80
N ILE E 314 -9.74 -16.85 17.11
CA ILE E 314 -9.46 -15.84 16.11
C ILE E 314 -7.97 -15.72 15.80
N TYR E 315 -7.65 -15.64 14.52
CA TYR E 315 -6.29 -15.38 14.05
C TYR E 315 -6.30 -13.97 13.43
N VAL E 316 -5.48 -13.06 13.87
CA VAL E 316 -5.41 -11.71 13.33
C VAL E 316 -4.25 -11.57 12.33
N PRO E 317 -4.53 -11.55 11.06
CA PRO E 317 -3.57 -11.36 10.01
C PRO E 317 -2.61 -10.22 10.25
N ALA E 318 -1.30 -10.44 10.11
CA ALA E 318 -0.31 -9.37 10.25
C ALA E 318 -0.40 -8.62 11.57
N ASP E 319 -1.04 -9.22 12.56
CA ASP E 319 -1.24 -8.52 13.83
C ASP E 319 -2.01 -7.24 13.64
N ASP E 320 -2.66 -7.12 12.48
CA ASP E 320 -3.48 -5.95 12.16
C ASP E 320 -4.96 -6.15 12.53
N LEU E 321 -5.38 -5.59 13.64
CA LEU E 321 -6.73 -5.65 14.13
C LEU E 321 -7.69 -4.90 13.23
N THR E 322 -7.14 -3.96 12.48
CA THR E 322 -7.96 -3.19 11.56
C THR E 322 -8.06 -3.88 10.20
N ASP E 323 -7.41 -5.02 10.00
CA ASP E 323 -7.57 -5.76 8.76
C ASP E 323 -9.07 -6.09 8.60
N PRO E 324 -9.58 -6.00 7.39
CA PRO E 324 -10.96 -6.37 7.10
C PRO E 324 -11.40 -7.65 7.73
N ALA E 325 -10.62 -8.73 7.85
CA ALA E 325 -11.06 -9.98 8.45
C ALA E 325 -11.45 -9.87 9.91
N PRO E 326 -10.52 -9.53 10.78
CA PRO E 326 -10.77 -9.37 12.21
C PRO E 326 -11.75 -8.24 12.47
N ALA E 327 -11.62 -7.12 11.78
CA ALA E 327 -12.55 -6.00 12.06
C ALA E 327 -13.98 -6.42 11.73
N THR E 328 -14.14 -7.26 10.70
CA THR E 328 -15.50 -7.69 10.37
C THR E 328 -15.94 -8.65 11.49
N THR E 329 -14.94 -9.41 11.99
CA THR E 329 -15.36 -10.36 13.05
C THR E 329 -15.88 -9.68 14.31
N PHE E 330 -15.14 -8.72 14.79
CA PHE E 330 -15.41 -7.98 16.00
C PHE E 330 -16.80 -7.38 16.05
N ALA E 331 -17.40 -7.17 14.89
CA ALA E 331 -18.77 -6.62 14.89
C ALA E 331 -19.72 -7.57 15.64
N HIS E 332 -19.43 -8.86 15.64
CA HIS E 332 -20.29 -9.85 16.26
C HIS E 332 -19.81 -10.34 17.60
N LEU E 333 -18.61 -9.98 18.03
CA LEU E 333 -18.14 -10.44 19.34
C LEU E 333 -18.79 -9.69 20.48
N ASP E 334 -19.16 -10.46 21.51
CA ASP E 334 -19.74 -9.95 22.75
C ASP E 334 -18.72 -10.00 23.88
N ALA E 335 -17.57 -10.56 23.60
CA ALA E 335 -16.49 -10.73 24.54
C ALA E 335 -15.29 -11.36 23.84
N THR E 336 -14.16 -11.22 24.53
CA THR E 336 -12.91 -11.83 24.10
C THR E 336 -12.26 -12.52 25.31
N THR E 337 -11.68 -13.69 25.05
CA THR E 337 -10.94 -14.45 26.03
C THR E 337 -9.49 -14.52 25.52
N VAL E 338 -8.57 -13.90 26.23
CA VAL E 338 -7.17 -13.89 25.87
C VAL E 338 -6.27 -14.86 26.63
N LEU E 339 -5.71 -15.86 25.96
CA LEU E 339 -4.74 -16.75 26.61
C LEU E 339 -3.32 -16.25 26.34
N SER E 340 -2.50 -16.16 27.38
CA SER E 340 -1.14 -15.59 27.25
C SER E 340 -0.02 -16.52 27.68
N ARG E 341 1.07 -16.59 26.87
CA ARG E 341 2.22 -17.42 27.21
C ARG E 341 2.88 -16.92 28.51
N ALA E 342 2.87 -15.60 28.64
CA ALA E 342 3.38 -14.95 29.84
C ALA E 342 2.59 -15.46 31.05
N ILE E 343 1.28 -15.16 31.09
CA ILE E 343 0.47 -15.63 32.21
C ILE E 343 0.73 -17.11 32.47
N ALA E 344 0.73 -17.90 31.41
CA ALA E 344 0.96 -19.33 31.54
C ALA E 344 2.20 -19.63 32.38
N GLU E 345 3.31 -19.04 31.98
CA GLU E 345 4.59 -19.19 32.60
C GLU E 345 4.62 -18.80 34.07
N LEU E 346 3.65 -17.99 34.51
CA LEU E 346 3.64 -17.63 35.93
C LEU E 346 2.99 -18.81 36.67
N GLY E 347 2.61 -19.82 35.89
CA GLY E 347 1.99 -21.01 36.46
C GLY E 347 0.50 -20.80 36.71
N ILE E 348 0.02 -19.61 36.36
CA ILE E 348 -1.40 -19.32 36.51
C ILE E 348 -2.14 -20.00 35.37
N TYR E 349 -3.01 -20.95 35.72
CA TYR E 349 -3.77 -21.73 34.75
C TYR E 349 -5.24 -21.68 35.14
N PRO E 350 -6.11 -21.35 34.22
CA PRO E 350 -5.85 -21.09 32.83
C PRO E 350 -5.08 -19.80 32.58
N ALA E 351 -4.36 -19.78 31.47
CA ALA E 351 -3.50 -18.64 31.15
C ALA E 351 -4.30 -17.46 30.66
N VAL E 352 -5.42 -17.20 31.32
CA VAL E 352 -6.28 -16.10 30.89
C VAL E 352 -5.72 -14.78 31.40
N ASP E 353 -5.49 -13.85 30.48
CA ASP E 353 -5.04 -12.51 30.85
C ASP E 353 -6.22 -11.70 31.39
N PRO E 354 -6.21 -11.40 32.66
CA PRO E 354 -7.25 -10.70 33.37
C PRO E 354 -7.58 -9.30 32.90
N LEU E 355 -6.62 -8.58 32.33
CA LEU E 355 -6.81 -7.22 31.89
C LEU E 355 -6.97 -7.16 30.38
N ASP E 356 -6.64 -8.22 29.67
CA ASP E 356 -6.85 -8.16 28.21
C ASP E 356 -8.25 -8.65 27.84
N SER E 357 -8.66 -9.77 28.40
CA SER E 357 -9.99 -10.31 28.16
C SER E 357 -11.05 -9.28 28.50
N THR E 358 -12.01 -9.06 27.60
CA THR E 358 -13.02 -8.03 27.86
C THR E 358 -14.41 -8.64 27.65
N SER E 359 -15.44 -7.86 27.94
CA SER E 359 -16.80 -8.32 27.74
C SER E 359 -17.79 -7.16 27.68
N ARG E 360 -18.77 -7.30 26.78
CA ARG E 360 -19.74 -6.22 26.62
C ARG E 360 -20.73 -6.27 27.77
N ILE E 361 -21.19 -7.47 28.12
CA ILE E 361 -22.16 -7.62 29.21
C ILE E 361 -21.53 -7.26 30.54
N MET E 362 -20.25 -6.91 30.54
CA MET E 362 -19.68 -6.47 31.82
C MET E 362 -20.20 -5.04 32.06
N ASP E 363 -21.49 -4.95 32.26
CA ASP E 363 -22.22 -3.70 32.45
C ASP E 363 -23.14 -3.82 33.67
N PRO E 364 -23.10 -2.82 34.52
CA PRO E 364 -23.87 -2.77 35.76
C PRO E 364 -25.34 -3.09 35.54
N ASN E 365 -25.86 -2.53 34.43
CA ASN E 365 -27.24 -2.75 34.05
C ASN E 365 -27.49 -4.17 33.57
N ILE E 366 -26.43 -4.95 33.37
CA ILE E 366 -26.61 -6.33 32.91
C ILE E 366 -26.11 -7.37 33.90
N VAL E 367 -24.90 -7.25 34.43
CA VAL E 367 -24.42 -8.30 35.34
C VAL E 367 -24.67 -7.92 36.80
N GLY E 368 -25.33 -6.75 36.94
CA GLY E 368 -25.64 -6.22 38.26
C GLY E 368 -24.55 -5.26 38.72
N SER E 369 -24.89 -4.44 39.71
CA SER E 369 -23.94 -3.47 40.25
C SER E 369 -22.89 -4.11 41.14
N GLU E 370 -23.23 -5.19 41.82
CA GLU E 370 -22.27 -5.80 42.74
C GLU E 370 -21.11 -6.37 41.93
N HIS E 371 -21.46 -7.34 41.09
CA HIS E 371 -20.55 -8.01 40.18
C HIS E 371 -19.66 -6.97 39.50
N TYR E 372 -20.29 -5.91 39.00
CA TYR E 372 -19.60 -4.85 38.31
C TYR E 372 -18.55 -4.19 39.16
N ASP E 373 -18.89 -3.83 40.39
CA ASP E 373 -17.98 -3.16 41.30
C ASP E 373 -16.84 -4.08 41.72
N VAL E 374 -17.12 -5.39 41.85
CA VAL E 374 -16.04 -6.30 42.24
C VAL E 374 -15.13 -6.55 41.04
N ALA E 375 -15.69 -6.74 39.85
CA ALA E 375 -14.92 -6.96 38.64
C ALA E 375 -13.95 -5.81 38.42
N ARG E 376 -14.51 -4.59 38.49
CA ARG E 376 -13.67 -3.40 38.26
C ARG E 376 -12.59 -3.31 39.33
N GLY E 377 -13.02 -3.56 40.56
CA GLY E 377 -12.16 -3.52 41.72
C GLY E 377 -10.96 -4.45 41.57
N VAL E 378 -11.22 -5.65 41.07
CA VAL E 378 -10.11 -6.57 40.81
C VAL E 378 -9.23 -5.99 39.69
N GLN E 379 -9.90 -5.49 38.64
CA GLN E 379 -9.18 -4.98 37.48
C GLN E 379 -8.23 -3.86 37.90
N LYS E 380 -8.72 -2.97 38.74
CA LYS E 380 -7.92 -1.83 39.17
C LYS E 380 -6.77 -2.21 40.10
N ILE E 381 -7.04 -3.17 40.97
CA ILE E 381 -6.00 -3.57 41.93
C ILE E 381 -4.81 -4.15 41.15
N LEU E 382 -5.15 -4.81 40.06
CA LEU E 382 -4.21 -5.45 39.18
C LEU E 382 -3.43 -4.43 38.35
N GLN E 383 -4.14 -3.39 37.95
CA GLN E 383 -3.55 -2.33 37.15
C GLN E 383 -2.58 -1.52 37.99
N ASP E 384 -2.99 -1.27 39.24
CA ASP E 384 -2.13 -0.53 40.17
C ASP E 384 -0.87 -1.37 40.43
N TYR E 385 -1.09 -2.63 40.83
CA TYR E 385 0.05 -3.51 41.09
C TYR E 385 1.06 -3.44 39.95
N LYS E 386 0.58 -3.48 38.73
CA LYS E 386 1.40 -3.45 37.53
C LYS E 386 2.31 -2.22 37.54
N SER E 387 1.71 -1.11 37.89
CA SER E 387 2.39 0.17 37.98
C SER E 387 3.50 0.13 39.05
N LEU E 388 3.08 -0.32 40.22
CA LEU E 388 3.96 -0.39 41.37
C LEU E 388 5.12 -1.34 41.14
N GLN E 389 4.87 -2.42 40.41
CA GLN E 389 5.89 -3.44 40.19
C GLN E 389 7.22 -2.85 39.75
N ASP E 390 7.18 -1.75 39.01
CA ASP E 390 8.39 -1.10 38.51
C ASP E 390 9.34 -0.71 39.62
N ILE E 391 8.75 -0.25 40.72
CA ILE E 391 9.50 0.19 41.89
C ILE E 391 9.88 -0.99 42.78
N ILE E 392 8.91 -1.85 43.03
CA ILE E 392 9.03 -3.03 43.85
C ILE E 392 10.36 -3.75 43.69
N ALA E 393 10.53 -4.51 42.62
CA ALA E 393 11.73 -5.30 42.41
C ALA E 393 12.96 -4.48 42.05
N ILE E 394 12.77 -3.44 41.25
CA ILE E 394 13.90 -2.61 40.83
C ILE E 394 14.34 -1.66 41.93
N LEU E 395 13.55 -0.64 42.21
CA LEU E 395 13.89 0.36 43.20
C LEU E 395 13.74 -0.04 44.64
N GLY E 396 13.60 -1.33 44.92
CA GLY E 396 13.51 -1.85 46.27
C GLY E 396 12.14 -1.74 46.91
N MET E 397 11.55 -2.90 47.21
CA MET E 397 10.25 -2.96 47.86
C MET E 397 10.42 -2.75 49.36
N ASP E 398 10.61 -1.50 49.77
CA ASP E 398 10.79 -1.19 51.18
C ASP E 398 10.10 0.13 51.52
N GLU E 399 10.35 1.14 50.69
CA GLU E 399 9.75 2.46 50.95
C GLU E 399 8.32 2.50 50.42
N LEU E 400 7.57 1.43 50.66
CA LEU E 400 6.18 1.35 50.22
C LEU E 400 5.22 1.81 51.31
N SER E 401 4.45 2.85 51.04
CA SER E 401 3.49 3.37 52.00
C SER E 401 2.54 2.29 52.51
N GLU E 402 2.06 2.45 53.74
CA GLU E 402 1.13 1.49 54.34
C GLU E 402 0.11 1.03 53.30
N GLU E 403 -0.36 1.98 52.51
CA GLU E 403 -1.34 1.71 51.47
C GLU E 403 -0.78 0.79 50.39
N ASP E 404 0.41 1.12 49.90
CA ASP E 404 1.06 0.35 48.85
C ASP E 404 1.42 -1.06 49.28
N LYS E 405 1.74 -1.24 50.55
CA LYS E 405 2.10 -2.56 51.08
C LYS E 405 0.93 -3.51 50.89
N LEU E 406 -0.28 -3.02 51.15
CA LEU E 406 -1.47 -3.87 51.02
C LEU E 406 -1.90 -4.05 49.57
N THR E 407 -1.79 -3.01 48.73
CA THR E 407 -2.18 -3.16 47.33
C THR E 407 -1.44 -4.33 46.68
N VAL E 408 -0.15 -4.43 46.94
CA VAL E 408 0.69 -5.47 46.37
C VAL E 408 0.36 -6.86 46.90
N SER E 409 0.13 -6.95 48.21
CA SER E 409 -0.15 -8.23 48.84
C SER E 409 -1.50 -8.80 48.42
N ARG E 410 -2.52 -7.94 48.36
CA ARG E 410 -3.87 -8.37 47.99
C ARG E 410 -3.90 -8.72 46.49
N ALA E 411 -3.35 -7.81 45.68
CA ALA E 411 -3.26 -8.02 44.25
C ALA E 411 -2.63 -9.36 43.92
N ARG E 412 -1.57 -9.75 44.63
CA ARG E 412 -0.90 -11.00 44.34
C ARG E 412 -1.73 -12.20 44.73
N LYS E 413 -2.58 -12.01 45.75
CA LYS E 413 -3.44 -13.10 46.19
C LYS E 413 -4.58 -13.29 45.19
N ILE E 414 -5.14 -12.18 44.77
CA ILE E 414 -6.25 -12.15 43.81
C ILE E 414 -5.81 -12.75 42.48
N GLN E 415 -4.61 -12.33 42.07
CA GLN E 415 -4.00 -12.79 40.83
C GLN E 415 -3.79 -14.30 40.90
N ARG E 416 -3.56 -14.80 42.11
CA ARG E 416 -3.34 -16.24 42.30
C ARG E 416 -4.66 -16.98 42.42
N PHE E 417 -5.62 -16.30 43.02
CA PHE E 417 -6.96 -16.83 43.20
C PHE E 417 -7.73 -16.93 41.89
N LEU E 418 -7.21 -16.28 40.84
CA LEU E 418 -7.80 -16.31 39.52
C LEU E 418 -7.46 -17.59 38.78
N SER E 419 -6.56 -18.39 39.35
CA SER E 419 -6.22 -19.70 38.78
C SER E 419 -7.24 -20.70 39.32
N GLN E 420 -7.31 -21.88 38.75
CA GLN E 420 -8.31 -22.87 39.13
C GLN E 420 -8.05 -24.18 38.39
N PRO E 421 -8.08 -25.26 39.13
CA PRO E 421 -7.94 -26.61 38.63
C PRO E 421 -9.15 -26.98 37.75
N PHE E 422 -8.92 -27.43 36.53
CA PHE E 422 -9.97 -27.81 35.61
C PHE E 422 -10.26 -29.30 35.76
N GLN E 423 -11.51 -29.71 35.68
CA GLN E 423 -11.83 -31.12 35.81
C GLN E 423 -11.15 -31.95 34.72
N VAL E 424 -10.90 -31.32 33.58
CA VAL E 424 -10.29 -32.00 32.45
C VAL E 424 -8.86 -32.43 32.73
N ALA E 425 -8.11 -31.60 33.46
CA ALA E 425 -6.72 -31.94 33.77
C ALA E 425 -6.61 -32.96 34.88
N GLU E 426 -7.69 -33.21 35.62
CA GLU E 426 -7.66 -34.14 36.75
C GLU E 426 -6.74 -35.32 36.55
N VAL E 427 -6.95 -36.11 35.50
CA VAL E 427 -6.13 -37.28 35.22
C VAL E 427 -4.64 -37.02 35.27
N PHE E 428 -4.21 -35.81 34.91
CA PHE E 428 -2.79 -35.49 34.88
C PHE E 428 -2.30 -34.79 36.15
N THR E 429 -3.12 -33.92 36.70
CA THR E 429 -2.69 -33.15 37.88
C THR E 429 -3.03 -33.88 39.17
N GLY E 430 -3.84 -34.93 39.08
CA GLY E 430 -4.22 -35.67 40.28
C GLY E 430 -4.90 -34.75 41.30
N HIS E 431 -5.74 -33.86 40.81
CA HIS E 431 -6.47 -32.92 41.67
C HIS E 431 -7.88 -32.70 41.12
N LEU E 432 -8.86 -32.77 42.01
CA LEU E 432 -10.26 -32.58 41.63
C LEU E 432 -10.45 -31.21 41.00
N GLY E 433 -11.11 -31.20 39.84
CA GLY E 433 -11.39 -29.93 39.15
C GLY E 433 -12.46 -29.19 39.95
N LYS E 434 -12.46 -27.88 39.94
CA LYS E 434 -13.43 -27.12 40.72
C LYS E 434 -14.27 -26.24 39.84
N LEU E 435 -15.55 -26.56 39.67
CA LEU E 435 -16.48 -25.71 38.90
C LEU E 435 -17.12 -24.75 39.89
N VAL E 436 -16.66 -23.50 39.85
CA VAL E 436 -17.02 -22.45 40.78
C VAL E 436 -18.18 -21.57 40.34
N PRO E 437 -19.23 -21.57 41.15
CA PRO E 437 -20.46 -20.84 40.93
C PRO E 437 -20.27 -19.33 41.02
N LEU E 438 -20.94 -18.60 40.12
CA LEU E 438 -20.81 -17.17 40.06
C LEU E 438 -20.85 -16.49 41.42
N LYS E 439 -21.70 -17.01 42.29
CA LYS E 439 -21.89 -16.48 43.64
C LYS E 439 -20.60 -16.61 44.44
N GLU E 440 -19.98 -17.78 44.39
CA GLU E 440 -18.73 -18.05 45.10
C GLU E 440 -17.60 -17.13 44.63
N THR E 441 -17.51 -17.02 43.31
CA THR E 441 -16.53 -16.15 42.67
C THR E 441 -16.67 -14.73 43.21
N ILE E 442 -17.83 -14.11 43.02
CA ILE E 442 -18.04 -12.76 43.50
C ILE E 442 -17.65 -12.58 44.96
N LYS E 443 -18.06 -13.52 45.81
CA LYS E 443 -17.76 -13.43 47.23
C LYS E 443 -16.24 -13.38 47.48
N GLY E 444 -15.55 -14.40 47.01
CA GLY E 444 -14.12 -14.50 47.16
C GLY E 444 -13.39 -13.20 46.85
N PHE E 445 -13.40 -12.78 45.59
CA PHE E 445 -12.64 -11.60 45.18
C PHE E 445 -13.07 -10.37 45.96
N GLN E 446 -14.34 -10.32 46.31
CA GLN E 446 -14.90 -9.23 47.10
C GLN E 446 -14.23 -9.17 48.47
N GLN E 447 -14.10 -10.33 49.10
CA GLN E 447 -13.45 -10.44 50.40
C GLN E 447 -11.96 -10.11 50.34
N ILE E 448 -11.25 -10.50 49.28
CA ILE E 448 -9.82 -10.23 49.22
C ILE E 448 -9.59 -8.73 48.99
N LEU E 449 -10.52 -8.10 48.28
CA LEU E 449 -10.39 -6.65 48.06
C LEU E 449 -10.64 -5.93 49.38
N ALA E 450 -11.54 -6.51 50.16
CA ALA E 450 -11.97 -5.99 51.45
C ALA E 450 -10.83 -5.98 52.46
N GLY E 451 -10.10 -7.08 52.50
CA GLY E 451 -8.94 -7.17 53.37
C GLY E 451 -9.11 -8.28 54.40
N GLU E 452 -10.23 -8.98 54.30
CA GLU E 452 -10.55 -10.05 55.22
C GLU E 452 -9.52 -11.17 55.25
N TYR E 453 -8.87 -11.45 54.13
CA TYR E 453 -7.94 -12.57 54.08
C TYR E 453 -6.50 -12.09 53.97
N ASP E 454 -6.24 -10.89 54.49
CA ASP E 454 -4.90 -10.33 54.46
C ASP E 454 -3.96 -11.04 55.44
N HIS E 455 -4.40 -12.12 56.06
CA HIS E 455 -3.61 -12.84 57.04
C HIS E 455 -3.31 -14.28 56.64
N LEU E 456 -3.39 -14.60 55.35
CA LEU E 456 -3.10 -15.93 54.86
C LEU E 456 -1.98 -15.85 53.82
N PRO E 457 -1.26 -16.93 53.66
CA PRO E 457 -0.20 -17.06 52.68
C PRO E 457 -0.76 -17.14 51.26
N GLU E 458 -0.07 -16.50 50.32
CA GLU E 458 -0.45 -16.54 48.91
C GLU E 458 -0.86 -17.95 48.49
N GLN E 459 0.07 -18.89 48.52
CA GLN E 459 -0.19 -20.24 48.06
C GLN E 459 -1.57 -20.75 48.44
N ALA E 460 -2.19 -20.18 49.46
CA ALA E 460 -3.50 -20.65 49.90
C ALA E 460 -4.58 -20.34 48.85
N PHE E 461 -4.34 -19.32 48.03
CA PHE E 461 -5.32 -18.94 47.01
C PHE E 461 -4.96 -19.51 45.64
N TYR E 462 -3.86 -20.25 45.57
CA TYR E 462 -3.36 -20.83 44.34
C TYR E 462 -4.00 -22.16 44.01
N MET E 463 -4.53 -22.24 42.80
CA MET E 463 -5.20 -23.41 42.26
C MET E 463 -6.24 -24.00 43.20
N VAL E 464 -7.18 -23.16 43.64
CA VAL E 464 -8.30 -23.64 44.45
C VAL E 464 -9.61 -23.35 43.70
N GLY E 465 -10.74 -23.64 44.32
CA GLY E 465 -12.05 -23.37 43.74
C GLY E 465 -12.76 -22.28 44.55
N PRO E 466 -13.68 -22.67 45.40
CA PRO E 466 -14.39 -21.79 46.31
C PRO E 466 -13.41 -21.13 47.27
N ILE E 467 -13.68 -19.91 47.72
CA ILE E 467 -12.78 -19.21 48.64
C ILE E 467 -12.48 -20.00 49.89
N GLU E 468 -13.46 -20.75 50.39
CA GLU E 468 -13.30 -21.58 51.58
C GLU E 468 -12.04 -22.45 51.42
N GLU E 469 -11.89 -23.04 50.24
CA GLU E 469 -10.75 -23.89 49.95
C GLU E 469 -9.43 -23.12 50.04
N ALA E 470 -9.53 -21.79 49.98
CA ALA E 470 -8.31 -20.97 50.05
C ALA E 470 -7.83 -20.92 51.49
N VAL E 471 -8.79 -20.68 52.38
CA VAL E 471 -8.53 -20.66 53.81
C VAL E 471 -8.04 -22.03 54.28
N ALA E 472 -8.66 -23.08 53.76
CA ALA E 472 -8.34 -24.45 54.13
C ALA E 472 -6.89 -24.79 53.80
N LYS E 473 -6.47 -24.44 52.60
CA LYS E 473 -5.11 -24.69 52.14
C LYS E 473 -4.13 -23.91 53.03
N ALA E 474 -4.51 -22.69 53.39
CA ALA E 474 -3.69 -21.82 54.23
C ALA E 474 -3.33 -22.50 55.54
N ASP E 475 -4.38 -22.97 56.21
CA ASP E 475 -4.24 -23.69 57.47
C ASP E 475 -3.34 -24.91 57.31
N LYS E 476 -3.52 -25.67 56.24
CA LYS E 476 -2.71 -26.85 56.00
C LYS E 476 -1.27 -26.50 55.68
N LEU E 477 -1.03 -25.33 55.09
CA LEU E 477 0.33 -24.92 54.75
C LEU E 477 1.03 -24.32 55.95
N ALA E 478 0.27 -23.53 56.70
CA ALA E 478 0.76 -22.84 57.88
C ALA E 478 1.89 -21.87 57.53
N THR F 13 -34.86 16.38 -34.16
CA THR F 13 -35.16 15.01 -34.67
C THR F 13 -35.86 14.21 -33.56
N THR F 14 -36.40 13.06 -33.92
CA THR F 14 -37.10 12.23 -32.95
C THR F 14 -36.38 10.92 -32.71
N GLY F 15 -35.90 10.74 -31.48
CA GLY F 15 -35.18 9.52 -31.11
C GLY F 15 -35.88 8.77 -29.99
N ARG F 16 -35.42 7.53 -29.76
CA ARG F 16 -36.03 6.75 -28.68
C ARG F 16 -35.02 6.19 -27.71
N ILE F 17 -35.26 6.37 -26.41
CA ILE F 17 -34.39 5.76 -25.40
C ILE F 17 -34.36 4.24 -25.66
N VAL F 18 -33.16 3.70 -25.79
CA VAL F 18 -32.98 2.26 -25.98
C VAL F 18 -32.23 1.64 -24.82
N ALA F 19 -31.79 2.49 -23.86
CA ALA F 19 -31.06 1.90 -22.72
C ALA F 19 -30.91 2.98 -21.66
N VAL F 20 -31.14 2.62 -20.42
CA VAL F 20 -31.01 3.54 -19.32
C VAL F 20 -30.23 2.84 -18.19
N ILE F 21 -29.13 3.44 -17.81
CA ILE F 21 -28.25 2.96 -16.75
C ILE F 21 -27.87 4.17 -15.90
N GLY F 22 -28.65 4.39 -14.83
CA GLY F 22 -28.37 5.57 -14.00
C GLY F 22 -28.34 6.85 -14.81
N ALA F 23 -27.26 7.60 -14.84
CA ALA F 23 -27.17 8.87 -15.52
C ALA F 23 -26.83 8.71 -17.01
N VAL F 24 -26.50 7.49 -17.42
CA VAL F 24 -26.17 7.27 -18.83
C VAL F 24 -27.39 6.71 -19.56
N VAL F 25 -27.85 7.44 -20.57
CA VAL F 25 -28.93 7.02 -21.43
C VAL F 25 -28.53 6.97 -22.91
N ASP F 26 -28.82 5.87 -23.55
CA ASP F 26 -28.62 5.63 -24.96
C ASP F 26 -29.86 5.91 -25.78
N VAL F 27 -29.74 6.77 -26.78
CA VAL F 27 -30.91 7.10 -27.59
C VAL F 27 -30.73 6.71 -29.04
N GLN F 28 -31.76 6.09 -29.63
CA GLN F 28 -31.64 5.71 -31.04
C GLN F 28 -32.41 6.64 -31.97
N PHE F 29 -31.78 7.14 -33.00
CA PHE F 29 -32.39 8.03 -33.97
C PHE F 29 -32.47 7.38 -35.34
N ASP F 30 -33.63 7.42 -35.98
CA ASP F 30 -33.82 6.85 -37.31
C ASP F 30 -33.12 7.71 -38.36
N GLU F 31 -33.41 9.00 -38.34
CA GLU F 31 -32.79 9.95 -39.26
C GLU F 31 -32.18 11.12 -38.51
N GLY F 32 -31.19 11.77 -39.10
CA GLY F 32 -30.60 12.95 -38.49
C GLY F 32 -30.14 12.69 -37.06
N LEU F 33 -29.02 12.02 -36.95
CA LEU F 33 -28.35 11.74 -35.69
C LEU F 33 -27.73 13.05 -35.17
N PRO F 34 -27.91 13.32 -33.90
CA PRO F 34 -27.41 14.50 -33.22
C PRO F 34 -25.93 14.42 -32.88
N PRO F 35 -25.18 15.46 -33.17
CA PRO F 35 -23.77 15.56 -32.90
C PRO F 35 -23.46 15.55 -31.40
N ILE F 36 -22.19 15.31 -31.08
CA ILE F 36 -21.72 15.32 -29.70
C ILE F 36 -21.84 16.67 -29.04
N LEU F 37 -22.29 16.76 -27.81
CA LEU F 37 -22.43 17.96 -27.03
C LEU F 37 -23.81 18.58 -27.20
N ASN F 38 -24.66 17.99 -28.02
CA ASN F 38 -25.98 18.47 -28.29
C ASN F 38 -26.93 18.06 -27.17
N ALA F 39 -27.75 19.00 -26.73
CA ALA F 39 -28.73 18.78 -25.69
C ALA F 39 -30.02 18.23 -26.34
N LEU F 40 -30.42 17.09 -25.88
CA LEU F 40 -31.60 16.37 -26.30
C LEU F 40 -32.67 16.65 -25.26
N GLU F 41 -33.92 16.51 -25.63
CA GLU F 41 -35.01 16.81 -24.69
C GLU F 41 -35.88 15.57 -24.51
N VAL F 42 -35.91 15.01 -23.31
CA VAL F 42 -36.76 13.83 -23.10
C VAL F 42 -38.22 14.29 -23.07
N GLN F 43 -39.07 13.54 -23.76
CA GLN F 43 -40.49 13.87 -23.84
C GLN F 43 -41.26 13.07 -22.80
N GLY F 44 -42.39 13.63 -22.40
CA GLY F 44 -43.26 13.02 -21.43
C GLY F 44 -42.72 13.21 -20.02
N ARG F 45 -42.25 14.41 -19.70
CA ARG F 45 -41.72 14.72 -18.38
C ARG F 45 -42.24 16.02 -17.81
N GLU F 46 -42.60 16.01 -16.52
CA GLU F 46 -43.12 17.20 -15.88
C GLU F 46 -42.06 18.28 -15.88
N THR F 47 -40.87 17.96 -15.41
CA THR F 47 -39.75 18.90 -15.46
C THR F 47 -38.82 18.57 -16.61
N ARG F 48 -38.14 19.61 -17.09
CA ARG F 48 -37.24 19.49 -18.20
C ARG F 48 -36.06 18.58 -17.88
N LEU F 49 -35.90 17.56 -18.73
CA LEU F 49 -34.85 16.59 -18.58
C LEU F 49 -33.96 16.65 -19.83
N VAL F 50 -32.78 17.26 -19.67
CA VAL F 50 -31.84 17.36 -20.78
C VAL F 50 -30.85 16.21 -20.79
N LEU F 51 -30.47 15.72 -21.96
CA LEU F 51 -29.51 14.62 -22.12
C LEU F 51 -28.43 15.17 -23.07
N GLU F 52 -27.20 15.26 -22.57
CA GLU F 52 -26.13 15.80 -23.42
C GLU F 52 -25.48 14.67 -24.21
N VAL F 53 -25.35 14.85 -25.54
CA VAL F 53 -24.78 13.72 -26.33
C VAL F 53 -23.31 13.55 -26.00
N ALA F 54 -22.88 12.40 -25.52
CA ALA F 54 -21.46 12.26 -25.16
C ALA F 54 -20.71 11.52 -26.26
N GLN F 55 -21.35 10.54 -26.88
CA GLN F 55 -20.69 9.81 -27.97
C GLN F 55 -21.67 9.12 -28.92
N HIS F 56 -21.14 8.78 -30.10
CA HIS F 56 -21.90 8.06 -31.10
C HIS F 56 -21.49 6.60 -31.06
N LEU F 57 -22.42 5.75 -30.62
CA LEU F 57 -22.10 4.35 -30.41
C LEU F 57 -22.08 3.52 -31.66
N GLY F 58 -22.62 4.09 -32.74
CA GLY F 58 -22.82 3.34 -33.96
C GLY F 58 -24.25 2.77 -33.97
N GLU F 59 -24.69 2.30 -35.12
CA GLU F 59 -26.05 1.81 -35.29
C GLU F 59 -27.07 2.88 -34.96
N SER F 60 -26.78 4.12 -35.36
CA SER F 60 -27.73 5.19 -35.14
C SER F 60 -28.08 5.41 -33.69
N THR F 61 -27.28 4.89 -32.80
CA THR F 61 -27.49 5.08 -31.35
C THR F 61 -26.44 6.05 -30.80
N VAL F 62 -26.88 6.98 -29.99
CA VAL F 62 -25.99 7.90 -29.30
C VAL F 62 -26.05 7.66 -27.78
N ARG F 63 -24.89 7.78 -27.15
CA ARG F 63 -24.74 7.66 -25.70
C ARG F 63 -24.78 9.06 -25.11
N THR F 64 -25.60 9.30 -24.10
CA THR F 64 -25.78 10.61 -23.47
C THR F 64 -25.72 10.56 -21.95
N ILE F 65 -25.63 11.74 -21.34
CA ILE F 65 -25.57 11.93 -19.90
C ILE F 65 -26.74 12.80 -19.45
N ALA F 66 -27.58 12.32 -18.55
CA ALA F 66 -28.71 13.12 -18.09
C ALA F 66 -28.25 14.26 -17.20
N MET F 67 -28.98 15.38 -17.27
CA MET F 67 -28.68 16.51 -16.40
C MET F 67 -29.62 16.48 -15.19
N ASP F 68 -30.43 15.41 -15.11
CA ASP F 68 -31.33 15.31 -13.93
C ASP F 68 -31.64 13.85 -13.69
N GLY F 69 -32.39 13.49 -12.66
CA GLY F 69 -32.63 12.07 -12.37
C GLY F 69 -33.31 11.34 -13.50
N THR F 70 -32.97 10.08 -13.77
CA THR F 70 -33.52 9.29 -14.84
C THR F 70 -34.63 8.31 -14.40
N GLU F 71 -35.00 8.40 -13.14
CA GLU F 71 -36.13 7.64 -12.61
C GLU F 71 -37.38 7.88 -13.46
N GLY F 72 -38.14 6.83 -13.72
CA GLY F 72 -39.36 6.94 -14.48
C GLY F 72 -39.16 6.82 -15.98
N LEU F 73 -37.91 6.81 -16.47
CA LEU F 73 -37.68 6.75 -17.90
C LEU F 73 -37.97 5.33 -18.40
N VAL F 74 -38.63 5.30 -19.57
CA VAL F 74 -39.06 4.00 -20.09
C VAL F 74 -38.39 3.76 -21.42
N ARG F 75 -38.07 2.51 -21.75
CA ARG F 75 -37.50 2.23 -23.07
C ARG F 75 -38.50 2.57 -24.16
N GLY F 76 -38.08 3.35 -25.15
CA GLY F 76 -39.00 3.74 -26.24
C GLY F 76 -39.40 5.20 -26.07
N GLN F 77 -39.26 5.72 -24.86
CA GLN F 77 -39.66 7.10 -24.61
C GLN F 77 -39.03 8.01 -25.64
N LYS F 78 -39.73 9.08 -26.02
CA LYS F 78 -39.29 9.95 -27.07
C LYS F 78 -38.34 11.03 -26.56
N VAL F 79 -37.34 11.33 -27.38
CA VAL F 79 -36.32 12.32 -27.17
C VAL F 79 -36.20 13.19 -28.42
N LEU F 80 -36.17 14.50 -28.23
CA LEU F 80 -35.97 15.43 -29.33
C LEU F 80 -34.59 16.08 -29.28
N ASP F 81 -34.00 16.26 -30.47
CA ASP F 81 -32.75 16.98 -30.59
C ASP F 81 -33.01 18.48 -30.56
N SER F 82 -32.40 19.21 -29.63
CA SER F 82 -32.65 20.66 -29.56
C SER F 82 -31.90 21.44 -30.62
N GLY F 83 -30.95 20.84 -31.30
CA GLY F 83 -30.17 21.50 -32.33
C GLY F 83 -28.91 22.19 -31.81
N ALA F 84 -28.65 22.20 -30.53
CA ALA F 84 -27.49 22.88 -29.96
C ALA F 84 -27.18 22.37 -28.55
N PRO F 85 -25.97 22.57 -28.10
CA PRO F 85 -25.61 22.23 -26.72
C PRO F 85 -26.51 22.99 -25.74
N ILE F 86 -26.48 22.61 -24.48
CA ILE F 86 -27.17 23.34 -23.41
C ILE F 86 -26.87 24.83 -23.53
N ARG F 87 -27.87 25.67 -23.69
CA ARG F 87 -27.68 27.12 -23.81
C ARG F 87 -28.26 27.76 -22.57
N ILE F 88 -27.57 28.72 -21.97
CA ILE F 88 -28.14 29.34 -20.78
C ILE F 88 -28.25 30.83 -21.01
N PRO F 89 -29.04 31.49 -20.20
CA PRO F 89 -29.19 32.93 -20.18
C PRO F 89 -27.90 33.59 -19.72
N VAL F 90 -27.37 34.54 -20.47
CA VAL F 90 -26.18 35.29 -20.09
C VAL F 90 -26.52 36.78 -20.12
N GLY F 91 -25.78 37.61 -19.40
CA GLY F 91 -26.15 39.05 -19.42
C GLY F 91 -26.41 39.54 -18.01
N PRO F 92 -26.61 40.83 -17.86
CA PRO F 92 -26.86 41.48 -16.58
C PRO F 92 -28.09 40.90 -15.87
N GLU F 93 -29.03 40.40 -16.65
CA GLU F 93 -30.27 39.86 -16.12
C GLU F 93 -30.03 38.64 -15.24
N THR F 94 -28.82 38.07 -15.29
CA THR F 94 -28.52 36.89 -14.47
C THR F 94 -28.08 37.34 -13.08
N LEU F 95 -27.76 38.62 -12.96
CA LEU F 95 -27.27 39.15 -11.67
C LEU F 95 -28.37 39.11 -10.61
N GLY F 96 -28.09 38.54 -9.45
CA GLY F 96 -29.07 38.46 -8.39
C GLY F 96 -29.99 37.26 -8.58
N ARG F 97 -29.92 36.54 -9.68
CA ARG F 97 -30.72 35.32 -9.82
C ARG F 97 -29.86 34.11 -9.48
N ILE F 98 -30.49 32.94 -9.37
CA ILE F 98 -29.80 31.68 -9.11
C ILE F 98 -30.26 30.70 -10.21
N MET F 99 -29.36 30.02 -10.90
CA MET F 99 -29.78 29.09 -11.94
C MET F 99 -29.22 27.70 -11.68
N ASN F 100 -29.59 26.74 -12.52
CA ASN F 100 -29.06 25.37 -12.44
C ASN F 100 -28.24 25.09 -13.71
N VAL F 101 -27.59 23.94 -13.82
CA VAL F 101 -26.83 23.58 -14.98
C VAL F 101 -27.44 24.07 -16.28
N ILE F 102 -28.72 23.79 -16.46
CA ILE F 102 -29.40 24.14 -17.70
C ILE F 102 -29.96 25.56 -17.71
N GLY F 103 -29.44 26.46 -16.90
CA GLY F 103 -29.84 27.86 -16.93
C GLY F 103 -31.19 28.23 -16.38
N GLU F 104 -32.09 27.30 -16.10
CA GLU F 104 -33.37 27.65 -15.49
C GLU F 104 -33.13 28.28 -14.12
N PRO F 105 -34.01 29.17 -13.71
CA PRO F 105 -33.99 29.86 -12.44
C PRO F 105 -34.44 28.95 -11.30
N ILE F 106 -33.78 29.02 -10.15
CA ILE F 106 -34.17 28.17 -9.03
C ILE F 106 -34.36 28.99 -7.78
N ASP F 107 -34.77 30.25 -7.96
CA ASP F 107 -34.96 31.16 -6.84
C ASP F 107 -36.44 31.52 -6.69
N GLU F 108 -37.29 30.90 -7.49
CA GLU F 108 -38.71 31.15 -7.44
C GLU F 108 -39.08 32.61 -7.71
N ARG F 109 -38.23 33.36 -8.41
CA ARG F 109 -38.51 34.74 -8.76
C ARG F 109 -38.87 34.90 -10.23
N GLY F 110 -39.33 33.84 -10.88
CA GLY F 110 -39.81 33.87 -12.24
C GLY F 110 -38.75 33.72 -13.29
N PRO F 111 -39.13 33.90 -14.55
CA PRO F 111 -38.25 33.76 -15.69
C PRO F 111 -37.05 34.69 -15.68
N ILE F 112 -36.03 34.31 -16.43
CA ILE F 112 -34.83 35.12 -16.62
C ILE F 112 -34.87 35.63 -18.07
N LYS F 113 -35.21 36.89 -18.27
CA LYS F 113 -35.34 37.43 -19.62
C LYS F 113 -34.02 38.06 -20.09
N THR F 114 -33.32 37.37 -20.97
CA THR F 114 -32.09 37.89 -21.53
C THR F 114 -32.26 38.02 -23.06
N LYS F 115 -31.35 38.82 -23.61
CA LYS F 115 -31.27 38.92 -25.06
C LYS F 115 -30.46 37.68 -25.51
N GLN F 116 -29.33 37.46 -24.83
CA GLN F 116 -28.44 36.41 -25.26
C GLN F 116 -28.49 35.14 -24.41
N PHE F 117 -28.23 34.05 -25.10
CA PHE F 117 -28.13 32.73 -24.53
C PHE F 117 -26.80 32.15 -25.05
N ALA F 118 -25.89 31.82 -24.14
CA ALA F 118 -24.63 31.22 -24.59
C ALA F 118 -24.67 29.72 -24.31
N ALA F 119 -23.95 28.96 -25.10
CA ALA F 119 -23.75 27.53 -24.89
C ALA F 119 -22.71 27.34 -23.76
N ILE F 120 -22.92 26.37 -22.88
CA ILE F 120 -21.98 26.12 -21.79
C ILE F 120 -20.73 25.41 -22.29
N HIS F 121 -20.72 25.12 -23.59
CA HIS F 121 -19.55 24.48 -24.19
C HIS F 121 -18.84 25.41 -25.16
N ALA F 122 -17.73 25.97 -24.76
CA ALA F 122 -16.99 26.90 -25.62
C ALA F 122 -15.52 26.50 -25.68
N GLU F 123 -14.85 26.75 -26.79
CA GLU F 123 -13.42 26.44 -26.85
C GLU F 123 -12.67 27.45 -25.99
N ALA F 124 -11.58 27.01 -25.42
CA ALA F 124 -10.76 27.88 -24.56
C ALA F 124 -10.15 29.01 -25.40
N PRO F 125 -9.87 30.12 -24.76
CA PRO F 125 -9.20 31.24 -25.36
C PRO F 125 -7.89 30.78 -26.01
N GLU F 126 -7.60 31.37 -27.16
CA GLU F 126 -6.38 30.96 -27.88
C GLU F 126 -5.13 31.57 -27.25
N PHE F 127 -3.98 30.98 -27.51
CA PHE F 127 -2.68 31.45 -27.03
C PHE F 127 -2.43 32.92 -27.30
N VAL F 128 -2.89 33.47 -28.42
CA VAL F 128 -2.71 34.90 -28.68
C VAL F 128 -3.63 35.75 -27.83
N GLU F 129 -4.55 35.14 -27.10
CA GLU F 129 -5.50 35.90 -26.28
C GLU F 129 -4.98 36.04 -24.85
N MET F 130 -3.94 35.28 -24.52
CA MET F 130 -3.38 35.27 -23.19
C MET F 130 -2.84 36.62 -22.72
N SER F 131 -3.03 36.90 -21.44
CA SER F 131 -2.49 38.13 -20.84
C SER F 131 -1.23 37.76 -20.04
N VAL F 132 -0.37 38.70 -19.73
CA VAL F 132 0.85 38.39 -18.99
C VAL F 132 1.16 39.45 -17.95
N GLU F 133 0.20 40.27 -17.58
CA GLU F 133 0.37 41.31 -16.58
C GLU F 133 0.39 40.69 -15.18
N GLN F 134 1.51 40.71 -14.50
CA GLN F 134 1.60 40.16 -13.14
C GLN F 134 1.32 41.30 -12.15
N GLU F 135 0.22 41.23 -11.41
CA GLU F 135 -0.05 42.28 -10.41
C GLU F 135 -0.62 41.72 -9.12
N ILE F 136 -0.01 42.11 -7.99
CA ILE F 136 -0.39 41.56 -6.70
C ILE F 136 -1.84 41.86 -6.30
N LEU F 137 -2.47 40.88 -5.68
CA LEU F 137 -3.83 41.10 -5.15
C LEU F 137 -3.77 40.96 -3.63
N VAL F 138 -3.69 42.09 -2.94
CA VAL F 138 -3.57 42.06 -1.48
C VAL F 138 -4.90 41.63 -0.90
N THR F 139 -4.91 40.58 -0.08
CA THR F 139 -6.16 40.07 0.45
C THR F 139 -6.38 40.52 1.89
N GLY F 140 -5.26 40.76 2.58
CA GLY F 140 -5.25 41.18 3.96
C GLY F 140 -5.11 39.97 4.87
N ILE F 141 -4.81 38.82 4.28
CA ILE F 141 -4.60 37.59 5.05
C ILE F 141 -3.06 37.43 5.14
N LYS F 142 -2.55 37.58 6.36
CA LYS F 142 -1.11 37.55 6.55
C LYS F 142 -0.38 36.46 5.83
N VAL F 143 -0.79 35.21 5.97
CA VAL F 143 -0.09 34.09 5.37
C VAL F 143 -0.05 34.18 3.85
N VAL F 144 -1.19 34.34 3.23
CA VAL F 144 -1.29 34.47 1.78
C VAL F 144 -0.44 35.64 1.26
N ASP F 145 -0.72 36.84 1.72
CA ASP F 145 -0.06 38.05 1.32
C ASP F 145 1.46 37.96 1.45
N LEU F 146 1.94 37.33 2.54
CA LEU F 146 3.38 37.21 2.70
C LEU F 146 4.00 36.10 1.85
N LEU F 147 3.61 34.86 2.15
CA LEU F 147 4.21 33.69 1.56
C LEU F 147 3.80 33.33 0.17
N ALA F 148 2.59 33.67 -0.27
CA ALA F 148 2.14 33.25 -1.58
C ALA F 148 1.00 34.12 -2.08
N PRO F 149 1.32 35.39 -2.33
CA PRO F 149 0.44 36.42 -2.79
C PRO F 149 -0.39 36.04 -4.00
N TYR F 150 -1.66 36.41 -3.95
CA TYR F 150 -2.58 36.20 -5.06
C TYR F 150 -2.32 37.31 -6.09
N ALA F 151 -2.85 37.16 -7.30
CA ALA F 151 -2.67 38.17 -8.33
C ALA F 151 -4.01 38.60 -8.91
N LYS F 152 -4.07 39.82 -9.43
CA LYS F 152 -5.32 40.25 -10.09
C LYS F 152 -5.48 39.49 -11.40
N GLY F 153 -6.70 39.04 -11.71
CA GLY F 153 -6.87 38.29 -12.95
C GLY F 153 -6.08 37.00 -12.91
N GLY F 154 -5.53 36.59 -11.76
CA GLY F 154 -4.87 35.26 -11.72
C GLY F 154 -5.80 34.16 -11.22
N LYS F 155 -5.32 32.94 -11.21
CA LYS F 155 -5.98 31.76 -10.73
C LYS F 155 -5.43 31.29 -9.37
N ILE F 156 -6.27 31.36 -8.36
CA ILE F 156 -6.08 30.98 -6.99
C ILE F 156 -6.72 29.61 -6.67
N GLY F 157 -6.00 28.77 -5.93
CA GLY F 157 -6.51 27.46 -5.58
C GLY F 157 -6.41 27.22 -4.08
N LEU F 158 -7.52 26.91 -3.45
CA LEU F 158 -7.58 26.58 -2.03
C LEU F 158 -7.70 25.06 -1.85
N PHE F 159 -6.63 24.37 -1.47
CA PHE F 159 -6.66 22.93 -1.33
C PHE F 159 -7.04 22.53 0.09
N GLY F 160 -7.93 21.51 0.20
CA GLY F 160 -8.15 21.09 1.60
C GLY F 160 -8.94 19.83 1.79
N GLY F 161 -8.53 19.08 2.81
CA GLY F 161 -9.25 17.88 3.24
C GLY F 161 -10.58 18.24 3.89
N ALA F 162 -11.43 17.26 4.14
CA ALA F 162 -12.76 17.51 4.72
C ALA F 162 -12.72 18.33 6.01
N GLY F 163 -13.46 19.43 6.11
CA GLY F 163 -13.49 20.22 7.30
C GLY F 163 -12.32 21.08 7.67
N VAL F 164 -11.34 21.31 6.82
CA VAL F 164 -10.12 22.01 7.13
C VAL F 164 -10.19 23.50 6.98
N GLY F 165 -11.10 24.07 6.19
CA GLY F 165 -11.20 25.52 6.13
C GLY F 165 -11.36 26.11 4.75
N LYS F 166 -11.69 25.33 3.72
CA LYS F 166 -11.81 25.91 2.37
C LYS F 166 -12.90 26.95 2.26
N THR F 167 -14.13 26.59 2.61
CA THR F 167 -15.30 27.41 2.47
C THR F 167 -15.20 28.69 3.27
N VAL F 168 -14.75 28.62 4.52
CA VAL F 168 -14.49 29.80 5.35
C VAL F 168 -13.43 30.68 4.70
N LEU F 169 -12.38 30.07 4.11
CA LEU F 169 -11.39 30.90 3.40
C LEU F 169 -12.01 31.60 2.21
N ILE F 170 -12.77 30.93 1.33
CA ILE F 170 -13.45 31.59 0.24
C ILE F 170 -14.41 32.70 0.71
N MET F 171 -15.27 32.43 1.70
CA MET F 171 -16.16 33.46 2.22
C MET F 171 -15.35 34.63 2.79
N GLU F 172 -14.24 34.33 3.47
CA GLU F 172 -13.41 35.45 3.93
C GLU F 172 -12.87 36.22 2.73
N LEU F 173 -12.40 35.55 1.68
CA LEU F 173 -11.90 36.27 0.51
C LEU F 173 -13.01 37.09 -0.16
N ILE F 174 -14.20 36.49 -0.26
CA ILE F 174 -15.30 37.26 -0.85
C ILE F 174 -15.44 38.57 -0.07
N ASN F 175 -15.54 38.43 1.24
CA ASN F 175 -15.66 39.58 2.14
C ASN F 175 -14.56 40.63 1.92
N ASN F 176 -13.31 40.22 1.77
CA ASN F 176 -12.21 41.14 1.63
C ASN F 176 -11.99 41.65 0.21
N VAL F 177 -12.01 40.79 -0.78
CA VAL F 177 -11.75 41.14 -2.16
C VAL F 177 -12.99 41.65 -2.88
N ALA F 178 -14.02 40.81 -2.93
CA ALA F 178 -15.25 41.10 -3.65
C ALA F 178 -15.94 42.37 -3.17
N LYS F 179 -16.11 42.55 -1.87
CA LYS F 179 -16.75 43.76 -1.37
C LYS F 179 -16.20 45.03 -2.03
N ALA F 180 -14.92 45.27 -1.87
CA ALA F 180 -14.26 46.45 -2.44
C ALA F 180 -13.91 46.24 -3.90
N HIS F 181 -14.90 45.75 -4.67
CA HIS F 181 -14.60 45.46 -6.08
C HIS F 181 -15.52 46.18 -7.05
N GLY F 182 -14.87 46.77 -8.06
CA GLY F 182 -15.65 47.41 -9.13
C GLY F 182 -15.80 46.36 -10.24
N GLY F 183 -16.95 45.71 -10.29
CA GLY F 183 -17.16 44.69 -11.32
C GLY F 183 -18.17 43.65 -10.86
N TYR F 184 -18.47 42.70 -11.73
CA TYR F 184 -19.47 41.68 -11.38
C TYR F 184 -18.82 40.43 -10.82
N SER F 185 -19.55 39.70 -10.01
CA SER F 185 -19.04 38.51 -9.34
C SER F 185 -19.97 37.34 -9.68
N VAL F 186 -19.42 36.18 -9.88
CA VAL F 186 -20.14 34.98 -10.20
C VAL F 186 -19.72 33.93 -9.16
N PHE F 187 -20.65 33.25 -8.56
CA PHE F 187 -20.40 32.22 -7.57
C PHE F 187 -21.04 30.92 -8.04
N ALA F 188 -20.20 29.93 -8.38
CA ALA F 188 -20.74 28.65 -8.81
C ALA F 188 -20.68 27.63 -7.68
N GLY F 189 -21.85 27.22 -7.21
CA GLY F 189 -21.95 26.16 -6.20
C GLY F 189 -21.80 24.83 -6.97
N VAL F 190 -20.76 24.05 -6.72
CA VAL F 190 -20.54 22.82 -7.46
C VAL F 190 -20.39 21.62 -6.54
N GLY F 191 -21.43 20.81 -6.42
CA GLY F 191 -21.43 19.60 -5.63
C GLY F 191 -21.19 19.85 -4.14
N GLU F 192 -21.54 20.99 -3.59
CA GLU F 192 -21.38 21.23 -2.18
C GLU F 192 -22.70 21.20 -1.45
N ARG F 193 -22.78 21.96 -0.35
CA ARG F 193 -23.95 21.93 0.51
C ARG F 193 -25.03 22.90 0.08
N THR F 194 -26.20 22.39 -0.29
CA THR F 194 -27.33 23.27 -0.58
C THR F 194 -27.53 24.30 0.53
N ARG F 195 -27.55 23.85 1.79
CA ARG F 195 -27.73 24.84 2.85
C ARG F 195 -26.69 25.93 2.81
N GLU F 196 -25.48 25.70 2.27
CA GLU F 196 -24.52 26.82 2.17
C GLU F 196 -24.98 27.78 1.08
N GLY F 197 -25.66 27.23 0.07
CA GLY F 197 -26.24 28.07 -0.98
C GLY F 197 -27.28 29.02 -0.36
N ASN F 198 -28.16 28.46 0.47
CA ASN F 198 -29.16 29.27 1.17
C ASN F 198 -28.48 30.28 2.08
N ASP F 199 -27.46 29.86 2.84
CA ASP F 199 -26.76 30.87 3.64
C ASP F 199 -26.18 31.94 2.73
N LEU F 200 -25.52 31.52 1.63
CA LEU F 200 -24.89 32.52 0.79
C LEU F 200 -25.91 33.54 0.30
N TYR F 201 -26.96 32.98 -0.28
CA TYR F 201 -28.05 33.78 -0.84
C TYR F 201 -28.55 34.79 0.18
N HIS F 202 -28.94 34.35 1.37
CA HIS F 202 -29.45 35.27 2.37
C HIS F 202 -28.41 36.22 2.89
N GLU F 203 -27.17 35.77 3.01
CA GLU F 203 -26.09 36.69 3.39
C GLU F 203 -25.96 37.78 2.33
N MET F 204 -25.97 37.38 1.05
CA MET F 204 -25.81 38.39 -0.01
C MET F 204 -26.98 39.36 -0.05
N ILE F 205 -28.19 38.85 0.13
CA ILE F 205 -29.38 39.72 0.15
C ILE F 205 -29.27 40.71 1.30
N GLU F 206 -28.94 40.20 2.49
CA GLU F 206 -28.81 41.06 3.66
C GLU F 206 -27.81 42.16 3.47
N SER F 207 -26.63 41.87 2.93
CA SER F 207 -25.60 42.89 2.73
C SER F 207 -26.03 43.92 1.69
N GLY F 208 -26.83 43.50 0.73
CA GLY F 208 -27.26 44.37 -0.35
C GLY F 208 -26.55 44.08 -1.66
N VAL F 209 -25.68 43.06 -1.67
CA VAL F 209 -25.00 42.70 -2.92
C VAL F 209 -25.96 42.04 -3.90
N ILE F 210 -26.99 41.41 -3.37
CA ILE F 210 -28.08 40.86 -4.18
C ILE F 210 -29.29 41.73 -3.82
N ASN F 211 -29.72 42.66 -4.65
CA ASN F 211 -30.88 43.48 -4.29
C ASN F 211 -32.08 42.89 -5.03
N LEU F 212 -33.09 42.46 -4.27
CA LEU F 212 -34.23 41.82 -4.90
C LEU F 212 -35.21 42.83 -5.49
N LYS F 213 -34.88 44.11 -5.41
CA LYS F 213 -35.74 45.16 -5.93
C LYS F 213 -35.02 46.02 -6.97
N ASP F 214 -34.01 46.76 -6.51
CA ASP F 214 -33.24 47.62 -7.41
C ASP F 214 -32.52 46.72 -8.40
N ALA F 215 -31.98 47.28 -9.47
CA ALA F 215 -31.27 46.44 -10.45
C ALA F 215 -29.76 46.54 -10.19
N THR F 216 -29.43 46.81 -8.94
CA THR F 216 -28.06 46.99 -8.51
C THR F 216 -27.36 45.74 -8.04
N SER F 217 -27.89 44.53 -8.25
CA SER F 217 -27.12 43.36 -7.82
C SER F 217 -25.82 43.19 -8.61
N LYS F 218 -24.77 42.78 -7.92
CA LYS F 218 -23.47 42.56 -8.55
C LYS F 218 -23.02 41.09 -8.63
N VAL F 219 -23.73 40.18 -7.99
CA VAL F 219 -23.37 38.76 -8.00
C VAL F 219 -24.39 37.90 -8.72
N ALA F 220 -23.91 37.02 -9.61
CA ALA F 220 -24.80 36.02 -10.23
C ALA F 220 -24.55 34.67 -9.55
N LEU F 221 -25.60 33.89 -9.28
CA LEU F 221 -25.40 32.62 -8.60
C LEU F 221 -25.79 31.44 -9.49
N VAL F 222 -24.97 30.40 -9.40
CA VAL F 222 -25.22 29.17 -10.16
C VAL F 222 -24.96 27.99 -9.24
N TYR F 223 -25.94 27.10 -9.10
CA TYR F 223 -25.78 25.95 -8.23
C TYR F 223 -26.20 24.61 -8.82
N GLY F 224 -25.47 23.61 -8.33
CA GLY F 224 -25.65 22.22 -8.63
C GLY F 224 -24.92 21.47 -7.48
N GLN F 225 -25.53 21.44 -6.30
CA GLN F 225 -24.97 20.85 -5.09
C GLN F 225 -24.96 19.35 -4.93
N MET F 226 -24.51 18.82 -3.79
CA MET F 226 -24.44 17.38 -3.54
C MET F 226 -25.78 16.65 -3.72
N ASN F 227 -26.86 17.34 -3.94
CA ASN F 227 -28.14 16.64 -4.07
C ASN F 227 -28.40 16.31 -5.54
N GLU F 228 -27.50 16.72 -6.43
CA GLU F 228 -27.65 16.44 -7.84
C GLU F 228 -26.97 15.14 -8.27
N PRO F 229 -27.57 14.47 -9.24
CA PRO F 229 -27.01 13.31 -9.92
C PRO F 229 -25.71 13.78 -10.59
N PRO F 230 -24.83 12.86 -10.95
CA PRO F 230 -23.51 13.08 -11.47
C PRO F 230 -23.44 13.99 -12.66
N GLY F 231 -24.34 13.78 -13.62
CA GLY F 231 -24.36 14.54 -14.84
C GLY F 231 -24.52 16.02 -14.61
N ALA F 232 -25.31 16.40 -13.61
CA ALA F 232 -25.52 17.83 -13.36
C ALA F 232 -24.29 18.41 -12.67
N ARG F 233 -23.69 17.62 -11.77
CA ARG F 233 -22.55 18.13 -11.01
C ARG F 233 -21.35 18.22 -11.97
N ALA F 234 -21.36 17.43 -13.06
CA ALA F 234 -20.23 17.48 -13.96
C ALA F 234 -20.30 18.69 -14.88
N ARG F 235 -21.43 19.37 -14.92
CA ARG F 235 -21.58 20.48 -15.83
C ARG F 235 -21.86 21.81 -15.17
N VAL F 236 -22.30 21.83 -13.91
CA VAL F 236 -22.48 23.14 -13.29
C VAL F 236 -21.26 24.03 -13.39
N ALA F 237 -20.06 23.46 -13.24
CA ALA F 237 -18.89 24.36 -13.27
C ALA F 237 -18.87 25.09 -14.62
N LEU F 238 -19.26 24.40 -15.69
CA LEU F 238 -19.25 24.96 -17.03
C LEU F 238 -20.31 26.05 -17.15
N THR F 239 -21.43 25.83 -16.44
CA THR F 239 -22.51 26.80 -16.46
C THR F 239 -22.08 28.10 -15.81
N GLY F 240 -21.51 28.04 -14.61
CA GLY F 240 -21.20 29.32 -13.92
C GLY F 240 -20.04 29.99 -14.63
N LEU F 241 -19.17 29.17 -15.22
CA LEU F 241 -18.01 29.73 -15.95
C LEU F 241 -18.51 30.46 -17.18
N THR F 242 -19.49 29.87 -17.89
CA THR F 242 -20.10 30.51 -19.05
C THR F 242 -20.71 31.88 -18.71
N VAL F 243 -21.33 31.96 -17.52
CA VAL F 243 -21.86 33.25 -17.09
C VAL F 243 -20.69 34.22 -16.91
N ALA F 244 -19.59 33.75 -16.31
CA ALA F 244 -18.45 34.63 -16.04
C ALA F 244 -17.82 35.07 -17.37
N GLU F 245 -17.85 34.18 -18.35
CA GLU F 245 -17.27 34.49 -19.65
C GLU F 245 -17.85 35.77 -20.25
N TYR F 246 -19.18 35.87 -20.24
CA TYR F 246 -19.87 37.02 -20.79
C TYR F 246 -19.38 38.32 -20.17
N PHE F 247 -19.43 38.42 -18.86
CA PHE F 247 -19.02 39.65 -18.20
C PHE F 247 -17.58 39.99 -18.55
N ARG F 248 -16.74 38.97 -18.66
CA ARG F 248 -15.34 39.16 -18.96
C ARG F 248 -15.14 39.77 -20.36
N ASP F 249 -15.83 39.17 -21.33
CA ASP F 249 -15.68 39.55 -22.71
C ASP F 249 -16.71 40.57 -23.19
N GLN F 250 -17.96 40.13 -23.20
CA GLN F 250 -19.05 40.98 -23.70
C GLN F 250 -19.30 42.19 -22.82
N GLU F 251 -18.36 42.52 -21.93
CA GLU F 251 -18.55 43.70 -21.09
C GLU F 251 -17.22 44.31 -20.68
N GLY F 252 -16.13 43.63 -21.05
CA GLY F 252 -14.79 44.11 -20.66
C GLY F 252 -14.85 44.62 -19.22
N GLN F 253 -15.05 43.70 -18.27
CA GLN F 253 -15.16 44.08 -16.87
C GLN F 253 -14.26 43.20 -16.01
N ASP F 254 -13.86 43.67 -14.83
CA ASP F 254 -13.08 42.78 -13.97
C ASP F 254 -14.13 41.88 -13.29
N VAL F 255 -14.14 40.64 -13.70
CA VAL F 255 -15.01 39.66 -13.07
C VAL F 255 -14.25 38.89 -11.99
N LEU F 256 -14.96 38.44 -10.98
CA LEU F 256 -14.48 37.54 -9.95
C LEU F 256 -15.31 36.25 -10.11
N LEU F 257 -14.64 35.12 -10.05
CA LEU F 257 -15.33 33.84 -10.14
C LEU F 257 -14.88 32.98 -8.95
N PHE F 258 -15.84 32.64 -8.13
CA PHE F 258 -15.62 31.78 -6.98
C PHE F 258 -16.33 30.45 -7.24
N ILE F 259 -15.62 29.34 -7.10
CA ILE F 259 -16.25 28.03 -7.23
C ILE F 259 -15.99 27.21 -5.97
N ASP F 260 -17.03 26.64 -5.40
CA ASP F 260 -16.92 25.72 -4.26
C ASP F 260 -17.90 24.59 -4.58
N ASN F 261 -17.41 23.43 -4.87
CA ASN F 261 -16.01 23.04 -4.84
C ASN F 261 -15.64 22.41 -6.19
N ILE F 262 -14.54 22.83 -6.82
CA ILE F 262 -14.24 22.36 -8.15
C ILE F 262 -13.88 20.90 -8.21
N PHE F 263 -13.56 20.27 -7.09
CA PHE F 263 -13.17 18.85 -7.16
C PHE F 263 -14.38 18.03 -7.57
N ARG F 264 -15.55 18.51 -7.16
CA ARG F 264 -16.83 17.85 -7.34
C ARG F 264 -17.12 17.63 -8.82
N PHE F 265 -16.52 18.46 -9.68
CA PHE F 265 -16.61 18.30 -11.13
C PHE F 265 -15.90 17.01 -11.54
N THR F 266 -14.68 16.83 -11.00
CA THR F 266 -13.91 15.64 -11.36
C THR F 266 -14.58 14.39 -10.83
N GLN F 267 -15.02 14.44 -9.57
CA GLN F 267 -15.70 13.32 -8.94
C GLN F 267 -17.00 12.97 -9.67
N ALA F 268 -17.76 13.97 -10.11
CA ALA F 268 -18.96 13.73 -10.89
C ALA F 268 -18.60 12.89 -12.14
N GLY F 269 -17.45 13.22 -12.73
CA GLY F 269 -16.96 12.56 -13.90
C GLY F 269 -16.57 11.12 -13.66
N SER F 270 -16.05 10.76 -12.52
CA SER F 270 -15.72 9.34 -12.28
C SER F 270 -17.00 8.52 -12.17
N GLU F 271 -18.04 9.09 -11.59
CA GLU F 271 -19.32 8.38 -11.39
C GLU F 271 -19.95 7.96 -12.71
N VAL F 272 -19.90 8.78 -13.76
CA VAL F 272 -20.48 8.45 -15.06
C VAL F 272 -19.51 7.70 -15.97
N SER F 273 -18.20 8.01 -15.85
CA SER F 273 -17.20 7.38 -16.69
C SER F 273 -17.29 5.86 -16.70
N ALA F 274 -17.60 5.33 -15.54
CA ALA F 274 -17.85 3.89 -15.36
C ALA F 274 -19.04 3.50 -16.25
N LEU F 275 -20.15 4.22 -16.13
CA LEU F 275 -21.35 3.96 -16.93
C LEU F 275 -21.16 4.24 -18.40
N LEU F 276 -20.14 5.00 -18.79
CA LEU F 276 -19.90 5.29 -20.20
C LEU F 276 -19.12 4.19 -20.88
N GLY F 277 -18.72 3.14 -20.17
CA GLY F 277 -17.91 2.11 -20.81
C GLY F 277 -16.44 2.36 -21.00
N ARG F 278 -15.72 3.13 -20.17
CA ARG F 278 -14.29 3.32 -20.37
C ARG F 278 -13.47 2.50 -19.38
N ILE F 279 -12.33 1.97 -19.80
CA ILE F 279 -11.41 1.30 -18.87
C ILE F 279 -10.90 2.34 -17.86
N PRO F 280 -11.09 2.06 -16.60
CA PRO F 280 -10.72 2.95 -15.50
C PRO F 280 -9.21 3.19 -15.45
N SER F 281 -8.82 4.40 -15.10
CA SER F 281 -7.42 4.76 -14.94
C SER F 281 -7.05 4.61 -13.46
N ALA F 282 -5.92 5.21 -13.06
CA ALA F 282 -5.48 5.06 -11.68
C ALA F 282 -6.55 5.51 -10.67
N VAL F 283 -6.62 4.77 -9.59
CA VAL F 283 -7.52 4.94 -8.47
C VAL F 283 -8.99 4.91 -8.84
N GLY F 284 -9.33 4.26 -9.95
CA GLY F 284 -10.73 4.13 -10.38
C GLY F 284 -11.18 5.36 -11.17
N TYR F 285 -10.36 6.37 -11.36
CA TYR F 285 -10.79 7.55 -12.07
C TYR F 285 -10.92 7.33 -13.58
N GLN F 286 -11.63 8.28 -14.19
CA GLN F 286 -11.81 8.29 -15.64
C GLN F 286 -10.44 8.55 -16.26
N PRO F 287 -10.12 7.85 -17.33
CA PRO F 287 -8.88 8.01 -18.04
C PRO F 287 -8.76 9.38 -18.70
N THR F 288 -9.83 10.16 -18.76
CA THR F 288 -9.86 11.46 -19.38
C THR F 288 -9.77 12.60 -18.36
N LEU F 289 -9.49 12.25 -17.13
CA LEU F 289 -9.45 13.20 -16.03
C LEU F 289 -8.72 14.48 -16.35
N ALA F 290 -7.49 14.38 -16.82
CA ALA F 290 -6.66 15.56 -17.08
C ALA F 290 -7.16 16.34 -18.27
N THR F 291 -7.59 15.65 -19.33
CA THR F 291 -8.14 16.41 -20.48
C THR F 291 -9.50 17.01 -20.16
N ASP F 292 -10.35 16.25 -19.46
CA ASP F 292 -11.62 16.86 -19.03
C ASP F 292 -11.32 18.12 -18.23
N MET F 293 -10.41 18.00 -17.28
CA MET F 293 -10.06 19.12 -16.39
C MET F 293 -9.45 20.25 -17.19
N GLY F 294 -8.53 19.93 -18.10
CA GLY F 294 -7.91 20.94 -18.95
C GLY F 294 -8.89 21.72 -19.80
N THR F 295 -9.76 21.06 -20.58
CA THR F 295 -10.66 21.85 -21.44
C THR F 295 -11.54 22.78 -20.64
N MET F 296 -11.79 22.43 -19.37
CA MET F 296 -12.59 23.31 -18.50
C MET F 296 -11.77 24.41 -17.85
N GLN F 297 -10.65 24.12 -17.22
CA GLN F 297 -9.88 25.17 -16.53
C GLN F 297 -9.31 26.16 -17.53
N GLU F 298 -8.92 25.74 -18.75
CA GLU F 298 -8.44 26.75 -19.69
C GLU F 298 -9.46 27.81 -20.03
N ARG F 299 -10.73 27.62 -19.69
CA ARG F 299 -11.72 28.66 -20.02
C ARG F 299 -11.79 29.65 -18.87
N ILE F 300 -11.26 29.22 -17.73
CA ILE F 300 -11.30 30.04 -16.53
C ILE F 300 -9.99 30.83 -16.46
N THR F 301 -9.97 31.91 -17.25
CA THR F 301 -8.74 32.68 -17.34
C THR F 301 -9.05 34.12 -17.71
N THR F 302 -8.04 34.95 -17.54
CA THR F 302 -8.06 36.32 -18.02
C THR F 302 -7.66 36.27 -19.48
N THR F 303 -8.18 37.15 -20.32
CA THR F 303 -7.79 37.31 -21.70
C THR F 303 -7.49 38.80 -21.95
N LYS F 304 -7.01 39.10 -23.13
CA LYS F 304 -6.67 40.47 -23.48
C LYS F 304 -7.96 41.31 -23.51
N LYS F 305 -9.09 40.63 -23.62
CA LYS F 305 -10.38 41.30 -23.72
C LYS F 305 -10.92 41.71 -22.36
N GLY F 306 -10.56 40.98 -21.33
CA GLY F 306 -11.03 41.27 -19.98
C GLY F 306 -10.38 40.29 -19.01
N SER F 307 -10.50 40.58 -17.73
CA SER F 307 -9.91 39.79 -16.70
C SER F 307 -10.91 39.16 -15.73
N ILE F 308 -10.65 37.92 -15.37
CA ILE F 308 -11.35 37.12 -14.42
C ILE F 308 -10.38 36.66 -13.30
N THR F 309 -10.61 37.12 -12.09
CA THR F 309 -9.88 36.62 -10.93
C THR F 309 -10.67 35.41 -10.38
N SER F 310 -10.16 34.20 -10.52
CA SER F 310 -10.89 33.04 -10.06
C SER F 310 -10.30 32.49 -8.76
N VAL F 311 -11.17 32.08 -7.86
CA VAL F 311 -10.85 31.43 -6.60
C VAL F 311 -11.69 30.13 -6.54
N GLN F 312 -11.05 29.00 -6.61
CA GLN F 312 -11.61 27.69 -6.63
C GLN F 312 -11.21 26.90 -5.38
N ALA F 313 -12.23 26.41 -4.66
CA ALA F 313 -11.93 25.49 -3.55
C ALA F 313 -11.76 24.08 -4.11
N ILE F 314 -10.79 23.34 -3.56
CA ILE F 314 -10.43 22.03 -4.08
C ILE F 314 -10.25 21.00 -2.98
N TYR F 315 -11.20 20.10 -2.91
CA TYR F 315 -11.35 19.05 -1.94
C TYR F 315 -10.25 18.01 -2.16
N VAL F 316 -9.67 17.53 -1.07
CA VAL F 316 -8.57 16.56 -1.16
C VAL F 316 -9.02 15.27 -0.51
N PRO F 317 -9.42 14.33 -1.33
CA PRO F 317 -9.95 13.05 -0.91
C PRO F 317 -8.99 12.40 0.07
N ALA F 318 -9.48 11.85 1.15
CA ALA F 318 -8.65 11.17 2.15
C ALA F 318 -7.40 11.95 2.52
N ASP F 319 -7.44 13.27 2.36
CA ASP F 319 -6.34 14.17 2.64
C ASP F 319 -5.11 13.85 1.80
N ASP F 320 -5.30 13.08 0.71
CA ASP F 320 -4.14 12.70 -0.10
C ASP F 320 -3.95 13.61 -1.30
N LEU F 321 -3.00 14.53 -1.15
CA LEU F 321 -2.64 15.52 -2.13
C LEU F 321 -2.09 14.93 -3.42
N THR F 322 -1.69 13.65 -3.39
CA THR F 322 -1.20 12.98 -4.60
C THR F 322 -2.34 12.30 -5.35
N ASP F 323 -3.56 12.34 -4.84
CA ASP F 323 -4.72 11.78 -5.55
C ASP F 323 -4.85 12.50 -6.89
N PRO F 324 -5.05 11.77 -7.94
CA PRO F 324 -5.18 12.30 -9.30
C PRO F 324 -5.91 13.61 -9.39
N ALA F 325 -7.07 13.78 -8.75
CA ALA F 325 -7.83 15.03 -8.83
C ALA F 325 -7.04 16.26 -8.42
N PRO F 326 -6.71 16.38 -7.14
CA PRO F 326 -5.99 17.53 -6.61
C PRO F 326 -4.65 17.68 -7.30
N ALA F 327 -3.95 16.55 -7.48
CA ALA F 327 -2.63 16.59 -8.12
C ALA F 327 -2.68 17.23 -9.50
N THR F 328 -3.73 16.91 -10.24
CA THR F 328 -3.83 17.47 -11.58
C THR F 328 -4.20 18.92 -11.55
N THR F 329 -4.85 19.43 -10.51
CA THR F 329 -5.23 20.83 -10.48
C THR F 329 -4.10 21.81 -10.25
N PHE F 330 -3.03 21.36 -9.56
CA PHE F 330 -1.92 22.27 -9.29
C PHE F 330 -1.47 23.00 -10.55
N ALA F 331 -1.29 22.34 -11.68
CA ALA F 331 -0.78 23.06 -12.85
C ALA F 331 -1.73 24.07 -13.43
N HIS F 332 -2.98 24.17 -12.94
CA HIS F 332 -3.91 25.15 -13.45
C HIS F 332 -3.96 26.43 -12.68
N LEU F 333 -3.10 26.59 -11.67
CA LEU F 333 -3.14 27.76 -10.80
C LEU F 333 -1.89 28.63 -10.82
N ASP F 334 -2.07 29.90 -10.51
CA ASP F 334 -1.01 30.87 -10.39
C ASP F 334 -0.65 31.03 -8.91
N ALA F 335 -1.60 30.70 -8.01
CA ALA F 335 -1.27 30.78 -6.59
C ALA F 335 -2.03 29.64 -5.88
N THR F 336 -1.37 28.96 -4.97
CA THR F 336 -2.06 27.87 -4.28
C THR F 336 -2.04 28.14 -2.78
N THR F 337 -3.14 27.84 -2.13
CA THR F 337 -3.25 27.97 -0.67
C THR F 337 -3.59 26.54 -0.20
N VAL F 338 -2.60 25.81 0.29
CA VAL F 338 -2.78 24.42 0.72
C VAL F 338 -3.06 24.31 2.21
N LEU F 339 -4.25 23.83 2.54
CA LEU F 339 -4.67 23.78 3.95
C LEU F 339 -4.33 22.43 4.57
N SER F 340 -3.92 22.42 5.83
CA SER F 340 -3.51 21.16 6.46
C SER F 340 -4.32 20.75 7.68
N ARG F 341 -4.70 19.50 7.75
CA ARG F 341 -5.45 18.99 8.89
C ARG F 341 -4.62 19.08 10.17
N ALA F 342 -3.35 18.71 10.11
CA ALA F 342 -2.45 18.86 11.25
C ALA F 342 -2.29 20.32 11.66
N ILE F 343 -2.34 21.23 10.69
CA ILE F 343 -2.19 22.64 11.13
C ILE F 343 -3.45 23.08 11.87
N ALA F 344 -4.59 22.69 11.28
CA ALA F 344 -5.90 23.05 11.86
C ALA F 344 -6.00 22.51 13.29
N GLU F 345 -5.65 21.25 13.46
CA GLU F 345 -5.63 20.60 14.75
C GLU F 345 -4.77 21.34 15.76
N LEU F 346 -3.62 21.91 15.40
CA LEU F 346 -2.83 22.69 16.34
C LEU F 346 -3.57 23.98 16.70
N GLY F 347 -4.77 24.21 16.17
CA GLY F 347 -5.48 25.45 16.47
C GLY F 347 -5.12 26.59 15.55
N ILE F 348 -4.19 26.39 14.61
CA ILE F 348 -3.82 27.49 13.72
C ILE F 348 -4.82 27.62 12.59
N TYR F 349 -5.37 28.80 12.40
CA TYR F 349 -6.30 29.08 11.32
C TYR F 349 -5.98 30.48 10.79
N PRO F 350 -6.03 30.66 9.51
CA PRO F 350 -6.39 29.61 8.55
C PRO F 350 -5.29 28.57 8.51
N ALA F 351 -5.65 27.33 8.25
CA ALA F 351 -4.72 26.22 8.42
C ALA F 351 -3.81 26.06 7.23
N VAL F 352 -3.25 27.19 6.79
CA VAL F 352 -2.37 27.20 5.63
C VAL F 352 -1.00 26.59 5.92
N ASP F 353 -0.53 25.78 4.98
CA ASP F 353 0.82 25.21 5.00
C ASP F 353 1.76 26.20 4.31
N PRO F 354 2.60 26.86 5.07
CA PRO F 354 3.53 27.86 4.66
C PRO F 354 4.65 27.35 3.75
N LEU F 355 4.86 26.05 3.76
CA LEU F 355 5.84 25.35 3.00
C LEU F 355 5.27 24.58 1.81
N ASP F 356 3.98 24.77 1.51
CA ASP F 356 3.34 24.06 0.41
C ASP F 356 2.39 24.93 -0.39
N SER F 357 2.17 26.15 0.09
CA SER F 357 1.37 27.12 -0.62
C SER F 357 2.36 27.97 -1.43
N THR F 358 2.25 27.97 -2.75
CA THR F 358 3.17 28.72 -3.60
C THR F 358 2.43 29.77 -4.43
N SER F 359 3.20 30.58 -5.14
CA SER F 359 2.70 31.61 -6.02
C SER F 359 3.68 32.10 -7.09
N ARG F 360 3.22 32.21 -8.32
CA ARG F 360 4.09 32.67 -9.40
C ARG F 360 4.51 34.12 -9.22
N ILE F 361 3.78 34.85 -8.41
CA ILE F 361 4.04 36.27 -8.12
C ILE F 361 5.19 36.47 -7.15
N MET F 362 5.61 35.41 -6.45
CA MET F 362 6.62 35.49 -5.41
C MET F 362 8.02 35.64 -6.02
N ASP F 363 8.24 36.79 -6.61
CA ASP F 363 9.42 37.17 -7.36
C ASP F 363 9.84 38.58 -6.93
N PRO F 364 11.09 38.78 -6.63
CA PRO F 364 11.65 40.04 -6.16
C PRO F 364 11.39 41.21 -7.10
N ASN F 365 11.13 40.90 -8.36
CA ASN F 365 10.90 41.93 -9.36
C ASN F 365 9.44 42.34 -9.37
N ILE F 366 8.63 41.53 -8.67
CA ILE F 366 7.20 41.83 -8.61
C ILE F 366 6.83 42.34 -7.23
N VAL F 367 7.12 41.57 -6.19
CA VAL F 367 6.69 41.98 -4.85
C VAL F 367 7.76 42.82 -4.17
N GLY F 368 8.90 42.95 -4.88
CA GLY F 368 10.02 43.71 -4.34
C GLY F 368 10.89 42.84 -3.44
N SER F 369 12.12 43.30 -3.25
CA SER F 369 13.11 42.66 -2.40
C SER F 369 12.73 42.57 -0.93
N GLU F 370 12.23 43.61 -0.29
CA GLU F 370 11.90 43.50 1.15
C GLU F 370 10.88 42.42 1.40
N HIS F 371 9.79 42.40 0.62
CA HIS F 371 8.74 41.39 0.72
C HIS F 371 9.30 40.02 0.37
N TYR F 372 10.00 39.90 -0.75
CA TYR F 372 10.55 38.60 -1.14
C TYR F 372 11.48 38.05 -0.08
N ASP F 373 12.43 38.88 0.38
CA ASP F 373 13.35 38.45 1.42
C ASP F 373 12.68 38.01 2.70
N VAL F 374 11.70 38.76 3.24
CA VAL F 374 11.12 38.30 4.51
C VAL F 374 10.38 36.98 4.33
N ALA F 375 9.65 36.84 3.21
CA ALA F 375 8.93 35.60 2.93
C ALA F 375 9.89 34.41 2.91
N ARG F 376 11.05 34.61 2.28
CA ARG F 376 12.04 33.54 2.19
C ARG F 376 12.66 33.22 3.53
N GLY F 377 12.76 34.24 4.39
CA GLY F 377 13.35 34.09 5.72
C GLY F 377 12.38 33.30 6.60
N VAL F 378 11.12 33.69 6.49
CA VAL F 378 10.09 32.96 7.25
C VAL F 378 10.15 31.48 6.87
N GLN F 379 10.17 31.15 5.59
CA GLN F 379 10.12 29.77 5.13
C GLN F 379 11.37 28.99 5.46
N LYS F 380 12.51 29.69 5.48
CA LYS F 380 13.76 29.03 5.85
C LYS F 380 13.71 28.59 7.32
N ILE F 381 13.22 29.51 8.17
CA ILE F 381 13.19 29.14 9.59
C ILE F 381 12.11 28.11 9.86
N LEU F 382 11.06 28.09 9.02
CA LEU F 382 10.02 27.08 9.25
C LEU F 382 10.51 25.71 8.82
N GLN F 383 11.27 25.74 7.73
CA GLN F 383 11.84 24.50 7.21
C GLN F 383 12.92 23.98 8.16
N ASP F 384 13.75 24.89 8.67
CA ASP F 384 14.81 24.48 9.60
C ASP F 384 14.21 23.89 10.86
N TYR F 385 13.13 24.49 11.33
CA TYR F 385 12.45 23.97 12.52
C TYR F 385 11.88 22.58 12.25
N LYS F 386 11.29 22.47 11.06
CA LYS F 386 10.70 21.23 10.59
C LYS F 386 11.71 20.08 10.64
N SER F 387 12.96 20.42 10.40
CA SER F 387 14.01 19.42 10.42
C SER F 387 14.24 18.93 11.84
N LEU F 388 14.24 19.85 12.80
CA LEU F 388 14.48 19.51 14.20
C LEU F 388 13.30 18.80 14.84
N GLN F 389 12.14 18.82 14.18
CA GLN F 389 10.93 18.21 14.71
C GLN F 389 11.15 16.79 15.22
N ASP F 390 11.82 15.96 14.45
CA ASP F 390 12.06 14.58 14.85
C ASP F 390 12.88 14.49 16.13
N ILE F 391 13.97 15.26 16.17
CA ILE F 391 14.81 15.31 17.37
C ILE F 391 13.99 15.78 18.55
N ILE F 392 13.23 16.86 18.38
CA ILE F 392 12.36 17.33 19.47
C ILE F 392 11.48 16.17 19.94
N ALA F 393 10.84 15.47 19.01
CA ALA F 393 9.95 14.39 19.27
C ALA F 393 10.41 13.40 20.31
N ILE F 394 11.61 12.85 20.17
CA ILE F 394 12.08 11.84 21.12
C ILE F 394 12.66 12.44 22.39
N LEU F 395 13.75 13.18 22.30
CA LEU F 395 14.44 13.73 23.45
C LEU F 395 13.92 15.06 23.93
N GLY F 396 12.82 15.55 23.35
CA GLY F 396 12.31 16.86 23.75
C GLY F 396 13.35 17.92 23.42
N MET F 397 13.09 19.13 23.89
CA MET F 397 13.94 20.27 23.65
C MET F 397 15.10 20.47 24.59
N ASP F 398 15.32 19.60 25.59
CA ASP F 398 16.47 19.86 26.46
C ASP F 398 17.80 19.42 25.90
N GLU F 399 17.85 18.34 25.12
CA GLU F 399 19.12 17.97 24.49
C GLU F 399 19.17 18.67 23.14
N LEU F 400 18.99 19.99 23.16
CA LEU F 400 19.01 20.82 21.98
C LEU F 400 20.03 21.95 22.11
N SER F 401 20.73 22.23 21.02
CA SER F 401 21.71 23.30 21.01
C SER F 401 21.05 24.62 21.37
N GLU F 402 21.79 25.49 22.05
CA GLU F 402 21.22 26.81 22.40
C GLU F 402 20.88 27.53 21.11
N GLU F 403 21.68 27.28 20.08
CA GLU F 403 21.45 27.85 18.76
C GLU F 403 20.11 27.40 18.17
N ASP F 404 19.89 26.08 18.16
CA ASP F 404 18.65 25.52 17.66
C ASP F 404 17.43 25.92 18.46
N LYS F 405 17.58 26.09 19.77
CA LYS F 405 16.45 26.50 20.61
C LYS F 405 15.87 27.81 20.10
N LEU F 406 16.80 28.69 19.69
CA LEU F 406 16.41 30.02 19.22
C LEU F 406 15.66 29.92 17.90
N THR F 407 16.03 28.99 17.02
CA THR F 407 15.32 28.86 15.76
C THR F 407 13.91 28.36 16.05
N VAL F 408 13.87 27.34 16.90
CA VAL F 408 12.60 26.76 17.35
C VAL F 408 11.72 27.86 17.91
N SER F 409 12.25 28.65 18.85
CA SER F 409 11.44 29.68 19.45
C SER F 409 10.88 30.68 18.46
N ARG F 410 11.72 31.13 17.53
CA ARG F 410 11.24 32.13 16.57
C ARG F 410 10.20 31.49 15.64
N ALA F 411 10.59 30.36 15.07
CA ALA F 411 9.70 29.59 14.21
C ALA F 411 8.31 29.45 14.84
N ARG F 412 8.27 29.11 16.13
CA ARG F 412 6.97 28.90 16.77
C ARG F 412 6.23 30.22 16.90
N LYS F 413 7.02 31.29 17.03
CA LYS F 413 6.37 32.62 17.11
C LYS F 413 5.88 33.02 15.72
N ILE F 414 6.67 32.70 14.70
CA ILE F 414 6.25 32.98 13.32
C ILE F 414 5.04 32.12 12.94
N GLN F 415 5.11 30.85 13.35
CA GLN F 415 4.05 29.87 13.11
C GLN F 415 2.74 30.36 13.70
N ARG F 416 2.79 30.99 14.88
CA ARG F 416 1.55 31.49 15.48
C ARG F 416 1.17 32.82 14.89
N PHE F 417 2.15 33.63 14.50
CA PHE F 417 1.81 34.96 13.94
C PHE F 417 1.21 34.82 12.57
N LEU F 418 1.33 33.65 11.93
CA LEU F 418 0.74 33.38 10.62
C LEU F 418 -0.76 33.16 10.77
N SER F 419 -1.19 32.86 12.00
CA SER F 419 -2.62 32.61 12.21
C SER F 419 -3.34 33.95 12.28
N GLN F 420 -4.62 33.95 11.98
CA GLN F 420 -5.37 35.20 11.93
C GLN F 420 -6.85 34.92 12.21
N PRO F 421 -7.49 35.82 12.91
CA PRO F 421 -8.91 35.76 13.23
C PRO F 421 -9.74 36.24 12.05
N PHE F 422 -10.62 35.42 11.51
CA PHE F 422 -11.47 35.82 10.40
C PHE F 422 -12.86 36.26 10.89
N GLN F 423 -13.46 37.20 10.14
CA GLN F 423 -14.83 37.62 10.42
C GLN F 423 -15.74 36.38 10.39
N VAL F 424 -15.89 35.82 9.21
CA VAL F 424 -16.71 34.62 9.00
C VAL F 424 -16.52 33.57 10.07
N ALA F 425 -15.37 33.59 10.76
CA ALA F 425 -15.04 32.54 11.72
C ALA F 425 -15.14 32.99 13.18
N GLU F 426 -15.60 34.21 13.38
CA GLU F 426 -15.70 34.85 14.67
C GLU F 426 -16.36 34.00 15.74
N VAL F 427 -17.36 33.24 15.34
CA VAL F 427 -18.05 32.36 16.28
C VAL F 427 -17.12 31.26 16.71
N PHE F 428 -16.28 30.75 15.81
CA PHE F 428 -15.37 29.67 16.21
C PHE F 428 -14.09 30.17 16.86
N THR F 429 -13.60 31.36 16.52
CA THR F 429 -12.31 31.78 17.11
C THR F 429 -12.52 32.47 18.45
N GLY F 430 -13.71 33.06 18.62
CA GLY F 430 -14.01 33.83 19.82
C GLY F 430 -13.23 35.15 19.77
N HIS F 431 -12.86 35.59 18.59
CA HIS F 431 -12.10 36.81 18.38
C HIS F 431 -12.67 37.63 17.23
N LEU F 432 -12.59 38.94 17.33
CA LEU F 432 -12.99 39.85 16.25
C LEU F 432 -12.12 39.65 15.01
N GLY F 433 -12.69 39.68 13.82
CA GLY F 433 -11.93 39.51 12.58
C GLY F 433 -10.91 40.61 12.33
N LYS F 434 -9.74 40.23 11.78
CA LYS F 434 -8.71 41.19 11.44
C LYS F 434 -8.29 41.05 9.96
N LEU F 435 -7.97 42.16 9.37
CA LEU F 435 -7.50 42.40 8.04
C LEU F 435 -6.21 43.23 8.11
N VAL F 436 -5.07 42.59 7.83
CA VAL F 436 -3.76 43.21 7.95
C VAL F 436 -3.16 43.61 6.60
N PRO F 437 -2.78 44.86 6.50
CA PRO F 437 -2.19 45.46 5.32
C PRO F 437 -0.80 44.87 5.08
N LEU F 438 -0.48 44.64 3.81
CA LEU F 438 0.75 44.03 3.39
C LEU F 438 1.97 44.61 4.10
N LYS F 439 2.07 45.93 4.13
CA LYS F 439 3.24 46.54 4.77
C LYS F 439 3.38 46.10 6.21
N GLU F 440 2.26 46.02 6.94
CA GLU F 440 2.32 45.63 8.33
C GLU F 440 2.69 44.15 8.47
N THR F 441 2.26 43.36 7.49
CA THR F 441 2.57 41.92 7.52
C THR F 441 4.07 41.74 7.39
N ILE F 442 4.66 42.41 6.40
CA ILE F 442 6.10 42.33 6.20
C ILE F 442 6.87 42.72 7.46
N LYS F 443 6.55 43.88 8.02
CA LYS F 443 7.19 44.37 9.23
C LYS F 443 7.09 43.40 10.40
N GLY F 444 5.90 42.89 10.67
CA GLY F 444 5.74 41.96 11.79
C GLY F 444 6.74 40.81 11.68
N PHE F 445 6.76 40.14 10.51
CA PHE F 445 7.66 39.02 10.33
C PHE F 445 9.12 39.42 10.29
N GLN F 446 9.43 40.61 9.76
CA GLN F 446 10.82 41.08 9.76
C GLN F 446 11.31 41.09 11.21
N GLN F 447 10.59 41.84 12.03
CA GLN F 447 10.93 42.01 13.43
C GLN F 447 11.10 40.70 14.19
N ILE F 448 10.24 39.73 13.91
CA ILE F 448 10.32 38.46 14.65
C ILE F 448 11.57 37.74 14.19
N LEU F 449 11.83 37.81 12.88
CA LEU F 449 13.03 37.22 12.32
C LEU F 449 14.29 37.80 12.96
N ALA F 450 14.26 39.12 13.16
CA ALA F 450 15.39 39.85 13.71
C ALA F 450 15.58 39.64 15.20
N GLY F 451 14.75 38.83 15.83
CA GLY F 451 14.81 38.54 17.24
C GLY F 451 14.27 39.65 18.09
N GLU F 452 13.58 40.65 17.54
CA GLU F 452 13.09 41.76 18.32
C GLU F 452 12.09 41.36 19.38
N TYR F 453 11.40 40.24 19.20
CA TYR F 453 10.44 39.82 20.21
C TYR F 453 10.82 38.48 20.83
N ASP F 454 12.11 38.17 20.86
CA ASP F 454 12.54 36.93 21.49
C ASP F 454 12.18 36.88 22.98
N HIS F 455 11.60 37.92 23.54
CA HIS F 455 11.25 37.96 24.95
C HIS F 455 9.75 37.74 25.19
N LEU F 456 8.93 37.95 24.16
CA LEU F 456 7.49 37.71 24.32
C LEU F 456 7.18 36.23 24.26
N PRO F 457 6.19 35.79 25.00
CA PRO F 457 5.72 34.41 25.01
C PRO F 457 4.97 34.09 23.72
N GLU F 458 5.32 32.99 23.06
CA GLU F 458 4.68 32.57 21.82
C GLU F 458 3.20 32.95 21.79
N GLN F 459 2.44 32.46 22.76
CA GLN F 459 1.01 32.69 22.84
C GLN F 459 0.56 34.09 22.50
N ALA F 460 1.38 35.11 22.63
CA ALA F 460 0.93 36.47 22.36
C ALA F 460 0.74 36.72 20.86
N PHE F 461 1.38 35.87 20.06
CA PHE F 461 1.37 36.07 18.62
C PHE F 461 0.20 35.33 17.98
N TYR F 462 -0.48 34.51 18.77
CA TYR F 462 -1.58 33.68 18.29
C TYR F 462 -2.88 34.47 18.17
N MET F 463 -3.58 34.28 17.06
CA MET F 463 -4.83 34.92 16.75
C MET F 463 -4.85 36.43 16.91
N VAL F 464 -3.94 37.15 16.25
CA VAL F 464 -3.97 38.60 16.27
C VAL F 464 -3.89 39.16 14.85
N GLY F 465 -3.95 40.47 14.73
CA GLY F 465 -3.82 41.17 13.45
C GLY F 465 -2.37 41.60 13.24
N PRO F 466 -2.14 42.90 13.26
CA PRO F 466 -0.81 43.49 13.17
C PRO F 466 0.04 43.17 14.39
N ILE F 467 1.35 43.16 14.20
CA ILE F 467 2.30 42.81 15.26
C ILE F 467 2.04 43.62 16.52
N GLU F 468 1.56 44.85 16.32
CA GLU F 468 1.31 45.73 17.46
C GLU F 468 0.40 45.00 18.45
N GLU F 469 -0.65 44.33 17.98
CA GLU F 469 -1.51 43.60 18.89
C GLU F 469 -0.75 42.49 19.60
N ALA F 470 0.28 41.94 18.96
CA ALA F 470 1.04 40.87 19.61
C ALA F 470 1.65 41.42 20.90
N VAL F 471 2.30 42.57 20.75
CA VAL F 471 2.93 43.24 21.89
C VAL F 471 1.91 43.56 22.98
N ALA F 472 0.81 44.17 22.56
CA ALA F 472 -0.26 44.53 23.48
C ALA F 472 -0.84 43.30 24.19
N LYS F 473 -0.81 42.18 23.51
CA LYS F 473 -1.34 40.95 24.12
C LYS F 473 -0.31 40.39 25.07
N ALA F 474 0.95 40.73 24.84
CA ALA F 474 2.04 40.27 25.71
C ALA F 474 1.95 40.98 27.06
N ASP F 475 1.64 42.28 27.02
CA ASP F 475 1.49 43.04 28.26
C ASP F 475 0.26 42.53 29.02
N LYS F 476 -0.80 42.28 28.28
CA LYS F 476 -2.04 41.75 28.81
C LYS F 476 -1.74 40.46 29.57
N LEU F 477 -0.87 39.63 29.02
CA LEU F 477 -0.49 38.38 29.65
C LEU F 477 0.39 38.59 30.88
N ALA F 478 0.95 39.78 31.01
CA ALA F 478 1.87 40.08 32.11
C ALA F 478 3.00 39.05 32.10
N ALA G 1 5.21 7.87 1.14
CA ALA G 1 5.54 6.92 2.26
C ALA G 1 6.05 5.61 1.69
N THR G 2 6.55 4.71 2.54
CA THR G 2 7.07 3.44 2.05
C THR G 2 7.20 2.42 3.17
N LEU G 3 6.79 1.19 2.92
CA LEU G 3 6.84 0.14 3.92
C LEU G 3 8.28 -0.10 4.38
N LYS G 4 9.21 0.10 3.44
CA LYS G 4 10.62 -0.07 3.81
C LYS G 4 10.99 0.93 4.93
N ASP G 5 10.68 2.20 4.67
CA ASP G 5 10.93 3.27 5.62
C ASP G 5 10.36 2.96 7.00
N ILE G 6 9.05 2.85 7.08
CA ILE G 6 8.35 2.58 8.33
C ILE G 6 9.00 1.42 9.07
N THR G 7 9.21 0.31 8.39
CA THR G 7 9.76 -0.89 9.00
C THR G 7 11.10 -0.64 9.68
N ARG G 8 11.94 0.20 9.06
CA ARG G 8 13.27 0.42 9.67
C ARG G 8 13.08 1.35 10.85
N ARG G 9 12.45 2.51 10.59
CA ARG G 9 12.16 3.42 11.70
C ARG G 9 11.57 2.62 12.86
N LEU G 10 10.59 1.76 12.58
CA LEU G 10 10.00 0.98 13.66
C LEU G 10 11.06 0.17 14.40
N LYS G 11 11.96 -0.46 13.64
CA LYS G 11 12.96 -1.31 14.31
C LYS G 11 13.91 -0.50 15.16
N SER G 12 14.33 0.65 14.67
CA SER G 12 15.22 1.52 15.43
C SER G 12 14.54 2.08 16.68
N ILE G 13 13.43 2.76 16.45
CA ILE G 13 12.66 3.37 17.53
C ILE G 13 12.18 2.35 18.55
N LYS G 14 12.01 1.08 18.18
CA LYS G 14 11.70 0.10 19.21
C LYS G 14 12.95 -0.18 20.04
N ASN G 15 14.16 -0.10 19.48
CA ASN G 15 15.36 -0.38 20.29
C ASN G 15 15.63 0.83 21.20
N ILE G 16 15.37 2.00 20.61
CA ILE G 16 15.58 3.23 21.37
C ILE G 16 14.70 3.25 22.60
N GLN G 17 13.45 2.83 22.44
CA GLN G 17 12.51 2.80 23.55
C GLN G 17 12.97 1.87 24.65
N LYS G 18 13.49 0.69 24.31
CA LYS G 18 13.95 -0.25 25.34
C LYS G 18 15.20 0.29 26.03
N ILE G 19 16.15 0.74 25.24
CA ILE G 19 17.42 1.26 25.74
C ILE G 19 17.19 2.40 26.72
N THR G 20 16.44 3.38 26.24
CA THR G 20 16.06 4.54 27.07
C THR G 20 15.29 4.09 28.31
N LYS G 21 14.47 3.06 28.16
CA LYS G 21 13.68 2.51 29.25
C LYS G 21 14.63 2.01 30.35
N SER G 22 15.70 1.35 29.90
CA SER G 22 16.70 0.82 30.82
C SER G 22 17.41 1.95 31.55
N MET G 23 17.88 2.95 30.78
CA MET G 23 18.55 4.09 31.41
C MET G 23 17.70 4.69 32.52
N LYS G 24 16.39 4.77 32.30
CA LYS G 24 15.46 5.33 33.28
C LYS G 24 15.66 4.66 34.64
N MET G 25 15.65 3.33 34.60
CA MET G 25 15.79 2.51 35.80
C MET G 25 17.18 2.61 36.41
N VAL G 26 18.21 2.65 35.58
CA VAL G 26 19.58 2.76 36.07
C VAL G 26 19.72 4.06 36.86
N ALA G 27 19.42 5.18 36.21
CA ALA G 27 19.42 6.48 36.85
C ALA G 27 18.64 6.41 38.16
N ALA G 28 17.43 5.84 38.08
CA ALA G 28 16.54 5.69 39.21
C ALA G 28 17.23 5.07 40.43
N ALA G 29 17.99 4.02 40.21
CA ALA G 29 18.75 3.36 41.27
C ALA G 29 19.81 4.31 41.83
N LYS G 30 20.58 4.93 40.92
CA LYS G 30 21.60 5.88 41.29
C LYS G 30 21.00 7.03 42.09
N TYR G 31 19.82 7.47 41.65
CA TYR G 31 19.12 8.56 42.31
C TYR G 31 18.74 8.18 43.74
N ALA G 32 18.40 6.92 43.95
CA ALA G 32 18.01 6.45 45.28
C ALA G 32 19.22 6.48 46.22
N ARG G 33 20.33 5.90 45.76
CA ARG G 33 21.55 5.89 46.55
C ARG G 33 21.95 7.32 46.89
N ALA G 34 22.06 8.17 45.88
CA ALA G 34 22.47 9.56 46.01
C ALA G 34 21.60 10.36 46.96
N GLU G 35 20.32 10.01 47.04
CA GLU G 35 19.40 10.72 47.92
C GLU G 35 19.61 10.32 49.37
N ARG G 36 20.01 9.06 49.57
CA ARG G 36 20.25 8.59 50.94
C ARG G 36 21.46 9.32 51.53
N GLU G 37 22.47 9.52 50.69
CA GLU G 37 23.69 10.21 51.12
C GLU G 37 23.48 11.72 51.18
N LEU G 38 22.38 12.20 50.61
CA LEU G 38 22.06 13.61 50.62
C LEU G 38 21.59 14.09 51.99
N LYS G 39 21.24 13.15 52.86
CA LYS G 39 20.77 13.45 54.21
C LYS G 39 21.83 14.13 55.07
N PRO G 40 22.95 13.47 55.29
CA PRO G 40 24.05 13.97 56.09
C PRO G 40 24.70 15.20 55.48
N ALA G 41 24.77 15.24 54.16
CA ALA G 41 25.40 16.35 53.45
C ALA G 41 24.79 17.70 53.79
N ARG G 42 23.47 17.82 53.78
CA ARG G 42 22.80 19.07 54.06
C ARG G 42 22.98 19.52 55.51
N VAL G 43 23.55 18.65 56.35
CA VAL G 43 23.73 19.06 57.75
C VAL G 43 25.04 19.84 57.88
N TYR G 44 25.81 19.84 56.80
CA TYR G 44 27.09 20.55 56.76
C TYR G 44 26.92 21.97 56.24
N LEU G 77 22.91 13.13 28.52
CA LEU G 77 21.46 13.09 28.38
C LEU G 77 20.84 13.27 29.78
N CYS G 78 21.27 14.31 30.47
CA CYS G 78 20.83 14.61 31.83
C CYS G 78 19.73 15.65 31.87
N GLY G 79 18.78 15.53 30.94
CA GLY G 79 17.68 16.51 30.93
C GLY G 79 18.29 17.90 30.73
N ALA G 80 18.02 18.88 31.58
CA ALA G 80 18.63 20.20 31.37
C ALA G 80 19.56 20.63 32.49
N ILE G 81 20.26 19.67 33.08
CA ILE G 81 21.24 19.96 34.14
C ILE G 81 22.31 20.90 33.60
N HIS G 82 23.19 20.38 32.76
CA HIS G 82 24.26 21.11 32.15
C HIS G 82 23.90 22.51 31.66
N SER G 83 22.79 22.65 30.94
CA SER G 83 22.42 23.94 30.39
C SER G 83 22.22 24.99 31.47
N SER G 84 21.48 24.65 32.53
CA SER G 84 21.20 25.57 33.61
C SER G 84 22.45 26.14 34.26
N VAL G 85 23.30 25.25 34.77
CA VAL G 85 24.52 25.67 35.44
C VAL G 85 25.43 26.48 34.52
N ALA G 86 25.59 26.07 33.27
CA ALA G 86 26.48 26.74 32.34
C ALA G 86 26.02 28.14 32.00
N LYS G 87 24.71 28.32 31.89
CA LYS G 87 24.14 29.61 31.54
C LYS G 87 24.31 30.62 32.67
N GLN G 88 24.03 30.18 33.89
CA GLN G 88 24.15 31.03 35.07
C GLN G 88 25.60 31.20 35.50
N MET G 89 26.46 30.33 34.97
CA MET G 89 27.88 30.36 35.30
C MET G 89 28.63 31.28 34.34
N LYS G 90 28.04 31.56 33.19
CA LYS G 90 28.70 32.46 32.24
C LYS G 90 27.72 33.47 31.66
N LEU G 209 36.95 26.10 50.92
CA LEU G 209 37.19 25.22 49.78
C LEU G 209 36.37 23.93 49.92
N ALA G 210 37.00 22.89 50.45
CA ALA G 210 36.37 21.60 50.62
C ALA G 210 34.96 21.65 51.21
N ASN G 211 34.69 22.64 52.06
CA ASN G 211 33.37 22.79 52.67
C ASN G 211 32.26 22.60 51.62
N ILE G 212 32.07 23.63 50.82
CA ILE G 212 31.06 23.68 49.79
C ILE G 212 31.21 22.55 48.78
N ILE G 213 32.43 22.27 48.35
CA ILE G 213 32.68 21.23 47.36
C ILE G 213 31.82 20.00 47.60
N TYR G 214 32.01 19.30 48.71
CA TYR G 214 31.23 18.10 49.01
C TYR G 214 29.74 18.38 48.86
N TYR G 215 29.29 19.45 49.50
CA TYR G 215 27.87 19.81 49.45
C TYR G 215 27.36 19.79 48.01
N SER G 216 27.86 20.71 47.20
CA SER G 216 27.47 20.81 45.80
C SER G 216 27.46 19.42 45.15
N LEU G 217 28.62 18.77 45.13
CA LEU G 217 28.74 17.43 44.56
C LEU G 217 27.57 16.55 44.94
N LYS G 218 27.21 16.52 46.22
CA LYS G 218 26.09 15.68 46.66
C LYS G 218 24.79 16.14 46.04
N GLU G 219 24.55 17.44 46.06
CA GLU G 219 23.32 17.99 45.48
C GLU G 219 23.28 17.70 43.98
N SER G 220 24.43 17.84 43.35
CA SER G 220 24.65 17.63 41.94
C SER G 220 24.22 16.25 41.48
N THR G 221 24.83 15.20 42.02
CA THR G 221 24.53 13.83 41.68
C THR G 221 23.06 13.49 41.85
N THR G 222 22.46 13.95 42.96
CA THR G 222 21.04 13.65 43.15
C THR G 222 20.24 14.26 41.98
N SER G 223 20.39 15.56 41.82
CA SER G 223 19.74 16.31 40.77
C SER G 223 19.88 15.71 39.38
N GLU G 224 21.10 15.41 38.97
CA GLU G 224 21.41 14.85 37.67
C GLU G 224 20.64 13.55 37.39
N GLN G 225 20.64 12.65 38.36
CA GLN G 225 19.98 11.37 38.25
C GLN G 225 18.47 11.52 38.22
N SER G 226 17.93 12.47 38.96
CA SER G 226 16.50 12.76 38.98
C SER G 226 16.10 13.24 37.57
N ALA G 227 16.90 14.18 37.09
CA ALA G 227 16.75 14.75 35.78
C ALA G 227 16.84 13.70 34.67
N ARG G 228 17.86 12.87 34.75
CA ARG G 228 18.15 11.86 33.74
C ARG G 228 17.03 10.82 33.71
N MET G 229 16.61 10.48 34.93
CA MET G 229 15.54 9.51 35.12
C MET G 229 14.29 10.03 34.39
N THR G 230 13.97 11.28 34.69
CA THR G 230 12.85 11.99 34.09
C THR G 230 12.96 12.07 32.57
N ALA G 231 14.15 12.42 32.10
CA ALA G 231 14.40 12.61 30.69
C ALA G 231 14.23 11.30 29.91
N MET G 232 14.81 10.23 30.46
CA MET G 232 14.72 8.94 29.79
C MET G 232 13.34 8.34 29.89
N ASP G 233 12.68 8.55 31.02
CA ASP G 233 11.31 8.08 31.19
C ASP G 233 10.41 8.67 30.10
N ASN G 234 10.54 9.97 29.88
CA ASN G 234 9.78 10.71 28.91
C ASN G 234 10.14 10.32 27.47
N ALA G 235 11.44 10.09 27.27
CA ALA G 235 11.89 9.73 25.93
C ALA G 235 11.40 8.34 25.56
N SER G 236 11.33 7.41 26.52
CA SER G 236 10.85 6.07 26.15
C SER G 236 9.34 6.13 25.91
N LYS G 237 8.67 7.01 26.63
CA LYS G 237 7.24 7.20 26.44
C LYS G 237 6.98 7.75 25.03
N ASN G 238 7.72 8.80 24.66
CA ASN G 238 7.62 9.38 23.33
C ASN G 238 7.90 8.35 22.22
N ALA G 239 8.85 7.45 22.50
CA ALA G 239 9.19 6.42 21.52
C ALA G 239 8.03 5.44 21.41
N SER G 240 7.44 5.12 22.56
CA SER G 240 6.28 4.23 22.57
C SER G 240 5.16 4.78 21.68
N GLU G 241 4.80 6.04 21.91
CA GLU G 241 3.71 6.63 21.15
C GLU G 241 4.06 6.62 19.66
N MET G 242 5.29 7.00 19.35
CA MET G 242 5.75 7.03 17.97
C MET G 242 5.73 5.63 17.36
N ILE G 243 5.99 4.59 18.15
CA ILE G 243 5.94 3.22 17.65
C ILE G 243 4.48 2.88 17.31
N ASP G 244 3.59 3.15 18.25
CA ASP G 244 2.17 2.92 18.02
C ASP G 244 1.69 3.62 16.75
N LYS G 245 2.05 4.89 16.59
CA LYS G 245 1.59 5.66 15.45
C LYS G 245 2.14 5.16 14.12
N LEU G 246 3.37 4.68 14.12
CA LEU G 246 4.06 4.14 12.98
C LEU G 246 3.49 2.79 12.57
N THR G 247 3.12 2.03 13.60
CA THR G 247 2.47 0.74 13.31
C THR G 247 1.14 0.95 12.59
N LEU G 248 0.47 2.05 12.94
CA LEU G 248 -0.87 2.29 12.36
C LEU G 248 -0.69 2.63 10.89
N THR G 249 0.30 3.48 10.67
CA THR G 249 0.66 3.91 9.32
C THR G 249 1.12 2.72 8.51
N PHE G 250 1.92 1.86 9.12
CA PHE G 250 2.41 0.65 8.47
C PHE G 250 1.22 -0.16 7.99
N ASN G 251 0.28 -0.50 8.86
CA ASN G 251 -0.91 -1.26 8.51
C ASN G 251 -1.87 -0.56 7.55
N ARG G 252 -1.94 0.77 7.51
CA ARG G 252 -2.77 1.41 6.49
C ARG G 252 -2.13 1.22 5.11
N THR G 253 -0.84 1.49 5.00
CA THR G 253 -0.04 1.33 3.80
C THR G 253 -0.03 -0.12 3.35
N ARG G 254 0.11 -1.04 4.29
CA ARG G 254 0.14 -2.48 3.91
C ARG G 254 -1.18 -2.84 3.22
N GLN G 255 -2.29 -2.33 3.75
CA GLN G 255 -3.60 -2.63 3.20
C GLN G 255 -3.79 -1.88 1.87
N ALA G 256 -3.37 -0.60 1.81
CA ALA G 256 -3.57 0.10 0.53
C ALA G 256 -2.76 -0.56 -0.57
N VAL G 257 -1.58 -1.06 -0.23
CA VAL G 257 -0.71 -1.69 -1.22
C VAL G 257 -1.35 -2.94 -1.77
N ILE G 258 -1.97 -3.73 -0.89
CA ILE G 258 -2.56 -5.00 -1.32
C ILE G 258 -3.67 -4.72 -2.34
N THR G 259 -4.56 -3.82 -1.92
CA THR G 259 -5.69 -3.37 -2.67
C THR G 259 -5.32 -2.80 -4.05
N LYS G 260 -4.33 -1.93 -4.06
CA LYS G 260 -3.84 -1.23 -5.23
C LYS G 260 -3.24 -2.18 -6.25
N GLU G 261 -2.45 -3.14 -5.81
CA GLU G 261 -1.86 -4.14 -6.67
C GLU G 261 -2.97 -5.02 -7.26
N LEU G 262 -3.94 -5.40 -6.39
CA LEU G 262 -5.01 -6.27 -6.86
C LEU G 262 -5.86 -5.59 -7.93
N ILE G 263 -6.19 -4.31 -7.71
CA ILE G 263 -7.04 -3.61 -8.67
C ILE G 263 -6.34 -3.43 -10.00
N GLU G 264 -4.99 -3.31 -9.99
CA GLU G 264 -4.27 -3.29 -11.27
C GLU G 264 -4.47 -4.60 -12.05
N ILE G 265 -4.38 -5.72 -11.35
CA ILE G 265 -4.58 -7.01 -11.93
C ILE G 265 -5.95 -7.17 -12.54
N ILE G 266 -7.00 -6.77 -11.86
CA ILE G 266 -8.38 -6.82 -12.31
C ILE G 266 -8.65 -5.89 -13.49
N SER G 267 -8.16 -4.64 -13.39
CA SER G 267 -8.34 -3.74 -14.54
C SER G 267 -7.72 -4.33 -15.81
N GLY G 268 -6.57 -4.99 -15.65
CA GLY G 268 -5.87 -5.51 -16.82
C GLY G 268 -6.66 -6.69 -17.37
N ALA G 269 -7.12 -7.54 -16.45
CA ALA G 269 -7.86 -8.73 -16.79
C ALA G 269 -9.16 -8.36 -17.51
N ALA G 270 -9.88 -7.42 -16.91
CA ALA G 270 -11.16 -6.98 -17.41
C ALA G 270 -11.02 -6.34 -18.78
N ALA G 271 -9.90 -5.64 -19.02
CA ALA G 271 -9.84 -4.93 -20.32
C ALA G 271 -9.65 -5.83 -21.53
N LEU G 272 -9.59 -7.15 -21.36
CA LEU G 272 -9.38 -8.08 -22.45
C LEU G 272 -10.72 -8.40 -23.16
PG ANP H . 18.81 -19.32 -2.31
O1G ANP H . 18.10 -18.02 -2.19
O2G ANP H . 17.88 -20.42 -2.53
O3G ANP H . 19.91 -19.32 -3.30
PB ANP H . 19.12 -20.25 0.45
O1B ANP H . 18.24 -19.34 1.19
O2B ANP H . 18.47 -21.51 0.06
N3B ANP H . 19.67 -19.52 -0.93
PA ANP H . 21.74 -21.40 0.98
O1A ANP H . 21.61 -22.82 1.34
O2A ANP H . 22.10 -21.35 -0.47
O3A ANP H . 20.43 -20.53 1.30
O5' ANP H . 22.82 -20.64 1.87
C5' ANP H . 23.31 -19.31 1.62
C4' ANP H . 24.80 -19.16 1.85
O4' ANP H . 25.14 -19.32 3.24
C3' ANP H . 25.68 -20.19 1.12
O3' ANP H . 26.90 -19.60 0.75
C2' ANP H . 25.92 -21.27 2.17
O2' ANP H . 27.09 -22.02 1.94
C1' ANP H . 26.02 -20.40 3.43
N9 ANP H . 25.63 -21.15 4.64
C8 ANP H . 24.55 -21.95 4.84
N7 ANP H . 24.52 -22.48 6.07
C5 ANP H . 25.64 -22.00 6.67
C6 ANP H . 26.18 -22.21 7.97
N6 ANP H . 25.62 -22.97 8.89
N1 ANP H . 27.36 -21.59 8.24
C2 ANP H . 27.94 -20.82 7.27
N3 ANP H . 27.54 -20.56 6.06
C4 ANP H . 26.36 -21.19 5.81
MG MG I . 18.04 -22.36 -1.77
PG ANP J . -20.57 -0.51 18.44
O1G ANP J . -20.67 -1.91 18.85
O2G ANP J . -21.75 -0.13 17.63
O3G ANP J . -19.30 -0.26 17.71
PB ANP J . -20.74 2.04 19.89
O1B ANP J . -19.67 3.02 19.60
O2B ANP J . -21.99 2.50 19.23
N3B ANP J . -20.45 0.48 19.70
PA ANP J . -22.17 1.87 22.46
O1A ANP J . -23.19 2.90 22.32
O2A ANP J . -22.71 0.54 22.14
O3A ANP J . -20.90 2.15 21.50
O5' ANP J . -21.47 1.94 23.87
C5' ANP J . -20.69 0.84 24.44
C4' ANP J . -21.07 0.53 25.89
O4' ANP J . -20.43 1.54 26.71
C3' ANP J . -22.54 0.57 26.27
O3' ANP J . -23.11 -0.74 26.27
C2' ANP J . -22.53 1.05 27.70
O2' ANP J . -22.49 -0.02 28.65
C1' ANP J . -21.27 1.91 27.76
N9 ANP J . -21.62 3.33 27.66
C8 ANP J . -22.02 4.04 26.57
N7 ANP J . -22.25 5.31 26.85
C5 ANP J . -21.99 5.43 28.19
C6 ANP J . -22.05 6.52 29.08
N6 ANP J . -22.40 7.75 28.75
N1 ANP J . -21.70 6.28 30.37
C2 ANP J . -21.34 5.01 30.74
N3 ANP J . -21.27 3.94 30.01
C4 ANP J . -21.60 4.21 28.71
MG MG K . -23.24 1.25 18.04
PG ANP L . 5.76 23.58 -11.75
O1G ANP L . 5.27 22.51 -10.87
O2G ANP L . 6.02 23.01 -13.08
O3G ANP L . 4.97 24.82 -11.80
PB ANP L . 8.68 23.92 -11.45
O1B ANP L . 9.21 22.67 -10.90
O2B ANP L . 8.81 24.01 -12.92
N3B ANP L . 7.11 24.19 -11.06
PA ANP L . 9.79 26.55 -11.34
O1A ANP L . 11.01 26.50 -12.21
O2A ANP L . 8.66 27.08 -12.11
O3A ANP L . 9.44 25.11 -10.75
O5' ANP L . 10.14 27.30 -10.01
C5' ANP L . 9.31 27.69 -8.90
C4' ANP L . 9.88 28.97 -8.33
O4' ANP L . 11.25 28.78 -7.92
C3' ANP L . 9.93 30.12 -9.36
O3' ANP L . 8.79 30.93 -9.10
C2' ANP L . 11.22 30.87 -9.10
O2' ANP L . 10.93 32.18 -8.54
C1' ANP L . 11.96 30.01 -8.09
N9 ANP L . 13.32 29.67 -8.47
C8 ANP L . 13.73 28.76 -9.40
N7 ANP L . 15.03 28.65 -9.49
C5 ANP L . 15.49 29.56 -8.56
C6 ANP L . 16.81 29.92 -8.17
N6 ANP L . 17.90 29.39 -8.68
N1 ANP L . 16.92 30.86 -7.22
C2 ANP L . 15.78 31.40 -6.67
N3 ANP L . 14.54 31.12 -6.91
C4 ANP L . 14.46 30.18 -7.90
MG MG M . 7.42 23.75 -14.52
PB ADP N . 23.51 2.05 -14.20
O1B ADP N . 23.67 1.16 -13.01
O2B ADP N . 23.94 1.34 -15.40
O3B ADP N . 22.21 2.68 -14.34
PA ADP N . 25.89 3.71 -14.46
O1A ADP N . 26.76 2.53 -14.55
O2A ADP N . 25.66 4.29 -15.81
O3A ADP N . 24.43 3.31 -13.85
O5' ADP N . 26.37 4.79 -13.42
C5' ADP N . 25.63 6.06 -13.27
C4' ADP N . 26.61 7.18 -13.02
O4' ADP N . 27.09 7.14 -11.64
C3' ADP N . 27.92 7.13 -13.84
O3' ADP N . 27.78 7.75 -15.09
C2' ADP N . 28.79 8.06 -12.98
O2' ADP N . 28.39 9.39 -13.24
C1' ADP N . 28.45 7.55 -11.58
N9 ADP N . 29.27 6.38 -11.22
C8 ADP N . 28.96 5.06 -11.38
N7 ADP N . 29.93 4.24 -10.97
C5 ADP N . 30.91 5.10 -10.52
C6 ADP N . 32.19 4.85 -9.97
N6 ADP N . 32.66 3.64 -9.73
N1 ADP N . 32.93 5.92 -9.66
C2 ADP N . 32.41 7.17 -9.83
N3 ADP N . 31.25 7.50 -10.32
C4 ADP N . 30.53 6.41 -10.67
MG MG O . 23.53 0.98 -17.40
AL AF3 P . 20.22 2.41 -15.75
F1 AF3 P . 19.50 3.99 -15.59
F2 AF3 P . 19.66 1.06 -14.93
F3 AF3 P . 21.52 2.35 -16.76
P PO4 Q . -3.05 -25.84 23.37
O1 PO4 Q . -3.56 -25.52 21.97
O2 PO4 Q . -4.15 -26.57 24.15
O3 PO4 Q . -1.82 -26.72 23.26
O4 PO4 Q . -2.68 -24.57 24.12
PG ANP R . -15.80 20.66 3.80
O1G ANP R . -14.88 19.66 3.29
O2G ANP R . -16.38 21.50 2.79
O3G ANP R . -16.84 20.02 4.70
PB ANP R . -14.18 22.99 4.57
O1B ANP R . -12.74 22.80 4.28
O2B ANP R . -14.82 23.77 3.48
N3B ANP R . -14.97 21.60 4.85
PA ANP R . -15.06 24.99 6.49
O1A ANP R . -14.69 26.27 5.88
O2A ANP R . -16.56 24.79 6.38
O3A ANP R . -14.31 23.72 5.96
O5' ANP R . -14.73 25.02 8.05
C5' ANP R . -15.01 23.85 8.90
C4' ANP R . -14.90 24.24 10.36
O4' ANP R . -13.50 24.31 10.74
C3' ANP R . -15.46 25.62 10.73
O3' ANP R . -16.83 25.60 11.02
C2' ANP R . -14.66 25.94 12.01
O2' ANP R . -15.04 25.21 13.15
C1' ANP R . -13.25 25.46 11.53
N9 ANP R . -12.60 26.52 10.74
C8 ANP R . -12.35 26.63 9.41
N7 ANP R . -11.79 27.77 9.08
C5 ANP R . -11.62 28.44 10.26
C6 ANP R . -11.04 29.68 10.59
N6 ANP R . -10.49 30.52 9.71
N1 ANP R . -11.06 30.04 11.91
C2 ANP R . -11.57 29.17 12.82
N3 ANP R . -12.13 28.00 12.62
C4 ANP R . -12.11 27.69 11.31
MG MG S . -16.78 23.45 2.39
#